data_9J1J
#
_entry.id   9J1J
#
_cell.length_a   1.00
_cell.length_b   1.00
_cell.length_c   1.00
_cell.angle_alpha   90.00
_cell.angle_beta   90.00
_cell.angle_gamma   90.00
#
_symmetry.space_group_name_H-M   'P 1'
#
loop_
_entity.id
_entity.type
_entity.pdbx_description
1 polymer 'AA protein'
2 polymer 'DUF5072 domain-containing protein'
#
loop_
_entity_poly.entity_id
_entity_poly.type
_entity_poly.pdbx_seq_one_letter_code
_entity_poly.pdbx_strand_id
1 'polypeptide(L)'
;MAFEENLYCDYTPGAAKAVAGKDVILAVFNAAGDKLLAVAGQQGLTVNRSKDSIEITSKDTVGGWKSKIGGMKEWSIEND
GLYVADAESHKELAKYFESDSPVCVKIINQASKKGLFGGLAIVADYSFEAPFDEAMTYSVKLDGMGALVDLTITEGGDQM
PGETPVAPAE
;
G,g,B,C,E,H,J,K,M,N,P,Q
2 'polypeptide(L)'
;MKSLSFMRVLEAVRTMLQEKGGLDVSIVMRNQVEMPTTMIEMIDQEEEESQTAWKEKYRFAIHHYTNEQDLAGVEKIDTL
IQMGFILPEGYKLVAVRHCGKQNLVKENTLIHAKTSFEVSICRELKVKI
;
F,A,D,I,L,O
#
# COMPACT_ATOMS: atom_id res chain seq x y z
N ALA A 2 26.09 -9.30 28.40
CA ALA A 2 27.20 -8.78 29.19
C ALA A 2 28.03 -9.92 29.75
N PHE A 3 27.76 -11.13 29.29
CA PHE A 3 28.44 -12.32 29.80
C PHE A 3 28.39 -13.47 28.81
N GLU A 4 28.64 -14.69 29.32
CA GLU A 4 29.00 -15.86 28.51
C GLU A 4 30.41 -15.66 27.95
N GLU A 5 31.30 -15.15 28.81
CA GLU A 5 32.69 -14.88 28.47
C GLU A 5 32.77 -13.93 27.28
N ASN A 6 31.76 -13.07 27.16
CA ASN A 6 31.65 -12.12 26.08
C ASN A 6 31.76 -12.81 24.72
N LEU A 7 31.16 -14.00 24.60
CA LEU A 7 31.21 -14.77 23.38
C LEU A 7 30.56 -14.07 22.19
N TYR A 8 29.39 -13.46 22.40
CA TYR A 8 28.71 -12.73 21.34
C TYR A 8 28.46 -11.27 21.68
N CYS A 9 28.68 -10.85 22.92
CA CYS A 9 28.49 -9.47 23.33
C CYS A 9 29.82 -8.94 23.86
N ASP A 10 30.45 -8.05 23.10
CA ASP A 10 31.73 -7.46 23.48
C ASP A 10 31.48 -6.06 24.01
N TYR A 11 31.42 -5.94 25.33
CA TYR A 11 31.24 -4.65 25.99
C TYR A 11 32.56 -3.97 26.30
N THR A 12 33.67 -4.53 25.85
CA THR A 12 34.99 -4.01 26.18
C THR A 12 35.15 -2.59 25.64
N PRO A 13 35.40 -1.59 26.50
CA PRO A 13 35.61 -0.22 26.03
C PRO A 13 37.08 -0.01 25.65
N GLY A 14 37.31 0.35 24.39
CA GLY A 14 38.65 0.66 23.94
C GLY A 14 38.70 1.97 23.18
N ALA A 15 37.53 2.48 22.81
CA ALA A 15 37.41 3.75 22.11
C ALA A 15 35.96 4.21 22.14
N ALA A 16 35.63 5.27 21.40
CA ALA A 16 34.26 5.73 21.32
C ALA A 16 33.64 5.24 20.01
N LYS A 17 34.45 5.19 18.96
CA LYS A 17 34.06 4.68 17.64
C LYS A 17 33.02 5.59 16.99
N ALA A 18 32.57 6.61 17.72
CA ALA A 18 31.58 7.56 17.24
C ALA A 18 31.43 8.64 18.31
N VAL A 19 31.03 9.83 17.86
CA VAL A 19 30.69 10.94 18.75
C VAL A 19 29.40 11.53 18.22
N ALA A 20 28.30 11.27 18.91
CA ALA A 20 27.01 11.78 18.47
C ALA A 20 27.02 13.31 18.50
N GLY A 21 26.36 13.91 17.52
CA GLY A 21 26.32 15.34 17.43
C GLY A 21 25.63 16.04 18.58
N LYS A 22 24.81 15.33 19.33
CA LYS A 22 24.16 15.88 20.50
C LYS A 22 25.10 16.06 21.68
N ASP A 23 26.40 15.84 21.48
CA ASP A 23 27.37 15.96 22.55
C ASP A 23 28.40 17.05 22.32
N VAL A 24 28.32 17.79 21.22
CA VAL A 24 29.24 18.87 20.91
C VAL A 24 28.49 20.19 21.06
N ILE A 25 28.96 21.04 21.97
CA ILE A 25 28.25 22.27 22.33
C ILE A 25 29.17 23.46 22.11
N LEU A 26 28.62 24.50 21.49
CA LEU A 26 29.30 25.79 21.36
C LEU A 26 28.94 26.65 22.56
N ALA A 27 29.95 27.27 23.16
CA ALA A 27 29.77 28.06 24.37
C ALA A 27 30.55 29.35 24.24
N VAL A 28 30.10 30.38 24.97
CA VAL A 28 30.63 31.72 24.89
C VAL A 28 30.94 32.23 26.29
N PHE A 29 32.08 32.90 26.43
CA PHE A 29 32.41 33.57 27.67
C PHE A 29 31.68 34.90 27.76
N ASN A 30 31.12 35.17 28.93
CA ASN A 30 30.40 36.42 29.14
C ASN A 30 31.38 37.59 29.13
N ALA A 31 30.82 38.80 29.25
CA ALA A 31 31.64 40.00 29.16
C ALA A 31 32.70 40.04 30.25
N ALA A 32 32.33 39.65 31.47
CA ALA A 32 33.29 39.63 32.56
C ALA A 32 34.34 38.55 32.35
N GLY A 33 33.96 37.44 31.74
CA GLY A 33 34.85 36.32 31.56
C GLY A 33 34.79 35.27 32.67
N ASP A 34 33.72 35.26 33.45
CA ASP A 34 33.58 34.31 34.56
C ASP A 34 32.51 33.27 34.30
N LYS A 35 31.59 33.50 33.38
CA LYS A 35 30.50 32.57 33.13
C LYS A 35 30.61 32.05 31.70
N LEU A 36 30.60 30.74 31.56
CA LEU A 36 30.58 30.09 30.25
C LEU A 36 29.15 29.68 29.96
N LEU A 37 28.54 30.34 28.97
CA LEU A 37 27.15 30.06 28.63
C LEU A 37 27.07 29.26 27.34
N ALA A 38 26.32 28.17 27.38
CA ALA A 38 26.07 27.37 26.19
C ALA A 38 24.95 28.02 25.38
N VAL A 39 25.23 28.28 24.10
CA VAL A 39 24.24 28.95 23.26
C VAL A 39 22.99 28.09 23.16
N ALA A 40 21.89 28.61 23.70
CA ALA A 40 20.63 27.89 23.77
C ALA A 40 20.05 27.70 22.38
N GLY A 41 19.39 26.58 22.16
CA GLY A 41 18.75 26.29 20.89
C GLY A 41 19.68 25.76 19.82
N GLN A 42 20.88 25.34 20.18
CA GLN A 42 21.85 24.82 19.21
C GLN A 42 21.27 23.62 18.47
N GLN A 43 21.40 23.64 17.14
CA GLN A 43 20.96 22.54 16.31
C GLN A 43 21.95 22.15 15.22
N GLY A 44 22.97 22.96 14.96
CA GLY A 44 23.98 22.60 14.00
C GLY A 44 25.27 23.33 14.29
N LEU A 45 26.39 22.71 13.91
CA LEU A 45 27.69 23.30 14.15
C LEU A 45 28.63 22.91 13.02
N THR A 46 29.45 23.86 12.59
CA THR A 46 30.43 23.64 11.54
C THR A 46 31.69 24.41 11.89
N VAL A 47 32.83 23.74 11.85
CA VAL A 47 34.12 24.36 12.15
C VAL A 47 34.94 24.27 10.87
N ASN A 48 35.40 25.42 10.37
CA ASN A 48 36.23 25.45 9.17
C ASN A 48 37.62 25.92 9.52
N ARG A 49 38.62 25.15 9.10
CA ARG A 49 40.02 25.52 9.29
C ARG A 49 40.73 25.31 7.96
N SER A 50 41.33 26.36 7.43
CA SER A 50 41.93 26.32 6.11
C SER A 50 43.33 26.91 6.14
N LYS A 51 44.13 26.49 5.17
CA LYS A 51 45.49 26.98 4.97
C LYS A 51 45.70 27.29 3.50
N ASP A 52 46.42 28.37 3.22
CA ASP A 52 46.72 28.72 1.84
C ASP A 52 47.84 27.84 1.30
N SER A 53 48.02 27.87 -0.01
CA SER A 53 49.00 27.04 -0.70
C SER A 53 49.75 27.89 -1.70
N ILE A 54 50.99 28.25 -1.37
CA ILE A 54 51.83 29.03 -2.28
C ILE A 54 52.56 28.08 -3.22
N GLU A 55 52.58 28.43 -4.49
CA GLU A 55 53.20 27.61 -5.54
C GLU A 55 54.63 28.06 -5.76
N ILE A 56 55.54 27.10 -5.93
CA ILE A 56 56.95 27.41 -6.15
C ILE A 56 57.40 26.64 -7.38
N THR A 57 56.51 26.47 -8.35
CA THR A 57 56.85 25.73 -9.56
C THR A 57 58.06 26.37 -10.24
N SER A 58 59.18 25.65 -10.23
CA SER A 58 60.41 26.09 -10.85
C SER A 58 60.67 25.19 -12.05
N LYS A 59 60.93 25.80 -13.21
CA LYS A 59 61.00 25.08 -14.47
C LYS A 59 62.30 24.29 -14.62
N ASP A 60 63.28 24.52 -13.74
CA ASP A 60 64.56 23.81 -13.81
C ASP A 60 64.57 22.57 -12.93
N THR A 61 63.40 21.98 -12.67
CA THR A 61 63.27 20.80 -11.82
C THR A 61 62.73 19.64 -12.65
N VAL A 62 63.39 18.48 -12.54
CA VAL A 62 62.92 17.30 -13.23
C VAL A 62 61.59 16.86 -12.63
N GLY A 63 60.80 16.11 -13.40
CA GLY A 63 59.48 15.74 -12.92
C GLY A 63 58.37 16.11 -13.87
N GLY A 64 57.55 17.07 -13.45
CA GLY A 64 56.33 17.43 -14.14
C GLY A 64 55.18 17.73 -13.21
N TRP A 65 55.44 17.89 -11.92
CA TRP A 65 54.43 18.24 -10.93
C TRP A 65 54.78 19.57 -10.29
N LYS A 66 53.76 20.40 -10.10
CA LYS A 66 53.95 21.72 -9.51
C LYS A 66 54.24 21.59 -8.01
N SER A 67 55.18 22.39 -7.53
CA SER A 67 55.59 22.37 -6.13
C SER A 67 54.85 23.45 -5.35
N LYS A 68 54.48 23.11 -4.12
CA LYS A 68 53.67 24.00 -3.30
C LYS A 68 54.15 23.94 -1.85
N ILE A 69 53.89 25.02 -1.11
CA ILE A 69 54.09 25.02 0.33
C ILE A 69 52.79 25.43 1.00
N GLY A 70 52.80 25.54 2.32
CA GLY A 70 51.62 25.93 3.05
C GLY A 70 51.63 27.43 3.32
N GLY A 71 50.44 28.02 3.20
CA GLY A 71 50.30 29.45 3.40
C GLY A 71 49.92 29.80 4.82
N MET A 72 49.03 30.78 4.98
CA MET A 72 48.56 31.22 6.29
C MET A 72 47.35 30.40 6.68
N LYS A 73 47.05 30.37 7.98
CA LYS A 73 45.91 29.61 8.48
C LYS A 73 44.80 30.53 8.92
N GLU A 74 43.56 30.13 8.64
CA GLU A 74 42.37 30.83 9.11
C GLU A 74 41.34 29.82 9.58
N TRP A 75 40.41 30.30 10.41
CA TRP A 75 39.37 29.43 10.97
C TRP A 75 38.11 30.24 11.23
N SER A 76 36.98 29.55 11.21
CA SER A 76 35.68 30.17 11.42
C SER A 76 34.68 29.13 11.92
N ILE A 77 33.62 29.60 12.57
CA ILE A 77 32.58 28.78 13.16
C ILE A 77 31.23 29.21 12.59
N GLU A 78 30.41 28.25 12.19
CA GLU A 78 29.04 28.51 11.81
C GLU A 78 28.12 27.70 12.72
N ASN A 79 27.15 28.36 13.35
CA ASN A 79 26.26 27.71 14.29
C ASN A 79 24.84 28.21 14.09
N ASP A 80 23.91 27.29 13.85
CA ASP A 80 22.52 27.65 13.64
C ASP A 80 21.64 26.79 14.53
N GLY A 81 20.45 27.28 14.81
CA GLY A 81 19.52 26.52 15.64
C GLY A 81 18.30 27.33 15.99
N LEU A 82 17.64 26.91 17.07
CA LEU A 82 16.45 27.60 17.55
C LEU A 82 16.83 28.84 18.35
N TYR A 83 16.04 29.89 18.21
CA TYR A 83 16.36 31.20 18.79
C TYR A 83 15.24 31.63 19.72
N VAL A 84 15.61 31.95 20.96
CA VAL A 84 14.74 32.67 21.89
C VAL A 84 15.47 33.92 22.34
N ALA A 85 14.78 35.06 22.26
CA ALA A 85 15.45 36.34 22.48
C ALA A 85 15.84 36.57 23.93
N ASP A 86 15.11 35.99 24.88
CA ASP A 86 15.33 36.27 26.29
C ASP A 86 16.48 35.47 26.90
N ALA A 87 17.02 34.49 26.19
CA ALA A 87 18.11 33.67 26.72
C ALA A 87 19.34 34.52 26.97
N GLU A 88 20.04 34.24 28.08
CA GLU A 88 21.23 35.02 28.44
C GLU A 88 22.33 34.93 27.40
N SER A 89 22.59 33.75 26.86
CA SER A 89 23.63 33.60 25.85
C SER A 89 23.31 34.40 24.60
N HIS A 90 22.06 34.41 24.15
CA HIS A 90 21.64 35.19 23.00
C HIS A 90 21.67 36.69 23.27
N LYS A 91 21.75 37.09 24.53
CA LYS A 91 21.78 38.51 24.89
C LYS A 91 23.20 39.06 24.94
N GLU A 92 24.19 38.21 25.18
CA GLU A 92 25.58 38.62 25.05
C GLU A 92 26.02 38.71 23.61
N LEU A 93 25.53 37.81 22.75
CA LEU A 93 25.92 37.83 21.34
C LEU A 93 25.52 39.14 20.68
N ALA A 94 24.32 39.64 20.99
CA ALA A 94 23.94 40.96 20.49
C ALA A 94 24.87 42.05 21.02
N LYS A 95 25.18 41.99 22.32
CA LYS A 95 26.08 42.99 22.91
C LYS A 95 27.46 42.92 22.28
N TYR A 96 27.99 41.71 22.08
CA TYR A 96 29.27 41.58 21.41
C TYR A 96 29.20 42.11 19.98
N PHE A 97 28.10 41.84 19.28
CA PHE A 97 28.00 42.21 17.89
C PHE A 97 27.94 43.73 17.72
N GLU A 98 27.20 44.41 18.59
CA GLU A 98 27.10 45.86 18.46
C GLU A 98 28.36 46.56 18.93
N SER A 99 29.05 46.01 19.92
CA SER A 99 30.22 46.64 20.52
C SER A 99 31.51 46.29 19.81
N ASP A 100 31.47 45.43 18.78
CA ASP A 100 32.63 45.06 17.99
C ASP A 100 33.66 44.32 18.85
N SER A 101 33.31 44.06 20.11
CA SER A 101 34.25 43.44 21.03
C SER A 101 34.53 41.99 20.63
N PRO A 102 35.79 41.56 20.71
CA PRO A 102 36.09 40.15 20.44
C PRO A 102 35.45 39.25 21.49
N VAL A 103 35.03 38.07 21.08
CA VAL A 103 34.32 37.14 21.94
C VAL A 103 35.13 35.86 22.07
N CYS A 104 35.22 35.34 23.29
CA CYS A 104 35.91 34.08 23.53
C CYS A 104 34.91 32.94 23.39
N VAL A 105 35.16 32.04 22.44
CA VAL A 105 34.27 30.94 22.13
C VAL A 105 35.00 29.63 22.33
N LYS A 106 34.29 28.64 22.85
CA LYS A 106 34.86 27.34 23.17
C LYS A 106 33.90 26.26 22.69
N ILE A 107 34.45 25.15 22.23
CA ILE A 107 33.64 24.03 21.79
C ILE A 107 33.93 22.84 22.71
N ILE A 108 32.87 22.29 23.30
CA ILE A 108 33.01 21.34 24.39
C ILE A 108 32.27 20.06 24.07
N ASN A 109 32.94 18.94 24.27
CA ASN A 109 32.29 17.63 24.26
C ASN A 109 31.67 17.44 25.64
N GLN A 110 30.43 17.91 25.81
CA GLN A 110 29.79 17.87 27.12
C GLN A 110 29.58 16.46 27.64
N ALA A 111 29.56 15.45 26.78
CA ALA A 111 29.53 14.06 27.21
C ALA A 111 30.87 13.56 27.73
N SER A 112 31.95 13.90 27.04
CA SER A 112 33.29 13.54 27.50
C SER A 112 33.84 14.51 28.52
N LYS A 113 33.17 15.64 28.73
CA LYS A 113 33.64 16.69 29.64
C LYS A 113 35.06 17.11 29.29
N LYS A 114 35.32 17.27 28.00
CA LYS A 114 36.63 17.63 27.50
C LYS A 114 36.50 18.76 26.48
N GLY A 115 37.34 19.79 26.63
CA GLY A 115 37.34 20.88 25.67
C GLY A 115 37.96 20.47 24.35
N LEU A 116 37.54 21.13 23.28
CA LEU A 116 38.03 20.84 21.94
C LEU A 116 38.77 21.99 21.29
N PHE A 117 38.15 23.16 21.20
CA PHE A 117 38.76 24.31 20.52
C PHE A 117 38.26 25.58 21.15
N GLY A 118 39.17 26.43 21.60
CA GLY A 118 38.83 27.71 22.19
C GLY A 118 39.64 28.83 21.57
N GLY A 119 39.03 30.00 21.43
CA GLY A 119 39.74 31.12 20.86
C GLY A 119 38.87 32.35 20.74
N LEU A 120 39.52 33.45 20.36
CA LEU A 120 38.84 34.71 20.13
C LEU A 120 38.28 34.76 18.72
N ALA A 121 37.10 35.37 18.57
CA ALA A 121 36.47 35.50 17.28
C ALA A 121 35.65 36.78 17.23
N ILE A 122 35.29 37.20 16.02
CA ILE A 122 34.43 38.33 15.78
C ILE A 122 33.13 37.82 15.18
N VAL A 123 32.01 38.35 15.65
CA VAL A 123 30.69 37.97 15.12
C VAL A 123 30.55 38.63 13.77
N ALA A 124 30.84 37.89 12.70
CA ALA A 124 30.76 38.47 11.37
C ALA A 124 29.31 38.60 10.91
N ASP A 125 28.46 37.64 11.30
CA ASP A 125 27.06 37.66 10.92
C ASP A 125 26.21 37.13 12.07
N TYR A 126 25.17 37.86 12.41
CA TYR A 126 24.17 37.42 13.37
C TYR A 126 22.81 37.61 12.71
N SER A 127 22.39 36.63 11.91
CA SER A 127 21.15 36.70 11.18
C SER A 127 20.22 35.58 11.62
N PHE A 128 18.95 35.73 11.28
CA PHE A 128 17.93 34.81 11.76
C PHE A 128 16.66 34.95 10.93
N GLU A 129 15.89 33.86 10.88
CA GLU A 129 14.74 33.74 10.00
C GLU A 129 13.53 33.31 10.82
N ALA A 130 12.35 33.73 10.38
CA ALA A 130 11.09 33.40 11.07
C ALA A 130 10.08 32.86 10.06
N PRO A 131 10.25 31.62 9.61
CA PRO A 131 9.23 31.00 8.76
C PRO A 131 7.90 30.90 9.49
N PHE A 132 6.83 31.10 8.73
CA PHE A 132 5.49 31.17 9.30
C PHE A 132 4.96 29.81 9.75
N ASP A 133 5.50 28.71 9.25
CA ASP A 133 4.99 27.38 9.58
C ASP A 133 5.96 26.57 10.44
N GLU A 134 6.99 27.21 10.98
CA GLU A 134 7.92 26.54 11.89
C GLU A 134 8.24 27.51 13.02
N ALA A 135 9.25 27.17 13.82
CA ALA A 135 9.76 28.07 14.84
C ALA A 135 10.84 28.95 14.23
N MET A 136 10.95 30.17 14.75
CA MET A 136 11.92 31.12 14.23
C MET A 136 13.33 30.75 14.70
N THR A 137 14.26 30.67 13.75
CA THR A 137 15.60 30.14 13.98
C THR A 137 16.64 31.24 13.79
N TYR A 138 17.83 30.98 14.31
CA TYR A 138 18.95 31.90 14.24
C TYR A 138 20.16 31.22 13.59
N SER A 139 21.03 32.04 13.00
CA SER A 139 22.30 31.60 12.45
C SER A 139 23.38 32.57 12.88
N VAL A 140 24.57 32.05 13.17
CA VAL A 140 25.69 32.85 13.66
C VAL A 140 26.94 32.42 12.90
N LYS A 141 27.73 33.41 12.48
CA LYS A 141 29.02 33.17 11.87
C LYS A 141 30.08 33.93 12.65
N LEU A 142 31.13 33.24 13.07
CA LEU A 142 32.24 33.84 13.80
C LEU A 142 33.52 33.61 13.01
N ASP A 143 34.28 34.67 12.80
CA ASP A 143 35.57 34.57 12.12
C ASP A 143 36.69 34.73 13.14
N GLY A 144 37.69 33.87 13.07
CA GLY A 144 38.74 33.86 14.06
C GLY A 144 39.80 34.91 13.86
N MET A 145 40.06 35.71 14.89
CA MET A 145 41.12 36.71 14.89
C MET A 145 42.33 36.11 15.61
N GLY A 146 43.02 35.22 14.94
CA GLY A 146 44.22 34.63 15.50
C GLY A 146 44.10 33.13 15.66
N ALA A 147 44.92 32.59 16.55
CA ALA A 147 45.09 31.15 16.69
C ALA A 147 43.85 30.49 17.26
N LEU A 148 43.45 29.38 16.66
CA LEU A 148 42.47 28.48 17.25
C LEU A 148 43.20 27.33 17.94
N VAL A 149 43.20 27.34 19.26
CA VAL A 149 43.98 26.38 20.05
C VAL A 149 43.19 25.08 20.09
N ASP A 150 43.82 24.00 19.64
CA ASP A 150 43.22 22.67 19.68
C ASP A 150 43.43 22.08 21.06
N LEU A 151 42.37 22.02 21.86
CA LEU A 151 42.45 21.50 23.22
C LEU A 151 42.62 19.99 23.27
N THR A 152 42.47 19.30 22.14
CA THR A 152 42.65 17.86 22.08
C THR A 152 44.11 17.44 22.16
N ILE A 153 45.04 18.33 21.81
CA ILE A 153 46.46 18.05 21.84
C ILE A 153 47.19 18.87 22.90
N THR A 154 46.50 19.83 23.51
CA THR A 154 47.09 20.69 24.53
C THR A 154 46.38 20.45 25.85
N GLU A 155 47.14 20.55 26.94
CA GLU A 155 46.62 20.25 28.26
C GLU A 155 45.80 21.43 28.77
N GLY A 156 44.71 21.12 29.46
CA GLY A 156 43.85 22.12 30.06
C GLY A 156 42.61 22.39 29.23
N GLY A 157 41.99 23.53 29.52
CA GLY A 157 40.80 23.96 28.80
C GLY A 157 39.64 22.98 28.93
N ASP A 158 39.07 22.86 30.13
CA ASP A 158 37.99 21.91 30.36
C ASP A 158 36.87 22.52 31.22
N GLN A 159 36.75 23.84 31.25
CA GLN A 159 35.66 24.47 31.98
C GLN A 159 34.31 24.02 31.41
N MET A 160 33.46 23.49 32.28
CA MET A 160 32.28 22.77 31.85
C MET A 160 31.10 23.66 31.45
N PRO A 161 30.72 24.68 32.25
CA PRO A 161 29.56 25.48 31.85
C PRO A 161 29.64 26.03 30.42
N ALA B 15 17.65 -37.48 12.84
CA ALA B 15 17.40 -36.05 12.98
C ALA B 15 16.05 -35.80 13.65
N ALA B 16 15.62 -34.53 13.66
CA ALA B 16 14.36 -34.16 14.26
C ALA B 16 13.31 -33.86 13.20
N LYS B 17 13.76 -33.41 12.03
CA LYS B 17 12.92 -33.10 10.89
C LYS B 17 11.98 -31.92 11.15
N ALA B 18 12.04 -31.36 12.36
CA ALA B 18 11.22 -30.21 12.74
C ALA B 18 11.65 -29.75 14.12
N VAL B 19 11.36 -28.48 14.42
CA VAL B 19 11.54 -27.92 15.74
C VAL B 19 10.27 -27.16 16.07
N ALA B 20 9.62 -27.52 17.17
CA ALA B 20 8.37 -26.88 17.56
C ALA B 20 8.62 -25.40 17.87
N GLY B 21 7.67 -24.57 17.47
CA GLY B 21 7.77 -23.14 17.71
C GLY B 21 7.55 -22.71 19.13
N LYS B 22 6.99 -23.57 19.97
CA LYS B 22 6.85 -23.28 21.39
C LYS B 22 8.10 -23.58 22.17
N ASP B 23 9.17 -23.94 21.47
CA ASP B 23 10.43 -24.29 22.11
C ASP B 23 11.53 -23.27 21.87
N VAL B 24 11.35 -22.32 20.97
CA VAL B 24 12.33 -21.28 20.70
C VAL B 24 11.93 -20.03 21.47
N ILE B 25 12.83 -19.50 22.28
CA ILE B 25 12.53 -18.39 23.16
C ILE B 25 13.60 -17.32 23.02
N LEU B 26 13.26 -16.11 23.43
CA LEU B 26 14.19 -14.99 23.45
C LEU B 26 14.63 -14.75 24.89
N ALA B 27 15.93 -14.48 25.07
CA ALA B 27 16.50 -14.30 26.39
C ALA B 27 17.36 -13.05 26.39
N VAL B 28 17.41 -12.40 27.54
CA VAL B 28 18.07 -11.11 27.69
C VAL B 28 19.03 -11.17 28.87
N PHE B 29 20.23 -10.65 28.67
CA PHE B 29 21.16 -10.52 29.78
C PHE B 29 20.84 -9.27 30.57
N ASN B 30 20.76 -9.42 31.89
CA ASN B 30 20.41 -8.30 32.74
C ASN B 30 21.56 -7.29 32.78
N ALA B 31 21.36 -6.23 33.56
CA ALA B 31 22.32 -5.13 33.59
C ALA B 31 23.70 -5.61 34.02
N ALA B 32 23.76 -6.43 35.07
CA ALA B 32 25.03 -6.99 35.49
C ALA B 32 25.50 -8.08 34.54
N GLY B 33 24.57 -8.74 33.85
CA GLY B 33 24.89 -9.82 32.96
C GLY B 33 25.00 -11.17 33.60
N ASP B 34 24.67 -11.30 34.88
CA ASP B 34 24.81 -12.56 35.59
C ASP B 34 23.63 -13.49 35.41
N LYS B 35 22.51 -13.02 34.87
CA LYS B 35 21.32 -13.87 34.72
C LYS B 35 20.79 -13.75 33.30
N LEU B 36 20.35 -14.87 32.74
CA LEU B 36 19.71 -14.88 31.43
C LEU B 36 18.21 -14.98 31.65
N LEU B 37 17.49 -13.94 31.24
CA LEU B 37 16.05 -13.81 31.49
C LEU B 37 15.26 -14.27 30.27
N ALA B 38 14.31 -15.18 30.49
CA ALA B 38 13.34 -15.53 29.48
C ALA B 38 12.18 -14.55 29.55
N VAL B 39 12.09 -13.66 28.56
CA VAL B 39 11.09 -12.61 28.60
C VAL B 39 9.70 -13.23 28.66
N ALA B 40 8.92 -12.79 29.65
CA ALA B 40 7.65 -13.41 29.97
C ALA B 40 6.60 -13.09 28.92
N GLY B 41 5.68 -14.02 28.71
CA GLY B 41 4.56 -13.82 27.82
C GLY B 41 4.86 -14.00 26.35
N GLN B 42 6.00 -14.61 26.02
CA GLN B 42 6.41 -14.78 24.63
C GLN B 42 5.35 -15.52 23.82
N GLN B 43 5.03 -14.99 22.64
CA GLN B 43 4.13 -15.66 21.72
C GLN B 43 4.58 -15.63 20.27
N GLY B 44 5.56 -14.80 19.92
CA GLY B 44 6.04 -14.79 18.55
C GLY B 44 7.46 -14.26 18.47
N LEU B 45 8.23 -14.84 17.57
CA LEU B 45 9.60 -14.38 17.33
C LEU B 45 9.80 -14.23 15.83
N THR B 46 10.70 -13.31 15.47
CA THR B 46 11.08 -13.08 14.08
C THR B 46 12.53 -12.62 14.08
N VAL B 47 13.39 -13.37 13.40
CA VAL B 47 14.79 -13.02 13.29
C VAL B 47 15.08 -12.72 11.83
N ASN B 48 15.21 -11.44 11.50
CA ASN B 48 15.44 -11.02 10.13
C ASN B 48 16.91 -10.72 9.93
N ARG B 49 17.51 -11.39 8.94
CA ARG B 49 18.91 -11.18 8.61
C ARG B 49 18.98 -10.86 7.13
N SER B 50 19.55 -9.70 6.79
CA SER B 50 19.59 -9.25 5.41
C SER B 50 21.01 -8.85 5.04
N LYS B 51 21.30 -8.94 3.75
CA LYS B 51 22.57 -8.48 3.20
C LYS B 51 22.26 -7.65 1.96
N ASP B 52 22.91 -6.50 1.85
CA ASP B 52 22.68 -5.62 0.71
C ASP B 52 23.38 -6.18 -0.52
N SER B 53 23.03 -5.60 -1.68
CA SER B 53 23.57 -6.05 -2.96
C SER B 53 24.04 -4.82 -3.73
N ILE B 54 25.30 -4.82 -4.14
CA ILE B 54 25.84 -3.73 -4.93
C ILE B 54 25.91 -4.12 -6.39
N GLU B 55 25.49 -3.21 -7.26
CA GLU B 55 25.31 -3.48 -8.68
C GLU B 55 26.59 -3.13 -9.43
N ILE B 56 27.14 -4.09 -10.15
CA ILE B 56 28.44 -3.95 -10.81
C ILE B 56 28.21 -4.06 -12.32
N THR B 57 27.09 -3.50 -12.80
CA THR B 57 26.83 -3.52 -14.23
C THR B 57 27.80 -2.60 -14.96
N SER B 58 28.79 -3.20 -15.60
CA SER B 58 29.64 -2.55 -16.57
C SER B 58 29.41 -3.28 -17.89
N LYS B 59 28.90 -2.56 -18.88
CA LYS B 59 28.41 -3.22 -20.09
C LYS B 59 29.49 -3.39 -21.15
N ASP B 60 30.75 -3.51 -20.74
CA ASP B 60 31.80 -4.08 -21.56
C ASP B 60 31.83 -5.60 -21.45
N THR B 61 30.94 -6.17 -20.66
CA THR B 61 30.87 -7.60 -20.43
C THR B 61 29.83 -8.23 -21.35
N VAL B 62 30.23 -9.28 -22.05
CA VAL B 62 29.31 -10.01 -22.92
C VAL B 62 28.30 -10.74 -22.05
N GLY B 63 27.24 -11.24 -22.67
CA GLY B 63 26.19 -11.87 -21.91
C GLY B 63 24.83 -11.22 -22.13
N GLY B 64 24.34 -10.54 -21.10
CA GLY B 64 22.98 -10.02 -21.10
C GLY B 64 22.32 -10.09 -19.74
N TRP B 65 23.09 -10.31 -18.68
CA TRP B 65 22.57 -10.33 -17.33
C TRP B 65 23.25 -9.26 -16.48
N LYS B 66 22.58 -8.85 -15.42
CA LYS B 66 23.04 -7.75 -14.58
C LYS B 66 23.94 -8.28 -13.47
N SER B 67 25.20 -7.86 -13.47
CA SER B 67 26.18 -8.34 -12.50
C SER B 67 26.03 -7.61 -11.17
N LYS B 68 26.14 -8.37 -10.09
CA LYS B 68 25.97 -7.84 -8.74
C LYS B 68 26.98 -8.48 -7.82
N ILE B 69 27.20 -7.85 -6.67
CA ILE B 69 28.01 -8.47 -5.62
C ILE B 69 27.27 -8.35 -4.30
N GLY B 70 27.82 -8.94 -3.25
CA GLY B 70 27.26 -8.81 -1.93
C GLY B 70 27.65 -7.48 -1.31
N GLY B 71 26.72 -6.93 -0.53
CA GLY B 71 26.94 -5.63 0.07
C GLY B 71 27.28 -5.68 1.53
N MET B 72 26.41 -5.10 2.36
CA MET B 72 26.63 -5.03 3.80
C MET B 72 25.54 -5.86 4.46
N LYS B 73 25.78 -6.29 5.69
CA LYS B 73 24.87 -7.17 6.39
C LYS B 73 24.28 -6.50 7.63
N GLU B 74 23.03 -6.81 7.93
CA GLU B 74 22.32 -6.30 9.09
C GLU B 74 21.33 -7.33 9.58
N TRP B 75 20.82 -7.11 10.80
CA TRP B 75 19.87 -8.04 11.40
C TRP B 75 18.97 -7.30 12.40
N SER B 76 17.83 -7.92 12.70
CA SER B 76 16.85 -7.35 13.60
C SER B 76 15.99 -8.48 14.17
N ILE B 77 15.33 -8.19 15.29
CA ILE B 77 14.50 -9.16 16.00
C ILE B 77 13.16 -8.51 16.32
N GLU B 78 12.08 -9.25 16.11
CA GLU B 78 10.73 -8.84 16.48
C GLU B 78 10.18 -9.87 17.46
N ASN B 79 9.60 -9.40 18.57
CA ASN B 79 9.04 -10.29 19.57
C ASN B 79 7.75 -9.71 20.12
N ASP B 80 6.67 -10.49 20.06
CA ASP B 80 5.40 -10.02 20.60
C ASP B 80 4.80 -11.11 21.48
N GLY B 81 3.97 -10.68 22.41
CA GLY B 81 3.34 -11.64 23.31
C GLY B 81 2.47 -10.94 24.33
N LEU B 82 2.16 -11.68 25.40
CA LEU B 82 1.43 -11.11 26.53
C LEU B 82 2.38 -10.31 27.41
N TYR B 83 1.85 -9.21 27.96
CA TYR B 83 2.64 -8.30 28.77
C TYR B 83 2.13 -8.30 30.20
N VAL B 84 2.96 -8.80 31.12
CA VAL B 84 2.76 -8.65 32.55
C VAL B 84 3.84 -7.70 33.07
N ALA B 85 3.43 -6.52 33.53
CA ALA B 85 4.39 -5.47 33.84
C ALA B 85 5.26 -5.82 35.04
N ASP B 86 4.74 -6.54 36.02
CA ASP B 86 5.50 -6.84 37.22
C ASP B 86 6.59 -7.87 37.00
N ALA B 87 6.54 -8.63 35.90
CA ALA B 87 7.60 -9.58 35.62
C ALA B 87 8.94 -8.86 35.53
N GLU B 88 9.90 -9.32 36.33
CA GLU B 88 11.19 -8.66 36.42
C GLU B 88 11.95 -8.69 35.11
N SER B 89 11.63 -9.65 34.22
CA SER B 89 12.17 -9.60 32.87
C SER B 89 11.78 -8.34 32.13
N HIS B 90 10.52 -7.92 32.22
CA HIS B 90 10.06 -6.67 31.63
C HIS B 90 10.58 -5.45 32.37
N LYS B 91 11.06 -5.62 33.60
CA LYS B 91 11.62 -4.52 34.37
C LYS B 91 13.07 -4.25 33.98
N GLU B 92 13.65 -5.08 33.13
CA GLU B 92 14.95 -4.84 32.53
C GLU B 92 14.85 -4.25 31.14
N LEU B 93 13.85 -4.65 30.37
CA LEU B 93 13.64 -4.08 29.04
C LEU B 93 13.33 -2.60 29.14
N ALA B 94 12.52 -2.20 30.12
CA ALA B 94 12.21 -0.78 30.29
C ALA B 94 13.46 0.01 30.63
N LYS B 95 14.30 -0.50 31.53
CA LYS B 95 15.52 0.21 31.90
C LYS B 95 16.45 0.36 30.71
N TYR B 96 16.61 -0.71 29.92
CA TYR B 96 17.44 -0.61 28.72
C TYR B 96 16.86 0.38 27.72
N PHE B 97 15.54 0.38 27.54
CA PHE B 97 14.92 1.32 26.62
C PHE B 97 15.14 2.76 27.06
N GLU B 98 15.02 3.03 28.36
CA GLU B 98 15.12 4.39 28.84
C GLU B 98 16.56 4.89 28.87
N SER B 99 17.52 4.02 29.18
CA SER B 99 18.91 4.43 29.37
C SER B 99 19.73 4.39 28.09
N ASP B 100 19.15 3.95 26.98
CA ASP B 100 19.86 3.85 25.70
C ASP B 100 21.11 2.99 25.82
N SER B 101 21.05 1.97 26.65
CA SER B 101 22.19 1.07 26.78
C SER B 101 21.98 -0.17 25.91
N PRO B 102 23.00 -0.63 25.21
CA PRO B 102 22.87 -1.86 24.42
C PRO B 102 22.58 -3.05 25.32
N VAL B 103 21.84 -4.01 24.79
CA VAL B 103 21.40 -5.16 25.56
C VAL B 103 21.84 -6.44 24.85
N CYS B 104 22.27 -7.43 25.63
CA CYS B 104 22.71 -8.70 25.09
C CYS B 104 21.52 -9.63 24.94
N VAL B 105 21.30 -10.15 23.74
CA VAL B 105 20.12 -10.95 23.42
C VAL B 105 20.57 -12.29 22.87
N LYS B 106 19.88 -13.36 23.28
CA LYS B 106 20.20 -14.73 22.86
C LYS B 106 18.92 -15.47 22.54
N ILE B 107 18.90 -16.15 21.40
CA ILE B 107 17.77 -16.98 21.01
C ILE B 107 18.09 -18.42 21.41
N ILE B 108 17.20 -19.02 22.19
CA ILE B 108 17.50 -20.27 22.87
C ILE B 108 16.44 -21.32 22.54
N ASN B 109 16.90 -22.50 22.17
CA ASN B 109 16.02 -23.67 22.01
C ASN B 109 15.98 -24.40 23.35
N GLN B 110 14.87 -24.24 24.07
CA GLN B 110 14.74 -24.88 25.37
C GLN B 110 14.52 -26.38 25.27
N ALA B 111 14.21 -26.90 24.09
CA ALA B 111 14.02 -28.33 23.88
C ALA B 111 15.31 -29.08 23.58
N SER B 112 16.14 -28.56 22.69
CA SER B 112 17.44 -29.15 22.39
C SER B 112 18.54 -28.68 23.32
N LYS B 113 18.24 -27.71 24.20
CA LYS B 113 19.21 -27.16 25.13
C LYS B 113 20.43 -26.59 24.40
N LYS B 114 20.18 -25.98 23.24
CA LYS B 114 21.24 -25.38 22.44
C LYS B 114 20.91 -23.93 22.14
N GLY B 115 21.90 -23.06 22.27
CA GLY B 115 21.74 -21.67 21.85
C GLY B 115 21.83 -21.55 20.33
N LEU B 116 21.18 -20.52 19.80
CA LEU B 116 21.11 -20.31 18.36
C LEU B 116 21.80 -19.04 17.89
N PHE B 117 21.43 -17.89 18.45
CA PHE B 117 21.98 -16.62 17.98
C PHE B 117 22.19 -15.70 19.16
N GLY B 118 23.41 -15.19 19.31
CA GLY B 118 23.71 -14.17 20.30
C GLY B 118 24.04 -12.87 19.60
N GLY B 119 23.72 -11.75 20.26
CA GLY B 119 23.99 -10.47 19.65
C GLY B 119 23.84 -9.32 20.64
N LEU B 120 24.38 -8.19 20.23
CA LEU B 120 24.19 -6.94 20.95
C LEU B 120 23.18 -6.09 20.20
N ALA B 121 22.04 -5.83 20.82
CA ALA B 121 20.92 -5.19 20.14
C ALA B 121 20.45 -3.99 20.94
N ILE B 122 19.70 -3.12 20.28
CA ILE B 122 19.13 -1.93 20.90
C ILE B 122 17.61 -2.00 20.78
N VAL B 123 16.93 -1.64 21.86
CA VAL B 123 15.47 -1.65 21.88
C VAL B 123 15.00 -0.46 21.05
N ALA B 124 14.66 -0.70 19.79
CA ALA B 124 14.27 0.40 18.92
C ALA B 124 12.79 0.72 19.05
N ASP B 125 11.98 -0.29 19.35
CA ASP B 125 10.54 -0.08 19.50
C ASP B 125 10.03 -0.93 20.66
N TYR B 126 9.22 -0.32 21.51
CA TYR B 126 8.60 -0.99 22.66
C TYR B 126 7.19 -0.44 22.78
N SER B 127 6.24 -1.10 22.13
CA SER B 127 4.85 -0.67 22.16
C SER B 127 3.96 -1.84 22.55
N PHE B 128 2.79 -1.51 23.08
CA PHE B 128 1.85 -2.52 23.54
C PHE B 128 0.42 -2.01 23.43
N GLU B 129 -0.51 -2.96 23.36
CA GLU B 129 -1.90 -2.68 23.00
C GLU B 129 -2.81 -3.27 24.07
N ALA B 130 -3.91 -2.59 24.35
CA ALA B 130 -4.83 -2.99 25.41
C ALA B 130 -6.28 -2.98 24.93
N PRO B 131 -6.67 -3.90 24.05
CA PRO B 131 -8.09 -4.05 23.72
C PRO B 131 -8.88 -4.50 24.93
N PHE B 132 -10.11 -4.02 25.02
CA PHE B 132 -10.94 -4.30 26.19
C PHE B 132 -11.47 -5.72 26.24
N ASP B 133 -11.37 -6.47 25.14
CA ASP B 133 -11.94 -7.82 25.06
C ASP B 133 -10.87 -8.90 25.02
N GLU B 134 -9.62 -8.55 25.30
CA GLU B 134 -8.50 -9.46 25.23
C GLU B 134 -7.56 -9.15 26.38
N ALA B 135 -6.35 -9.70 26.33
CA ALA B 135 -5.31 -9.39 27.29
C ALA B 135 -4.36 -8.36 26.68
N MET B 136 -3.67 -7.63 27.56
CA MET B 136 -2.71 -6.64 27.11
C MET B 136 -1.52 -7.31 26.45
N THR B 137 -1.32 -7.03 25.17
CA THR B 137 -0.22 -7.59 24.41
C THR B 137 0.83 -6.52 24.14
N TYR B 138 2.08 -6.97 24.05
CA TYR B 138 3.23 -6.10 23.87
C TYR B 138 4.03 -6.55 22.66
N SER B 139 4.67 -5.57 22.01
CA SER B 139 5.52 -5.81 20.85
C SER B 139 6.85 -5.09 21.07
N VAL B 140 7.94 -5.75 20.70
CA VAL B 140 9.29 -5.25 20.90
C VAL B 140 10.09 -5.46 19.63
N LYS B 141 10.81 -4.43 19.22
CA LYS B 141 11.72 -4.50 18.09
C LYS B 141 13.13 -4.23 18.59
N LEU B 142 14.07 -5.10 18.22
CA LEU B 142 15.47 -4.94 18.56
C LEU B 142 16.26 -4.78 17.26
N ASP B 143 17.03 -3.71 17.16
CA ASP B 143 17.84 -3.44 15.99
C ASP B 143 19.26 -3.85 16.33
N GLY B 144 19.91 -4.55 15.39
CA GLY B 144 21.24 -5.09 15.64
C GLY B 144 22.34 -4.06 15.56
N MET B 145 23.13 -3.94 16.63
CA MET B 145 24.31 -3.08 16.65
C MET B 145 25.54 -3.96 16.42
N GLY B 146 25.72 -4.38 15.18
CA GLY B 146 26.88 -5.16 14.80
C GLY B 146 26.54 -6.62 14.60
N ALA B 147 27.52 -7.46 14.92
CA ALA B 147 27.49 -8.86 14.54
C ALA B 147 26.39 -9.63 15.25
N LEU B 148 25.70 -10.48 14.52
CA LEU B 148 24.82 -11.49 15.10
C LEU B 148 25.52 -12.84 15.02
N VAL B 149 26.06 -13.31 16.13
CA VAL B 149 26.86 -14.52 16.16
C VAL B 149 25.92 -15.70 16.05
N ASP B 150 26.12 -16.52 15.02
CA ASP B 150 25.33 -17.73 14.83
C ASP B 150 25.91 -18.83 15.69
N LEU B 151 25.20 -19.21 16.75
CA LEU B 151 25.66 -20.23 17.67
C LEU B 151 25.46 -21.63 17.16
N THR B 152 24.76 -21.78 16.02
CA THR B 152 24.57 -23.09 15.41
C THR B 152 25.83 -23.63 14.77
N ILE B 153 26.71 -22.77 14.28
CA ILE B 153 27.99 -23.15 13.72
C ILE B 153 29.11 -23.10 14.74
N THR B 154 29.10 -22.11 15.62
CA THR B 154 30.16 -21.89 16.59
C THR B 154 29.89 -22.70 17.84
N GLU B 155 30.97 -23.22 18.43
CA GLU B 155 30.86 -23.96 19.68
C GLU B 155 30.50 -23.02 20.83
N GLY B 156 29.96 -23.59 21.90
CA GLY B 156 29.64 -22.83 23.09
C GLY B 156 28.27 -22.17 23.01
N GLY B 157 28.02 -21.31 23.99
CA GLY B 157 26.75 -20.61 24.06
C GLY B 157 25.58 -21.51 24.39
N ASP B 158 25.55 -22.06 25.61
CA ASP B 158 24.49 -22.96 26.01
C ASP B 158 23.95 -22.64 27.40
N GLN B 159 24.07 -21.40 27.85
CA GLN B 159 23.50 -21.01 29.13
C GLN B 159 22.01 -20.74 28.97
N MET B 160 21.20 -21.62 29.56
CA MET B 160 19.75 -21.54 29.42
C MET B 160 19.07 -20.40 30.17
N PRO B 161 19.12 -20.37 31.53
CA PRO B 161 18.16 -19.69 32.40
C PRO B 161 17.10 -18.82 31.72
N MET C 1 3.48 -41.76 5.12
CA MET C 1 3.46 -42.99 5.88
C MET C 1 1.95 -43.24 6.02
N LYS C 2 1.50 -44.44 5.64
CA LYS C 2 0.08 -44.75 5.56
C LYS C 2 -0.67 -44.35 6.83
N SER C 3 -1.90 -43.89 6.64
CA SER C 3 -2.70 -43.39 7.75
C SER C 3 -2.95 -44.48 8.79
N LEU C 4 -2.75 -44.13 10.06
CA LEU C 4 -3.05 -45.06 11.14
C LEU C 4 -4.55 -45.33 11.22
N SER C 5 -4.91 -46.60 11.19
CA SER C 5 -6.30 -46.98 11.31
C SER C 5 -6.81 -46.72 12.71
N PHE C 6 -8.12 -46.55 12.83
CA PHE C 6 -8.75 -46.36 14.14
C PHE C 6 -8.47 -47.54 15.07
N MET C 7 -8.26 -48.72 14.51
CA MET C 7 -8.18 -49.93 15.31
C MET C 7 -6.92 -49.96 16.17
N ARG C 8 -5.79 -49.58 15.60
CA ARG C 8 -4.55 -49.49 16.38
C ARG C 8 -4.66 -48.46 17.49
N VAL C 9 -5.33 -47.33 17.21
CA VAL C 9 -5.55 -46.33 18.25
C VAL C 9 -6.39 -46.91 19.39
N LEU C 10 -7.44 -47.66 19.04
CA LEU C 10 -8.26 -48.29 20.06
C LEU C 10 -7.45 -49.28 20.90
N GLU C 11 -6.62 -50.08 20.25
CA GLU C 11 -5.78 -51.01 20.99
C GLU C 11 -4.80 -50.28 21.91
N ALA C 12 -4.21 -49.18 21.41
CA ALA C 12 -3.28 -48.41 22.22
C ALA C 12 -3.96 -47.86 23.47
N VAL C 13 -5.13 -47.24 23.31
CA VAL C 13 -5.78 -46.64 24.47
C VAL C 13 -6.26 -47.73 25.43
N ARG C 14 -6.73 -48.87 24.89
CA ARG C 14 -7.15 -49.96 25.75
C ARG C 14 -5.99 -50.49 26.58
N THR C 15 -4.83 -50.68 25.95
CA THR C 15 -3.66 -51.10 26.69
C THR C 15 -3.28 -50.07 27.74
N MET C 16 -3.34 -48.79 27.38
CA MET C 16 -3.04 -47.74 28.35
C MET C 16 -3.90 -47.86 29.59
N LEU C 17 -5.22 -47.97 29.40
CA LEU C 17 -6.09 -48.11 30.56
C LEU C 17 -5.80 -49.39 31.34
N GLN C 18 -5.76 -50.53 30.67
CA GLN C 18 -5.63 -51.80 31.36
C GLN C 18 -4.27 -51.92 32.06
N GLU C 19 -3.30 -51.12 31.64
CA GLU C 19 -1.97 -51.22 32.23
C GLU C 19 -1.74 -50.16 33.31
N LYS C 20 -2.24 -48.94 33.12
CA LYS C 20 -1.98 -47.86 34.05
C LYS C 20 -3.04 -47.71 35.13
N GLY C 21 -4.24 -48.22 34.90
CA GLY C 21 -5.28 -48.16 35.92
C GLY C 21 -5.85 -49.54 36.23
N GLY C 22 -5.57 -50.50 35.36
CA GLY C 22 -6.14 -51.83 35.52
C GLY C 22 -7.63 -51.87 35.37
N LEU C 23 -8.19 -51.13 34.42
CA LEU C 23 -9.63 -51.06 34.23
C LEU C 23 -10.06 -52.03 33.13
N ASP C 24 -11.06 -52.84 33.43
CA ASP C 24 -11.61 -53.78 32.45
C ASP C 24 -12.43 -52.97 31.44
N VAL C 25 -11.83 -52.68 30.30
CA VAL C 25 -12.43 -51.84 29.27
C VAL C 25 -12.52 -52.63 27.98
N SER C 26 -13.67 -52.57 27.32
CA SER C 26 -13.92 -53.32 26.10
C SER C 26 -13.93 -52.38 24.90
N ILE C 27 -13.65 -52.93 23.72
CA ILE C 27 -13.55 -52.14 22.50
C ILE C 27 -14.85 -52.25 21.72
N VAL C 28 -15.36 -53.47 21.57
CA VAL C 28 -16.57 -53.73 20.81
C VAL C 28 -17.73 -52.94 21.41
N MET C 29 -18.68 -52.53 20.57
CA MET C 29 -19.77 -51.69 21.04
C MET C 29 -21.05 -52.48 21.21
N ARG C 30 -21.68 -52.30 22.37
CA ARG C 30 -23.02 -52.79 22.67
C ARG C 30 -23.98 -51.59 22.63
N ASN C 31 -25.27 -51.86 22.55
CA ASN C 31 -26.25 -50.78 22.52
C ASN C 31 -27.03 -50.73 23.83
N GLN C 32 -27.59 -51.86 24.25
CA GLN C 32 -28.25 -51.96 25.54
C GLN C 32 -27.41 -52.90 26.40
N VAL C 33 -27.07 -52.44 27.61
CA VAL C 33 -26.20 -53.19 28.50
C VAL C 33 -26.80 -53.26 29.90
N GLU C 34 -26.31 -54.20 30.70
CA GLU C 34 -26.64 -54.29 32.11
C GLU C 34 -25.36 -54.56 32.88
N MET C 35 -25.42 -54.35 34.20
CA MET C 35 -24.30 -54.44 35.14
C MET C 35 -23.24 -53.39 34.83
N PRO C 36 -22.55 -52.86 35.84
CA PRO C 36 -21.57 -51.80 35.60
C PRO C 36 -20.40 -52.29 34.77
N THR C 37 -19.82 -51.36 33.99
CA THR C 37 -18.65 -51.64 33.19
C THR C 37 -18.02 -50.37 32.64
N THR C 38 -16.94 -50.51 31.88
CA THR C 38 -16.30 -49.41 31.16
C THR C 38 -16.07 -49.87 29.74
N MET C 39 -16.26 -48.95 28.78
CA MET C 39 -16.40 -49.37 27.40
C MET C 39 -15.96 -48.24 26.46
N ILE C 40 -15.44 -48.63 25.30
CA ILE C 40 -14.85 -47.71 24.33
C ILE C 40 -15.75 -47.60 23.12
N GLU C 41 -16.17 -46.37 22.80
CA GLU C 41 -16.88 -46.09 21.56
C GLU C 41 -16.12 -45.01 20.81
N MET C 42 -16.00 -45.16 19.50
CA MET C 42 -15.49 -44.08 18.67
C MET C 42 -16.58 -43.49 17.80
N ILE C 43 -16.51 -42.18 17.58
CA ILE C 43 -17.39 -41.49 16.66
C ILE C 43 -16.81 -41.48 15.25
N ASP C 44 -15.63 -40.88 15.06
CA ASP C 44 -15.15 -40.66 13.71
C ASP C 44 -13.66 -40.33 13.71
N GLN C 45 -13.13 -40.11 12.52
CA GLN C 45 -11.75 -39.70 12.31
C GLN C 45 -11.69 -38.85 11.05
N GLU C 46 -11.05 -37.69 11.13
CA GLU C 46 -10.95 -36.80 9.99
C GLU C 46 -9.59 -36.11 9.97
N GLU C 47 -9.21 -35.64 8.79
CA GLU C 47 -7.91 -35.01 8.60
C GLU C 47 -8.00 -33.54 8.99
N GLU C 48 -7.25 -33.17 10.04
CA GLU C 48 -7.19 -31.79 10.46
C GLU C 48 -6.25 -30.99 9.55
N GLU C 49 -6.20 -29.68 9.75
CA GLU C 49 -5.52 -28.78 8.85
C GLU C 49 -4.32 -28.13 9.52
N SER C 50 -3.13 -28.38 8.96
CA SER C 50 -1.92 -27.68 9.37
C SER C 50 -0.89 -27.90 8.26
N GLN C 51 -0.50 -26.82 7.59
CA GLN C 51 0.42 -26.97 6.46
C GLN C 51 1.87 -27.04 6.94
N THR C 52 2.12 -27.89 7.93
CA THR C 52 3.48 -28.14 8.40
C THR C 52 3.70 -29.64 8.58
N ALA C 53 2.61 -30.39 8.75
CA ALA C 53 2.71 -31.81 9.05
C ALA C 53 1.42 -32.50 8.65
N TRP C 54 1.51 -33.80 8.43
CA TRP C 54 0.31 -34.61 8.17
C TRP C 54 -0.32 -35.00 9.49
N LYS C 55 -1.52 -34.49 9.75
CA LYS C 55 -2.18 -34.68 11.03
C LYS C 55 -3.59 -35.23 10.81
N GLU C 56 -3.95 -36.20 11.65
CA GLU C 56 -5.29 -36.77 11.65
C GLU C 56 -5.85 -36.74 13.06
N LYS C 57 -7.12 -36.38 13.19
CA LYS C 57 -7.78 -36.24 14.47
C LYS C 57 -8.83 -37.34 14.62
N TYR C 58 -8.78 -38.03 15.76
CA TYR C 58 -9.66 -39.15 16.06
C TYR C 58 -10.57 -38.75 17.20
N ARG C 59 -11.89 -38.86 16.99
CA ARG C 59 -12.88 -38.54 18.01
C ARG C 59 -13.53 -39.84 18.46
N PHE C 60 -13.31 -40.18 19.73
CA PHE C 60 -13.89 -41.39 20.34
C PHE C 60 -14.58 -41.00 21.64
N ALA C 61 -15.19 -41.99 22.28
CA ALA C 61 -15.99 -41.75 23.48
C ALA C 61 -15.67 -42.78 24.55
N ILE C 62 -15.92 -42.40 25.80
CA ILE C 62 -15.74 -43.26 26.95
C ILE C 62 -17.12 -43.42 27.59
N HIS C 63 -17.65 -44.63 27.58
CA HIS C 63 -18.92 -44.93 28.22
C HIS C 63 -18.67 -45.69 29.51
N HIS C 64 -19.01 -45.07 30.63
CA HIS C 64 -18.77 -45.64 31.95
C HIS C 64 -20.14 -45.87 32.58
N TYR C 65 -20.47 -47.13 32.82
CA TYR C 65 -21.76 -47.51 33.38
C TYR C 65 -21.56 -48.02 34.80
N THR C 66 -22.32 -47.49 35.74
CA THR C 66 -22.19 -47.91 37.13
C THR C 66 -23.56 -47.90 37.80
N ASN C 67 -23.75 -48.85 38.71
CA ASN C 67 -24.95 -48.89 39.53
C ASN C 67 -24.97 -47.79 40.59
N GLU C 68 -23.83 -47.14 40.83
CA GLU C 68 -23.74 -46.07 41.81
C GLU C 68 -22.84 -44.97 41.26
N GLN C 69 -23.08 -43.74 41.73
CA GLN C 69 -22.39 -42.57 41.21
C GLN C 69 -20.92 -42.63 41.61
N ASP C 70 -20.03 -42.81 40.62
CA ASP C 70 -18.60 -42.94 40.86
C ASP C 70 -17.80 -41.79 40.26
N LEU C 71 -17.52 -40.76 41.06
CA LEU C 71 -16.69 -39.67 40.57
C LEU C 71 -15.23 -40.10 40.39
N ALA C 72 -14.74 -40.96 41.30
CA ALA C 72 -13.33 -41.33 41.27
C ALA C 72 -12.94 -42.01 39.97
N GLY C 73 -13.75 -42.97 39.52
CA GLY C 73 -13.42 -43.69 38.30
C GLY C 73 -13.41 -42.80 37.07
N VAL C 74 -14.40 -41.93 36.95
CA VAL C 74 -14.48 -41.09 35.76
C VAL C 74 -13.35 -40.06 35.76
N GLU C 75 -13.00 -39.51 36.93
CA GLU C 75 -11.88 -38.60 36.95
C GLU C 75 -10.56 -39.32 36.69
N LYS C 76 -10.44 -40.57 37.14
CA LYS C 76 -9.25 -41.35 36.82
C LYS C 76 -9.13 -41.55 35.32
N ILE C 77 -10.23 -41.91 34.67
CA ILE C 77 -10.22 -42.11 33.22
C ILE C 77 -9.85 -40.81 32.52
N ASP C 78 -10.44 -39.70 32.95
CA ASP C 78 -10.16 -38.42 32.31
C ASP C 78 -8.70 -38.03 32.46
N THR C 79 -8.15 -38.17 33.68
CA THR C 79 -6.76 -37.83 33.91
C THR C 79 -5.83 -38.71 33.08
N LEU C 80 -6.13 -40.01 33.00
CA LEU C 80 -5.28 -40.90 32.23
C LEU C 80 -5.31 -40.55 30.74
N ILE C 81 -6.51 -40.38 30.17
CA ILE C 81 -6.63 -40.09 28.75
C ILE C 81 -5.97 -38.76 28.41
N GLN C 82 -6.17 -37.75 29.25
CA GLN C 82 -5.58 -36.44 28.98
C GLN C 82 -4.06 -36.48 28.99
N MET C 83 -3.47 -37.27 29.88
CA MET C 83 -2.02 -37.22 30.06
C MET C 83 -1.26 -37.84 28.90
N GLY C 84 -1.85 -38.77 28.16
CA GLY C 84 -1.21 -39.32 26.99
C GLY C 84 -1.17 -40.84 26.99
N PHE C 85 -0.67 -41.39 25.89
CA PHE C 85 -0.56 -42.83 25.73
C PHE C 85 0.42 -43.15 24.60
N ILE C 86 0.77 -44.43 24.52
CA ILE C 86 1.81 -44.89 23.59
C ILE C 86 1.18 -45.16 22.23
N LEU C 87 1.89 -44.80 21.17
CA LEU C 87 1.48 -45.05 19.79
C LEU C 87 2.46 -46.00 19.11
N PRO C 88 2.03 -46.68 18.05
CA PRO C 88 2.98 -47.42 17.22
C PRO C 88 4.01 -46.49 16.61
N GLU C 89 5.21 -47.02 16.40
CA GLU C 89 6.33 -46.22 15.95
C GLU C 89 6.04 -45.55 14.62
N GLY C 90 6.47 -44.29 14.48
CA GLY C 90 6.21 -43.50 13.31
C GLY C 90 5.11 -42.46 13.49
N TYR C 91 4.47 -42.41 14.65
CA TYR C 91 3.38 -41.50 14.90
C TYR C 91 3.60 -40.75 16.20
N LYS C 92 3.27 -39.46 16.21
CA LYS C 92 3.46 -38.61 17.38
C LYS C 92 2.11 -38.09 17.85
N LEU C 93 1.83 -38.26 19.14
CA LEU C 93 0.61 -37.72 19.72
C LEU C 93 0.80 -36.25 20.05
N VAL C 94 0.05 -35.37 19.39
CA VAL C 94 0.21 -33.94 19.54
C VAL C 94 -0.54 -33.42 20.76
N ALA C 95 -1.86 -33.58 20.78
CA ALA C 95 -2.65 -33.05 21.89
C ALA C 95 -3.93 -33.87 22.04
N VAL C 96 -4.43 -33.92 23.27
CA VAL C 96 -5.67 -34.60 23.60
C VAL C 96 -6.60 -33.59 24.26
N ARG C 97 -7.84 -33.55 23.81
CA ARG C 97 -8.78 -32.55 24.31
C ARG C 97 -10.19 -33.10 24.25
N HIS C 98 -11.07 -32.51 25.06
CA HIS C 98 -12.47 -32.90 25.06
C HIS C 98 -13.18 -32.32 23.85
N CYS C 99 -14.27 -32.98 23.44
CA CYS C 99 -15.09 -32.52 22.33
C CYS C 99 -16.42 -33.27 22.38
N GLY C 100 -17.31 -32.92 21.46
CA GLY C 100 -18.55 -33.66 21.36
C GLY C 100 -19.44 -33.52 22.59
N LYS C 101 -20.13 -34.63 22.88
CA LYS C 101 -21.09 -34.65 23.99
C LYS C 101 -20.44 -35.21 25.25
N GLN C 102 -20.68 -34.55 26.37
CA GLN C 102 -20.34 -35.04 27.69
C GLN C 102 -21.63 -35.12 28.50
N ASN C 103 -22.03 -36.32 28.89
CA ASN C 103 -23.34 -36.51 29.50
C ASN C 103 -23.24 -37.38 30.73
N LEU C 104 -24.21 -37.21 31.63
CA LEU C 104 -24.39 -38.08 32.79
C LEU C 104 -25.89 -38.27 32.99
N VAL C 105 -26.39 -39.44 32.60
CA VAL C 105 -27.82 -39.73 32.64
C VAL C 105 -28.01 -41.01 33.43
N LYS C 106 -29.27 -41.34 33.71
CA LYS C 106 -29.62 -42.62 34.31
C LYS C 106 -30.48 -43.38 33.31
N GLU C 107 -30.10 -44.62 33.01
CA GLU C 107 -30.87 -45.47 32.12
C GLU C 107 -31.17 -46.80 32.82
N ASN C 108 -32.39 -47.29 32.59
CA ASN C 108 -32.90 -48.47 33.28
C ASN C 108 -32.67 -48.36 34.78
N THR C 109 -31.65 -49.05 35.30
CA THR C 109 -31.38 -49.06 36.73
C THR C 109 -29.92 -48.71 37.03
N LEU C 110 -29.27 -47.92 36.17
CA LEU C 110 -27.88 -47.60 36.38
C LEU C 110 -27.51 -46.28 35.70
N ILE C 111 -26.50 -45.62 36.25
CA ILE C 111 -26.02 -44.35 35.71
C ILE C 111 -25.04 -44.61 34.56
N HIS C 112 -25.13 -43.76 33.54
CA HIS C 112 -24.34 -43.84 32.33
C HIS C 112 -23.65 -42.48 32.15
N ALA C 113 -22.32 -42.50 32.09
CA ALA C 113 -21.54 -41.29 31.87
C ALA C 113 -20.79 -41.42 30.53
N LYS C 114 -20.94 -40.41 29.68
CA LYS C 114 -20.29 -40.38 28.37
C LYS C 114 -19.31 -39.23 28.33
N THR C 115 -18.04 -39.54 28.08
CA THR C 115 -16.96 -38.56 28.04
C THR C 115 -16.22 -38.70 26.72
N SER C 116 -16.36 -37.71 25.85
CA SER C 116 -15.82 -37.80 24.50
C SER C 116 -14.46 -37.11 24.43
N PHE C 117 -13.53 -37.76 23.74
CA PHE C 117 -12.17 -37.27 23.58
C PHE C 117 -11.80 -37.14 22.11
N GLU C 118 -10.88 -36.22 21.85
CA GLU C 118 -10.34 -35.98 20.52
C GLU C 118 -8.82 -35.98 20.62
N VAL C 119 -8.16 -36.78 19.79
CA VAL C 119 -6.72 -36.94 19.83
C VAL C 119 -6.13 -36.60 18.47
N SER C 120 -5.02 -35.87 18.47
CA SER C 120 -4.32 -35.49 17.26
C SER C 120 -3.08 -36.36 17.09
N ILE C 121 -2.94 -36.98 15.93
CA ILE C 121 -1.81 -37.83 15.62
C ILE C 121 -1.13 -37.31 14.36
N CYS C 122 0.18 -37.04 14.47
CA CYS C 122 0.99 -36.60 13.35
C CYS C 122 1.77 -37.79 12.81
N ARG C 123 1.66 -38.02 11.51
CA ARG C 123 2.33 -39.15 10.88
C ARG C 123 3.58 -38.76 10.12
N GLU C 124 3.56 -37.67 9.36
CA GLU C 124 4.74 -37.22 8.62
C GLU C 124 4.67 -35.72 8.43
N LEU C 125 5.84 -35.11 8.24
CA LEU C 125 5.92 -33.69 7.95
C LEU C 125 5.55 -33.44 6.49
N LYS C 126 4.84 -32.35 6.22
CA LYS C 126 4.46 -31.98 4.87
C LYS C 126 5.60 -31.20 4.25
N VAL C 127 6.58 -31.90 3.72
CA VAL C 127 7.77 -31.29 3.11
C VAL C 127 8.10 -32.04 1.83
N LYS C 128 8.29 -31.30 0.74
CA LYS C 128 8.90 -31.90 -0.44
C LYS C 128 10.37 -32.16 -0.13
N ILE C 129 10.71 -33.42 0.10
CA ILE C 129 12.01 -33.87 0.64
C ILE C 129 12.69 -32.80 1.50
N MET D 1 -12.76 -35.14 -20.76
CA MET D 1 -13.00 -36.51 -20.39
C MET D 1 -14.12 -36.54 -19.36
N LYS D 2 -15.09 -37.43 -19.54
CA LYS D 2 -16.28 -37.44 -18.70
C LYS D 2 -15.95 -37.89 -17.28
N SER D 3 -16.72 -37.40 -16.33
CA SER D 3 -16.55 -37.77 -14.93
C SER D 3 -16.70 -39.27 -14.74
N LEU D 4 -15.83 -39.84 -13.92
CA LEU D 4 -15.83 -41.28 -13.70
C LEU D 4 -17.03 -41.68 -12.85
N SER D 5 -17.69 -42.76 -13.24
CA SER D 5 -18.81 -43.27 -12.46
C SER D 5 -18.31 -43.91 -11.17
N PHE D 6 -19.11 -43.78 -10.11
CA PHE D 6 -18.79 -44.44 -8.86
C PHE D 6 -18.81 -45.96 -9.01
N MET D 7 -19.59 -46.46 -9.95
CA MET D 7 -19.52 -47.87 -10.30
C MET D 7 -18.10 -48.30 -10.63
N ARG D 8 -17.39 -47.49 -11.40
CA ARG D 8 -16.03 -47.85 -11.79
C ARG D 8 -15.10 -47.86 -10.60
N VAL D 9 -15.25 -46.91 -9.68
CA VAL D 9 -14.44 -46.93 -8.47
C VAL D 9 -14.72 -48.20 -7.67
N LEU D 10 -16.01 -48.58 -7.56
CA LEU D 10 -16.37 -49.79 -6.84
C LEU D 10 -15.75 -51.02 -7.47
N GLU D 11 -15.85 -51.13 -8.79
CA GLU D 11 -15.25 -52.26 -9.50
C GLU D 11 -13.74 -52.29 -9.31
N ALA D 12 -13.09 -51.13 -9.42
CA ALA D 12 -11.64 -51.08 -9.27
C ALA D 12 -11.21 -51.53 -7.88
N VAL D 13 -11.89 -51.03 -6.84
CA VAL D 13 -11.47 -51.36 -5.48
C VAL D 13 -11.76 -52.83 -5.18
N ARG D 14 -12.89 -53.34 -5.66
CA ARG D 14 -13.21 -54.75 -5.42
C ARG D 14 -12.21 -55.66 -6.12
N THR D 15 -11.86 -55.34 -7.36
CA THR D 15 -10.86 -56.13 -8.07
C THR D 15 -9.51 -56.04 -7.39
N MET D 16 -9.11 -54.85 -6.96
CA MET D 16 -7.84 -54.68 -6.27
C MET D 16 -7.79 -55.54 -5.01
N LEU D 17 -8.88 -55.52 -4.24
CA LEU D 17 -8.94 -56.36 -3.05
C LEU D 17 -8.84 -57.84 -3.39
N GLN D 18 -9.64 -58.32 -4.34
CA GLN D 18 -9.63 -59.75 -4.63
C GLN D 18 -8.32 -60.19 -5.28
N GLU D 19 -7.55 -59.24 -5.80
CA GLU D 19 -6.28 -59.61 -6.41
C GLU D 19 -5.13 -59.58 -5.41
N LYS D 20 -5.03 -58.53 -4.60
CA LYS D 20 -3.90 -58.40 -3.69
C LYS D 20 -4.13 -58.99 -2.31
N GLY D 21 -5.36 -59.32 -1.95
CA GLY D 21 -5.62 -59.94 -0.67
C GLY D 21 -6.50 -61.17 -0.78
N GLY D 22 -7.07 -61.39 -1.96
CA GLY D 22 -7.96 -62.51 -2.16
C GLY D 22 -9.18 -62.49 -1.27
N LEU D 23 -9.74 -61.31 -1.00
CA LEU D 23 -10.89 -61.19 -0.11
C LEU D 23 -12.17 -61.15 -0.94
N ASP D 24 -13.12 -62.01 -0.58
CA ASP D 24 -14.39 -62.07 -1.27
C ASP D 24 -15.21 -60.84 -0.89
N VAL D 25 -15.19 -59.83 -1.74
CA VAL D 25 -15.83 -58.55 -1.48
C VAL D 25 -16.92 -58.32 -2.52
N SER D 26 -18.12 -57.98 -2.07
CA SER D 26 -19.25 -57.73 -2.94
C SER D 26 -19.67 -56.28 -2.83
N ILE D 27 -19.86 -55.65 -3.99
CA ILE D 27 -20.21 -54.23 -4.05
C ILE D 27 -21.65 -54.03 -3.60
N VAL D 28 -22.46 -55.06 -3.71
CA VAL D 28 -23.87 -55.00 -3.31
C VAL D 28 -23.95 -54.69 -1.83
N MET D 29 -24.76 -53.70 -1.47
CA MET D 29 -24.91 -53.32 -0.07
C MET D 29 -26.21 -53.87 0.50
N ARG D 30 -26.12 -54.46 1.68
CA ARG D 30 -27.26 -55.06 2.37
C ARG D 30 -27.60 -54.22 3.60
N ASN D 31 -28.69 -54.56 4.28
CA ASN D 31 -29.07 -53.85 5.50
C ASN D 31 -28.98 -54.76 6.71
N GLN D 32 -29.67 -55.90 6.66
CA GLN D 32 -29.65 -56.87 7.75
C GLN D 32 -28.90 -58.07 7.20
N VAL D 33 -27.77 -58.40 7.84
CA VAL D 33 -26.92 -59.49 7.37
C VAL D 33 -26.65 -60.48 8.50
N GLU D 34 -26.00 -61.59 8.15
CA GLU D 34 -25.52 -62.57 9.11
C GLU D 34 -24.36 -63.30 8.45
N MET D 35 -23.66 -64.11 9.26
CA MET D 35 -22.39 -64.83 9.02
C MET D 35 -21.29 -63.82 8.65
N PRO D 36 -20.03 -64.15 8.92
CA PRO D 36 -18.95 -63.20 8.62
C PRO D 36 -18.85 -62.88 7.14
N THR D 37 -18.49 -61.63 6.84
CA THR D 37 -18.36 -61.17 5.47
C THR D 37 -17.61 -59.84 5.39
N THR D 38 -17.44 -59.32 4.18
CA THR D 38 -16.85 -58.02 3.93
C THR D 38 -17.57 -57.39 2.75
N MET D 39 -18.06 -56.17 2.94
CA MET D 39 -18.98 -55.58 1.97
C MET D 39 -18.52 -54.18 1.62
N ILE D 40 -18.98 -53.70 0.46
CA ILE D 40 -18.61 -52.40 -0.08
C ILE D 40 -19.86 -51.53 -0.19
N GLU D 41 -19.72 -50.27 0.20
CA GLU D 41 -20.80 -49.29 0.12
C GLU D 41 -20.21 -47.92 -0.19
N MET D 42 -20.81 -47.21 -1.14
CA MET D 42 -20.47 -45.81 -1.34
C MET D 42 -21.37 -44.91 -0.51
N ILE D 43 -20.80 -43.84 0.01
CA ILE D 43 -21.56 -42.81 0.70
C ILE D 43 -21.99 -41.70 -0.26
N ASP D 44 -21.03 -41.09 -0.96
CA ASP D 44 -21.37 -39.99 -1.86
C ASP D 44 -20.19 -39.70 -2.79
N GLN D 45 -20.38 -38.71 -3.66
CA GLN D 45 -19.36 -38.28 -4.61
C GLN D 45 -19.59 -36.81 -4.93
N GLU D 46 -18.55 -36.00 -4.82
CA GLU D 46 -18.64 -34.58 -5.13
C GLU D 46 -17.27 -34.03 -5.51
N GLU D 47 -17.27 -32.93 -6.25
CA GLU D 47 -16.03 -32.37 -6.78
C GLU D 47 -15.33 -31.55 -5.69
N GLU D 48 -14.06 -31.88 -5.43
CA GLU D 48 -13.25 -31.04 -4.57
C GLU D 48 -12.75 -29.83 -5.37
N GLU D 49 -12.14 -28.89 -4.66
CA GLU D 49 -11.75 -27.61 -5.25
C GLU D 49 -10.24 -27.59 -5.50
N SER D 50 -9.88 -27.47 -6.78
CA SER D 50 -8.48 -27.24 -7.16
C SER D 50 -8.51 -26.64 -8.56
N GLN D 51 -8.23 -25.34 -8.66
CA GLN D 51 -8.47 -24.63 -9.91
C GLN D 51 -7.32 -24.80 -10.90
N THR D 52 -6.81 -26.03 -11.01
CA THR D 52 -5.86 -26.38 -12.06
C THR D 52 -6.22 -27.71 -12.69
N ALA D 53 -6.98 -28.53 -11.98
CA ALA D 53 -7.33 -29.85 -12.47
C ALA D 53 -8.76 -30.18 -12.08
N TRP D 54 -9.41 -31.00 -12.90
CA TRP D 54 -10.76 -31.46 -12.59
C TRP D 54 -10.65 -32.65 -11.64
N LYS D 55 -11.11 -32.46 -10.42
CA LYS D 55 -10.92 -33.45 -9.35
C LYS D 55 -12.26 -33.81 -8.76
N GLU D 56 -12.47 -35.10 -8.51
CA GLU D 56 -13.68 -35.61 -7.89
C GLU D 56 -13.32 -36.48 -6.70
N LYS D 57 -14.11 -36.36 -5.63
CA LYS D 57 -13.89 -37.07 -4.39
C LYS D 57 -15.03 -38.07 -4.20
N TYR D 58 -14.65 -39.33 -4.02
CA TYR D 58 -15.59 -40.42 -3.78
C TYR D 58 -15.45 -40.88 -2.34
N ARG D 59 -16.54 -40.84 -1.58
CA ARG D 59 -16.58 -41.32 -0.21
C ARG D 59 -17.35 -42.62 -0.17
N PHE D 60 -16.67 -43.69 0.25
CA PHE D 60 -17.26 -45.02 0.33
C PHE D 60 -16.86 -45.65 1.66
N ALA D 61 -17.31 -46.88 1.88
CA ALA D 61 -17.14 -47.52 3.17
C ALA D 61 -16.75 -48.99 3.01
N ILE D 62 -16.09 -49.52 4.04
CA ILE D 62 -15.79 -50.94 4.16
C ILE D 62 -16.51 -51.43 5.39
N HIS D 63 -17.42 -52.39 5.22
CA HIS D 63 -18.09 -53.05 6.33
C HIS D 63 -17.50 -54.44 6.49
N HIS D 64 -16.93 -54.71 7.66
CA HIS D 64 -16.33 -56.00 7.96
C HIS D 64 -17.16 -56.65 9.05
N TYR D 65 -17.88 -57.70 8.70
CA TYR D 65 -18.71 -58.44 9.63
C TYR D 65 -18.00 -59.75 9.98
N THR D 66 -17.94 -60.06 11.26
CA THR D 66 -17.26 -61.28 11.69
C THR D 66 -17.69 -61.62 13.11
N ASN D 67 -17.80 -62.91 13.38
CA ASN D 67 -18.18 -63.37 14.71
C ASN D 67 -17.03 -63.29 15.71
N GLU D 68 -15.83 -62.92 15.27
CA GLU D 68 -14.66 -62.83 16.13
C GLU D 68 -14.01 -61.47 15.96
N GLN D 69 -13.06 -61.18 16.85
CA GLN D 69 -12.32 -59.92 16.78
C GLN D 69 -11.13 -60.10 15.86
N ASP D 70 -11.19 -59.51 14.67
CA ASP D 70 -10.13 -59.67 13.68
C ASP D 70 -9.39 -58.36 13.45
N LEU D 71 -8.34 -58.11 14.22
CA LEU D 71 -7.49 -56.94 13.99
C LEU D 71 -6.80 -57.02 12.65
N ALA D 72 -6.22 -58.19 12.34
CA ALA D 72 -5.38 -58.31 11.16
C ALA D 72 -6.16 -58.07 9.88
N GLY D 73 -7.39 -58.58 9.80
CA GLY D 73 -8.17 -58.43 8.59
C GLY D 73 -8.46 -56.98 8.26
N VAL D 74 -8.94 -56.22 9.25
CA VAL D 74 -9.27 -54.83 8.99
C VAL D 74 -8.01 -54.01 8.74
N GLU D 75 -6.93 -54.31 9.46
CA GLU D 75 -5.69 -53.59 9.21
C GLU D 75 -5.16 -53.86 7.81
N LYS D 76 -5.26 -55.11 7.36
CA LYS D 76 -4.85 -55.45 5.99
C LYS D 76 -5.74 -54.75 4.97
N ILE D 77 -7.03 -54.68 5.24
CA ILE D 77 -7.94 -53.99 4.32
C ILE D 77 -7.54 -52.52 4.20
N ASP D 78 -7.27 -51.88 5.35
CA ASP D 78 -6.84 -50.49 5.34
C ASP D 78 -5.53 -50.32 4.58
N THR D 79 -4.58 -51.22 4.82
CA THR D 79 -3.29 -51.14 4.14
C THR D 79 -3.46 -51.27 2.63
N LEU D 80 -4.28 -52.21 2.18
CA LEU D 80 -4.50 -52.40 0.76
C LEU D 80 -5.20 -51.20 0.14
N ILE D 81 -6.20 -50.64 0.82
CA ILE D 81 -6.90 -49.48 0.29
C ILE D 81 -5.96 -48.29 0.17
N GLN D 82 -5.13 -48.06 1.19
CA GLN D 82 -4.34 -46.83 1.22
C GLN D 82 -3.27 -46.82 0.13
N MET D 83 -2.70 -47.98 -0.22
CA MET D 83 -1.61 -48.00 -1.19
C MET D 83 -2.07 -47.60 -2.58
N GLY D 84 -3.32 -47.84 -2.93
CA GLY D 84 -3.82 -47.46 -4.24
C GLY D 84 -4.43 -48.63 -4.99
N PHE D 85 -5.04 -48.30 -6.13
CA PHE D 85 -5.67 -49.31 -6.98
C PHE D 85 -5.62 -48.82 -8.43
N ILE D 86 -5.91 -49.74 -9.33
CA ILE D 86 -5.85 -49.45 -10.76
C ILE D 86 -7.15 -48.82 -11.21
N LEU D 87 -7.05 -47.68 -11.88
CA LEU D 87 -8.18 -46.99 -12.48
C LEU D 87 -8.10 -47.06 -14.00
N PRO D 88 -9.23 -46.91 -14.69
CA PRO D 88 -9.19 -46.87 -16.15
C PRO D 88 -8.35 -45.72 -16.67
N GLU D 89 -8.04 -45.78 -17.97
CA GLU D 89 -7.14 -44.82 -18.59
C GLU D 89 -7.70 -43.40 -18.48
N GLY D 90 -6.81 -42.44 -18.27
CA GLY D 90 -7.16 -41.05 -18.19
C GLY D 90 -7.47 -40.54 -16.80
N TYR D 91 -7.54 -41.41 -15.80
CA TYR D 91 -7.85 -41.01 -14.43
C TYR D 91 -6.64 -41.26 -13.54
N LYS D 92 -6.31 -40.27 -12.71
CA LYS D 92 -5.19 -40.37 -11.80
C LYS D 92 -5.70 -40.35 -10.37
N LEU D 93 -5.40 -41.40 -9.61
CA LEU D 93 -5.75 -41.42 -8.19
C LEU D 93 -4.71 -40.63 -7.40
N VAL D 94 -5.11 -39.47 -6.90
CA VAL D 94 -4.17 -38.54 -6.27
C VAL D 94 -3.89 -38.92 -4.83
N ALA D 95 -4.93 -39.09 -4.01
CA ALA D 95 -4.71 -39.37 -2.60
C ALA D 95 -5.90 -40.11 -2.02
N VAL D 96 -5.62 -40.96 -1.04
CA VAL D 96 -6.63 -41.70 -0.30
C VAL D 96 -6.52 -41.30 1.17
N ARG D 97 -7.64 -40.89 1.76
CA ARG D 97 -7.62 -40.45 3.14
C ARG D 97 -8.87 -40.99 3.86
N HIS D 98 -8.75 -41.07 5.18
CA HIS D 98 -9.91 -41.41 6.01
C HIS D 98 -10.76 -40.19 6.25
N CYS D 99 -12.08 -40.40 6.28
CA CYS D 99 -13.02 -39.34 6.56
C CYS D 99 -14.33 -39.95 7.04
N GLY D 100 -15.18 -39.11 7.61
CA GLY D 100 -16.47 -39.61 8.04
C GLY D 100 -16.39 -40.58 9.20
N LYS D 101 -17.40 -41.45 9.27
CA LYS D 101 -17.58 -42.34 10.41
C LYS D 101 -16.59 -43.50 10.38
N GLN D 102 -15.96 -43.74 11.52
CA GLN D 102 -15.22 -44.96 11.76
C GLN D 102 -15.77 -45.58 13.05
N ASN D 103 -16.19 -46.84 12.98
CA ASN D 103 -16.94 -47.40 14.08
C ASN D 103 -16.62 -48.88 14.24
N LEU D 104 -16.84 -49.39 15.45
CA LEU D 104 -16.66 -50.81 15.77
C LEU D 104 -17.77 -51.20 16.74
N VAL D 105 -18.80 -51.89 16.23
CA VAL D 105 -19.97 -52.23 17.03
C VAL D 105 -20.05 -53.75 17.15
N LYS D 106 -20.84 -54.21 18.12
CA LYS D 106 -21.18 -55.61 18.26
C LYS D 106 -22.70 -55.72 18.18
N GLU D 107 -23.22 -55.97 16.99
CA GLU D 107 -24.65 -55.96 16.76
C GLU D 107 -25.18 -57.38 16.59
N ASN D 108 -26.38 -57.60 17.12
CA ASN D 108 -26.98 -58.92 17.20
C ASN D 108 -25.98 -59.82 17.92
N THR D 109 -25.19 -60.63 17.19
CA THR D 109 -24.17 -61.46 17.80
C THR D 109 -22.86 -61.42 17.01
N LEU D 110 -22.72 -60.44 16.11
CA LEU D 110 -21.53 -60.35 15.27
C LEU D 110 -20.91 -58.96 15.41
N ILE D 111 -19.59 -58.92 15.36
CA ILE D 111 -18.87 -57.65 15.36
C ILE D 111 -18.85 -57.06 13.96
N HIS D 112 -18.89 -55.74 13.91
CA HIS D 112 -19.08 -54.96 12.68
C HIS D 112 -18.09 -53.79 12.74
N ALA D 113 -17.10 -53.80 11.86
CA ALA D 113 -16.15 -52.71 11.74
C ALA D 113 -16.48 -51.90 10.50
N LYS D 114 -16.76 -50.61 10.68
CA LYS D 114 -17.08 -49.71 9.59
C LYS D 114 -15.93 -48.73 9.41
N THR D 115 -15.31 -48.77 8.23
CA THR D 115 -14.17 -47.92 7.93
C THR D 115 -14.46 -47.12 6.66
N SER D 116 -14.59 -45.81 6.80
CA SER D 116 -14.97 -44.95 5.68
C SER D 116 -13.72 -44.35 5.03
N PHE D 117 -13.61 -44.56 3.72
CA PHE D 117 -12.50 -44.04 2.93
C PHE D 117 -12.99 -42.95 1.99
N GLU D 118 -12.08 -42.03 1.69
CA GLU D 118 -12.30 -40.96 0.73
C GLU D 118 -11.14 -40.99 -0.26
N VAL D 119 -11.46 -40.93 -1.55
CA VAL D 119 -10.46 -41.02 -2.61
C VAL D 119 -10.65 -39.84 -3.55
N SER D 120 -9.54 -39.32 -4.07
CA SER D 120 -9.56 -38.20 -5.00
C SER D 120 -9.03 -38.66 -6.36
N ILE D 121 -9.78 -38.35 -7.41
CA ILE D 121 -9.43 -38.76 -8.76
C ILE D 121 -9.42 -37.53 -9.67
N CYS D 122 -8.33 -37.36 -10.40
CA CYS D 122 -8.18 -36.28 -11.37
C CYS D 122 -8.49 -36.83 -12.76
N ARG D 123 -9.37 -36.14 -13.48
CA ARG D 123 -9.72 -36.55 -14.84
C ARG D 123 -9.10 -35.66 -15.91
N GLU D 124 -9.07 -34.35 -15.73
CA GLU D 124 -8.46 -33.44 -16.68
C GLU D 124 -8.00 -32.20 -15.95
N LEU D 125 -6.94 -31.58 -16.48
CA LEU D 125 -6.44 -30.33 -15.92
C LEU D 125 -7.31 -29.18 -16.38
N LYS D 126 -7.44 -28.16 -15.54
CA LYS D 126 -8.24 -26.98 -15.85
C LYS D 126 -7.38 -26.01 -16.64
N VAL D 127 -7.27 -26.24 -17.95
CA VAL D 127 -6.44 -25.44 -18.83
C VAL D 127 -7.20 -25.21 -20.12
N LYS D 128 -7.36 -23.94 -20.50
CA LYS D 128 -7.80 -23.66 -21.86
C LYS D 128 -6.62 -23.89 -22.79
N ILE D 129 -6.82 -24.72 -23.83
CA ILE D 129 -5.77 -25.26 -24.70
C ILE D 129 -4.44 -25.44 -23.98
N ALA E 2 29.80 -25.41 -7.15
CA ALA E 2 31.18 -25.20 -7.58
C ALA E 2 31.63 -26.30 -8.53
N PHE E 3 30.67 -26.97 -9.16
CA PHE E 3 30.98 -28.11 -10.00
C PHE E 3 29.89 -28.39 -11.03
N GLU E 4 29.91 -29.61 -11.57
CA GLU E 4 29.29 -29.95 -12.86
C GLU E 4 30.05 -29.29 -13.99
N GLU E 5 31.37 -29.37 -13.90
CA GLU E 5 32.30 -28.86 -14.92
C GLU E 5 32.11 -27.37 -15.14
N ASN E 6 31.71 -26.68 -14.07
CA ASN E 6 31.43 -25.25 -14.10
C ASN E 6 30.50 -24.92 -15.26
N LEU E 7 29.47 -25.73 -15.46
CA LEU E 7 28.53 -25.54 -16.55
C LEU E 7 27.78 -24.22 -16.48
N TYR E 8 27.30 -23.84 -15.29
CA TYR E 8 26.63 -22.56 -15.10
C TYR E 8 27.34 -21.66 -14.09
N CYS E 9 28.13 -22.21 -13.19
CA CYS E 9 28.81 -21.45 -12.16
C CYS E 9 30.28 -21.34 -12.53
N ASP E 10 30.72 -20.15 -12.92
CA ASP E 10 32.09 -19.89 -13.31
C ASP E 10 32.84 -19.33 -12.10
N TYR E 11 33.53 -20.21 -11.38
CA TYR E 11 34.32 -19.82 -10.22
C TYR E 11 35.76 -19.49 -10.57
N THR E 12 36.14 -19.57 -11.85
CA THR E 12 37.50 -19.27 -12.25
C THR E 12 37.79 -17.79 -12.06
N PRO E 13 38.76 -17.42 -11.23
CA PRO E 13 39.13 -16.01 -11.08
C PRO E 13 40.10 -15.61 -12.17
N GLY E 14 39.66 -14.73 -13.07
CA GLY E 14 40.51 -14.23 -14.12
C GLY E 14 40.70 -12.74 -14.03
N ALA E 15 39.92 -12.11 -13.15
CA ALA E 15 40.00 -10.67 -12.91
C ALA E 15 39.27 -10.33 -11.62
N ALA E 16 39.10 -9.04 -11.35
CA ALA E 16 38.34 -8.62 -10.17
C ALA E 16 37.00 -8.05 -10.62
N LYS E 17 37.02 -7.27 -11.69
CA LYS E 17 35.82 -6.72 -12.32
C LYS E 17 35.12 -5.70 -11.42
N ALA E 18 35.64 -5.52 -10.21
CA ALA E 18 35.08 -4.59 -9.22
C ALA E 18 36.01 -4.55 -8.03
N VAL E 19 36.08 -3.38 -7.41
CA VAL E 19 36.82 -3.19 -6.17
C VAL E 19 35.94 -2.33 -5.28
N ALA E 20 35.37 -2.95 -4.25
CA ALA E 20 34.51 -2.23 -3.33
C ALA E 20 35.31 -1.16 -2.59
N GLY E 21 34.68 0.00 -2.39
CA GLY E 21 35.33 1.11 -1.73
C GLY E 21 35.69 0.86 -0.29
N LYS E 22 35.17 -0.20 0.33
CA LYS E 22 35.56 -0.53 1.68
C LYS E 22 36.93 -1.08 1.78
N ASP E 23 37.55 -1.40 0.64
CA ASP E 23 38.89 -1.94 0.62
C ASP E 23 39.96 -0.91 0.29
N VAL E 24 39.59 0.34 -0.01
CA VAL E 24 40.55 1.39 -0.31
C VAL E 24 40.56 2.36 0.87
N ILE E 25 41.72 2.51 1.50
CA ILE E 25 41.85 3.35 2.69
C ILE E 25 43.02 4.30 2.50
N LEU E 26 43.03 5.35 3.32
CA LEU E 26 44.11 6.33 3.34
C LEU E 26 44.92 6.14 4.61
N ALA E 27 46.25 6.09 4.46
CA ALA E 27 47.15 5.91 5.58
C ALA E 27 48.18 7.03 5.56
N VAL E 28 48.66 7.41 6.73
CA VAL E 28 49.64 8.48 6.86
C VAL E 28 50.81 7.99 7.69
N PHE E 29 51.97 8.60 7.47
CA PHE E 29 53.15 8.30 8.27
C PHE E 29 53.21 9.19 9.49
N ASN E 30 53.59 8.60 10.62
CA ASN E 30 53.72 9.37 11.84
C ASN E 30 54.93 10.30 11.76
N ALA E 31 55.11 11.09 12.82
CA ALA E 31 56.21 12.04 12.84
C ALA E 31 57.57 11.32 12.76
N ALA E 32 57.71 10.22 13.50
CA ALA E 32 58.95 9.45 13.43
C ALA E 32 59.10 8.77 12.07
N GLY E 33 58.01 8.57 11.35
CA GLY E 33 58.03 7.90 10.08
C GLY E 33 58.16 6.40 10.14
N ASP E 34 57.84 5.79 11.27
CA ASP E 34 58.01 4.36 11.46
C ASP E 34 56.68 3.60 11.52
N LYS E 35 55.56 4.30 11.68
CA LYS E 35 54.27 3.62 11.75
C LYS E 35 53.34 4.20 10.70
N LEU E 36 52.68 3.31 9.97
CA LEU E 36 51.67 3.71 9.00
C LEU E 36 50.31 3.60 9.69
N LEU E 37 49.68 4.75 9.92
CA LEU E 37 48.40 4.78 10.62
C LEU E 37 47.26 5.00 9.63
N ALA E 38 46.25 4.17 9.73
CA ALA E 38 45.04 4.32 8.92
C ALA E 38 44.12 5.32 9.60
N VAL E 39 43.64 6.30 8.82
CA VAL E 39 42.77 7.32 9.37
C VAL E 39 41.49 6.67 9.87
N ALA E 40 41.25 6.78 11.17
CA ALA E 40 40.08 6.19 11.81
C ALA E 40 38.83 6.94 11.40
N GLY E 41 37.73 6.21 11.28
CA GLY E 41 36.46 6.80 10.92
C GLY E 41 36.31 7.10 9.44
N GLN E 42 37.18 6.57 8.59
CA GLN E 42 37.11 6.83 7.16
C GLN E 42 35.77 6.37 6.59
N GLN E 43 35.16 7.21 5.76
CA GLN E 43 33.94 6.85 5.06
C GLN E 43 33.95 7.29 3.60
N GLY E 44 34.90 8.10 3.17
CA GLY E 44 34.96 8.50 1.78
C GLY E 44 36.37 8.86 1.39
N LEU E 45 36.65 8.75 0.09
CA LEU E 45 37.98 9.09 -0.43
C LEU E 45 37.84 9.48 -1.89
N THR E 46 38.53 10.56 -2.26
CA THR E 46 38.53 11.08 -3.62
C THR E 46 39.92 11.55 -3.98
N VAL E 47 40.50 10.99 -5.03
CA VAL E 47 41.82 11.38 -5.49
C VAL E 47 41.65 12.09 -6.82
N ASN E 48 42.15 13.31 -6.91
CA ASN E 48 42.07 14.10 -8.13
C ASN E 48 43.47 14.28 -8.71
N ARG E 49 43.61 13.99 -10.00
CA ARG E 49 44.88 14.14 -10.69
C ARG E 49 44.61 14.86 -11.99
N SER E 50 45.11 16.09 -12.10
CA SER E 50 44.82 16.94 -13.25
C SER E 50 46.12 17.35 -13.91
N LYS E 51 46.03 17.67 -15.19
CA LYS E 51 47.17 18.16 -15.96
C LYS E 51 46.72 19.36 -16.78
N ASP E 52 47.55 20.40 -16.78
CA ASP E 52 47.23 21.61 -17.53
C ASP E 52 47.43 21.37 -19.03
N SER E 53 46.86 22.28 -19.82
CA SER E 53 46.90 22.17 -21.27
C SER E 53 47.25 23.54 -21.85
N ILE E 54 48.40 23.63 -22.51
CA ILE E 54 48.80 24.87 -23.16
C ILE E 54 48.41 24.83 -24.62
N GLU E 55 47.83 25.92 -25.10
CA GLU E 55 47.43 26.06 -26.49
C GLU E 55 48.63 26.51 -27.32
N ILE E 56 48.85 25.88 -28.46
CA ILE E 56 49.91 26.26 -29.38
C ILE E 56 49.32 26.51 -30.75
N THR E 57 48.07 26.93 -30.80
CA THR E 57 47.40 27.17 -32.07
C THR E 57 48.10 28.29 -32.83
N SER E 58 48.54 27.97 -34.05
CA SER E 58 49.16 28.93 -34.95
C SER E 58 48.21 29.12 -36.12
N LYS E 59 48.09 30.37 -36.58
CA LYS E 59 47.08 30.71 -37.57
C LYS E 59 47.53 30.43 -39.00
N ASP E 60 48.53 29.56 -39.18
CA ASP E 60 48.95 29.11 -40.51
C ASP E 60 48.85 27.60 -40.67
N THR E 61 47.99 26.95 -39.90
CA THR E 61 47.85 25.51 -39.93
C THR E 61 46.53 25.11 -40.56
N VAL E 62 46.59 24.17 -41.51
CA VAL E 62 45.40 23.66 -42.16
C VAL E 62 44.55 22.91 -41.13
N GLY E 63 43.26 22.81 -41.41
CA GLY E 63 42.37 22.17 -40.45
C GLY E 63 41.26 23.07 -39.97
N GLY E 64 41.35 23.47 -38.70
CA GLY E 64 40.29 24.18 -38.02
C GLY E 64 40.18 23.83 -36.56
N TRP E 65 41.09 23.01 -36.05
CA TRP E 65 41.13 22.61 -34.66
C TRP E 65 42.28 23.31 -33.96
N LYS E 66 42.07 23.64 -32.68
CA LYS E 66 43.12 24.30 -31.91
C LYS E 66 44.16 23.28 -31.51
N SER E 67 45.42 23.67 -31.58
CA SER E 67 46.54 22.81 -31.20
C SER E 67 46.86 23.01 -29.72
N LYS E 68 46.99 21.89 -29.01
CA LYS E 68 47.16 21.93 -27.56
C LYS E 68 48.33 21.03 -27.16
N ILE E 69 48.99 21.41 -26.08
CA ILE E 69 50.02 20.59 -25.47
C ILE E 69 49.82 20.63 -23.96
N GLY E 70 50.07 19.51 -23.29
CA GLY E 70 49.82 19.43 -21.87
C GLY E 70 50.87 20.18 -21.07
N GLY E 71 50.43 20.71 -19.94
CA GLY E 71 51.32 21.49 -19.09
C GLY E 71 51.81 20.74 -17.87
N MET E 72 51.56 21.30 -16.70
CA MET E 72 52.02 20.72 -15.44
C MET E 72 50.96 19.80 -14.87
N LYS E 73 51.38 18.96 -13.93
CA LYS E 73 50.50 17.98 -13.30
C LYS E 73 50.36 18.29 -11.82
N GLU E 74 49.15 18.11 -11.29
CA GLU E 74 48.87 18.33 -9.88
C GLU E 74 47.96 17.23 -9.38
N TRP E 75 48.06 16.92 -8.09
CA TRP E 75 47.21 15.92 -7.46
C TRP E 75 46.74 16.43 -6.11
N SER E 76 45.60 15.89 -5.68
CA SER E 76 44.98 16.29 -4.42
C SER E 76 44.13 15.14 -3.92
N ILE E 77 43.82 15.17 -2.62
CA ILE E 77 43.04 14.12 -1.98
C ILE E 77 42.01 14.76 -1.07
N GLU E 78 40.78 14.26 -1.12
CA GLU E 78 39.70 14.68 -0.23
C GLU E 78 39.20 13.45 0.51
N ASN E 79 39.28 13.49 1.84
CA ASN E 79 38.81 12.40 2.68
C ASN E 79 37.76 12.94 3.63
N ASP E 80 36.86 12.07 4.08
CA ASP E 80 35.86 12.47 5.06
C ASP E 80 35.30 11.23 5.72
N GLY E 81 34.71 11.42 6.89
CA GLY E 81 34.11 10.31 7.60
C GLY E 81 33.77 10.66 9.02
N LEU E 82 33.75 9.64 9.86
CA LEU E 82 33.45 9.81 11.27
C LEU E 82 34.69 10.25 12.03
N TYR E 83 34.50 11.15 12.98
CA TYR E 83 35.61 11.73 13.73
C TYR E 83 35.50 11.33 15.20
N VAL E 84 36.56 10.74 15.73
CA VAL E 84 36.73 10.51 17.15
C VAL E 84 38.01 11.22 17.58
N ALA E 85 37.91 12.02 18.63
CA ALA E 85 38.99 12.93 18.98
C ALA E 85 40.25 12.20 19.46
N ASP E 86 40.10 11.09 20.17
CA ASP E 86 41.24 10.44 20.79
C ASP E 86 41.98 9.49 19.85
N ALA E 87 41.49 9.31 18.63
CA ALA E 87 42.16 8.43 17.68
C ALA E 87 43.58 8.91 17.41
N GLU E 88 44.53 7.97 17.34
CA GLU E 88 45.92 8.34 17.11
C GLU E 88 46.14 9.02 15.77
N SER E 89 45.52 8.52 14.70
CA SER E 89 45.69 9.14 13.39
C SER E 89 45.22 10.58 13.37
N HIS E 90 44.13 10.89 14.07
CA HIS E 90 43.65 12.26 14.20
C HIS E 90 44.54 13.09 15.10
N LYS E 91 45.20 12.47 16.08
CA LYS E 91 46.14 13.17 16.94
C LYS E 91 47.48 13.37 16.24
N GLU E 92 47.66 12.79 15.06
CA GLU E 92 48.79 13.04 14.19
C GLU E 92 48.49 14.06 13.12
N LEU E 93 47.27 14.04 12.58
CA LEU E 93 46.89 14.99 11.53
C LEU E 93 46.93 16.42 12.05
N ALA E 94 46.40 16.66 13.24
CA ALA E 94 46.38 18.02 13.79
C ALA E 94 47.79 18.53 14.00
N LYS E 95 48.70 17.67 14.46
CA LYS E 95 50.08 18.10 14.66
C LYS E 95 50.70 18.56 13.36
N TYR E 96 50.48 17.81 12.28
CA TYR E 96 50.97 18.26 10.98
C TYR E 96 50.30 19.56 10.54
N PHE E 97 48.99 19.70 10.81
CA PHE E 97 48.28 20.89 10.38
C PHE E 97 48.84 22.14 11.05
N GLU E 98 49.12 22.07 12.35
CA GLU E 98 49.61 23.25 13.04
C GLU E 98 51.08 23.52 12.75
N SER E 99 51.85 22.48 12.45
CA SER E 99 53.30 22.61 12.29
C SER E 99 53.71 22.89 10.85
N ASP E 100 52.77 22.91 9.91
CA ASP E 100 53.05 23.11 8.49
C ASP E 100 54.03 22.06 7.95
N SER E 101 54.13 20.92 8.64
CA SER E 101 55.03 19.89 8.16
C SER E 101 54.36 19.07 7.05
N PRO E 102 55.08 18.78 5.97
CA PRO E 102 54.53 17.90 4.94
C PRO E 102 54.29 16.50 5.52
N VAL E 103 53.18 15.89 5.12
CA VAL E 103 52.80 14.58 5.62
C VAL E 103 52.93 13.57 4.50
N CYS E 104 53.50 12.40 4.80
CA CYS E 104 53.58 11.33 3.82
C CYS E 104 52.29 10.53 3.86
N VAL E 105 51.62 10.43 2.73
CA VAL E 105 50.31 9.82 2.63
C VAL E 105 50.36 8.71 1.59
N LYS E 106 49.49 7.70 1.77
CA LYS E 106 49.50 6.51 0.96
C LYS E 106 48.08 5.99 0.82
N ILE E 107 47.76 5.44 -0.35
CA ILE E 107 46.46 4.85 -0.61
C ILE E 107 46.63 3.34 -0.69
N ILE E 108 45.89 2.61 0.14
CA ILE E 108 46.12 1.19 0.32
C ILE E 108 44.86 0.41 0.00
N ASN E 109 45.01 -0.62 -0.83
CA ASN E 109 43.96 -1.60 -1.06
C ASN E 109 44.15 -2.71 -0.03
N GLN E 110 43.46 -2.58 1.11
CA GLN E 110 43.67 -3.49 2.23
C GLN E 110 43.24 -4.92 1.95
N ALA E 111 42.48 -5.16 0.87
CA ALA E 111 42.10 -6.52 0.49
C ALA E 111 43.17 -7.23 -0.33
N SER E 112 43.64 -6.60 -1.41
CA SER E 112 44.67 -7.19 -2.24
C SER E 112 46.07 -7.01 -1.66
N LYS E 113 46.20 -6.24 -0.59
CA LYS E 113 47.49 -5.96 0.04
C LYS E 113 48.49 -5.38 -0.96
N LYS E 114 48.00 -4.43 -1.76
CA LYS E 114 48.83 -3.74 -2.74
C LYS E 114 48.75 -2.24 -2.49
N GLY E 115 49.91 -1.58 -2.54
CA GLY E 115 49.93 -0.13 -2.47
C GLY E 115 49.50 0.49 -3.78
N LEU E 116 48.92 1.68 -3.71
CA LEU E 116 48.39 2.35 -4.87
C LEU E 116 49.09 3.67 -5.20
N PHE E 117 49.15 4.60 -4.25
CA PHE E 117 49.71 5.92 -4.51
C PHE E 117 50.34 6.45 -3.23
N GLY E 118 51.59 6.88 -3.31
CA GLY E 118 52.28 7.49 -2.19
C GLY E 118 52.78 8.87 -2.57
N GLY E 119 52.80 9.77 -1.59
CA GLY E 119 53.24 11.12 -1.86
C GLY E 119 53.39 11.94 -0.62
N LEU E 120 53.84 13.18 -0.81
CA LEU E 120 53.93 14.17 0.26
C LEU E 120 52.87 15.24 0.03
N ALA E 121 52.16 15.60 1.08
CA ALA E 121 51.01 16.49 0.96
C ALA E 121 50.97 17.50 2.08
N ILE E 122 50.20 18.56 1.85
CA ILE E 122 49.93 19.61 2.82
C ILE E 122 48.47 19.52 3.22
N VAL E 123 48.22 19.60 4.51
CA VAL E 123 46.84 19.62 5.00
C VAL E 123 46.28 21.01 4.74
N ALA E 124 45.63 21.19 3.59
CA ALA E 124 45.12 22.51 3.24
C ALA E 124 43.85 22.83 4.02
N ASP E 125 43.03 21.83 4.30
CA ASP E 125 41.78 22.04 5.00
C ASP E 125 41.57 20.90 6.00
N TYR E 126 41.17 21.25 7.21
CA TYR E 126 40.84 20.28 8.25
C TYR E 126 39.60 20.80 8.97
N SER E 127 38.44 20.38 8.50
CA SER E 127 37.16 20.86 9.00
C SER E 127 36.29 19.70 9.43
N PHE E 128 35.32 19.99 10.30
CA PHE E 128 34.45 18.96 10.83
C PHE E 128 33.12 19.58 11.24
N GLU E 129 32.06 18.77 11.16
CA GLU E 129 30.70 19.22 11.41
C GLU E 129 30.09 18.33 12.50
N ALA E 130 29.15 18.90 13.25
CA ALA E 130 28.44 18.17 14.30
C ALA E 130 26.95 18.40 14.18
N PRO E 131 26.29 17.79 13.19
CA PRO E 131 24.84 17.87 13.11
C PRO E 131 24.20 17.27 14.34
N PHE E 132 23.13 17.91 14.80
CA PHE E 132 22.53 17.55 16.08
C PHE E 132 21.90 16.16 16.08
N ASP E 133 21.44 15.67 14.93
CA ASP E 133 20.77 14.39 14.84
C ASP E 133 21.65 13.33 14.17
N GLU E 134 22.96 13.42 14.33
CA GLU E 134 23.87 12.49 13.68
C GLU E 134 25.14 12.41 14.51
N ALA E 135 26.19 11.82 13.96
CA ALA E 135 27.49 11.77 14.59
C ALA E 135 28.38 12.86 14.02
N MET E 136 29.33 13.32 14.83
CA MET E 136 30.22 14.39 14.41
C MET E 136 31.18 13.87 13.36
N THR E 137 31.15 14.48 12.18
CA THR E 137 31.95 14.04 11.04
C THR E 137 33.09 15.01 10.79
N TYR E 138 34.11 14.52 10.10
CA TYR E 138 35.31 15.29 9.77
C TYR E 138 35.59 15.22 8.28
N SER E 139 36.27 16.24 7.77
CA SER E 139 36.67 16.32 6.38
C SER E 139 38.09 16.87 6.30
N VAL E 140 38.90 16.29 5.43
CA VAL E 140 40.31 16.63 5.29
C VAL E 140 40.62 16.81 3.80
N LYS E 141 41.36 17.87 3.49
CA LYS E 141 41.84 18.12 2.13
C LYS E 141 43.35 18.18 2.14
N LEU E 142 43.98 17.43 1.25
CA LEU E 142 45.44 17.39 1.14
C LEU E 142 45.83 17.80 -0.28
N ASP E 143 46.76 18.73 -0.38
CA ASP E 143 47.25 19.18 -1.68
C ASP E 143 48.69 18.68 -1.82
N GLY E 144 49.01 18.14 -2.99
CA GLY E 144 50.30 17.50 -3.16
C GLY E 144 51.43 18.45 -3.51
N MET E 145 52.56 18.33 -2.81
CA MET E 145 53.76 19.10 -3.10
C MET E 145 54.69 18.21 -3.92
N GLY E 146 54.37 18.04 -5.19
CA GLY E 146 55.22 17.28 -6.09
C GLY E 146 54.53 16.05 -6.62
N ALA E 147 55.34 15.09 -7.05
CA ALA E 147 54.84 13.91 -7.75
C ALA E 147 54.08 13.00 -6.81
N LEU E 148 52.94 12.51 -7.27
CA LEU E 148 52.24 11.42 -6.60
C LEU E 148 52.67 10.10 -7.24
N VAL E 149 53.49 9.33 -6.52
CA VAL E 149 54.08 8.11 -7.06
C VAL E 149 52.98 7.07 -7.17
N ASP E 150 52.74 6.61 -8.39
CA ASP E 150 51.76 5.54 -8.65
C ASP E 150 52.42 4.22 -8.33
N LEU E 151 51.82 3.45 -7.42
CA LEU E 151 52.38 2.16 -7.02
C LEU E 151 51.82 1.00 -7.82
N THR E 152 50.85 1.24 -8.70
CA THR E 152 50.34 0.18 -9.57
C THR E 152 51.22 -0.03 -10.79
N ILE E 153 52.15 0.87 -11.07
CA ILE E 153 53.10 0.75 -12.16
C ILE E 153 54.53 0.58 -11.66
N THR E 154 54.76 0.87 -10.38
CA THR E 154 56.09 0.78 -9.80
C THR E 154 56.10 -0.31 -8.73
N GLU E 155 57.17 -1.10 -8.72
CA GLU E 155 57.29 -2.19 -7.76
C GLU E 155 57.64 -1.64 -6.37
N GLY E 156 57.01 -2.19 -5.36
CA GLY E 156 57.26 -1.81 -3.99
C GLY E 156 56.11 -1.05 -3.36
N GLY E 157 56.39 -0.48 -2.19
CA GLY E 157 55.41 0.31 -1.48
C GLY E 157 54.17 -0.47 -1.07
N ASP E 158 54.33 -1.41 -0.14
CA ASP E 158 53.21 -2.24 0.30
C ASP E 158 53.17 -2.39 1.82
N GLN E 159 53.79 -1.47 2.55
CA GLN E 159 53.68 -1.50 4.01
C GLN E 159 52.22 -1.37 4.42
N MET E 160 51.72 -2.41 5.05
CA MET E 160 50.27 -2.57 5.21
C MET E 160 49.63 -1.73 6.31
N PRO E 161 50.13 -1.74 7.56
CA PRO E 161 49.44 -1.05 8.66
C PRO E 161 48.88 0.33 8.32
N ALA F 15 2.61 -36.12 -23.66
CA ALA F 15 3.50 -35.37 -22.78
C ALA F 15 3.07 -35.51 -21.33
N ALA F 16 3.22 -34.43 -20.56
CA ALA F 16 2.89 -34.45 -19.14
C ALA F 16 1.68 -33.57 -18.86
N LYS F 17 1.58 -32.44 -19.56
CA LYS F 17 0.52 -31.45 -19.42
C LYS F 17 0.59 -30.73 -18.07
N ALA F 18 1.51 -31.14 -17.20
CA ALA F 18 1.65 -30.56 -15.88
C ALA F 18 2.89 -31.16 -15.22
N VAL F 19 3.38 -30.46 -14.20
CA VAL F 19 4.48 -30.94 -13.36
C VAL F 19 4.07 -30.69 -11.92
N ALA F 20 4.06 -31.76 -11.11
CA ALA F 20 3.68 -31.63 -9.71
C ALA F 20 4.68 -30.76 -8.97
N GLY F 21 4.16 -29.90 -8.10
CA GLY F 21 5.00 -28.99 -7.35
C GLY F 21 5.87 -29.63 -6.30
N LYS F 22 5.53 -30.83 -5.86
CA LYS F 22 6.36 -31.55 -4.90
C LYS F 22 7.57 -32.18 -5.54
N ASP F 23 7.79 -31.92 -6.83
CA ASP F 23 8.90 -32.52 -7.53
C ASP F 23 9.95 -31.52 -7.99
N VAL F 24 9.67 -30.22 -7.94
CA VAL F 24 10.63 -29.19 -8.23
C VAL F 24 11.30 -28.80 -6.92
N ILE F 25 12.60 -29.05 -6.81
CA ILE F 25 13.30 -28.97 -5.55
C ILE F 25 14.60 -28.20 -5.75
N LEU F 26 14.95 -27.41 -4.74
CA LEU F 26 16.14 -26.56 -4.77
C LEU F 26 17.32 -27.26 -4.12
N ALA F 27 18.51 -27.11 -4.70
CA ALA F 27 19.72 -27.68 -4.15
C ALA F 27 20.84 -26.67 -4.29
N VAL F 28 21.83 -26.76 -3.41
CA VAL F 28 22.98 -25.88 -3.43
C VAL F 28 24.25 -26.73 -3.37
N PHE F 29 25.35 -26.14 -3.81
CA PHE F 29 26.62 -26.84 -3.77
C PHE F 29 27.37 -26.52 -2.48
N ASN F 30 28.03 -27.53 -1.93
CA ASN F 30 28.85 -27.31 -0.76
C ASN F 30 30.11 -26.54 -1.14
N ALA F 31 30.90 -26.19 -0.13
CA ALA F 31 32.04 -25.32 -0.35
C ALA F 31 33.01 -25.91 -1.36
N ALA F 32 33.33 -27.20 -1.22
CA ALA F 32 34.18 -27.86 -2.21
C ALA F 32 33.46 -28.02 -3.54
N GLY F 33 32.13 -28.04 -3.52
CA GLY F 33 31.35 -28.26 -4.71
C GLY F 33 31.18 -29.71 -5.10
N ASP F 34 31.68 -30.65 -4.31
CA ASP F 34 31.62 -32.06 -4.63
C ASP F 34 30.29 -32.71 -4.29
N LYS F 35 29.45 -32.05 -3.49
CA LYS F 35 28.17 -32.63 -3.11
C LYS F 35 27.05 -31.64 -3.33
N LEU F 36 25.99 -32.08 -3.98
CA LEU F 36 24.79 -31.27 -4.17
C LEU F 36 23.82 -31.59 -3.04
N LEU F 37 23.54 -30.60 -2.19
CA LEU F 37 22.66 -30.81 -1.05
C LEU F 37 21.32 -30.12 -1.30
N ALA F 38 20.24 -30.89 -1.15
CA ALA F 38 18.91 -30.32 -1.20
C ALA F 38 18.59 -29.70 0.14
N VAL F 39 18.16 -28.44 0.13
CA VAL F 39 17.83 -27.77 1.39
C VAL F 39 16.69 -28.50 2.06
N ALA F 40 16.97 -29.07 3.22
CA ALA F 40 15.97 -29.84 3.94
C ALA F 40 14.91 -28.93 4.52
N GLY F 41 13.65 -29.28 4.30
CA GLY F 41 12.54 -28.55 4.87
C GLY F 41 11.83 -27.58 3.95
N GLN F 42 12.21 -27.49 2.68
CA GLN F 42 11.56 -26.53 1.80
C GLN F 42 10.10 -26.88 1.58
N GLN F 43 9.26 -25.84 1.57
CA GLN F 43 7.86 -26.00 1.22
C GLN F 43 7.42 -25.14 0.04
N GLY F 44 8.19 -24.12 -0.32
CA GLY F 44 7.81 -23.27 -1.43
C GLY F 44 9.02 -22.86 -2.23
N LEU F 45 8.77 -22.43 -3.46
CA LEU F 45 9.85 -21.97 -4.33
C LEU F 45 9.27 -21.01 -5.35
N THR F 46 9.99 -19.92 -5.59
CA THR F 46 9.60 -18.91 -6.57
C THR F 46 10.84 -18.45 -7.31
N VAL F 47 10.79 -18.49 -8.64
CA VAL F 47 11.89 -18.07 -9.49
C VAL F 47 11.41 -16.85 -10.28
N ASN F 48 12.05 -15.71 -10.05
CA ASN F 48 11.72 -14.49 -10.78
C ASN F 48 12.83 -14.17 -11.77
N ARG F 49 12.44 -13.87 -13.00
CA ARG F 49 13.40 -13.51 -14.05
C ARG F 49 12.84 -12.28 -14.76
N SER F 50 13.50 -11.14 -14.62
CA SER F 50 12.96 -9.88 -15.10
C SER F 50 13.95 -9.23 -16.06
N LYS F 51 13.38 -8.43 -16.97
CA LYS F 51 14.15 -7.69 -17.97
C LYS F 51 13.66 -6.26 -18.02
N ASP F 52 14.60 -5.32 -18.14
CA ASP F 52 14.24 -3.92 -18.14
C ASP F 52 13.76 -3.48 -19.53
N SER F 53 13.14 -2.30 -19.58
CA SER F 53 12.59 -1.76 -20.82
C SER F 53 12.92 -0.28 -20.89
N ILE F 54 13.66 0.11 -21.92
CA ILE F 54 13.98 1.51 -22.15
C ILE F 54 12.86 2.14 -22.96
N GLU F 55 12.73 3.45 -22.89
CA GLU F 55 11.75 4.19 -23.67
C GLU F 55 12.51 4.99 -24.72
N ILE F 56 12.17 4.78 -25.98
CA ILE F 56 12.94 5.29 -27.12
C ILE F 56 12.01 6.06 -28.05
N THR F 57 10.95 6.64 -27.49
CA THR F 57 9.99 7.34 -28.31
C THR F 57 10.62 8.56 -28.97
N SER F 58 10.80 8.49 -30.28
CA SER F 58 11.21 9.62 -31.11
C SER F 58 10.00 10.00 -31.96
N LYS F 59 9.42 11.16 -31.67
CA LYS F 59 8.11 11.50 -32.19
C LYS F 59 8.16 12.10 -33.60
N ASP F 60 9.19 11.79 -34.37
CA ASP F 60 9.19 11.98 -35.80
C ASP F 60 8.52 10.81 -36.53
N THR F 61 8.03 9.83 -35.76
CA THR F 61 7.48 8.60 -36.31
C THR F 61 5.96 8.69 -36.41
N VAL F 62 5.42 8.12 -37.48
CA VAL F 62 3.98 8.01 -37.62
C VAL F 62 3.47 6.96 -36.64
N GLY F 63 2.16 6.96 -36.40
CA GLY F 63 1.61 6.00 -35.48
C GLY F 63 0.88 6.62 -34.31
N GLY F 64 1.46 6.48 -33.13
CA GLY F 64 0.83 6.90 -31.90
C GLY F 64 1.02 5.94 -30.75
N TRP F 65 1.99 5.04 -30.86
CA TRP F 65 2.33 4.11 -29.79
C TRP F 65 3.75 4.37 -29.32
N LYS F 66 4.08 3.82 -28.15
CA LYS F 66 5.35 4.11 -27.49
C LYS F 66 6.36 3.02 -27.81
N SER F 67 7.56 3.42 -28.21
CA SER F 67 8.60 2.50 -28.64
C SER F 67 9.47 2.07 -27.46
N LYS F 68 9.80 0.78 -27.44
CA LYS F 68 10.57 0.21 -26.34
C LYS F 68 11.48 -0.89 -26.86
N ILE F 69 12.66 -1.00 -26.25
CA ILE F 69 13.53 -2.15 -26.44
C ILE F 69 13.76 -2.79 -25.08
N GLY F 70 14.34 -3.98 -25.07
CA GLY F 70 14.61 -4.66 -23.83
C GLY F 70 15.89 -4.16 -23.19
N GLY F 71 15.92 -4.21 -21.87
CA GLY F 71 17.07 -3.74 -21.13
C GLY F 71 17.95 -4.85 -20.60
N MET F 72 18.30 -4.78 -19.32
CA MET F 72 19.15 -5.77 -18.68
C MET F 72 18.27 -6.83 -18.03
N LYS F 73 18.84 -8.01 -17.81
CA LYS F 73 18.12 -9.12 -17.21
C LYS F 73 18.73 -9.49 -15.87
N GLU F 74 17.88 -9.76 -14.90
CA GLU F 74 18.33 -10.28 -13.61
C GLU F 74 17.26 -11.18 -12.99
N TRP F 75 17.71 -12.04 -12.07
CA TRP F 75 16.88 -13.10 -11.56
C TRP F 75 17.05 -13.21 -10.05
N SER F 76 16.09 -13.89 -9.42
CA SER F 76 16.07 -14.03 -7.97
C SER F 76 15.25 -15.28 -7.62
N ILE F 77 15.48 -15.79 -6.42
CA ILE F 77 14.84 -17.01 -5.94
C ILE F 77 14.35 -16.79 -4.51
N GLU F 78 13.10 -17.16 -4.26
CA GLU F 78 12.51 -17.18 -2.93
C GLU F 78 12.28 -18.64 -2.55
N ASN F 79 12.72 -19.03 -1.35
CA ASN F 79 12.51 -20.38 -0.88
C ASN F 79 12.22 -20.38 0.61
N ASP F 80 11.08 -20.95 1.00
CA ASP F 80 10.72 -21.00 2.41
C ASP F 80 10.23 -22.39 2.76
N GLY F 81 10.32 -22.72 4.04
CA GLY F 81 9.85 -24.02 4.49
C GLY F 81 10.06 -24.18 5.98
N LEU F 82 10.09 -25.44 6.42
CA LEU F 82 10.38 -25.72 7.82
C LEU F 82 11.89 -25.68 8.06
N TYR F 83 12.25 -25.19 9.24
CA TYR F 83 13.65 -24.99 9.59
C TYR F 83 14.08 -26.04 10.60
N VAL F 84 15.07 -26.84 10.22
CA VAL F 84 15.76 -27.75 11.14
C VAL F 84 17.25 -27.36 11.14
N ALA F 85 17.79 -27.10 12.32
CA ALA F 85 19.13 -26.54 12.43
C ALA F 85 20.22 -27.57 12.19
N ASP F 86 20.03 -28.80 12.66
CA ASP F 86 21.09 -29.79 12.60
C ASP F 86 21.35 -30.32 11.21
N ALA F 87 20.44 -30.07 10.26
CA ALA F 87 20.64 -30.51 8.89
C ALA F 87 21.90 -29.87 8.31
N GLU F 88 22.69 -30.66 7.58
CA GLU F 88 23.94 -30.16 7.04
C GLU F 88 23.69 -29.10 5.98
N SER F 89 22.64 -29.23 5.18
CA SER F 89 22.36 -28.25 4.14
C SER F 89 22.12 -26.86 4.70
N HIS F 90 21.36 -26.74 5.79
CA HIS F 90 21.18 -25.47 6.47
C HIS F 90 22.44 -25.02 7.21
N LYS F 91 23.37 -25.94 7.45
CA LYS F 91 24.67 -25.59 8.01
C LYS F 91 25.62 -25.11 6.93
N GLU F 92 25.21 -25.17 5.68
CA GLU F 92 25.99 -24.62 4.57
C GLU F 92 25.50 -23.26 4.12
N LEU F 93 24.18 -23.04 4.13
CA LEU F 93 23.64 -21.73 3.79
C LEU F 93 24.09 -20.68 4.80
N ALA F 94 24.12 -21.04 6.08
CA ALA F 94 24.57 -20.11 7.10
C ALA F 94 26.03 -19.73 6.90
N LYS F 95 26.87 -20.71 6.56
CA LYS F 95 28.29 -20.42 6.32
C LYS F 95 28.45 -19.46 5.15
N TYR F 96 27.69 -19.66 4.07
CA TYR F 96 27.74 -18.75 2.93
C TYR F 96 27.26 -17.37 3.31
N PHE F 97 26.15 -17.28 4.05
CA PHE F 97 25.61 -15.98 4.43
C PHE F 97 26.59 -15.22 5.31
N GLU F 98 27.29 -15.93 6.20
CA GLU F 98 28.29 -15.28 7.04
C GLU F 98 29.53 -14.90 6.23
N SER F 99 30.02 -15.82 5.39
CA SER F 99 31.31 -15.66 4.74
C SER F 99 31.26 -14.88 3.43
N ASP F 100 30.08 -14.43 3.01
CA ASP F 100 29.93 -13.59 1.82
C ASP F 100 30.49 -14.26 0.57
N SER F 101 30.38 -15.57 0.48
CA SER F 101 30.83 -16.24 -0.73
C SER F 101 29.65 -16.61 -1.61
N PRO F 102 29.82 -16.56 -2.93
CA PRO F 102 28.71 -16.93 -3.82
C PRO F 102 28.35 -18.41 -3.67
N VAL F 103 27.09 -18.72 -3.90
CA VAL F 103 26.57 -20.07 -3.78
C VAL F 103 26.08 -20.54 -5.15
N CYS F 104 26.46 -21.76 -5.53
CA CYS F 104 25.97 -22.33 -6.78
C CYS F 104 24.68 -23.09 -6.51
N VAL F 105 23.57 -22.58 -7.05
CA VAL F 105 22.23 -23.10 -6.78
C VAL F 105 21.69 -23.73 -8.05
N LYS F 106 20.89 -24.78 -7.87
CA LYS F 106 20.34 -25.55 -8.98
C LYS F 106 18.92 -25.95 -8.63
N ILE F 107 18.02 -25.80 -9.59
CA ILE F 107 16.62 -26.20 -9.44
C ILE F 107 16.41 -27.45 -10.26
N ILE F 108 16.04 -28.56 -9.61
CA ILE F 108 15.96 -29.84 -10.29
C ILE F 108 14.58 -30.44 -10.13
N ASN F 109 14.20 -31.27 -11.10
CA ASN F 109 12.93 -31.98 -11.07
C ASN F 109 13.23 -33.42 -10.68
N GLN F 110 13.05 -33.74 -9.40
CA GLN F 110 13.38 -35.06 -8.89
C GLN F 110 12.53 -36.17 -9.50
N ALA F 111 11.40 -35.83 -10.11
CA ALA F 111 10.56 -36.82 -10.79
C ALA F 111 11.11 -37.23 -12.14
N SER F 112 11.32 -36.28 -13.05
CA SER F 112 11.89 -36.58 -14.36
C SER F 112 13.41 -36.65 -14.33
N LYS F 113 14.03 -36.41 -13.18
CA LYS F 113 15.48 -36.46 -13.03
C LYS F 113 16.17 -35.51 -14.00
N LYS F 114 15.59 -34.32 -14.15
CA LYS F 114 16.12 -33.30 -15.04
C LYS F 114 16.43 -32.04 -14.25
N GLY F 115 17.57 -31.42 -14.54
CA GLY F 115 17.85 -30.11 -13.98
C GLY F 115 17.16 -29.02 -14.79
N LEU F 116 16.92 -27.89 -14.15
CA LEU F 116 16.19 -26.79 -14.78
C LEU F 116 16.99 -25.50 -14.88
N PHE F 117 17.56 -25.04 -13.78
CA PHE F 117 18.23 -23.74 -13.75
C PHE F 117 19.39 -23.80 -12.78
N GLY F 118 20.56 -23.37 -13.21
CA GLY F 118 21.72 -23.28 -12.35
C GLY F 118 22.33 -21.89 -12.41
N GLY F 119 22.92 -21.46 -11.30
CA GLY F 119 23.55 -20.15 -11.30
C GLY F 119 24.17 -19.81 -9.97
N LEU F 120 24.99 -18.76 -10.01
CA LEU F 120 25.61 -18.21 -8.81
C LEU F 120 24.66 -17.21 -8.16
N ALA F 121 24.59 -17.21 -6.85
CA ALA F 121 23.71 -16.32 -6.12
C ALA F 121 24.35 -15.87 -4.82
N ILE F 122 23.82 -14.79 -4.27
CA ILE F 122 24.17 -14.30 -2.95
C ILE F 122 22.95 -14.48 -2.07
N VAL F 123 23.18 -14.80 -0.79
CA VAL F 123 22.10 -14.97 0.18
C VAL F 123 21.74 -13.58 0.69
N ALA F 124 20.79 -12.93 0.01
CA ALA F 124 20.45 -11.56 0.34
C ALA F 124 19.63 -11.48 1.63
N ASP F 125 18.76 -12.46 1.86
CA ASP F 125 17.92 -12.45 3.04
C ASP F 125 17.79 -13.87 3.57
N TYR F 126 18.12 -14.06 4.85
CA TYR F 126 18.02 -15.36 5.51
C TYR F 126 17.33 -15.13 6.85
N SER F 127 16.01 -15.18 6.85
CA SER F 127 15.22 -14.99 8.05
C SER F 127 14.39 -16.23 8.34
N PHE F 128 13.80 -16.26 9.53
CA PHE F 128 12.95 -17.38 9.91
C PHE F 128 11.97 -16.97 11.01
N GLU F 129 10.89 -17.73 11.13
CA GLU F 129 9.79 -17.43 12.02
C GLU F 129 9.66 -18.52 13.06
N ALA F 130 9.22 -18.15 14.27
CA ALA F 130 8.98 -19.09 15.34
C ALA F 130 7.60 -18.84 15.95
N PRO F 131 6.53 -19.16 15.22
CA PRO F 131 5.19 -18.99 15.78
C PRO F 131 4.96 -19.90 16.97
N PHE F 132 4.08 -19.45 17.85
CA PHE F 132 3.81 -20.16 19.10
C PHE F 132 3.14 -21.51 18.87
N ASP F 133 2.17 -21.61 17.97
CA ASP F 133 1.40 -22.83 17.76
C ASP F 133 1.82 -23.60 16.53
N GLU F 134 2.97 -23.27 15.95
CA GLU F 134 3.41 -23.91 14.71
C GLU F 134 4.86 -24.36 14.92
N ALA F 135 5.50 -24.81 13.84
CA ALA F 135 6.90 -25.16 13.85
C ALA F 135 7.71 -23.99 13.32
N MET F 136 9.00 -24.00 13.62
CA MET F 136 9.88 -22.92 13.21
C MET F 136 10.09 -22.96 11.70
N THR F 137 9.70 -21.90 11.01
CA THR F 137 9.79 -21.82 9.56
C THR F 137 10.86 -20.81 9.16
N TYR F 138 11.54 -21.12 8.06
CA TYR F 138 12.65 -20.33 7.55
C TYR F 138 12.36 -19.82 6.14
N SER F 139 12.98 -18.70 5.79
CA SER F 139 12.85 -18.09 4.47
C SER F 139 14.22 -17.67 3.98
N VAL F 140 14.45 -17.80 2.67
CA VAL F 140 15.74 -17.51 2.05
C VAL F 140 15.50 -16.77 0.74
N LYS F 141 16.25 -15.70 0.52
CA LYS F 141 16.25 -14.95 -0.73
C LYS F 141 17.64 -15.06 -1.35
N LEU F 142 17.68 -15.48 -2.61
CA LEU F 142 18.93 -15.59 -3.35
C LEU F 142 18.88 -14.65 -4.55
N ASP F 143 19.88 -13.78 -4.66
CA ASP F 143 19.98 -12.85 -5.77
C ASP F 143 21.21 -13.20 -6.59
N GLY F 144 21.01 -13.50 -7.87
CA GLY F 144 22.09 -13.96 -8.72
C GLY F 144 22.96 -12.90 -9.36
N MET F 145 24.26 -13.15 -9.42
CA MET F 145 25.22 -12.24 -10.08
C MET F 145 25.43 -12.72 -11.51
N GLY F 146 24.48 -12.42 -12.38
CA GLY F 146 24.67 -12.68 -13.79
C GLY F 146 23.75 -13.78 -14.29
N ALA F 147 24.30 -14.56 -15.21
CA ALA F 147 23.50 -15.47 -16.03
C ALA F 147 22.84 -16.54 -15.19
N LEU F 148 21.54 -16.71 -15.37
CA LEU F 148 20.83 -17.89 -14.89
C LEU F 148 20.63 -18.84 -16.05
N VAL F 149 21.58 -19.75 -16.25
CA VAL F 149 21.55 -20.66 -17.38
C VAL F 149 20.41 -21.64 -17.15
N ASP F 150 19.45 -21.66 -18.06
CA ASP F 150 18.34 -22.59 -17.98
C ASP F 150 18.79 -23.90 -18.60
N LEU F 151 18.46 -25.02 -17.95
CA LEU F 151 18.87 -26.32 -18.43
C LEU F 151 17.82 -26.98 -19.31
N THR F 152 16.67 -26.36 -19.49
CA THR F 152 15.60 -26.95 -20.30
C THR F 152 15.81 -26.76 -21.80
N ILE F 153 16.75 -25.91 -22.22
CA ILE F 153 17.05 -25.73 -23.63
C ILE F 153 18.47 -26.14 -23.97
N THR F 154 19.26 -26.53 -22.98
CA THR F 154 20.66 -26.89 -23.21
C THR F 154 20.95 -28.26 -22.60
N GLU F 155 21.93 -28.94 -23.19
CA GLU F 155 22.31 -30.27 -22.75
C GLU F 155 23.21 -30.18 -21.54
N GLY F 156 22.92 -30.97 -20.52
CA GLY F 156 23.73 -31.07 -19.34
C GLY F 156 22.99 -30.71 -18.07
N GLY F 157 23.73 -30.62 -16.97
CA GLY F 157 23.16 -30.26 -15.69
C GLY F 157 22.11 -31.23 -15.21
N ASP F 158 22.52 -32.46 -14.87
CA ASP F 158 21.57 -33.49 -14.50
C ASP F 158 21.98 -34.27 -13.26
N GLN F 159 22.81 -33.68 -12.40
CA GLN F 159 23.15 -34.34 -11.15
C GLN F 159 22.05 -34.08 -10.10
N MET F 160 21.41 -35.16 -9.68
CA MET F 160 20.30 -35.07 -8.73
C MET F 160 20.71 -34.81 -7.28
N PRO F 161 21.55 -35.68 -6.63
CA PRO F 161 21.73 -35.74 -5.17
C PRO F 161 21.39 -34.48 -4.37
N MET G 1 -35.09 -13.46 -18.11
CA MET G 1 -35.93 -14.49 -18.69
C MET G 1 -36.39 -15.42 -17.56
N LYS G 2 -37.63 -15.88 -17.63
CA LYS G 2 -38.19 -16.68 -16.55
C LYS G 2 -37.47 -18.01 -16.42
N SER G 3 -37.27 -18.44 -15.19
CA SER G 3 -36.57 -19.68 -14.91
C SER G 3 -37.40 -20.90 -15.31
N LEU G 4 -36.72 -21.95 -15.75
CA LEU G 4 -37.38 -23.21 -16.03
C LEU G 4 -37.86 -23.87 -14.75
N SER G 5 -39.04 -24.46 -14.79
CA SER G 5 -39.47 -25.35 -13.72
C SER G 5 -38.73 -26.67 -13.82
N PHE G 6 -38.54 -27.33 -12.67
CA PHE G 6 -37.89 -28.63 -12.66
C PHE G 6 -38.57 -29.62 -13.60
N MET G 7 -39.89 -29.53 -13.73
CA MET G 7 -40.64 -30.50 -14.52
C MET G 7 -40.24 -30.43 -15.99
N ARG G 8 -39.99 -29.22 -16.51
CA ARG G 8 -39.48 -29.10 -17.87
C ARG G 8 -38.13 -29.78 -18.03
N VAL G 9 -37.24 -29.62 -17.06
CA VAL G 9 -35.94 -30.30 -17.12
C VAL G 9 -36.15 -31.81 -17.14
N LEU G 10 -37.08 -32.30 -16.32
CA LEU G 10 -37.37 -33.74 -16.29
C LEU G 10 -37.88 -34.22 -17.64
N GLU G 11 -38.79 -33.48 -18.26
CA GLU G 11 -39.30 -33.88 -19.57
C GLU G 11 -38.19 -33.89 -20.62
N ALA G 12 -37.37 -32.85 -20.64
CA ALA G 12 -36.29 -32.80 -21.61
C ALA G 12 -35.32 -33.96 -21.43
N VAL G 13 -34.93 -34.24 -20.19
CA VAL G 13 -33.95 -35.30 -19.95
C VAL G 13 -34.57 -36.67 -20.24
N ARG G 14 -35.86 -36.84 -19.93
CA ARG G 14 -36.52 -38.11 -20.23
C ARG G 14 -36.62 -38.34 -21.73
N THR G 15 -36.98 -37.30 -22.48
CA THR G 15 -37.03 -37.43 -23.93
C THR G 15 -35.66 -37.74 -24.49
N MET G 16 -34.62 -37.07 -24.00
CA MET G 16 -33.27 -37.34 -24.47
C MET G 16 -32.86 -38.77 -24.18
N LEU G 17 -33.14 -39.25 -22.96
CA LEU G 17 -32.80 -40.63 -22.60
C LEU G 17 -33.52 -41.62 -23.50
N GLN G 18 -34.84 -41.47 -23.66
CA GLN G 18 -35.59 -42.44 -24.47
C GLN G 18 -35.13 -42.40 -25.93
N GLU G 19 -34.88 -41.21 -26.46
CA GLU G 19 -34.56 -41.06 -27.86
C GLU G 19 -33.15 -41.52 -28.20
N LYS G 20 -32.18 -41.33 -27.29
CA LYS G 20 -30.81 -41.69 -27.58
C LYS G 20 -30.39 -43.06 -27.06
N GLY G 21 -31.06 -43.57 -26.04
CA GLY G 21 -30.68 -44.86 -25.49
C GLY G 21 -31.77 -45.90 -25.54
N GLY G 22 -32.95 -45.51 -26.02
CA GLY G 22 -34.06 -46.44 -26.09
C GLY G 22 -34.53 -46.94 -24.75
N LEU G 23 -34.53 -46.09 -23.72
CA LEU G 23 -34.89 -46.50 -22.37
C LEU G 23 -36.26 -45.95 -22.00
N ASP G 24 -37.09 -46.81 -21.42
CA ASP G 24 -38.37 -46.40 -20.86
C ASP G 24 -38.11 -45.93 -19.44
N VAL G 25 -38.07 -44.62 -19.24
CA VAL G 25 -37.79 -44.01 -17.93
C VAL G 25 -38.94 -43.10 -17.58
N SER G 26 -39.48 -43.25 -16.37
CA SER G 26 -40.61 -42.47 -15.90
C SER G 26 -40.12 -41.36 -14.98
N ILE G 27 -40.93 -40.31 -14.90
CA ILE G 27 -40.61 -39.15 -14.07
C ILE G 27 -41.20 -39.32 -12.68
N VAL G 28 -42.41 -39.88 -12.61
CA VAL G 28 -43.13 -40.01 -11.34
C VAL G 28 -42.32 -40.89 -10.40
N MET G 29 -42.11 -40.41 -9.17
CA MET G 29 -41.36 -41.15 -8.18
C MET G 29 -42.28 -42.04 -7.36
N ARG G 30 -41.87 -43.31 -7.22
CA ARG G 30 -42.60 -44.29 -6.43
C ARG G 30 -41.66 -44.86 -5.35
N ASN G 31 -42.21 -45.12 -4.17
CA ASN G 31 -41.38 -45.43 -3.01
C ASN G 31 -41.14 -46.93 -2.87
N GLN G 32 -42.20 -47.71 -2.75
CA GLN G 32 -42.08 -49.17 -2.75
C GLN G 32 -42.33 -49.65 -4.17
N VAL G 33 -41.33 -50.31 -4.75
CA VAL G 33 -41.38 -50.71 -6.15
C VAL G 33 -41.12 -52.19 -6.29
N GLU G 34 -41.50 -52.76 -7.43
CA GLU G 34 -41.22 -54.14 -7.75
C GLU G 34 -40.98 -54.22 -9.26
N MET G 35 -40.33 -55.30 -9.69
CA MET G 35 -39.86 -55.53 -11.06
C MET G 35 -38.86 -54.46 -11.49
N PRO G 36 -37.90 -54.80 -12.35
CA PRO G 36 -36.88 -53.82 -12.72
C PRO G 36 -37.47 -52.65 -13.48
N THR G 37 -36.85 -51.48 -13.30
CA THR G 37 -37.29 -50.26 -13.97
C THR G 37 -36.24 -49.17 -13.84
N THR G 38 -36.55 -47.99 -14.37
CA THR G 38 -35.69 -46.81 -14.23
C THR G 38 -36.56 -45.61 -13.97
N MET G 39 -36.21 -44.85 -12.93
CA MET G 39 -37.02 -43.70 -12.54
C MET G 39 -36.12 -42.51 -12.27
N ILE G 40 -36.69 -41.32 -12.45
CA ILE G 40 -35.97 -40.07 -12.24
C ILE G 40 -36.57 -39.38 -11.02
N GLU G 41 -35.71 -39.06 -10.05
CA GLU G 41 -36.13 -38.41 -8.81
C GLU G 41 -35.58 -36.99 -8.81
N MET G 42 -36.49 -36.02 -8.83
CA MET G 42 -36.09 -34.62 -8.74
C MET G 42 -35.81 -34.25 -7.30
N ILE G 43 -34.60 -33.78 -7.04
CA ILE G 43 -34.18 -33.42 -5.69
C ILE G 43 -34.53 -31.98 -5.35
N ASP G 44 -33.94 -31.02 -6.07
CA ASP G 44 -34.25 -29.62 -5.81
C ASP G 44 -33.71 -28.76 -6.95
N GLN G 45 -33.94 -27.46 -6.83
CA GLN G 45 -33.46 -26.47 -7.79
C GLN G 45 -33.16 -25.18 -7.05
N GLU G 46 -31.94 -24.68 -7.21
CA GLU G 46 -31.51 -23.47 -6.51
C GLU G 46 -30.81 -22.53 -7.48
N GLU G 47 -30.45 -21.35 -6.97
CA GLU G 47 -29.84 -20.31 -7.78
C GLU G 47 -28.36 -20.19 -7.42
N GLU G 48 -27.48 -20.50 -8.36
CA GLU G 48 -26.05 -20.46 -8.09
C GLU G 48 -25.49 -19.08 -8.40
N GLU G 49 -24.29 -18.82 -7.89
CA GLU G 49 -23.67 -17.50 -7.94
C GLU G 49 -22.62 -17.45 -9.02
N SER G 50 -22.80 -16.53 -9.98
CA SER G 50 -21.79 -16.22 -10.98
C SER G 50 -22.15 -14.85 -11.53
N GLN G 51 -21.33 -13.84 -11.22
CA GLN G 51 -21.74 -12.46 -11.45
C GLN G 51 -21.55 -12.03 -12.90
N THR G 52 -21.95 -12.88 -13.84
CA THR G 52 -22.04 -12.50 -15.25
C THR G 52 -23.34 -12.99 -15.86
N ALA G 53 -23.88 -14.09 -15.32
CA ALA G 53 -24.99 -14.75 -15.97
C ALA G 53 -25.96 -15.29 -14.93
N TRP G 54 -27.24 -15.24 -15.26
CA TRP G 54 -28.26 -15.90 -14.45
C TRP G 54 -28.20 -17.40 -14.70
N LYS G 55 -27.75 -18.15 -13.69
CA LYS G 55 -27.55 -19.58 -13.81
C LYS G 55 -28.21 -20.26 -12.62
N GLU G 56 -28.86 -21.39 -12.89
CA GLU G 56 -29.57 -22.14 -11.87
C GLU G 56 -29.09 -23.58 -11.86
N LYS G 57 -29.06 -24.19 -10.68
CA LYS G 57 -28.56 -25.54 -10.50
C LYS G 57 -29.73 -26.46 -10.16
N TYR G 58 -29.95 -27.47 -11.00
CA TYR G 58 -30.99 -28.46 -10.81
C TYR G 58 -30.36 -29.77 -10.38
N ARG G 59 -30.72 -30.25 -9.19
CA ARG G 59 -30.25 -31.53 -8.68
C ARG G 59 -31.37 -32.54 -8.81
N PHE G 60 -31.09 -33.66 -9.47
CA PHE G 60 -32.06 -34.74 -9.61
C PHE G 60 -31.34 -36.06 -9.43
N ALA G 61 -32.10 -37.14 -9.45
CA ALA G 61 -31.56 -38.47 -9.21
C ALA G 61 -32.13 -39.46 -10.21
N ILE G 62 -31.37 -40.52 -10.48
CA ILE G 62 -31.80 -41.62 -11.32
C ILE G 62 -31.77 -42.88 -10.47
N HIS G 63 -32.93 -43.50 -10.27
CA HIS G 63 -33.05 -44.77 -9.58
C HIS G 63 -33.19 -45.87 -10.61
N HIS G 64 -32.24 -46.80 -10.63
CA HIS G 64 -32.25 -47.92 -11.56
C HIS G 64 -32.33 -49.19 -10.74
N TYR G 65 -33.43 -49.91 -10.86
CA TYR G 65 -33.67 -51.12 -10.09
C TYR G 65 -33.60 -52.31 -11.03
N THR G 66 -32.82 -53.33 -10.64
CA THR G 66 -32.66 -54.52 -11.46
C THR G 66 -32.57 -55.74 -10.56
N ASN G 67 -33.20 -56.82 -10.99
CA ASN G 67 -33.15 -58.09 -10.27
C ASN G 67 -31.76 -58.72 -10.28
N GLU G 68 -30.88 -58.27 -11.17
CA GLU G 68 -29.52 -58.79 -11.27
C GLU G 68 -28.57 -57.61 -11.54
N GLN G 69 -27.29 -57.82 -11.29
CA GLN G 69 -26.31 -56.75 -11.43
C GLN G 69 -26.25 -56.24 -12.86
N ASP G 70 -26.88 -55.09 -13.11
CA ASP G 70 -26.86 -54.46 -14.42
C ASP G 70 -25.75 -53.42 -14.43
N LEU G 71 -24.68 -53.68 -15.17
CA LEU G 71 -23.47 -52.89 -15.04
C LEU G 71 -23.36 -51.87 -16.17
N ALA G 72 -23.31 -52.37 -17.41
CA ALA G 72 -23.17 -51.50 -18.57
C ALA G 72 -24.40 -50.61 -18.75
N GLY G 73 -25.56 -51.04 -18.24
CA GLY G 73 -26.75 -50.22 -18.39
C GLY G 73 -26.65 -48.91 -17.62
N VAL G 74 -26.23 -48.98 -16.35
CA VAL G 74 -26.02 -47.76 -15.59
C VAL G 74 -24.83 -46.99 -16.15
N GLU G 75 -23.81 -47.70 -16.65
CA GLU G 75 -22.77 -47.00 -17.39
C GLU G 75 -23.36 -46.14 -18.51
N LYS G 76 -24.25 -46.72 -19.30
CA LYS G 76 -24.81 -46.02 -20.46
C LYS G 76 -25.67 -44.85 -20.01
N ILE G 77 -26.46 -45.04 -18.96
CA ILE G 77 -27.28 -43.95 -18.44
C ILE G 77 -26.40 -42.79 -18.01
N ASP G 78 -25.33 -43.09 -17.26
CA ASP G 78 -24.43 -42.04 -16.79
C ASP G 78 -23.79 -41.33 -17.97
N THR G 79 -23.28 -42.10 -18.94
CA THR G 79 -22.60 -41.51 -20.08
C THR G 79 -23.54 -40.62 -20.88
N LEU G 80 -24.77 -41.08 -21.11
CA LEU G 80 -25.72 -40.27 -21.86
C LEU G 80 -26.07 -38.99 -21.12
N ILE G 81 -26.31 -39.08 -19.80
CA ILE G 81 -26.63 -37.88 -19.03
C ILE G 81 -25.49 -36.88 -19.08
N GLN G 82 -24.26 -37.36 -19.01
CA GLN G 82 -23.12 -36.44 -18.98
C GLN G 82 -22.89 -35.73 -20.30
N MET G 83 -23.36 -36.31 -21.42
CA MET G 83 -23.14 -35.68 -22.71
C MET G 83 -24.01 -34.45 -22.95
N GLY G 84 -25.06 -34.27 -22.16
CA GLY G 84 -25.94 -33.14 -22.33
C GLY G 84 -27.21 -33.49 -23.10
N PHE G 85 -28.20 -32.61 -22.97
CA PHE G 85 -29.50 -32.80 -23.59
C PHE G 85 -29.99 -31.48 -24.18
N ILE G 86 -31.12 -31.56 -24.87
CA ILE G 86 -31.70 -30.38 -25.51
C ILE G 86 -32.70 -29.73 -24.55
N LEU G 87 -32.55 -28.44 -24.33
CA LEU G 87 -33.47 -27.65 -23.55
C LEU G 87 -34.20 -26.65 -24.45
N PRO G 88 -35.37 -26.17 -24.03
CA PRO G 88 -36.10 -25.20 -24.86
C PRO G 88 -35.28 -23.94 -25.11
N GLU G 89 -35.71 -23.21 -26.14
CA GLU G 89 -34.94 -22.06 -26.62
C GLU G 89 -34.83 -20.99 -25.54
N GLY G 90 -33.68 -20.33 -25.50
CA GLY G 90 -33.39 -19.33 -24.50
C GLY G 90 -32.63 -19.83 -23.29
N TYR G 91 -32.35 -21.12 -23.23
CA TYR G 91 -31.67 -21.72 -22.09
C TYR G 91 -30.54 -22.60 -22.59
N LYS G 92 -29.38 -22.51 -21.92
CA LYS G 92 -28.19 -23.24 -22.33
C LYS G 92 -27.63 -24.03 -21.16
N LEU G 93 -27.41 -25.32 -21.35
CA LEU G 93 -26.73 -26.11 -20.32
C LEU G 93 -25.27 -25.69 -20.27
N VAL G 94 -24.74 -25.52 -19.06
CA VAL G 94 -23.36 -25.08 -18.86
C VAL G 94 -22.47 -26.24 -18.46
N ALA G 95 -22.93 -27.08 -17.54
CA ALA G 95 -22.14 -28.23 -17.11
C ALA G 95 -23.06 -29.25 -16.47
N VAL G 96 -22.70 -30.52 -16.64
CA VAL G 96 -23.37 -31.65 -16.00
C VAL G 96 -22.36 -32.34 -15.12
N ARG G 97 -22.67 -32.48 -13.83
CA ARG G 97 -21.70 -32.99 -12.88
C ARG G 97 -22.41 -33.83 -11.83
N HIS G 98 -21.67 -34.77 -11.26
CA HIS G 98 -22.21 -35.60 -10.18
C HIS G 98 -22.21 -34.82 -8.87
N CYS G 99 -23.24 -35.06 -8.07
CA CYS G 99 -23.34 -34.43 -6.75
C CYS G 99 -24.28 -35.25 -5.90
N GLY G 100 -24.30 -34.95 -4.61
CA GLY G 100 -25.17 -35.68 -3.73
C GLY G 100 -24.72 -37.13 -3.53
N LYS G 101 -25.70 -37.98 -3.25
CA LYS G 101 -25.43 -39.38 -2.94
C LYS G 101 -25.33 -40.20 -4.21
N GLN G 102 -24.24 -40.95 -4.33
CA GLN G 102 -24.10 -42.01 -5.33
C GLN G 102 -24.11 -43.33 -4.56
N ASN G 103 -25.13 -44.16 -4.80
CA ASN G 103 -25.38 -45.28 -3.90
C ASN G 103 -25.65 -46.53 -4.72
N LEU G 104 -25.35 -47.68 -4.12
CA LEU G 104 -25.61 -48.99 -4.73
C LEU G 104 -25.94 -49.93 -3.59
N VAL G 105 -27.21 -50.31 -3.47
CA VAL G 105 -27.70 -51.10 -2.34
C VAL G 105 -28.48 -52.30 -2.88
N LYS G 106 -28.76 -53.24 -2.00
CA LYS G 106 -29.62 -54.39 -2.31
C LYS G 106 -30.81 -54.34 -1.36
N GLU G 107 -32.01 -54.19 -1.91
CA GLU G 107 -33.21 -54.04 -1.12
C GLU G 107 -34.26 -55.05 -1.55
N ASN G 108 -35.04 -55.53 -0.58
CA ASN G 108 -36.08 -56.53 -0.81
C ASN G 108 -35.48 -57.73 -1.55
N THR G 109 -35.76 -57.86 -2.85
CA THR G 109 -35.14 -58.90 -3.67
C THR G 109 -34.64 -58.32 -5.00
N LEU G 110 -34.00 -57.16 -4.96
CA LEU G 110 -33.49 -56.54 -6.17
C LEU G 110 -32.45 -55.48 -5.81
N ILE G 111 -31.53 -55.24 -6.73
CA ILE G 111 -30.49 -54.24 -6.53
C ILE G 111 -31.00 -52.87 -6.98
N HIS G 112 -30.64 -51.85 -6.20
CA HIS G 112 -31.07 -50.48 -6.40
C HIS G 112 -29.80 -49.63 -6.55
N ALA G 113 -29.59 -49.07 -7.73
CA ALA G 113 -28.47 -48.17 -7.99
C ALA G 113 -29.00 -46.76 -8.15
N LYS G 114 -28.52 -45.86 -7.31
CA LYS G 114 -28.95 -44.47 -7.31
C LYS G 114 -27.80 -43.60 -7.79
N THR G 115 -28.02 -42.86 -8.87
CA THR G 115 -27.02 -41.97 -9.44
C THR G 115 -27.57 -40.56 -9.47
N SER G 116 -26.97 -39.66 -8.71
CA SER G 116 -27.49 -38.31 -8.55
C SER G 116 -26.69 -37.34 -9.40
N PHE G 117 -27.40 -36.50 -10.16
CA PHE G 117 -26.79 -35.55 -11.05
C PHE G 117 -27.16 -34.13 -10.64
N GLU G 118 -26.23 -33.21 -10.91
CA GLU G 118 -26.45 -31.79 -10.72
C GLU G 118 -26.08 -31.09 -12.03
N VAL G 119 -27.04 -30.38 -12.60
CA VAL G 119 -26.88 -29.75 -13.90
C VAL G 119 -27.01 -28.24 -13.72
N SER G 120 -26.25 -27.49 -14.51
CA SER G 120 -26.29 -26.03 -14.49
C SER G 120 -26.92 -25.52 -15.77
N ILE G 121 -27.88 -24.61 -15.65
CA ILE G 121 -28.58 -24.05 -16.79
C ILE G 121 -28.53 -22.53 -16.70
N CYS G 122 -28.01 -21.91 -17.75
CA CYS G 122 -27.96 -20.46 -17.86
C CYS G 122 -29.16 -19.99 -18.67
N ARG G 123 -29.91 -19.06 -18.10
CA ARG G 123 -31.10 -18.53 -18.77
C ARG G 123 -30.83 -17.24 -19.52
N GLU G 124 -30.19 -16.26 -18.88
CA GLU G 124 -29.68 -15.07 -19.56
C GLU G 124 -28.56 -14.49 -18.71
N LEU G 125 -27.72 -13.69 -19.34
CA LEU G 125 -26.53 -13.17 -18.67
C LEU G 125 -26.88 -11.95 -17.83
N LYS G 126 -26.16 -11.77 -16.73
CA LYS G 126 -26.40 -10.66 -15.81
C LYS G 126 -25.71 -9.42 -16.35
N VAL G 127 -26.49 -8.53 -16.95
CA VAL G 127 -25.96 -7.31 -17.55
C VAL G 127 -27.09 -6.30 -17.67
N LYS G 128 -26.83 -5.05 -17.28
CA LYS G 128 -27.78 -3.99 -17.58
C LYS G 128 -27.67 -3.67 -19.07
N ILE G 129 -28.80 -3.65 -19.76
CA ILE G 129 -28.90 -3.60 -21.23
C ILE G 129 -27.69 -4.20 -21.93
N ALA H 2 6.31 -13.81 -36.98
CA ALA H 2 7.13 -13.30 -38.07
C ALA H 2 6.49 -13.59 -39.42
N PHE H 3 5.16 -13.56 -39.44
CA PHE H 3 4.42 -13.92 -40.65
C PHE H 3 3.01 -13.33 -40.65
N GLU H 4 2.15 -13.91 -41.51
CA GLU H 4 0.86 -13.32 -41.88
C GLU H 4 1.09 -12.05 -42.69
N GLU H 5 2.06 -12.14 -43.60
CA GLU H 5 2.41 -11.04 -44.52
C GLU H 5 2.82 -9.79 -43.75
N ASN H 6 3.34 -10.02 -42.54
CA ASN H 6 3.72 -8.94 -41.64
C ASN H 6 2.56 -7.97 -41.44
N LEU H 7 1.36 -8.50 -41.25
CA LEU H 7 0.17 -7.69 -41.05
C LEU H 7 0.25 -6.81 -39.81
N TYR H 8 0.73 -7.35 -38.69
CA TYR H 8 0.90 -6.58 -37.47
C TYR H 8 2.33 -6.53 -36.97
N CYS H 9 3.16 -7.50 -37.31
CA CYS H 9 4.55 -7.57 -36.86
C CYS H 9 5.46 -7.15 -38.00
N ASP H 10 6.10 -6.00 -37.85
CA ASP H 10 6.98 -5.44 -38.88
C ASP H 10 8.42 -5.43 -38.37
N TYR H 11 9.24 -6.34 -38.90
CA TYR H 11 10.66 -6.41 -38.60
C TYR H 11 11.52 -5.70 -39.63
N THR H 12 10.97 -5.44 -40.81
CA THR H 12 11.73 -5.03 -41.98
C THR H 12 12.78 -3.97 -41.64
N PRO H 13 14.07 -4.29 -41.72
CA PRO H 13 15.13 -3.34 -41.42
C PRO H 13 15.28 -2.19 -42.41
N GLY H 14 14.95 -0.99 -41.95
CA GLY H 14 15.17 0.21 -42.74
C GLY H 14 16.01 1.21 -41.98
N ALA H 15 16.22 0.91 -40.70
CA ALA H 15 17.04 1.73 -39.82
C ALA H 15 17.27 0.99 -38.51
N ALA H 16 17.96 1.62 -37.56
CA ALA H 16 18.13 1.02 -36.24
C ALA H 16 17.19 1.67 -35.24
N LYS H 17 16.84 2.93 -35.49
CA LYS H 17 15.88 3.70 -34.69
C LYS H 17 16.40 3.97 -33.29
N ALA H 18 17.56 3.40 -32.96
CA ALA H 18 18.17 3.52 -31.64
C ALA H 18 19.53 2.84 -31.69
N VAL H 19 20.42 3.29 -30.81
CA VAL H 19 21.72 2.65 -30.61
C VAL H 19 21.90 2.52 -29.10
N ALA H 20 21.86 1.29 -28.61
CA ALA H 20 22.01 1.05 -27.18
C ALA H 20 23.39 1.51 -26.72
N GLY H 21 23.40 2.23 -25.60
CA GLY H 21 24.64 2.74 -25.05
C GLY H 21 25.63 1.70 -24.62
N LYS H 22 25.20 0.45 -24.46
CA LYS H 22 26.05 -0.66 -24.09
C LYS H 22 26.90 -1.15 -25.23
N ASP H 23 26.68 -0.63 -26.43
CA ASP H 23 27.45 -1.03 -27.60
C ASP H 23 28.50 -0.02 -28.01
N VAL H 24 28.62 1.10 -27.30
CA VAL H 24 29.55 2.16 -27.63
C VAL H 24 30.66 2.16 -26.59
N ILE H 25 31.88 1.87 -27.01
CA ILE H 25 33.00 1.70 -26.08
C ILE H 25 34.20 2.50 -26.57
N LEU H 26 34.86 3.16 -25.63
CA LEU H 26 36.10 3.88 -25.89
C LEU H 26 37.27 2.92 -25.79
N ALA H 27 38.22 3.04 -26.72
CA ALA H 27 39.40 2.19 -26.72
C ALA H 27 40.62 3.05 -27.01
N VAL H 28 41.79 2.59 -26.56
CA VAL H 28 43.03 3.31 -26.76
C VAL H 28 44.05 2.39 -27.39
N PHE H 29 44.99 2.98 -28.12
CA PHE H 29 46.11 2.24 -28.68
C PHE H 29 47.23 2.13 -27.66
N ASN H 30 47.88 0.97 -27.63
CA ASN H 30 49.00 0.78 -26.72
C ASN H 30 50.19 1.62 -27.17
N ALA H 31 51.25 1.58 -26.36
CA ALA H 31 52.43 2.39 -26.64
C ALA H 31 53.04 2.02 -27.99
N ALA H 32 53.14 0.73 -28.28
CA ALA H 32 53.66 0.30 -29.57
C ALA H 32 52.69 0.60 -30.70
N GLY H 33 51.42 0.84 -30.37
CA GLY H 33 50.42 1.15 -31.36
C GLY H 33 49.88 -0.05 -32.12
N ASP H 34 50.09 -1.27 -31.62
CA ASP H 34 49.65 -2.47 -32.29
C ASP H 34 48.45 -3.13 -31.62
N LYS H 35 48.13 -2.76 -30.39
CA LYS H 35 47.03 -3.38 -29.67
C LYS H 35 46.00 -2.33 -29.30
N LEU H 36 44.76 -2.57 -29.71
CA LEU H 36 43.65 -1.69 -29.36
C LEU H 36 42.96 -2.27 -28.14
N LEU H 37 43.07 -1.59 -27.00
CA LEU H 37 42.49 -2.08 -25.76
C LEU H 37 41.27 -1.25 -25.37
N ALA H 38 40.18 -1.93 -25.07
CA ALA H 38 38.97 -1.29 -24.61
C ALA H 38 39.07 -1.06 -23.11
N VAL H 39 38.82 0.19 -22.69
CA VAL H 39 38.93 0.51 -21.27
C VAL H 39 37.89 -0.26 -20.48
N ALA H 40 38.36 -1.05 -19.52
CA ALA H 40 37.51 -1.89 -18.70
C ALA H 40 36.69 -1.05 -17.75
N GLY H 41 35.49 -1.52 -17.43
CA GLY H 41 34.60 -0.83 -16.53
C GLY H 41 33.89 0.35 -17.12
N GLN H 42 33.91 0.51 -18.44
CA GLN H 42 33.25 1.63 -19.10
C GLN H 42 31.77 1.69 -18.72
N GLN H 43 31.35 2.83 -18.20
CA GLN H 43 29.96 3.03 -17.78
C GLN H 43 29.37 4.34 -18.27
N GLY H 44 30.19 5.32 -18.66
CA GLY H 44 29.67 6.57 -19.16
C GLY H 44 30.61 7.15 -20.20
N LEU H 45 30.03 7.88 -21.14
CA LEU H 45 30.82 8.47 -22.22
C LEU H 45 30.18 9.78 -22.64
N THR H 46 31.01 10.79 -22.85
CA THR H 46 30.57 12.10 -23.33
C THR H 46 31.63 12.64 -24.28
N VAL H 47 31.26 12.85 -25.54
CA VAL H 47 32.16 13.40 -26.54
C VAL H 47 31.67 14.79 -26.88
N ASN H 48 32.42 15.81 -26.47
CA ASN H 48 32.03 17.19 -26.69
C ASN H 48 32.82 17.76 -27.85
N ARG H 49 32.10 18.43 -28.76
CA ARG H 49 32.72 19.05 -29.92
C ARG H 49 32.10 20.44 -30.07
N SER H 50 32.95 21.47 -30.11
CA SER H 50 32.48 22.83 -30.16
C SER H 50 33.25 23.62 -31.19
N LYS H 51 32.64 24.70 -31.68
CA LYS H 51 33.27 25.63 -32.59
C LYS H 51 33.00 27.04 -32.12
N ASP H 52 34.04 27.86 -32.12
CA ASP H 52 33.92 29.24 -31.66
C ASP H 52 33.13 30.06 -32.67
N SER H 53 32.55 31.17 -32.19
CA SER H 53 31.75 32.05 -33.02
C SER H 53 32.35 33.45 -32.96
N ILE H 54 32.64 34.02 -34.13
CA ILE H 54 33.22 35.36 -34.20
C ILE H 54 32.16 36.34 -34.67
N GLU H 55 32.10 37.49 -33.99
CA GLU H 55 31.11 38.51 -34.26
C GLU H 55 31.66 39.50 -35.28
N ILE H 56 30.85 39.81 -36.29
CA ILE H 56 31.26 40.75 -37.33
C ILE H 56 30.23 41.87 -37.45
N THR H 57 29.59 42.20 -36.33
CA THR H 57 28.55 43.23 -36.34
C THR H 57 29.12 44.55 -36.84
N SER H 58 28.64 44.97 -38.00
CA SER H 58 28.99 46.26 -38.59
C SER H 58 27.76 47.15 -38.50
N LYS H 59 27.96 48.39 -38.05
CA LYS H 59 26.84 49.29 -37.81
C LYS H 59 26.27 49.90 -39.09
N ASP H 60 26.64 49.37 -40.25
CA ASP H 60 26.06 49.78 -41.53
C ASP H 60 25.40 48.62 -42.27
N THR H 61 24.73 47.72 -41.55
CA THR H 61 24.04 46.60 -42.16
C THR H 61 22.54 46.73 -41.93
N VAL H 62 21.77 46.61 -43.01
CA VAL H 62 20.31 46.67 -42.92
C VAL H 62 19.80 45.43 -42.23
N GLY H 63 18.54 45.46 -41.80
CA GLY H 63 17.99 44.33 -41.07
C GLY H 63 17.61 44.67 -39.65
N GLY H 64 18.40 44.17 -38.70
CA GLY H 64 18.09 44.28 -37.29
C GLY H 64 18.54 43.09 -36.47
N TRP H 65 19.40 42.26 -37.01
CA TRP H 65 19.95 41.12 -36.30
C TRP H 65 21.48 41.19 -36.28
N LYS H 66 22.10 40.30 -35.53
CA LYS H 66 23.53 40.35 -35.29
C LYS H 66 24.24 39.34 -36.20
N SER H 67 25.39 39.73 -36.74
CA SER H 67 26.14 38.92 -37.68
C SER H 67 27.25 38.16 -36.97
N LYS H 68 27.41 36.90 -37.36
CA LYS H 68 28.40 36.03 -36.74
C LYS H 68 28.98 35.10 -37.80
N ILE H 69 30.19 34.61 -37.53
CA ILE H 69 30.79 33.53 -38.31
C ILE H 69 31.39 32.50 -37.37
N GLY H 70 31.89 31.41 -37.93
CA GLY H 70 32.44 30.34 -37.13
C GLY H 70 33.94 30.53 -36.93
N GLY H 71 34.40 30.13 -35.75
CA GLY H 71 35.80 30.27 -35.42
C GLY H 71 36.57 28.97 -35.49
N MET H 72 37.31 28.66 -34.43
CA MET H 72 38.13 27.47 -34.36
C MET H 72 37.35 26.36 -33.66
N LYS H 73 37.71 25.12 -33.96
CA LYS H 73 37.01 23.96 -33.41
C LYS H 73 37.86 23.28 -32.35
N GLU H 74 37.19 22.59 -31.44
CA GLU H 74 37.84 21.80 -30.41
C GLU H 74 36.94 20.64 -30.00
N TRP H 75 37.55 19.66 -29.33
CA TRP H 75 36.83 18.46 -28.91
C TRP H 75 37.47 17.91 -27.66
N SER H 76 36.69 17.11 -26.92
CA SER H 76 37.14 16.51 -25.68
C SER H 76 36.28 15.28 -25.41
N ILE H 77 36.80 14.41 -24.54
CA ILE H 77 36.11 13.16 -24.20
C ILE H 77 36.14 12.98 -22.69
N GLU H 78 35.02 12.55 -22.12
CA GLU H 78 34.92 12.26 -20.70
C GLU H 78 34.33 10.87 -20.52
N ASN H 79 35.07 9.98 -19.88
CA ASN H 79 34.63 8.60 -19.68
C ASN H 79 34.85 8.18 -18.24
N ASP H 80 33.81 7.64 -17.62
CA ASP H 80 33.89 7.21 -16.23
C ASP H 80 33.30 5.82 -16.09
N GLY H 81 33.68 5.13 -15.03
CA GLY H 81 33.14 3.81 -14.79
C GLY H 81 33.84 3.13 -13.64
N LEU H 82 33.72 1.80 -13.61
CA LEU H 82 34.39 1.01 -12.60
C LEU H 82 35.87 0.89 -12.91
N TYR H 83 36.68 0.87 -11.85
CA TYR H 83 38.13 0.86 -11.97
C TYR H 83 38.68 -0.40 -11.32
N VAL H 84 39.50 -1.13 -12.06
CA VAL H 84 40.33 -2.20 -11.53
C VAL H 84 41.79 -1.87 -11.83
N ALA H 85 42.66 -2.12 -10.87
CA ALA H 85 44.03 -1.65 -10.98
C ALA H 85 44.88 -2.49 -11.92
N ASP H 86 44.54 -3.77 -12.12
CA ASP H 86 45.43 -4.67 -12.83
C ASP H 86 45.11 -4.79 -14.32
N ALA H 87 44.07 -4.13 -14.81
CA ALA H 87 43.72 -4.22 -16.23
C ALA H 87 44.79 -3.55 -17.09
N GLU H 88 45.04 -4.11 -18.27
CA GLU H 88 46.01 -3.53 -19.18
C GLU H 88 45.65 -2.13 -19.62
N SER H 89 44.37 -1.87 -19.91
CA SER H 89 43.95 -0.53 -20.29
C SER H 89 44.27 0.51 -19.24
N HIS H 90 43.99 0.21 -17.96
CA HIS H 90 44.33 1.10 -16.87
C HIS H 90 45.81 1.05 -16.52
N LYS H 91 46.50 -0.01 -16.92
CA LYS H 91 47.96 -0.07 -16.79
C LYS H 91 48.65 0.59 -17.96
N GLU H 92 47.90 1.03 -18.96
CA GLU H 92 48.41 1.81 -20.07
C GLU H 92 48.07 3.28 -19.96
N LEU H 93 46.92 3.61 -19.39
CA LEU H 93 46.55 5.02 -19.21
C LEU H 93 47.54 5.73 -18.30
N ALA H 94 47.97 5.08 -17.21
CA ALA H 94 48.92 5.70 -16.32
C ALA H 94 50.25 5.96 -17.00
N LYS H 95 50.68 5.03 -17.85
CA LYS H 95 51.91 5.21 -18.60
C LYS H 95 51.84 6.46 -19.49
N TYR H 96 50.70 6.66 -20.15
CA TYR H 96 50.52 7.90 -20.89
C TYR H 96 50.48 9.10 -19.95
N PHE H 97 49.87 8.95 -18.78
CA PHE H 97 49.67 10.07 -17.90
C PHE H 97 50.98 10.64 -17.39
N GLU H 98 51.87 9.80 -16.85
CA GLU H 98 53.05 10.37 -16.23
C GLU H 98 54.06 10.81 -17.28
N SER H 99 54.13 10.09 -18.39
CA SER H 99 55.05 10.39 -19.48
C SER H 99 54.60 11.59 -20.32
N ASP H 100 53.37 12.06 -20.12
CA ASP H 100 52.83 13.19 -20.86
C ASP H 100 52.88 12.94 -22.36
N SER H 101 52.63 11.71 -22.78
CA SER H 101 52.67 11.38 -24.19
C SER H 101 51.26 11.37 -24.76
N PRO H 102 51.08 11.83 -26.00
CA PRO H 102 49.75 11.75 -26.62
C PRO H 102 49.34 10.30 -26.83
N VAL H 103 48.05 10.04 -26.68
CA VAL H 103 47.49 8.70 -26.82
C VAL H 103 46.46 8.69 -27.95
N CYS H 104 46.49 7.65 -28.76
CA CYS H 104 45.50 7.50 -29.83
C CYS H 104 44.25 6.85 -29.26
N VAL H 105 43.11 7.50 -29.46
CA VAL H 105 41.84 7.07 -28.90
C VAL H 105 40.85 6.87 -30.03
N LYS H 106 40.00 5.86 -29.89
CA LYS H 106 39.03 5.48 -30.91
C LYS H 106 37.74 5.08 -30.22
N ILE H 107 36.62 5.64 -30.67
CA ILE H 107 35.32 5.30 -30.10
C ILE H 107 34.63 4.34 -31.06
N ILE H 108 34.22 3.17 -30.55
CA ILE H 108 33.85 2.04 -31.40
C ILE H 108 32.47 1.55 -31.02
N ASN H 109 31.64 1.32 -32.05
CA ASN H 109 30.36 0.64 -31.88
C ASN H 109 30.61 -0.84 -32.06
N GLN H 110 30.68 -1.57 -30.94
CA GLN H 110 30.98 -2.99 -30.99
C GLN H 110 29.85 -3.84 -31.55
N ALA H 111 28.66 -3.27 -31.72
CA ALA H 111 27.54 -4.00 -32.31
C ALA H 111 27.54 -3.94 -33.83
N SER H 112 27.58 -2.74 -34.41
CA SER H 112 27.61 -2.60 -35.86
C SER H 112 28.99 -2.86 -36.44
N LYS H 113 29.99 -3.06 -35.60
CA LYS H 113 31.36 -3.31 -36.03
C LYS H 113 31.88 -2.16 -36.88
N LYS H 114 31.52 -0.93 -36.48
CA LYS H 114 31.96 0.27 -37.17
C LYS H 114 32.62 1.21 -36.19
N GLY H 115 33.66 1.91 -36.65
CA GLY H 115 34.25 2.96 -35.85
C GLY H 115 33.53 4.28 -36.07
N LEU H 116 33.66 5.18 -35.11
CA LEU H 116 32.98 6.47 -35.16
C LEU H 116 33.94 7.64 -35.20
N PHE H 117 34.84 7.75 -34.24
CA PHE H 117 35.74 8.90 -34.15
C PHE H 117 37.10 8.43 -33.65
N GLY H 118 38.15 8.85 -34.32
CA GLY H 118 39.51 8.61 -33.88
C GLY H 118 40.23 9.93 -33.69
N GLY H 119 41.21 9.93 -32.79
CA GLY H 119 41.94 11.16 -32.54
C GLY H 119 43.14 10.93 -31.65
N LEU H 120 43.91 11.99 -31.46
CA LEU H 120 45.02 11.98 -30.54
C LEU H 120 44.70 12.93 -29.38
N ALA H 121 44.76 12.42 -28.16
CA ALA H 121 44.34 13.17 -26.99
C ALA H 121 45.36 13.01 -25.88
N ILE H 122 45.24 13.86 -24.86
CA ILE H 122 46.08 13.82 -23.68
C ILE H 122 45.19 13.77 -22.45
N VAL H 123 45.58 12.97 -21.47
CA VAL H 123 44.83 12.80 -20.23
C VAL H 123 45.01 14.06 -19.41
N ALA H 124 44.01 14.96 -19.45
CA ALA H 124 44.11 16.18 -18.67
C ALA H 124 43.56 15.98 -17.26
N ASP H 125 42.83 14.89 -17.04
CA ASP H 125 42.25 14.61 -15.73
C ASP H 125 42.06 13.11 -15.59
N TYR H 126 42.77 12.51 -14.65
CA TYR H 126 42.67 11.07 -14.37
C TYR H 126 42.38 10.92 -12.89
N SER H 127 41.12 11.01 -12.52
CA SER H 127 40.70 10.97 -11.12
C SER H 127 39.79 9.77 -10.88
N PHE H 128 39.64 9.43 -9.61
CA PHE H 128 38.83 8.27 -9.25
C PHE H 128 38.34 8.40 -7.81
N GLU H 129 37.17 7.82 -7.57
CA GLU H 129 36.45 7.97 -6.31
C GLU H 129 36.28 6.60 -5.68
N ALA H 130 36.28 6.55 -4.34
CA ALA H 130 36.13 5.30 -3.60
C ALA H 130 35.10 5.47 -2.48
N PRO H 131 33.81 5.58 -2.81
CA PRO H 131 32.79 5.58 -1.76
C PRO H 131 32.79 4.27 -0.99
N PHE H 132 32.57 4.39 0.32
CA PHE H 132 32.66 3.24 1.19
C PHE H 132 31.57 2.20 0.94
N ASP H 133 30.34 2.61 0.60
CA ASP H 133 29.27 1.67 0.34
C ASP H 133 29.05 1.42 -1.14
N GLU H 134 30.12 1.45 -1.93
CA GLU H 134 30.03 1.25 -3.37
C GLU H 134 31.38 0.74 -3.86
N ALA H 135 31.46 0.45 -5.16
CA ALA H 135 32.70 0.08 -5.79
C ALA H 135 33.43 1.34 -6.25
N MET H 136 34.75 1.32 -6.13
CA MET H 136 35.53 2.51 -6.39
C MET H 136 35.49 2.86 -7.87
N THR H 137 35.20 4.12 -8.16
CA THR H 137 34.84 4.59 -9.49
C THR H 137 35.89 5.57 -9.99
N TYR H 138 36.19 5.50 -11.29
CA TYR H 138 37.20 6.35 -11.91
C TYR H 138 36.56 7.22 -12.98
N SER H 139 37.21 8.34 -13.28
CA SER H 139 36.80 9.26 -14.34
C SER H 139 38.04 9.72 -15.09
N VAL H 140 37.89 9.92 -16.40
CA VAL H 140 39.00 10.29 -17.28
C VAL H 140 38.53 11.41 -18.20
N LYS H 141 39.35 12.45 -18.32
CA LYS H 141 39.11 13.55 -19.24
C LYS H 141 40.28 13.60 -20.24
N LEU H 142 39.95 13.57 -21.52
CA LEU H 142 40.92 13.60 -22.60
C LEU H 142 40.69 14.85 -23.44
N ASP H 143 41.74 15.65 -23.60
CA ASP H 143 41.69 16.85 -24.44
C ASP H 143 42.50 16.58 -25.69
N GLY H 144 41.92 16.85 -26.85
CA GLY H 144 42.57 16.52 -28.11
C GLY H 144 43.48 17.60 -28.66
N MET H 145 44.56 17.20 -29.30
CA MET H 145 45.45 18.12 -29.99
C MET H 145 45.32 17.89 -31.50
N GLY H 146 44.39 18.61 -32.10
CA GLY H 146 44.18 18.55 -33.53
C GLY H 146 42.80 18.03 -33.87
N ALA H 147 42.72 17.43 -35.06
CA ALA H 147 41.44 17.03 -35.63
C ALA H 147 40.90 15.78 -34.97
N LEU H 148 39.60 15.77 -34.71
CA LEU H 148 38.88 14.55 -34.35
C LEU H 148 38.24 13.98 -35.62
N VAL H 149 38.92 13.02 -36.25
CA VAL H 149 38.49 12.50 -37.54
C VAL H 149 37.32 11.57 -37.28
N ASP H 150 36.16 11.91 -37.83
CA ASP H 150 34.98 11.06 -37.72
C ASP H 150 35.11 9.92 -38.71
N LEU H 151 34.71 8.72 -38.29
CA LEU H 151 34.78 7.55 -39.14
C LEU H 151 33.46 7.22 -39.81
N THR H 152 32.42 8.03 -39.58
CA THR H 152 31.13 7.84 -40.24
C THR H 152 31.06 8.46 -41.61
N ILE H 153 31.81 9.53 -41.86
CA ILE H 153 31.89 10.16 -43.17
C ILE H 153 33.10 9.68 -43.96
N THR H 154 34.17 9.30 -43.27
CA THR H 154 35.40 8.86 -43.91
C THR H 154 35.48 7.34 -43.89
N GLU H 155 36.02 6.78 -44.96
CA GLU H 155 36.12 5.34 -45.09
C GLU H 155 37.30 4.81 -44.26
N GLY H 156 37.13 3.63 -43.70
CA GLY H 156 38.17 2.98 -42.95
C GLY H 156 37.95 3.04 -41.45
N GLY H 157 39.01 2.75 -40.71
CA GLY H 157 38.96 2.78 -39.27
C GLY H 157 37.95 1.80 -38.68
N ASP H 158 38.16 0.50 -38.88
CA ASP H 158 37.22 -0.50 -38.40
C ASP H 158 37.91 -1.59 -37.58
N GLN H 159 39.11 -1.33 -37.08
CA GLN H 159 39.80 -2.32 -36.26
C GLN H 159 39.13 -2.41 -34.89
N MET H 160 38.62 -3.60 -34.58
CA MET H 160 37.76 -3.79 -33.41
C MET H 160 38.46 -3.82 -32.06
N PRO H 161 39.36 -4.79 -31.77
CA PRO H 161 39.84 -5.16 -30.43
C PRO H 161 39.63 -4.13 -29.32
N ALA I 15 -26.31 -11.15 -31.85
CA ALA I 15 -24.90 -11.50 -31.69
C ALA I 15 -24.75 -12.69 -30.75
N ALA I 16 -23.68 -12.69 -29.96
CA ALA I 16 -23.42 -13.76 -29.00
C ALA I 16 -23.70 -13.27 -27.59
N LYS I 17 -23.73 -11.94 -27.43
CA LYS I 17 -24.01 -11.25 -26.18
C LYS I 17 -22.89 -11.43 -25.17
N ALA I 18 -21.90 -12.28 -25.50
CA ALA I 18 -20.80 -12.60 -24.59
C ALA I 18 -19.86 -13.55 -25.32
N VAL I 19 -18.66 -13.69 -24.77
CA VAL I 19 -17.68 -14.65 -25.24
C VAL I 19 -17.16 -15.39 -24.01
N ALA I 20 -17.26 -16.72 -24.03
CA ALA I 20 -16.75 -17.52 -22.93
C ALA I 20 -15.24 -17.33 -22.79
N GLY I 21 -14.80 -17.17 -21.55
CA GLY I 21 -13.41 -16.90 -21.27
C GLY I 21 -12.45 -18.03 -21.57
N LYS I 22 -12.94 -19.25 -21.65
CA LYS I 22 -12.07 -20.38 -21.98
C LYS I 22 -11.86 -20.51 -23.46
N ASP I 23 -12.18 -19.48 -24.25
CA ASP I 23 -11.97 -19.50 -25.68
C ASP I 23 -11.02 -18.42 -26.16
N VAL I 24 -10.58 -17.50 -25.31
CA VAL I 24 -9.61 -16.49 -25.66
C VAL I 24 -8.23 -17.00 -25.25
N ILE I 25 -7.34 -17.15 -26.22
CA ILE I 25 -6.03 -17.75 -26.00
C ILE I 25 -4.96 -16.84 -26.58
N LEU I 26 -3.73 -17.06 -26.14
CA LEU I 26 -2.57 -16.31 -26.63
C LEU I 26 -1.69 -17.23 -27.46
N ALA I 27 -1.26 -16.73 -28.61
CA ALA I 27 -0.44 -17.51 -29.54
C ALA I 27 0.82 -16.74 -29.86
N VAL I 28 1.92 -17.48 -30.07
CA VAL I 28 3.23 -16.90 -30.31
C VAL I 28 3.77 -17.46 -31.62
N PHE I 29 4.30 -16.57 -32.45
CA PHE I 29 4.96 -16.99 -33.68
C PHE I 29 6.32 -17.60 -33.35
N ASN I 30 6.62 -18.71 -34.01
CA ASN I 30 7.91 -19.36 -33.78
C ASN I 30 9.04 -18.51 -34.36
N ALA I 31 10.26 -19.01 -34.22
CA ALA I 31 11.44 -18.24 -34.61
C ALA I 31 11.41 -17.91 -36.11
N ALA I 32 11.09 -18.90 -36.94
CA ALA I 32 11.03 -18.65 -38.37
C ALA I 32 9.71 -18.00 -38.77
N GLY I 33 8.72 -18.02 -37.90
CA GLY I 33 7.41 -17.49 -38.20
C GLY I 33 6.49 -18.43 -38.94
N ASP I 34 6.80 -19.72 -39.00
CA ASP I 34 6.02 -20.67 -39.77
C ASP I 34 4.94 -21.36 -38.95
N LYS I 35 5.02 -21.29 -37.63
CA LYS I 35 4.06 -22.01 -36.79
C LYS I 35 3.58 -21.11 -35.68
N LEU I 36 2.27 -20.93 -35.59
CA LEU I 36 1.65 -20.16 -34.52
C LEU I 36 1.35 -21.11 -33.36
N LEU I 37 2.21 -21.10 -32.35
CA LEU I 37 2.07 -22.01 -31.22
C LEU I 37 1.15 -21.40 -30.18
N ALA I 38 0.13 -22.15 -29.80
CA ALA I 38 -0.70 -21.79 -28.65
C ALA I 38 0.09 -22.06 -27.39
N VAL I 39 0.27 -21.03 -26.56
CA VAL I 39 1.06 -21.19 -25.35
C VAL I 39 0.42 -22.24 -24.47
N ALA I 40 1.12 -23.35 -24.28
CA ALA I 40 0.60 -24.49 -23.53
C ALA I 40 0.53 -24.15 -22.05
N GLY I 41 -0.59 -24.51 -21.43
CA GLY I 41 -0.78 -24.29 -20.01
C GLY I 41 -1.51 -23.03 -19.65
N GLN I 42 -2.08 -22.31 -20.62
CA GLN I 42 -2.75 -21.05 -20.37
C GLN I 42 -3.90 -21.21 -19.39
N GLN I 43 -3.93 -20.35 -18.37
CA GLN I 43 -5.03 -20.33 -17.41
C GLN I 43 -5.58 -18.94 -17.17
N GLY I 44 -4.90 -17.89 -17.61
CA GLY I 44 -5.41 -16.55 -17.46
C GLY I 44 -4.79 -15.65 -18.50
N LEU I 45 -5.38 -14.46 -18.68
CA LEU I 45 -4.90 -13.54 -19.70
C LEU I 45 -5.43 -12.15 -19.39
N THR I 46 -4.55 -11.16 -19.52
CA THR I 46 -4.92 -9.77 -19.30
C THR I 46 -4.20 -8.91 -20.32
N VAL I 47 -4.96 -8.09 -21.04
CA VAL I 47 -4.42 -7.18 -22.04
C VAL I 47 -4.73 -5.76 -21.59
N ASN I 48 -3.69 -4.98 -21.33
CA ASN I 48 -3.84 -3.62 -20.88
C ASN I 48 -3.41 -2.64 -21.98
N ARG I 49 -4.27 -1.67 -22.25
CA ARG I 49 -3.99 -0.66 -23.26
C ARG I 49 -4.23 0.69 -22.61
N SER I 50 -3.21 1.54 -22.56
CA SER I 50 -3.29 2.80 -21.84
C SER I 50 -2.80 3.94 -22.73
N LYS I 51 -3.27 5.14 -22.38
CA LYS I 51 -2.85 6.38 -23.02
C LYS I 51 -2.60 7.42 -21.94
N ASP I 52 -1.65 8.32 -22.19
CA ASP I 52 -1.35 9.37 -21.23
C ASP I 52 -2.31 10.53 -21.39
N SER I 53 -2.10 11.57 -20.58
CA SER I 53 -2.95 12.75 -20.58
C SER I 53 -2.09 13.98 -20.33
N ILE I 54 -2.06 14.89 -21.30
CA ILE I 54 -1.29 16.12 -21.17
C ILE I 54 -2.17 17.18 -20.50
N GLU I 55 -1.52 18.12 -19.82
CA GLU I 55 -2.21 19.17 -19.07
C GLU I 55 -2.03 20.49 -19.78
N ILE I 56 -3.14 21.14 -20.14
CA ILE I 56 -3.10 22.35 -20.96
C ILE I 56 -3.92 23.44 -20.29
N THR I 57 -4.01 23.39 -18.97
CA THR I 57 -4.80 24.40 -18.27
C THR I 57 -4.17 25.76 -18.46
N SER I 58 -4.83 26.59 -19.27
CA SER I 58 -4.47 27.98 -19.47
C SER I 58 -5.62 28.80 -18.89
N LYS I 59 -5.34 29.55 -17.84
CA LYS I 59 -6.41 30.15 -17.06
C LYS I 59 -6.83 31.51 -17.56
N ASP I 60 -6.64 31.78 -18.86
CA ASP I 60 -7.31 32.87 -19.55
C ASP I 60 -8.66 32.43 -20.10
N THR I 61 -9.01 31.15 -19.90
CA THR I 61 -10.24 30.57 -20.42
C THR I 61 -11.29 30.51 -19.32
N VAL I 62 -12.49 31.01 -19.65
CA VAL I 62 -13.60 30.97 -18.70
C VAL I 62 -14.02 29.54 -18.46
N GLY I 63 -14.84 29.32 -17.44
CA GLY I 63 -15.24 27.98 -17.11
C GLY I 63 -14.88 27.60 -15.69
N GLY I 64 -13.94 26.68 -15.54
CA GLY I 64 -13.55 26.16 -14.25
C GLY I 64 -13.27 24.68 -14.24
N TRP I 65 -13.14 24.06 -15.41
CA TRP I 65 -12.82 22.65 -15.51
C TRP I 65 -11.50 22.46 -16.23
N LYS I 66 -10.77 21.43 -15.80
CA LYS I 66 -9.39 21.23 -16.19
C LYS I 66 -9.32 20.67 -17.62
N SER I 67 -8.36 21.15 -18.40
CA SER I 67 -8.26 20.81 -19.81
C SER I 67 -7.14 19.82 -20.06
N LYS I 68 -7.42 18.84 -20.91
CA LYS I 68 -6.47 17.77 -21.21
C LYS I 68 -6.55 17.44 -22.69
N ILE I 69 -5.50 16.79 -23.21
CA ILE I 69 -5.55 16.25 -24.56
C ILE I 69 -5.08 14.81 -24.51
N GLY I 70 -5.12 14.13 -25.64
CA GLY I 70 -4.68 12.76 -25.72
C GLY I 70 -3.17 12.68 -25.55
N GLY I 71 -2.73 11.61 -24.90
CA GLY I 71 -1.33 11.45 -24.61
C GLY I 71 -0.63 10.43 -25.49
N MET I 72 0.23 9.63 -24.90
CA MET I 72 0.99 8.63 -25.62
C MET I 72 0.48 7.25 -25.24
N LYS I 73 0.33 6.38 -26.23
CA LYS I 73 -0.30 5.08 -26.03
C LYS I 73 0.75 3.98 -25.89
N GLU I 74 0.47 3.03 -25.02
CA GLU I 74 1.25 1.81 -24.92
C GLU I 74 0.36 0.67 -24.44
N TRP I 75 0.90 -0.54 -24.48
CA TRP I 75 0.11 -1.74 -24.18
C TRP I 75 1.01 -2.82 -23.60
N SER I 76 0.39 -3.76 -22.91
CA SER I 76 1.10 -4.87 -22.28
C SER I 76 0.14 -6.05 -22.12
N ILE I 77 0.71 -7.23 -21.91
CA ILE I 77 -0.05 -8.46 -21.75
C ILE I 77 0.56 -9.26 -20.61
N GLU I 78 -0.28 -9.83 -19.76
CA GLU I 78 0.17 -10.80 -18.76
C GLU I 78 -0.63 -12.09 -18.91
N ASN I 79 0.08 -13.21 -19.04
CA ASN I 79 -0.51 -14.52 -19.21
C ASN I 79 0.10 -15.48 -18.20
N ASP I 80 -0.75 -16.18 -17.46
CA ASP I 80 -0.28 -17.12 -16.45
C ASP I 80 -1.03 -18.43 -16.58
N GLY I 81 -0.44 -19.49 -16.04
CA GLY I 81 -1.09 -20.79 -16.10
C GLY I 81 -0.21 -21.87 -15.53
N LEU I 82 -0.50 -23.10 -15.92
CA LEU I 82 0.35 -24.22 -15.54
C LEU I 82 1.53 -24.34 -16.48
N TYR I 83 2.66 -24.79 -15.93
CA TYR I 83 3.92 -24.81 -16.67
C TYR I 83 4.29 -26.26 -17.00
N VAL I 84 4.52 -26.51 -18.28
CA VAL I 84 5.10 -27.76 -18.75
C VAL I 84 6.36 -27.43 -19.53
N ALA I 85 7.51 -27.94 -19.07
CA ALA I 85 8.79 -27.53 -19.63
C ALA I 85 9.04 -28.10 -21.01
N ASP I 86 8.58 -29.31 -21.30
CA ASP I 86 8.90 -29.95 -22.56
C ASP I 86 8.05 -29.44 -23.72
N ALA I 87 7.03 -28.64 -23.44
CA ALA I 87 6.16 -28.12 -24.49
C ALA I 87 6.94 -27.25 -25.46
N GLU I 88 6.58 -27.33 -26.75
CA GLU I 88 7.27 -26.55 -27.76
C GLU I 88 7.13 -25.05 -27.55
N SER I 89 5.95 -24.58 -27.15
CA SER I 89 5.75 -23.15 -26.93
C SER I 89 6.62 -22.62 -25.80
N HIS I 90 6.90 -23.44 -24.79
CA HIS I 90 7.73 -23.03 -23.67
C HIS I 90 9.21 -23.12 -23.98
N LYS I 91 9.58 -23.79 -25.07
CA LYS I 91 10.96 -23.78 -25.54
C LYS I 91 11.21 -22.65 -26.53
N GLU I 92 10.16 -21.95 -26.95
CA GLU I 92 10.29 -20.77 -27.78
C GLU I 92 10.29 -19.48 -26.97
N LEU I 93 9.44 -19.39 -25.94
CA LEU I 93 9.46 -18.22 -25.08
C LEU I 93 10.81 -18.08 -24.39
N ALA I 94 11.40 -19.20 -23.98
CA ALA I 94 12.72 -19.14 -23.33
C ALA I 94 13.76 -18.57 -24.27
N LYS I 95 13.76 -19.01 -25.53
CA LYS I 95 14.73 -18.48 -26.49
C LYS I 95 14.53 -16.99 -26.72
N TYR I 96 13.28 -16.55 -26.88
CA TYR I 96 13.02 -15.12 -27.06
C TYR I 96 13.46 -14.31 -25.85
N PHE I 97 13.17 -14.81 -24.64
CA PHE I 97 13.58 -14.11 -23.44
C PHE I 97 15.09 -14.02 -23.33
N GLU I 98 15.79 -15.10 -23.66
CA GLU I 98 17.24 -15.11 -23.52
C GLU I 98 17.93 -14.31 -24.62
N SER I 99 17.34 -14.21 -25.80
CA SER I 99 17.99 -13.60 -26.95
C SER I 99 17.67 -12.12 -27.13
N ASP I 100 16.81 -11.55 -26.28
CA ASP I 100 16.41 -10.15 -26.42
C ASP I 100 15.83 -9.86 -27.79
N SER I 101 15.08 -10.81 -28.34
CA SER I 101 14.49 -10.59 -29.65
C SER I 101 13.00 -10.31 -29.53
N PRO I 102 12.43 -9.51 -30.43
CA PRO I 102 11.00 -9.26 -30.39
C PRO I 102 10.22 -10.54 -30.68
N VAL I 103 9.06 -10.67 -30.05
CA VAL I 103 8.20 -11.82 -30.23
C VAL I 103 6.87 -11.36 -30.82
N CYS I 104 6.38 -12.10 -31.81
CA CYS I 104 5.10 -11.79 -32.43
C CYS I 104 3.99 -12.53 -31.70
N VAL I 105 3.08 -11.79 -31.08
CA VAL I 105 2.04 -12.37 -30.25
C VAL I 105 0.68 -12.02 -30.85
N LYS I 106 -0.27 -12.94 -30.69
CA LYS I 106 -1.61 -12.80 -31.25
C LYS I 106 -2.62 -13.31 -30.24
N ILE I 107 -3.82 -12.76 -30.27
CA ILE I 107 -4.88 -13.17 -29.36
C ILE I 107 -6.01 -13.75 -30.18
N ILE I 108 -6.40 -14.99 -29.86
CA ILE I 108 -7.31 -15.77 -30.69
C ILE I 108 -8.58 -16.09 -29.93
N ASN I 109 -9.71 -15.85 -30.59
CA ASN I 109 -10.98 -16.42 -30.18
C ASN I 109 -11.12 -17.75 -30.90
N GLN I 110 -10.52 -18.80 -30.32
CA GLN I 110 -10.41 -20.09 -31.00
C GLN I 110 -11.76 -20.72 -31.29
N ALA I 111 -12.83 -20.28 -30.64
CA ALA I 111 -14.17 -20.77 -30.93
C ALA I 111 -14.81 -20.06 -32.11
N SER I 112 -14.70 -18.73 -32.18
CA SER I 112 -15.24 -17.99 -33.31
C SER I 112 -14.26 -17.87 -34.47
N LYS I 113 -13.06 -18.44 -34.33
CA LYS I 113 -12.07 -18.47 -35.41
C LYS I 113 -11.73 -17.08 -35.92
N LYS I 114 -11.64 -16.13 -34.99
CA LYS I 114 -11.31 -14.75 -35.32
C LYS I 114 -10.20 -14.25 -34.42
N GLY I 115 -9.20 -13.59 -35.02
CA GLY I 115 -8.15 -12.97 -34.23
C GLY I 115 -8.62 -11.64 -33.66
N LEU I 116 -7.97 -11.22 -32.58
CA LEU I 116 -8.31 -9.98 -31.89
C LEU I 116 -7.22 -8.93 -31.96
N PHE I 117 -6.02 -9.24 -31.48
CA PHE I 117 -4.93 -8.27 -31.44
C PHE I 117 -3.62 -8.99 -31.69
N GLY I 118 -2.78 -8.41 -32.54
CA GLY I 118 -1.45 -8.93 -32.77
C GLY I 118 -0.42 -7.82 -32.69
N GLY I 119 0.80 -8.17 -32.30
CA GLY I 119 1.84 -7.16 -32.21
C GLY I 119 3.16 -7.74 -31.78
N LEU I 120 4.19 -6.88 -31.84
CA LEU I 120 5.52 -7.22 -31.37
C LEU I 120 5.66 -6.84 -29.91
N ALA I 121 6.30 -7.71 -29.13
CA ALA I 121 6.48 -7.48 -27.71
C ALA I 121 7.84 -7.98 -27.26
N ILE I 122 8.28 -7.49 -26.11
CA ILE I 122 9.49 -7.98 -25.45
C ILE I 122 9.07 -8.71 -24.18
N VAL I 123 9.71 -9.83 -23.92
CA VAL I 123 9.40 -10.63 -22.74
C VAL I 123 9.99 -9.91 -21.54
N ALA I 124 9.19 -9.07 -20.87
CA ALA I 124 9.71 -8.28 -19.78
C ALA I 124 9.89 -9.11 -18.51
N ASP I 125 8.99 -10.08 -18.31
CA ASP I 125 9.07 -10.93 -17.13
C ASP I 125 8.69 -12.36 -17.52
N TYR I 126 9.44 -13.32 -16.98
CA TYR I 126 9.15 -14.74 -17.16
C TYR I 126 9.43 -15.41 -15.83
N SER I 127 8.41 -15.51 -14.98
CA SER I 127 8.56 -16.02 -13.64
C SER I 127 7.55 -17.13 -13.37
N PHE I 128 7.91 -18.00 -12.44
CA PHE I 128 7.09 -19.16 -12.14
C PHE I 128 7.39 -19.70 -10.74
N GLU I 129 6.35 -20.24 -10.11
CA GLU I 129 6.33 -20.54 -8.69
C GLU I 129 5.75 -21.94 -8.51
N ALA I 130 6.29 -22.69 -7.55
CA ALA I 130 6.00 -24.12 -7.39
C ALA I 130 5.52 -24.43 -5.98
N PRO I 131 4.21 -24.43 -5.74
CA PRO I 131 3.69 -24.77 -4.42
C PRO I 131 3.98 -26.21 -4.05
N PHE I 132 4.01 -26.48 -2.73
CA PHE I 132 4.22 -27.82 -2.22
C PHE I 132 3.06 -28.76 -2.52
N ASP I 133 1.81 -28.29 -2.43
CA ASP I 133 0.65 -29.14 -2.52
C ASP I 133 -0.16 -28.92 -3.79
N GLU I 134 0.46 -28.42 -4.85
CA GLU I 134 -0.28 -28.01 -6.03
C GLU I 134 0.73 -28.13 -7.18
N ALA I 135 0.29 -27.93 -8.42
CA ALA I 135 1.17 -28.10 -9.57
C ALA I 135 1.98 -26.84 -9.81
N MET I 136 3.01 -26.96 -10.64
CA MET I 136 3.93 -25.87 -10.92
C MET I 136 3.32 -24.90 -11.92
N THR I 137 3.23 -23.63 -11.54
CA THR I 137 2.59 -22.60 -12.33
C THR I 137 3.59 -21.54 -12.76
N TYR I 138 3.29 -20.88 -13.89
CA TYR I 138 4.16 -19.90 -14.51
C TYR I 138 3.40 -18.62 -14.83
N SER I 139 4.14 -17.51 -14.88
CA SER I 139 3.60 -16.20 -15.23
C SER I 139 4.52 -15.55 -16.26
N VAL I 140 3.93 -14.82 -17.21
CA VAL I 140 4.65 -14.18 -18.30
C VAL I 140 4.10 -12.78 -18.47
N LYS I 141 5.00 -11.81 -18.64
CA LYS I 141 4.61 -10.44 -18.98
C LYS I 141 5.31 -10.03 -20.27
N LEU I 142 4.53 -9.54 -21.21
CA LEU I 142 5.02 -9.05 -22.50
C LEU I 142 4.74 -7.56 -22.59
N ASP I 143 5.79 -6.78 -22.75
CA ASP I 143 5.67 -5.33 -22.87
C ASP I 143 5.70 -4.96 -24.34
N GLY I 144 4.73 -4.15 -24.76
CA GLY I 144 4.57 -3.82 -26.16
C GLY I 144 5.69 -3.00 -26.77
N MET I 145 6.22 -3.46 -27.89
CA MET I 145 7.15 -2.68 -28.71
C MET I 145 6.37 -2.16 -29.92
N GLY I 146 5.69 -1.04 -29.73
CA GLY I 146 5.00 -0.38 -30.82
C GLY I 146 3.51 -0.67 -30.80
N ALA I 147 2.92 -0.65 -31.99
CA ALA I 147 1.47 -0.67 -32.14
C ALA I 147 0.89 -2.04 -31.80
N LEU I 148 -0.19 -2.04 -31.02
CA LEU I 148 -1.05 -3.21 -30.88
C LEU I 148 -2.16 -3.13 -31.92
N VAL I 149 -2.01 -3.85 -33.03
CA VAL I 149 -2.95 -3.80 -34.13
C VAL I 149 -4.21 -4.55 -33.70
N ASP I 150 -5.35 -3.90 -33.79
CA ASP I 150 -6.63 -4.53 -33.49
C ASP I 150 -7.12 -5.26 -34.72
N LEU I 151 -7.43 -6.54 -34.58
CA LEU I 151 -7.87 -7.37 -35.70
C LEU I 151 -9.38 -7.41 -35.85
N THR I 152 -10.13 -6.75 -34.97
CA THR I 152 -11.58 -6.73 -35.08
C THR I 152 -12.10 -5.63 -36.00
N ILE I 153 -11.40 -4.50 -36.09
CA ILE I 153 -11.76 -3.41 -36.98
C ILE I 153 -10.86 -3.38 -38.21
N THR I 154 -9.98 -4.36 -38.37
CA THR I 154 -9.11 -4.46 -39.52
C THR I 154 -9.33 -5.81 -40.20
N GLU I 155 -9.23 -5.81 -41.52
CA GLU I 155 -9.50 -7.01 -42.30
C GLU I 155 -8.29 -7.95 -42.26
N GLY I 156 -8.55 -9.24 -42.11
CA GLY I 156 -7.51 -10.25 -42.14
C GLY I 156 -7.11 -10.71 -40.75
N GLY I 157 -5.96 -11.40 -40.70
CA GLY I 157 -5.43 -11.88 -39.45
C GLY I 157 -6.26 -12.95 -38.79
N ASP I 158 -6.33 -14.14 -39.39
CA ASP I 158 -7.12 -15.23 -38.85
C ASP I 158 -6.41 -16.59 -38.94
N GLN I 159 -5.09 -16.61 -38.84
CA GLN I 159 -4.39 -17.88 -38.81
C GLN I 159 -4.51 -18.53 -37.44
N MET I 160 -5.23 -19.63 -37.39
CA MET I 160 -5.68 -20.25 -36.15
C MET I 160 -4.58 -20.89 -35.30
N PRO I 161 -3.85 -21.93 -35.80
CA PRO I 161 -3.05 -22.86 -35.00
C PRO I 161 -2.56 -22.34 -33.65
N MET J 1 -41.45 1.22 8.38
CA MET J 1 -42.68 0.55 8.00
C MET J 1 -42.61 -0.87 8.53
N LYS J 2 -43.67 -1.30 9.21
CA LYS J 2 -43.66 -2.57 9.91
C LYS J 2 -43.59 -3.74 8.93
N SER J 3 -42.85 -4.78 9.34
CA SER J 3 -42.66 -5.95 8.50
C SER J 3 -44.00 -6.61 8.17
N LEU J 4 -44.11 -7.06 6.92
CA LEU J 4 -45.35 -7.69 6.45
C LEU J 4 -45.38 -9.14 6.87
N SER J 5 -46.47 -9.57 7.49
CA SER J 5 -46.61 -10.96 7.88
C SER J 5 -46.84 -11.84 6.67
N PHE J 6 -46.58 -13.14 6.84
CA PHE J 6 -46.76 -14.07 5.74
C PHE J 6 -48.20 -14.17 5.28
N MET J 7 -49.15 -13.81 6.17
CA MET J 7 -50.56 -13.94 5.83
C MET J 7 -50.95 -13.03 4.67
N ARG J 8 -50.44 -11.79 4.67
CA ARG J 8 -50.72 -10.90 3.54
C ARG J 8 -50.12 -11.42 2.25
N VAL J 9 -48.92 -11.98 2.31
CA VAL J 9 -48.33 -12.58 1.12
C VAL J 9 -49.21 -13.71 0.59
N LEU J 10 -49.72 -14.55 1.51
CA LEU J 10 -50.58 -15.65 1.11
C LEU J 10 -51.87 -15.14 0.46
N GLU J 11 -52.48 -14.12 1.05
CA GLU J 11 -53.69 -13.55 0.47
C GLU J 11 -53.41 -12.97 -0.92
N ALA J 12 -52.29 -12.25 -1.06
CA ALA J 12 -51.95 -11.66 -2.34
C ALA J 12 -51.73 -12.72 -3.41
N VAL J 13 -51.00 -13.79 -3.09
CA VAL J 13 -50.72 -14.80 -4.10
C VAL J 13 -51.99 -15.57 -4.45
N ARG J 14 -52.85 -15.83 -3.46
CA ARG J 14 -54.11 -16.48 -3.75
C ARG J 14 -54.96 -15.63 -4.69
N THR J 15 -55.03 -14.33 -4.42
CA THR J 15 -55.83 -13.45 -5.28
C THR J 15 -55.26 -13.40 -6.69
N MET J 16 -53.93 -13.29 -6.82
CA MET J 16 -53.32 -13.27 -8.14
C MET J 16 -53.63 -14.55 -8.89
N LEU J 17 -53.43 -15.70 -8.23
CA LEU J 17 -53.71 -16.98 -8.87
C LEU J 17 -55.15 -17.08 -9.33
N GLN J 18 -56.10 -16.80 -8.44
CA GLN J 18 -57.51 -16.96 -8.80
C GLN J 18 -57.92 -15.98 -9.89
N GLU J 19 -57.38 -14.76 -9.86
CA GLU J 19 -57.77 -13.76 -10.86
C GLU J 19 -57.17 -14.05 -12.24
N LYS J 20 -55.88 -14.35 -12.31
CA LYS J 20 -55.22 -14.50 -13.61
C LYS J 20 -55.27 -15.91 -14.16
N GLY J 21 -55.67 -16.90 -13.37
CA GLY J 21 -55.71 -18.26 -13.88
C GLY J 21 -57.02 -18.99 -13.62
N GLY J 22 -57.93 -18.33 -12.92
CA GLY J 22 -59.16 -19.00 -12.52
C GLY J 22 -58.94 -20.17 -11.61
N LEU J 23 -57.81 -20.21 -10.91
CA LEU J 23 -57.44 -21.35 -10.08
C LEU J 23 -58.04 -21.20 -8.69
N ASP J 24 -58.78 -22.21 -8.26
CA ASP J 24 -59.27 -22.28 -6.88
C ASP J 24 -58.16 -22.89 -6.03
N VAL J 25 -57.50 -22.04 -5.24
CA VAL J 25 -56.33 -22.46 -4.47
C VAL J 25 -56.60 -22.17 -2.99
N SER J 26 -56.31 -23.15 -2.15
CA SER J 26 -56.53 -23.04 -0.72
C SER J 26 -55.22 -22.70 -0.02
N ILE J 27 -55.32 -22.02 1.12
CA ILE J 27 -54.15 -21.55 1.85
C ILE J 27 -53.86 -22.50 3.01
N VAL J 28 -54.90 -23.00 3.65
CA VAL J 28 -54.76 -23.94 4.75
C VAL J 28 -53.98 -25.16 4.26
N MET J 29 -52.96 -25.56 5.01
CA MET J 29 -52.18 -26.72 4.63
C MET J 29 -52.67 -27.97 5.37
N ARG J 30 -52.75 -29.07 4.64
CA ARG J 30 -53.25 -30.34 5.13
C ARG J 30 -52.13 -31.39 5.03
N ASN J 31 -52.35 -32.58 5.58
CA ASN J 31 -51.35 -33.63 5.46
C ASN J 31 -51.85 -34.79 4.62
N GLN J 32 -53.00 -35.36 5.00
CA GLN J 32 -53.57 -36.49 4.27
C GLN J 32 -54.78 -35.95 3.52
N VAL J 33 -54.69 -35.94 2.19
CA VAL J 33 -55.73 -35.35 1.36
C VAL J 33 -56.20 -36.34 0.31
N GLU J 34 -57.21 -35.94 -0.46
CA GLU J 34 -57.74 -36.77 -1.54
C GLU J 34 -58.28 -35.83 -2.61
N MET J 35 -58.43 -36.37 -3.83
CA MET J 35 -58.95 -35.76 -5.06
C MET J 35 -58.05 -34.62 -5.52
N PRO J 36 -57.98 -34.37 -6.83
CA PRO J 36 -57.04 -33.35 -7.32
C PRO J 36 -57.36 -31.96 -6.77
N THR J 37 -56.30 -31.19 -6.55
CA THR J 37 -56.43 -29.85 -5.99
C THR J 37 -55.13 -29.07 -6.12
N THR J 38 -55.10 -27.86 -5.56
CA THR J 38 -53.90 -27.03 -5.51
C THR J 38 -53.85 -26.33 -4.16
N MET J 39 -52.70 -26.39 -3.50
CA MET J 39 -52.59 -25.88 -2.14
C MET J 39 -51.29 -25.11 -1.99
N ILE J 40 -51.32 -24.11 -1.11
CA ILE J 40 -50.16 -23.26 -0.83
C ILE J 40 -49.72 -23.49 0.60
N GLU J 41 -48.42 -23.68 0.80
CA GLU J 41 -47.83 -23.83 2.12
C GLU J 41 -46.78 -22.76 2.33
N MET J 42 -46.91 -22.01 3.42
CA MET J 42 -45.86 -21.08 3.82
C MET J 42 -44.77 -21.85 4.55
N ILE J 43 -43.55 -21.81 4.03
CA ILE J 43 -42.41 -22.46 4.66
C ILE J 43 -41.83 -21.60 5.76
N ASP J 44 -41.31 -20.42 5.41
CA ASP J 44 -40.66 -19.57 6.40
C ASP J 44 -40.48 -18.17 5.84
N GLN J 45 -39.91 -17.29 6.68
CA GLN J 45 -39.69 -15.90 6.32
C GLN J 45 -38.48 -15.40 7.10
N GLU J 46 -37.55 -14.74 6.42
CA GLU J 46 -36.34 -14.25 7.07
C GLU J 46 -35.91 -12.93 6.44
N GLU J 47 -34.83 -12.37 6.97
CA GLU J 47 -34.33 -11.07 6.53
C GLU J 47 -33.08 -11.28 5.69
N GLU J 48 -33.13 -10.82 4.43
CA GLU J 48 -31.94 -10.85 3.59
C GLU J 48 -31.01 -9.70 3.97
N GLU J 49 -29.77 -9.79 3.48
CA GLU J 49 -28.73 -8.82 3.82
C GLU J 49 -28.52 -7.86 2.66
N SER J 50 -28.79 -6.58 2.90
CA SER J 50 -28.57 -5.55 1.89
C SER J 50 -28.53 -4.20 2.63
N GLN J 51 -27.40 -3.52 2.56
CA GLN J 51 -27.26 -2.24 3.23
C GLN J 51 -27.78 -1.10 2.35
N THR J 52 -28.94 -1.31 1.73
CA THR J 52 -29.58 -0.27 0.94
C THR J 52 -31.05 -0.12 1.30
N ALA J 53 -31.66 -1.20 1.78
CA ALA J 53 -33.09 -1.21 2.00
C ALA J 53 -33.48 -2.33 2.97
N TRP J 54 -34.58 -2.12 3.68
CA TRP J 54 -35.15 -3.17 4.50
C TRP J 54 -35.85 -4.18 3.60
N LYS J 55 -35.31 -5.40 3.55
CA LYS J 55 -35.75 -6.39 2.58
C LYS J 55 -35.93 -7.73 3.27
N GLU J 56 -36.99 -8.45 2.90
CA GLU J 56 -37.34 -9.72 3.53
C GLU J 56 -37.60 -10.77 2.46
N LYS J 57 -37.16 -12.00 2.74
CA LYS J 57 -37.33 -13.13 1.85
C LYS J 57 -38.39 -14.06 2.44
N TYR J 58 -39.44 -14.32 1.66
CA TYR J 58 -40.52 -15.21 2.04
C TYR J 58 -40.41 -16.48 1.20
N ARG J 59 -40.27 -17.63 1.85
CA ARG J 59 -40.24 -18.91 1.16
C ARG J 59 -41.56 -19.62 1.42
N PHE J 60 -42.28 -19.93 0.35
CA PHE J 60 -43.53 -20.68 0.42
C PHE J 60 -43.48 -21.83 -0.57
N ALA J 61 -44.51 -22.66 -0.55
CA ALA J 61 -44.58 -23.84 -1.38
C ALA J 61 -45.93 -23.92 -2.05
N ILE J 62 -45.96 -24.58 -3.22
CA ILE J 62 -47.18 -24.86 -3.95
C ILE J 62 -47.28 -26.36 -4.12
N HIS J 63 -48.32 -26.95 -3.55
CA HIS J 63 -48.61 -28.37 -3.72
C HIS J 63 -49.75 -28.53 -4.71
N HIS J 64 -49.47 -29.22 -5.81
CA HIS J 64 -50.48 -29.50 -6.82
C HIS J 64 -50.69 -31.00 -6.88
N TYR J 65 -51.89 -31.45 -6.54
CA TYR J 65 -52.23 -32.86 -6.51
C TYR J 65 -53.19 -33.15 -7.64
N THR J 66 -52.98 -34.26 -8.35
CA THR J 66 -53.85 -34.57 -9.47
C THR J 66 -53.67 -36.04 -9.83
N ASN J 67 -54.78 -36.68 -10.22
CA ASN J 67 -54.77 -38.08 -10.62
C ASN J 67 -54.04 -38.32 -11.94
N GLU J 68 -53.66 -37.26 -12.65
CA GLU J 68 -53.04 -37.35 -13.96
C GLU J 68 -51.79 -36.49 -13.95
N GLN J 69 -50.81 -36.85 -14.78
CA GLN J 69 -49.65 -35.98 -14.95
C GLN J 69 -50.05 -34.74 -15.74
N ASP J 70 -50.19 -33.61 -15.04
CA ASP J 70 -50.64 -32.37 -15.68
C ASP J 70 -49.49 -31.39 -15.86
N LEU J 71 -48.87 -31.43 -17.04
CA LEU J 71 -47.74 -30.55 -17.32
C LEU J 71 -48.19 -29.10 -17.42
N ALA J 72 -49.31 -28.87 -18.12
CA ALA J 72 -49.76 -27.51 -18.39
C ALA J 72 -50.06 -26.76 -17.11
N GLY J 73 -50.69 -27.43 -16.13
CA GLY J 73 -51.05 -26.74 -14.90
C GLY J 73 -49.85 -26.27 -14.11
N VAL J 74 -48.86 -27.15 -13.93
CA VAL J 74 -47.68 -26.75 -13.17
C VAL J 74 -46.89 -25.69 -13.92
N GLU J 75 -46.81 -25.80 -15.25
CA GLU J 75 -46.12 -24.76 -16.01
C GLU J 75 -46.84 -23.42 -15.91
N LYS J 76 -48.17 -23.45 -15.93
CA LYS J 76 -48.94 -22.21 -15.81
C LYS J 76 -48.76 -21.57 -14.45
N ILE J 77 -48.77 -22.38 -13.38
CA ILE J 77 -48.53 -21.85 -12.05
C ILE J 77 -47.13 -21.27 -11.96
N ASP J 78 -46.15 -21.97 -12.53
CA ASP J 78 -44.78 -21.45 -12.60
C ASP J 78 -44.76 -20.08 -13.27
N THR J 79 -45.39 -19.95 -14.43
CA THR J 79 -45.38 -18.69 -15.16
C THR J 79 -46.05 -17.59 -14.34
N LEU J 80 -47.21 -17.90 -13.74
CA LEU J 80 -47.95 -16.87 -13.01
C LEU J 80 -47.19 -16.40 -11.78
N ILE J 81 -46.59 -17.31 -11.03
CA ILE J 81 -45.84 -16.91 -9.84
C ILE J 81 -44.58 -16.16 -10.22
N GLN J 82 -43.85 -16.65 -11.23
CA GLN J 82 -42.63 -15.97 -11.63
C GLN J 82 -42.91 -14.62 -12.27
N MET J 83 -44.12 -14.41 -12.79
CA MET J 83 -44.48 -13.12 -13.35
C MET J 83 -44.54 -12.04 -12.28
N GLY J 84 -45.03 -12.37 -11.09
CA GLY J 84 -45.19 -11.39 -10.04
C GLY J 84 -46.65 -11.08 -9.75
N PHE J 85 -46.88 -10.48 -8.59
CA PHE J 85 -48.23 -10.21 -8.10
C PHE J 85 -48.26 -8.86 -7.43
N ILE J 86 -49.46 -8.47 -7.01
CA ILE J 86 -49.66 -7.18 -6.36
C ILE J 86 -49.59 -7.34 -4.85
N LEU J 87 -49.06 -6.33 -4.17
CA LEU J 87 -48.93 -6.30 -2.74
C LEU J 87 -49.69 -5.13 -2.15
N PRO J 88 -49.99 -5.16 -0.86
CA PRO J 88 -50.57 -3.98 -0.20
C PRO J 88 -49.61 -2.80 -0.29
N GLU J 89 -50.18 -1.60 -0.27
CA GLU J 89 -49.42 -0.38 -0.50
C GLU J 89 -48.27 -0.26 0.49
N GLY J 90 -47.11 0.18 -0.01
CA GLY J 90 -45.93 0.35 0.80
C GLY J 90 -44.90 -0.76 0.68
N TYR J 91 -45.12 -1.75 -0.17
CA TYR J 91 -44.22 -2.86 -0.34
C TYR J 91 -43.89 -3.04 -1.82
N LYS J 92 -42.65 -3.44 -2.11
CA LYS J 92 -42.20 -3.64 -3.47
C LYS J 92 -41.72 -5.07 -3.66
N LEU J 93 -42.30 -5.77 -4.63
CA LEU J 93 -41.83 -7.10 -4.98
C LEU J 93 -40.63 -7.00 -5.91
N VAL J 94 -39.46 -7.42 -5.44
CA VAL J 94 -38.22 -7.26 -6.19
C VAL J 94 -37.90 -8.51 -7.00
N ALA J 95 -37.92 -9.68 -6.38
CA ALA J 95 -37.43 -10.88 -7.06
C ALA J 95 -38.23 -12.09 -6.62
N VAL J 96 -38.53 -12.95 -7.59
CA VAL J 96 -39.17 -14.23 -7.35
C VAL J 96 -38.28 -15.32 -7.92
N ARG J 97 -37.73 -16.16 -7.04
CA ARG J 97 -36.76 -17.16 -7.46
C ARG J 97 -37.14 -18.51 -6.89
N HIS J 98 -36.72 -19.56 -7.59
CA HIS J 98 -36.89 -20.92 -7.08
C HIS J 98 -35.84 -21.22 -6.03
N CYS J 99 -36.24 -21.94 -4.99
CA CYS J 99 -35.33 -22.33 -3.93
C CYS J 99 -35.91 -23.54 -3.20
N GLY J 100 -35.07 -24.22 -2.45
CA GLY J 100 -35.57 -25.36 -1.72
C GLY J 100 -35.91 -26.53 -2.62
N LYS J 101 -36.75 -27.42 -2.08
CA LYS J 101 -37.07 -28.67 -2.75
C LYS J 101 -38.05 -28.44 -3.90
N GLN J 102 -37.71 -28.98 -5.07
CA GLN J 102 -38.63 -29.12 -6.18
C GLN J 102 -38.83 -30.61 -6.42
N ASN J 103 -40.08 -31.07 -6.35
CA ASN J 103 -40.33 -32.50 -6.30
C ASN J 103 -41.53 -32.88 -7.15
N LEU J 104 -41.50 -34.10 -7.67
CA LEU J 104 -42.62 -34.71 -8.38
C LEU J 104 -42.68 -36.18 -7.98
N VAL J 105 -43.56 -36.50 -7.03
CA VAL J 105 -43.69 -37.84 -6.49
C VAL J 105 -45.10 -38.33 -6.78
N LYS J 106 -45.32 -39.61 -6.58
CA LYS J 106 -46.66 -40.17 -6.60
C LYS J 106 -46.96 -40.71 -5.21
N GLU J 107 -48.09 -40.34 -4.66
CA GLU J 107 -48.57 -40.88 -3.39
C GLU J 107 -49.86 -41.62 -3.64
N ASN J 108 -50.26 -42.43 -2.66
CA ASN J 108 -51.51 -43.21 -2.67
C ASN J 108 -52.02 -43.51 -4.08
N THR J 109 -52.98 -42.72 -4.58
CA THR J 109 -53.54 -42.93 -5.91
C THR J 109 -53.51 -41.66 -6.75
N LEU J 110 -52.55 -40.77 -6.51
CA LEU J 110 -52.46 -39.52 -7.27
C LEU J 110 -51.04 -38.97 -7.24
N ILE J 111 -50.72 -38.15 -8.24
CA ILE J 111 -49.40 -37.53 -8.34
C ILE J 111 -49.39 -36.19 -7.62
N HIS J 112 -48.31 -35.96 -6.87
CA HIS J 112 -48.10 -34.76 -6.06
C HIS J 112 -46.87 -34.05 -6.61
N ALA J 113 -47.05 -32.81 -7.04
CA ALA J 113 -45.96 -31.95 -7.49
C ALA J 113 -45.78 -30.83 -6.48
N LYS J 114 -44.56 -30.65 -5.99
CA LYS J 114 -44.23 -29.64 -5.01
C LYS J 114 -43.26 -28.65 -5.63
N THR J 115 -43.64 -27.37 -5.65
CA THR J 115 -42.82 -26.32 -6.24
C THR J 115 -42.63 -25.22 -5.22
N SER J 116 -41.39 -24.99 -4.80
CA SER J 116 -41.09 -24.04 -3.74
C SER J 116 -40.57 -22.74 -4.32
N PHE J 117 -41.12 -21.63 -3.83
CA PHE J 117 -40.76 -20.30 -4.31
C PHE J 117 -40.19 -19.47 -3.18
N GLU J 118 -39.28 -18.58 -3.54
CA GLU J 118 -38.68 -17.61 -2.64
C GLU J 118 -38.82 -16.23 -3.25
N VAL J 119 -39.54 -15.34 -2.57
CA VAL J 119 -39.88 -14.03 -3.09
C VAL J 119 -39.26 -12.97 -2.19
N SER J 120 -38.73 -11.92 -2.80
CA SER J 120 -38.10 -10.82 -2.08
C SER J 120 -39.02 -9.61 -2.07
N ILE J 121 -39.25 -9.05 -0.89
CA ILE J 121 -40.11 -7.89 -0.73
C ILE J 121 -39.37 -6.83 0.06
N CYS J 122 -39.33 -5.61 -0.47
CA CYS J 122 -38.70 -4.47 0.16
C CYS J 122 -39.77 -3.60 0.80
N ARG J 123 -39.57 -3.23 2.05
CA ARG J 123 -40.53 -2.40 2.77
C ARG J 123 -40.07 -0.95 2.95
N GLU J 124 -38.78 -0.72 3.21
CA GLU J 124 -38.26 0.63 3.34
C GLU J 124 -36.77 0.62 3.05
N LEU J 125 -36.23 1.79 2.75
CA LEU J 125 -34.82 1.94 2.45
C LEU J 125 -34.03 2.22 3.72
N LYS J 126 -32.85 1.62 3.84
CA LYS J 126 -32.02 1.77 5.03
C LYS J 126 -31.20 3.04 4.91
N VAL J 127 -31.81 4.19 5.18
CA VAL J 127 -31.12 5.47 5.20
C VAL J 127 -31.62 6.25 6.42
N LYS J 128 -30.68 6.90 7.12
CA LYS J 128 -31.08 7.83 8.16
C LYS J 128 -31.62 9.10 7.48
N ILE J 129 -32.64 9.70 8.08
CA ILE J 129 -33.45 10.78 7.49
C ILE J 129 -33.56 10.67 5.97
N ALA K 2 -21.37 13.95 -30.53
CA ALA K 2 -21.09 15.08 -31.41
C ALA K 2 -22.38 15.79 -31.78
N PHE K 3 -23.38 15.73 -30.90
CA PHE K 3 -24.67 16.31 -31.19
C PHE K 3 -25.46 16.62 -29.92
N GLU K 4 -26.77 16.80 -30.07
CA GLU K 4 -27.64 17.48 -29.10
C GLU K 4 -27.34 18.98 -29.13
N GLU K 5 -27.14 19.50 -30.33
CA GLU K 5 -26.92 20.92 -30.58
C GLU K 5 -25.69 21.41 -29.83
N ASN K 6 -24.75 20.49 -29.63
CA ASN K 6 -23.54 20.74 -28.87
C ASN K 6 -23.87 21.31 -27.51
N LEU K 7 -24.91 20.78 -26.87
CA LEU K 7 -25.33 21.24 -25.56
C LEU K 7 -24.28 21.03 -24.48
N TYR K 8 -23.62 19.86 -24.48
CA TYR K 8 -22.52 19.61 -23.57
C TYR K 8 -21.21 19.32 -24.27
N CYS K 9 -21.24 18.81 -25.49
CA CYS K 9 -20.03 18.49 -26.26
C CYS K 9 -19.85 19.57 -27.31
N ASP K 10 -18.86 20.44 -27.11
CA ASP K 10 -18.59 21.55 -28.01
C ASP K 10 -17.48 21.11 -28.96
N TYR K 11 -17.86 20.72 -30.17
CA TYR K 11 -16.91 20.29 -31.19
C TYR K 11 -16.53 21.41 -32.16
N THR K 12 -17.00 22.63 -31.92
CA THR K 12 -16.72 23.74 -32.82
C THR K 12 -15.22 24.06 -32.81
N PRO K 13 -14.55 24.02 -33.97
CA PRO K 13 -13.15 24.45 -34.03
C PRO K 13 -13.07 25.96 -34.19
N GLY K 14 -12.53 26.63 -33.17
CA GLY K 14 -12.37 28.07 -33.22
C GLY K 14 -10.94 28.48 -32.98
N ALA K 15 -10.14 27.54 -32.48
CA ALA K 15 -8.71 27.74 -32.26
C ALA K 15 -8.06 26.39 -32.02
N ALA K 16 -6.78 26.40 -31.65
CA ALA K 16 -6.09 25.16 -31.33
C ALA K 16 -5.93 25.02 -29.82
N LYS K 17 -5.73 26.15 -29.15
CA LYS K 17 -5.62 26.23 -27.70
C LYS K 17 -4.35 25.55 -27.19
N ALA K 18 -3.60 24.91 -28.10
CA ALA K 18 -2.37 24.21 -27.80
C ALA K 18 -1.79 23.68 -29.09
N VAL K 19 -0.49 23.41 -29.07
CA VAL K 19 0.19 22.70 -30.13
C VAL K 19 1.10 21.68 -29.44
N ALA K 20 0.72 20.41 -29.49
CA ALA K 20 1.50 19.37 -28.83
C ALA K 20 2.91 19.35 -29.38
N GLY K 21 3.88 19.24 -28.48
CA GLY K 21 5.28 19.32 -28.83
C GLY K 21 5.76 18.27 -29.80
N LYS K 22 5.00 17.19 -29.98
CA LYS K 22 5.33 16.16 -30.94
C LYS K 22 5.05 16.58 -32.35
N ASP K 23 4.74 17.85 -32.59
CA ASP K 23 4.44 18.34 -33.93
C ASP K 23 5.42 19.37 -34.45
N VAL K 24 6.32 19.88 -33.63
CA VAL K 24 7.29 20.90 -34.04
C VAL K 24 8.62 20.20 -34.26
N ILE K 25 9.12 20.25 -35.49
CA ILE K 25 10.33 19.54 -35.89
C ILE K 25 11.31 20.54 -36.48
N LEU K 26 12.59 20.17 -36.44
CA LEU K 26 13.65 20.94 -37.08
C LEU K 26 14.04 20.27 -38.39
N ALA K 27 14.11 21.07 -39.46
CA ALA K 27 14.43 20.57 -40.79
C ALA K 27 15.68 21.29 -41.29
N VAL K 28 16.52 20.55 -42.00
CA VAL K 28 17.82 21.04 -42.44
C VAL K 28 17.93 20.87 -43.95
N PHE K 29 18.39 21.92 -44.62
CA PHE K 29 18.61 21.85 -46.05
C PHE K 29 19.90 21.09 -46.36
N ASN K 30 19.84 20.25 -47.38
CA ASN K 30 21.02 19.51 -47.79
C ASN K 30 22.00 20.43 -48.49
N ALA K 31 23.13 19.86 -48.92
CA ALA K 31 24.17 20.65 -49.57
C ALA K 31 23.65 21.30 -50.85
N ALA K 32 22.91 20.53 -51.66
CA ALA K 32 22.38 21.07 -52.90
C ALA K 32 21.24 22.05 -52.64
N GLY K 33 20.59 21.94 -51.48
CA GLY K 33 19.46 22.77 -51.16
C GLY K 33 18.15 22.31 -51.75
N ASP K 34 18.08 21.08 -52.26
CA ASP K 34 16.88 20.56 -52.88
C ASP K 34 16.11 19.58 -52.00
N LYS K 35 16.71 19.12 -50.92
CA LYS K 35 16.03 18.17 -50.03
C LYS K 35 16.05 18.71 -48.61
N LEU K 36 14.88 18.77 -48.00
CA LEU K 36 14.75 19.16 -46.60
C LEU K 36 14.69 17.89 -45.77
N LEU K 37 15.69 17.66 -44.93
CA LEU K 37 15.76 16.47 -44.12
C LEU K 37 15.34 16.78 -42.69
N ALA K 38 14.47 15.96 -42.14
CA ALA K 38 14.10 16.05 -40.74
C ALA K 38 15.15 15.33 -39.90
N VAL K 39 15.74 16.06 -38.94
CA VAL K 39 16.78 15.46 -38.12
C VAL K 39 16.20 14.28 -37.34
N ALA K 40 16.70 13.09 -37.62
CA ALA K 40 16.16 11.86 -37.08
C ALA K 40 16.42 11.79 -35.59
N GLY K 41 15.47 11.22 -34.86
CA GLY K 41 15.59 11.01 -33.43
C GLY K 41 15.30 12.23 -32.58
N GLN K 42 14.76 13.29 -33.17
CA GLN K 42 14.49 14.51 -32.42
C GLN K 42 13.61 14.25 -31.21
N GLN K 43 14.02 14.80 -30.06
CA GLN K 43 13.28 14.64 -28.82
C GLN K 43 13.12 15.93 -28.03
N GLY K 44 13.84 16.99 -28.37
CA GLY K 44 13.72 18.25 -27.66
C GLY K 44 14.19 19.39 -28.51
N LEU K 45 13.52 20.54 -28.37
CA LEU K 45 13.83 21.70 -29.19
C LEU K 45 13.60 22.96 -28.38
N THR K 46 14.50 23.94 -28.56
CA THR K 46 14.41 25.23 -27.90
C THR K 46 14.89 26.29 -28.87
N VAL K 47 14.14 27.38 -28.98
CA VAL K 47 14.51 28.50 -29.84
C VAL K 47 14.69 29.72 -28.94
N ASN K 48 15.88 30.31 -28.96
CA ASN K 48 16.18 31.48 -28.15
C ASN K 48 16.32 32.70 -29.04
N ARG K 49 15.63 33.77 -28.67
CA ARG K 49 15.71 35.03 -29.41
C ARG K 49 15.90 36.13 -28.38
N SER K 50 17.03 36.84 -28.46
CA SER K 50 17.40 37.81 -27.45
C SER K 50 17.70 39.15 -28.10
N LYS K 51 17.47 40.21 -27.33
CA LYS K 51 17.70 41.58 -27.73
C LYS K 51 18.45 42.30 -26.62
N ASP K 52 19.47 43.07 -26.99
CA ASP K 52 20.20 43.84 -26.01
C ASP K 52 19.43 45.11 -25.61
N SER K 53 19.81 45.67 -24.47
CA SER K 53 19.13 46.84 -23.93
C SER K 53 20.18 47.91 -23.66
N ILE K 54 20.12 49.00 -24.41
CA ILE K 54 21.02 50.13 -24.20
C ILE K 54 20.34 51.14 -23.29
N GLU K 55 21.06 51.55 -22.24
CA GLU K 55 20.52 52.48 -21.25
C GLU K 55 20.90 53.89 -21.67
N ILE K 56 19.94 54.82 -21.56
CA ILE K 56 20.17 56.20 -21.93
C ILE K 56 19.81 57.11 -20.74
N THR K 57 19.92 56.58 -19.53
CA THR K 57 19.51 57.32 -18.35
C THR K 57 20.23 58.66 -18.27
N SER K 58 19.47 59.73 -18.40
CA SER K 58 19.98 61.10 -18.33
C SER K 58 19.62 61.66 -16.96
N LYS K 59 20.61 62.25 -16.30
CA LYS K 59 20.43 62.77 -14.95
C LYS K 59 19.61 64.06 -14.90
N ASP K 60 19.01 64.47 -16.02
CA ASP K 60 18.14 65.64 -16.04
C ASP K 60 16.73 65.32 -16.51
N THR K 61 16.19 64.17 -16.12
CA THR K 61 14.83 63.78 -16.47
C THR K 61 13.97 63.67 -15.22
N VAL K 62 12.80 64.30 -15.26
CA VAL K 62 11.83 64.15 -14.18
C VAL K 62 11.33 62.72 -14.16
N GLY K 63 10.78 62.30 -13.01
CA GLY K 63 10.45 60.90 -12.88
C GLY K 63 11.16 60.24 -11.73
N GLY K 64 12.13 59.40 -12.04
CA GLY K 64 12.76 58.52 -11.08
C GLY K 64 12.88 57.09 -11.54
N TRP K 65 12.81 56.84 -12.84
CA TRP K 65 12.94 55.51 -13.40
C TRP K 65 14.03 55.49 -14.45
N LYS K 66 14.58 54.30 -14.70
CA LYS K 66 15.74 54.13 -15.55
C LYS K 66 15.30 53.99 -17.00
N SER K 67 16.00 54.68 -17.90
CA SER K 67 15.64 54.72 -19.31
C SER K 67 16.51 53.77 -20.12
N LYS K 68 15.84 53.01 -21.00
CA LYS K 68 16.51 52.01 -21.81
C LYS K 68 15.89 52.00 -23.20
N ILE K 69 16.65 51.51 -24.17
CA ILE K 69 16.13 51.34 -25.52
C ILE K 69 16.47 49.94 -26.01
N GLY K 70 15.98 49.59 -27.19
CA GLY K 70 16.25 48.29 -27.78
C GLY K 70 17.59 48.30 -28.49
N GLY K 71 18.34 47.23 -28.28
CA GLY K 71 19.68 47.13 -28.86
C GLY K 71 19.71 46.28 -30.09
N MET K 72 20.60 45.30 -30.11
CA MET K 72 20.77 44.41 -31.26
C MET K 72 20.10 43.08 -30.95
N LYS K 73 19.80 42.32 -31.99
CA LYS K 73 19.08 41.06 -31.84
C LYS K 73 19.92 39.89 -32.31
N GLU K 74 19.86 38.79 -31.56
CA GLU K 74 20.50 37.54 -31.94
C GLU K 74 19.55 36.39 -31.63
N TRP K 75 19.87 35.21 -32.18
CA TRP K 75 19.04 34.04 -31.98
C TRP K 75 19.89 32.78 -32.06
N SER K 76 19.35 31.71 -31.50
CA SER K 76 20.04 30.42 -31.44
C SER K 76 19.00 29.31 -31.30
N ILE K 77 19.44 28.09 -31.58
CA ILE K 77 18.57 26.92 -31.50
C ILE K 77 19.31 25.80 -30.77
N GLU K 78 18.61 25.17 -29.82
CA GLU K 78 19.09 23.98 -29.14
C GLU K 78 18.23 22.81 -29.57
N ASN K 79 18.87 21.70 -29.95
CA ASN K 79 18.16 20.48 -30.29
C ASN K 79 18.82 19.32 -29.57
N ASP K 80 18.04 18.31 -29.22
CA ASP K 80 18.57 17.11 -28.60
C ASP K 80 17.68 15.95 -28.97
N GLY K 81 18.26 14.75 -29.05
CA GLY K 81 17.47 13.60 -29.40
C GLY K 81 18.32 12.35 -29.44
N LEU K 82 17.76 11.32 -30.07
CA LEU K 82 18.46 10.06 -30.21
C LEU K 82 19.29 10.06 -31.48
N TYR K 83 20.52 9.56 -31.37
CA TYR K 83 21.48 9.63 -32.47
C TYR K 83 21.63 8.25 -33.10
N VAL K 84 21.35 8.15 -34.39
CA VAL K 84 21.72 7.00 -35.20
C VAL K 84 22.70 7.49 -36.27
N ALA K 85 23.83 6.79 -36.40
CA ALA K 85 24.95 7.32 -37.16
C ALA K 85 24.70 7.30 -38.67
N ASP K 86 23.93 6.34 -39.17
CA ASP K 86 23.81 6.17 -40.61
C ASP K 86 22.65 6.96 -41.21
N ALA K 87 21.87 7.66 -40.39
CA ALA K 87 20.78 8.47 -40.92
C ALA K 87 21.33 9.56 -41.83
N GLU K 88 20.62 9.84 -42.92
CA GLU K 88 21.07 10.83 -43.88
C GLU K 88 21.21 12.22 -43.26
N SER K 89 20.25 12.63 -42.42
CA SER K 89 20.32 13.93 -41.79
C SER K 89 21.55 14.07 -40.90
N HIS K 90 21.87 13.05 -40.10
CA HIS K 90 23.03 13.10 -39.23
C HIS K 90 24.34 13.02 -40.00
N LYS K 91 24.32 12.49 -41.22
CA LYS K 91 25.50 12.47 -42.07
C LYS K 91 25.72 13.80 -42.78
N GLU K 92 24.76 14.71 -42.67
CA GLU K 92 24.86 16.03 -43.26
C GLU K 92 25.28 17.10 -42.27
N LEU K 93 24.80 17.00 -41.02
CA LEU K 93 25.23 17.95 -40.01
C LEU K 93 26.73 17.85 -39.74
N ALA K 94 27.27 16.64 -39.75
CA ALA K 94 28.71 16.47 -39.57
C ALA K 94 29.48 17.13 -40.70
N LYS K 95 28.99 17.01 -41.94
CA LYS K 95 29.66 17.64 -43.06
C LYS K 95 29.68 19.16 -42.90
N TYR K 96 28.57 19.75 -42.49
CA TYR K 96 28.55 21.18 -42.23
C TYR K 96 29.45 21.54 -41.06
N PHE K 97 29.58 20.64 -40.09
CA PHE K 97 30.40 20.92 -38.92
C PHE K 97 31.88 20.97 -39.29
N GLU K 98 32.34 20.02 -40.08
CA GLU K 98 33.77 19.99 -40.43
C GLU K 98 34.12 21.06 -41.45
N SER K 99 33.20 21.41 -42.35
CA SER K 99 33.46 22.35 -43.43
C SER K 99 33.24 23.79 -43.02
N ASP K 100 32.69 24.05 -41.82
CA ASP K 100 32.41 25.39 -41.35
C ASP K 100 31.52 26.15 -42.32
N SER K 101 30.57 25.45 -42.92
CA SER K 101 29.68 26.11 -43.87
C SER K 101 28.38 26.50 -43.18
N PRO K 102 27.77 27.61 -43.58
CA PRO K 102 26.44 27.94 -43.05
C PRO K 102 25.42 26.90 -43.50
N VAL K 103 24.45 26.63 -42.64
CA VAL K 103 23.44 25.62 -42.90
C VAL K 103 22.06 26.25 -42.77
N CYS K 104 21.17 25.92 -43.70
CA CYS K 104 19.82 26.47 -43.69
C CYS K 104 18.92 25.58 -42.86
N VAL K 105 18.21 26.19 -41.92
CA VAL K 105 17.36 25.47 -40.97
C VAL K 105 15.97 26.06 -41.00
N LYS K 106 14.97 25.22 -40.74
CA LYS K 106 13.57 25.61 -40.77
C LYS K 106 12.85 24.90 -39.64
N ILE K 107 11.81 25.53 -39.11
CA ILE K 107 11.00 24.94 -38.04
C ILE K 107 9.62 24.62 -38.60
N ILE K 108 9.25 23.35 -38.56
CA ILE K 108 8.07 22.87 -39.28
C ILE K 108 7.08 22.23 -38.32
N ASN K 109 5.82 22.66 -38.42
CA ASN K 109 4.72 22.01 -37.72
C ASN K 109 4.04 21.07 -38.72
N GLN K 110 4.19 19.76 -38.51
CA GLN K 110 3.56 18.81 -39.42
C GLN K 110 2.04 18.90 -39.38
N ALA K 111 1.44 19.02 -38.21
CA ALA K 111 -0.02 19.06 -38.08
C ALA K 111 -0.65 20.24 -38.79
N SER K 112 -0.07 21.42 -38.68
CA SER K 112 -0.59 22.59 -39.37
C SER K 112 0.01 22.79 -40.75
N LYS K 113 1.03 22.01 -41.11
CA LYS K 113 1.69 22.10 -42.41
C LYS K 113 2.15 23.53 -42.69
N LYS K 114 2.59 24.22 -41.65
CA LYS K 114 2.91 25.63 -41.75
C LYS K 114 4.32 25.86 -41.24
N GLY K 115 5.14 26.55 -42.03
CA GLY K 115 6.47 26.91 -41.59
C GLY K 115 6.41 27.94 -40.48
N LEU K 116 7.41 27.90 -39.59
CA LEU K 116 7.46 28.78 -38.44
C LEU K 116 8.62 29.76 -38.47
N PHE K 117 9.85 29.27 -38.58
CA PHE K 117 11.03 30.13 -38.53
C PHE K 117 12.14 29.49 -39.35
N GLY K 118 12.71 30.26 -40.26
CA GLY K 118 13.81 29.78 -41.10
C GLY K 118 14.99 30.73 -41.01
N GLY K 119 16.19 30.18 -41.22
CA GLY K 119 17.37 31.01 -41.14
C GLY K 119 18.63 30.23 -41.48
N LEU K 120 19.76 30.93 -41.38
CA LEU K 120 21.07 30.33 -41.56
C LEU K 120 21.77 30.26 -40.22
N ALA K 121 22.41 29.12 -39.94
CA ALA K 121 23.06 28.89 -38.67
C ALA K 121 24.37 28.15 -38.86
N ILE K 122 25.18 28.14 -37.81
CA ILE K 122 26.38 27.34 -37.72
C ILE K 122 26.26 26.41 -36.52
N VAL K 123 26.67 25.16 -36.71
CA VAL K 123 26.71 24.20 -35.62
C VAL K 123 27.86 24.59 -34.70
N ALA K 124 27.56 25.33 -33.64
CA ALA K 124 28.59 25.73 -32.70
C ALA K 124 28.95 24.61 -31.74
N ASP K 125 28.07 23.61 -31.61
CA ASP K 125 28.32 22.47 -30.76
C ASP K 125 27.62 21.25 -31.32
N TYR K 126 28.36 20.15 -31.45
CA TYR K 126 27.80 18.85 -31.85
C TYR K 126 28.35 17.83 -30.87
N SER K 127 27.67 17.66 -29.75
CA SER K 127 28.10 16.74 -28.71
C SER K 127 27.04 15.67 -28.48
N PHE K 128 27.46 14.56 -27.88
CA PHE K 128 26.59 13.43 -27.65
C PHE K 128 27.16 12.54 -26.55
N GLU K 129 26.27 11.84 -25.86
CA GLU K 129 26.65 11.00 -24.73
C GLU K 129 26.11 9.60 -24.96
N ALA K 130 26.79 8.62 -24.39
CA ALA K 130 26.42 7.22 -24.52
C ALA K 130 26.34 6.57 -23.13
N PRO K 131 25.30 6.87 -22.36
CA PRO K 131 25.13 6.19 -21.07
C PRO K 131 24.98 4.70 -21.27
N PHE K 132 25.59 3.95 -20.36
CA PHE K 132 25.60 2.49 -20.45
C PHE K 132 24.21 1.87 -20.36
N ASP K 133 23.34 2.37 -19.49
CA ASP K 133 22.04 1.76 -19.27
C ASP K 133 20.94 2.45 -20.07
N GLU K 134 21.31 3.28 -21.04
CA GLU K 134 20.32 4.03 -21.80
C GLU K 134 20.69 3.96 -23.28
N ALA K 135 20.02 4.75 -24.10
CA ALA K 135 20.32 4.87 -25.50
C ALA K 135 21.22 6.08 -25.73
N MET K 136 22.14 5.94 -26.67
CA MET K 136 23.12 6.99 -26.94
C MET K 136 22.45 8.16 -27.66
N THR K 137 22.52 9.34 -27.04
CA THR K 137 21.79 10.51 -27.48
C THR K 137 22.76 11.61 -27.90
N TYR K 138 22.26 12.52 -28.74
CA TYR K 138 23.03 13.61 -29.31
C TYR K 138 22.37 14.95 -28.98
N SER K 139 23.18 16.01 -29.02
CA SER K 139 22.71 17.38 -28.84
C SER K 139 23.41 18.28 -29.84
N VAL K 140 22.67 19.24 -30.39
CA VAL K 140 23.18 20.16 -31.41
C VAL K 140 22.83 21.58 -31.00
N LYS K 141 23.82 22.47 -31.10
CA LYS K 141 23.63 23.90 -30.83
C LYS K 141 23.91 24.67 -32.12
N LEU K 142 22.97 25.53 -32.51
CA LEU K 142 23.08 26.32 -33.71
C LEU K 142 23.04 27.80 -33.36
N ASP K 143 23.98 28.57 -33.88
CA ASP K 143 23.97 30.02 -33.72
C ASP K 143 23.70 30.67 -35.07
N GLY K 144 22.79 31.65 -35.08
CA GLY K 144 22.37 32.28 -36.32
C GLY K 144 23.04 33.60 -36.66
N MET K 145 23.49 33.75 -37.90
CA MET K 145 24.20 34.93 -38.36
C MET K 145 23.22 35.85 -39.10
N GLY K 146 22.27 36.40 -38.36
CA GLY K 146 21.37 37.38 -38.94
C GLY K 146 19.92 37.03 -38.74
N ALA K 147 19.11 37.45 -39.70
CA ALA K 147 17.66 37.46 -39.54
C ALA K 147 17.11 36.05 -39.38
N LEU K 148 16.42 35.83 -38.26
CA LEU K 148 15.58 34.65 -38.10
C LEU K 148 14.19 35.00 -38.61
N VAL K 149 13.92 34.70 -39.88
CA VAL K 149 12.71 35.14 -40.54
C VAL K 149 11.55 34.37 -39.92
N ASP K 150 10.58 35.11 -39.38
CA ASP K 150 9.41 34.51 -38.74
C ASP K 150 8.40 34.16 -39.83
N LEU K 151 8.15 32.87 -40.03
CA LEU K 151 7.23 32.43 -41.05
C LEU K 151 5.78 32.42 -40.58
N THR K 152 5.54 32.81 -39.33
CA THR K 152 4.18 32.92 -38.82
C THR K 152 3.51 34.24 -39.19
N ILE K 153 4.29 35.23 -39.64
CA ILE K 153 3.76 36.52 -40.05
C ILE K 153 4.05 36.83 -41.51
N THR K 154 4.83 35.98 -42.18
CA THR K 154 5.22 36.20 -43.56
C THR K 154 4.55 35.16 -44.46
N GLU K 155 4.52 35.46 -45.75
CA GLU K 155 3.87 34.58 -46.72
C GLU K 155 4.91 33.70 -47.40
N GLY K 156 4.57 32.43 -47.56
CA GLY K 156 5.45 31.46 -48.17
C GLY K 156 6.18 30.61 -47.14
N GLY K 157 7.17 29.87 -47.62
CA GLY K 157 7.96 29.02 -46.77
C GLY K 157 7.15 27.97 -46.04
N ASP K 158 6.61 27.00 -46.79
CA ASP K 158 5.81 25.93 -46.19
C ASP K 158 6.21 24.55 -46.71
N GLN K 159 7.45 24.38 -47.15
CA GLN K 159 7.88 23.09 -47.63
C GLN K 159 7.94 22.09 -46.47
N MET K 160 7.28 20.95 -46.65
CA MET K 160 7.12 19.98 -45.58
C MET K 160 8.38 19.16 -45.28
N PRO K 161 9.01 18.48 -46.27
CA PRO K 161 10.12 17.55 -45.98
C PRO K 161 11.11 18.02 -44.93
N ALA L 15 -41.41 11.45 -3.63
CA ALA L 15 -40.25 11.47 -4.52
C ALA L 15 -39.92 10.06 -5.02
N ALA L 16 -38.63 9.78 -5.17
CA ALA L 16 -38.19 8.47 -5.62
C ALA L 16 -37.50 7.73 -4.48
N LYS L 17 -36.78 8.48 -3.64
CA LYS L 17 -36.09 7.97 -2.46
C LYS L 17 -34.91 7.07 -2.81
N ALA L 18 -34.72 6.77 -4.09
CA ALA L 18 -33.67 5.89 -4.56
C ALA L 18 -33.73 5.80 -6.08
N VAL L 19 -32.62 5.40 -6.68
CA VAL L 19 -32.54 5.07 -8.10
C VAL L 19 -31.79 3.76 -8.21
N ALA L 20 -32.48 2.71 -8.63
CA ALA L 20 -31.86 1.40 -8.75
C ALA L 20 -30.73 1.45 -9.78
N GLY L 21 -29.64 0.78 -9.47
CA GLY L 21 -28.44 0.85 -10.28
C GLY L 21 -28.53 0.21 -11.64
N LYS L 22 -29.47 -0.68 -11.86
CA LYS L 22 -29.55 -1.26 -13.20
C LYS L 22 -30.30 -0.40 -14.17
N ASP L 23 -30.53 0.87 -13.81
CA ASP L 23 -31.17 1.81 -14.72
C ASP L 23 -30.32 3.00 -15.07
N VAL L 24 -29.08 3.08 -14.58
CA VAL L 24 -28.14 4.12 -14.95
C VAL L 24 -27.12 3.51 -15.90
N ILE L 25 -27.03 4.06 -17.10
CA ILE L 25 -26.22 3.48 -18.17
C ILE L 25 -25.34 4.56 -18.76
N LEU L 26 -24.28 4.12 -19.43
CA LEU L 26 -23.36 5.00 -20.14
C LEU L 26 -23.62 4.89 -21.63
N ALA L 27 -23.73 6.05 -22.29
CA ALA L 27 -24.00 6.11 -23.71
C ALA L 27 -22.92 6.92 -24.39
N VAL L 28 -22.59 6.55 -25.62
CA VAL L 28 -21.52 7.16 -26.38
C VAL L 28 -22.06 7.61 -27.73
N PHE L 29 -21.69 8.82 -28.13
CA PHE L 29 -22.05 9.32 -29.45
C PHE L 29 -21.13 8.70 -30.50
N ASN L 30 -21.73 8.28 -31.61
CA ASN L 30 -20.94 7.71 -32.69
C ASN L 30 -20.12 8.80 -33.37
N ALA L 31 -19.37 8.40 -34.40
CA ALA L 31 -18.48 9.34 -35.07
C ALA L 31 -19.25 10.51 -35.67
N ALA L 32 -20.37 10.22 -36.35
CA ALA L 32 -21.17 11.29 -36.92
C ALA L 32 -21.93 12.05 -35.85
N GLY L 33 -22.22 11.42 -34.73
CA GLY L 33 -23.01 12.02 -33.68
C GLY L 33 -24.51 11.83 -33.81
N ASP L 34 -24.97 11.16 -34.86
CA ASP L 34 -26.39 10.98 -35.09
C ASP L 34 -27.01 9.86 -34.26
N LYS L 35 -26.20 8.99 -33.67
CA LYS L 35 -26.72 7.92 -32.84
C LYS L 35 -26.06 7.95 -31.47
N LEU L 36 -26.87 7.75 -30.44
CA LEU L 36 -26.37 7.60 -29.07
C LEU L 36 -26.38 6.13 -28.72
N LEU L 37 -25.27 5.44 -28.95
CA LEU L 37 -25.20 4.00 -28.73
C LEU L 37 -24.93 3.72 -27.26
N ALA L 38 -25.76 2.86 -26.67
CA ALA L 38 -25.55 2.43 -25.30
C ALA L 38 -24.49 1.34 -25.28
N VAL L 39 -23.48 1.53 -24.43
CA VAL L 39 -22.40 0.55 -24.35
C VAL L 39 -22.96 -0.77 -23.87
N ALA L 40 -22.77 -1.80 -24.70
CA ALA L 40 -23.24 -3.14 -24.38
C ALA L 40 -22.31 -3.80 -23.39
N GLY L 41 -22.84 -4.72 -22.60
CA GLY L 41 -22.07 -5.42 -21.60
C GLY L 41 -21.84 -4.66 -20.32
N GLN L 42 -22.50 -3.51 -20.13
CA GLN L 42 -22.31 -2.68 -18.96
C GLN L 42 -22.67 -3.44 -17.68
N GLN L 43 -21.77 -3.40 -16.71
CA GLN L 43 -22.01 -4.01 -15.41
C GLN L 43 -21.61 -3.13 -14.25
N GLY L 44 -20.86 -2.07 -14.47
CA GLY L 44 -20.48 -1.15 -13.41
C GLY L 44 -20.24 0.22 -13.96
N LEU L 45 -20.39 1.23 -13.10
CA LEU L 45 -20.24 2.61 -13.52
C LEU L 45 -19.87 3.46 -12.32
N THR L 46 -18.77 4.20 -12.46
CA THR L 46 -18.32 5.13 -11.42
C THR L 46 -18.00 6.46 -12.07
N VAL L 47 -18.54 7.54 -11.51
CA VAL L 47 -18.28 8.88 -11.99
C VAL L 47 -17.56 9.63 -10.87
N ASN L 48 -16.35 10.10 -11.17
CA ASN L 48 -15.54 10.80 -10.19
C ASN L 48 -15.44 12.26 -10.56
N ARG L 49 -15.71 13.14 -9.60
CA ARG L 49 -15.64 14.58 -9.82
C ARG L 49 -14.91 15.18 -8.62
N SER L 50 -13.77 15.82 -8.89
CA SER L 50 -12.93 16.32 -7.81
C SER L 50 -12.57 17.78 -8.08
N LYS L 51 -12.24 18.48 -7.00
CA LYS L 51 -11.78 19.85 -7.08
C LYS L 51 -10.57 20.02 -6.19
N ASP L 52 -9.57 20.77 -6.67
CA ASP L 52 -8.40 21.00 -5.87
C ASP L 52 -8.71 21.96 -4.73
N SER L 53 -7.80 22.01 -3.76
CA SER L 53 -7.94 22.88 -2.59
C SER L 53 -6.64 23.65 -2.43
N ILE L 54 -6.73 24.96 -2.51
CA ILE L 54 -5.53 25.80 -2.45
C ILE L 54 -5.32 26.27 -1.01
N GLU L 55 -4.07 26.62 -0.70
CA GLU L 55 -3.67 26.99 0.64
C GLU L 55 -3.30 28.47 0.68
N ILE L 56 -3.89 29.22 1.60
CA ILE L 56 -3.53 30.63 1.74
C ILE L 56 -3.21 30.94 3.19
N THR L 57 -2.79 29.94 3.96
CA THR L 57 -2.57 30.17 5.38
C THR L 57 -1.47 31.21 5.57
N SER L 58 -1.86 32.41 5.94
CA SER L 58 -0.95 33.47 6.36
C SER L 58 -1.30 33.78 7.80
N LYS L 59 -0.31 33.74 8.67
CA LYS L 59 -0.58 33.72 10.10
C LYS L 59 -0.65 35.11 10.72
N ASP L 60 -1.03 36.11 9.93
CA ASP L 60 -1.53 37.38 10.46
C ASP L 60 -3.04 37.31 10.72
N THR L 61 -3.65 36.15 10.48
CA THR L 61 -5.08 35.95 10.70
C THR L 61 -5.29 35.23 12.03
N VAL L 62 -6.16 35.80 12.85
CA VAL L 62 -6.46 35.22 14.15
C VAL L 62 -7.21 33.91 13.96
N GLY L 63 -7.36 33.14 15.03
CA GLY L 63 -8.01 31.86 14.93
C GLY L 63 -7.15 30.72 15.40
N GLY L 64 -6.70 29.88 14.48
CA GLY L 64 -6.05 28.63 14.80
C GLY L 64 -6.47 27.49 13.89
N TRP L 65 -7.13 27.79 12.79
CA TRP L 65 -7.51 26.80 11.80
C TRP L 65 -6.93 27.15 10.44
N LYS L 66 -6.42 26.14 9.76
CA LYS L 66 -5.70 26.31 8.51
C LYS L 66 -6.67 26.61 7.38
N SER L 67 -6.48 27.76 6.73
CA SER L 67 -7.43 28.29 5.76
C SER L 67 -7.15 27.77 4.36
N LYS L 68 -8.22 27.60 3.58
CA LYS L 68 -8.14 27.05 2.24
C LYS L 68 -9.19 27.70 1.36
N ILE L 69 -8.99 27.59 0.04
CA ILE L 69 -10.03 27.88 -0.94
C ILE L 69 -10.14 26.69 -1.88
N GLY L 70 -11.20 26.64 -2.68
CA GLY L 70 -11.36 25.60 -3.66
C GLY L 70 -10.59 25.94 -4.93
N GLY L 71 -10.04 24.90 -5.54
CA GLY L 71 -9.14 25.09 -6.66
C GLY L 71 -9.74 24.77 -8.01
N MET L 72 -9.11 23.84 -8.73
CA MET L 72 -9.46 23.52 -10.11
C MET L 72 -10.25 22.22 -10.12
N LYS L 73 -11.17 22.09 -11.07
CA LYS L 73 -12.08 20.96 -11.13
C LYS L 73 -11.70 19.99 -12.24
N GLU L 74 -11.87 18.69 -11.97
CA GLU L 74 -11.66 17.64 -12.95
C GLU L 74 -12.69 16.54 -12.74
N TRP L 75 -12.85 15.68 -13.75
CA TRP L 75 -13.81 14.60 -13.71
C TRP L 75 -13.35 13.45 -14.59
N SER L 76 -13.90 12.27 -14.31
CA SER L 76 -13.56 11.05 -15.04
C SER L 76 -14.66 10.02 -14.83
N ILE L 77 -14.67 9.00 -15.69
CA ILE L 77 -15.66 7.93 -15.62
C ILE L 77 -14.96 6.58 -15.80
N GLU L 78 -15.26 5.63 -14.91
CA GLU L 78 -14.82 4.25 -15.06
C GLU L 78 -16.05 3.41 -15.36
N ASN L 79 -15.91 2.43 -16.25
CA ASN L 79 -17.00 1.52 -16.57
C ASN L 79 -16.44 0.14 -16.93
N ASP L 80 -16.98 -0.89 -16.31
CA ASP L 80 -16.52 -2.25 -16.57
C ASP L 80 -17.72 -3.15 -16.80
N GLY L 81 -17.48 -4.28 -17.45
CA GLY L 81 -18.57 -5.22 -17.66
C GLY L 81 -18.15 -6.35 -18.56
N LEU L 82 -19.13 -7.00 -19.16
CA LEU L 82 -18.87 -8.07 -20.11
C LEU L 82 -18.49 -7.49 -21.47
N TYR L 83 -17.54 -8.15 -22.12
CA TYR L 83 -17.03 -7.68 -23.41
C TYR L 83 -17.71 -8.46 -24.52
N VAL L 84 -18.34 -7.75 -25.44
CA VAL L 84 -18.83 -8.30 -26.69
C VAL L 84 -18.09 -7.62 -27.83
N ALA L 85 -17.49 -8.42 -28.71
CA ALA L 85 -16.58 -7.87 -29.70
C ALA L 85 -17.29 -7.36 -30.95
N ASP L 86 -18.50 -7.84 -31.22
CA ASP L 86 -19.15 -7.54 -32.49
C ASP L 86 -20.16 -6.40 -32.42
N ALA L 87 -20.58 -6.00 -31.23
CA ALA L 87 -21.59 -4.96 -31.10
C ALA L 87 -21.09 -3.64 -31.65
N GLU L 88 -22.01 -2.78 -32.07
CA GLU L 88 -21.65 -1.50 -32.66
C GLU L 88 -20.91 -0.60 -31.67
N SER L 89 -21.32 -0.59 -30.40
CA SER L 89 -20.71 0.29 -29.42
C SER L 89 -19.24 -0.01 -29.20
N HIS L 90 -18.86 -1.29 -29.09
CA HIS L 90 -17.50 -1.67 -28.78
C HIS L 90 -16.55 -1.51 -29.96
N LYS L 91 -17.06 -1.42 -31.17
CA LYS L 91 -16.23 -1.15 -32.34
C LYS L 91 -16.01 0.32 -32.56
N GLU L 92 -16.76 1.17 -31.88
CA GLU L 92 -16.55 2.61 -31.93
C GLU L 92 -15.57 3.10 -30.89
N LEU L 93 -15.63 2.56 -29.67
CA LEU L 93 -14.61 2.88 -28.68
C LEU L 93 -13.22 2.52 -29.18
N ALA L 94 -13.12 1.46 -29.98
CA ALA L 94 -11.84 1.12 -30.58
C ALA L 94 -11.37 2.21 -31.54
N LYS L 95 -12.28 2.71 -32.38
CA LYS L 95 -11.90 3.79 -33.29
C LYS L 95 -11.51 5.05 -32.54
N TYR L 96 -12.29 5.40 -31.51
CA TYR L 96 -11.96 6.59 -30.73
C TYR L 96 -10.62 6.46 -30.03
N PHE L 97 -10.34 5.29 -29.46
CA PHE L 97 -9.05 5.08 -28.82
C PHE L 97 -7.92 5.14 -29.83
N GLU L 98 -8.11 4.56 -31.01
CA GLU L 98 -7.06 4.52 -32.01
C GLU L 98 -6.86 5.88 -32.69
N SER L 99 -7.94 6.58 -33.00
CA SER L 99 -7.85 7.82 -33.76
C SER L 99 -7.45 9.02 -32.91
N ASP L 100 -7.33 8.84 -31.60
CA ASP L 100 -6.99 9.94 -30.69
C ASP L 100 -7.99 11.07 -30.87
N SER L 101 -9.28 10.74 -30.81
CA SER L 101 -10.30 11.77 -30.95
C SER L 101 -11.14 11.84 -29.67
N PRO L 102 -11.52 13.05 -29.25
CA PRO L 102 -12.43 13.16 -28.10
C PRO L 102 -13.76 12.50 -28.41
N VAL L 103 -14.38 11.93 -27.38
CA VAL L 103 -15.63 11.19 -27.53
C VAL L 103 -16.69 11.82 -26.65
N CYS L 104 -17.92 11.89 -27.14
CA CYS L 104 -19.01 12.47 -26.37
C CYS L 104 -19.71 11.37 -25.58
N VAL L 105 -19.75 11.53 -24.25
CA VAL L 105 -20.30 10.53 -23.37
C VAL L 105 -21.46 11.15 -22.59
N LYS L 106 -22.45 10.32 -22.27
CA LYS L 106 -23.65 10.75 -21.57
C LYS L 106 -24.04 9.69 -20.55
N ILE L 107 -24.65 10.11 -19.46
CA ILE L 107 -25.14 9.20 -18.43
C ILE L 107 -26.66 9.27 -18.40
N ILE L 108 -27.31 8.13 -18.60
CA ILE L 108 -28.75 8.08 -18.81
C ILE L 108 -29.41 7.24 -17.73
N ASN L 109 -30.46 7.80 -17.12
CA ASN L 109 -31.32 7.03 -16.22
C ASN L 109 -32.43 6.43 -17.07
N GLN L 110 -32.22 5.22 -17.55
CA GLN L 110 -33.15 4.61 -18.51
C GLN L 110 -34.48 4.23 -17.88
N ALA L 111 -34.66 4.43 -16.59
CA ALA L 111 -35.96 4.25 -15.95
C ALA L 111 -36.74 5.56 -15.84
N SER L 112 -36.10 6.60 -15.29
CA SER L 112 -36.74 7.92 -15.21
C SER L 112 -36.65 8.70 -16.51
N LYS L 113 -35.90 8.20 -17.49
CA LYS L 113 -35.80 8.80 -18.82
C LYS L 113 -35.31 10.25 -18.75
N LYS L 114 -34.32 10.48 -17.90
CA LYS L 114 -33.71 11.80 -17.77
C LYS L 114 -32.20 11.69 -17.96
N GLY L 115 -31.62 12.64 -18.68
CA GLY L 115 -30.18 12.71 -18.81
C GLY L 115 -29.54 13.26 -17.55
N LEU L 116 -28.32 12.83 -17.29
CA LEU L 116 -27.62 13.20 -16.05
C LEU L 116 -26.36 14.01 -16.28
N PHE L 117 -25.41 13.50 -17.09
CA PHE L 117 -24.15 14.19 -17.28
C PHE L 117 -23.63 13.88 -18.68
N GLY L 118 -23.30 14.92 -19.44
CA GLY L 118 -22.72 14.76 -20.77
C GLY L 118 -21.46 15.58 -20.90
N GLY L 119 -20.48 15.04 -21.62
CA GLY L 119 -19.24 15.76 -21.78
C GLY L 119 -18.29 15.06 -22.74
N LEU L 120 -17.24 15.79 -23.11
CA LEU L 120 -16.18 15.26 -23.94
C LEU L 120 -15.15 14.57 -23.06
N ALA L 121 -14.72 13.37 -23.47
CA ALA L 121 -13.83 12.56 -22.68
C ALA L 121 -12.80 11.90 -23.59
N ILE L 122 -11.71 11.45 -22.98
CA ILE L 122 -10.61 10.80 -23.67
C ILE L 122 -10.48 9.38 -23.14
N VAL L 123 -10.41 8.42 -24.04
CA VAL L 123 -10.26 7.02 -23.64
C VAL L 123 -8.84 6.83 -23.14
N ALA L 124 -8.66 6.89 -21.82
CA ALA L 124 -7.32 6.78 -21.26
C ALA L 124 -6.92 5.32 -21.08
N ASP L 125 -7.87 4.46 -20.77
CA ASP L 125 -7.60 3.04 -20.60
C ASP L 125 -8.72 2.25 -21.25
N TYR L 126 -8.35 1.27 -22.06
CA TYR L 126 -9.29 0.34 -22.68
C TYR L 126 -8.66 -1.05 -22.57
N SER L 127 -8.92 -1.73 -21.47
CA SER L 127 -8.30 -3.01 -21.16
C SER L 127 -9.36 -4.02 -20.79
N PHE L 128 -8.95 -5.28 -20.75
CA PHE L 128 -9.89 -6.38 -20.56
C PHE L 128 -9.16 -7.64 -20.14
N GLU L 129 -9.90 -8.56 -19.52
CA GLU L 129 -9.33 -9.77 -18.95
C GLU L 129 -10.11 -10.97 -19.46
N ALA L 130 -9.43 -12.12 -19.56
CA ALA L 130 -10.05 -13.35 -20.05
C ALA L 130 -9.75 -14.50 -19.09
N PRO L 131 -10.39 -14.51 -17.91
CA PRO L 131 -10.21 -15.64 -16.99
C PRO L 131 -10.73 -16.93 -17.60
N PHE L 132 -10.11 -18.03 -17.20
CA PHE L 132 -10.44 -19.35 -17.74
C PHE L 132 -11.83 -19.83 -17.36
N ASP L 133 -12.25 -19.63 -16.12
CA ASP L 133 -13.52 -20.16 -15.63
C ASP L 133 -14.60 -19.10 -15.53
N GLU L 134 -14.56 -18.09 -16.41
CA GLU L 134 -15.49 -16.98 -16.31
C GLU L 134 -15.69 -16.46 -17.74
N ALA L 135 -16.48 -15.40 -17.88
CA ALA L 135 -16.69 -14.74 -19.15
C ALA L 135 -15.69 -13.60 -19.30
N MET L 136 -15.25 -13.37 -20.53
CA MET L 136 -14.19 -12.40 -20.79
C MET L 136 -14.73 -10.99 -20.63
N THR L 137 -14.21 -10.27 -19.64
CA THR L 137 -14.72 -8.96 -19.24
C THR L 137 -13.78 -7.86 -19.71
N TYR L 138 -14.32 -6.64 -19.76
CA TYR L 138 -13.61 -5.46 -20.24
C TYR L 138 -13.75 -4.32 -19.26
N SER L 139 -12.77 -3.43 -19.27
CA SER L 139 -12.74 -2.23 -18.43
C SER L 139 -12.37 -1.03 -19.26
N VAL L 140 -12.95 0.13 -18.94
CA VAL L 140 -12.78 1.36 -19.70
C VAL L 140 -12.64 2.50 -18.72
N LYS L 141 -11.69 3.40 -18.99
CA LYS L 141 -11.52 4.63 -18.23
C LYS L 141 -11.52 5.81 -19.19
N LEU L 142 -12.33 6.82 -18.87
CA LEU L 142 -12.42 8.05 -19.65
C LEU L 142 -12.03 9.22 -18.77
N ASP L 143 -11.06 9.99 -19.22
CA ASP L 143 -10.59 11.17 -18.51
C ASP L 143 -11.28 12.40 -19.08
N GLY L 144 -11.78 13.26 -18.21
CA GLY L 144 -12.54 14.40 -18.63
C GLY L 144 -11.72 15.49 -19.31
N MET L 145 -12.18 15.98 -20.45
CA MET L 145 -11.59 17.12 -21.13
C MET L 145 -12.58 18.27 -21.07
N GLY L 146 -12.50 19.06 -20.02
CA GLY L 146 -13.31 20.25 -19.89
C GLY L 146 -14.49 20.02 -18.97
N ALA L 147 -15.53 20.82 -19.19
CA ALA L 147 -16.68 20.85 -18.31
C ALA L 147 -17.48 19.56 -18.42
N LEU L 148 -17.92 19.04 -17.27
CA LEU L 148 -18.94 18.00 -17.23
C LEU L 148 -20.26 18.65 -16.84
N VAL L 149 -21.21 18.66 -17.76
CA VAL L 149 -22.46 19.38 -17.59
C VAL L 149 -23.38 18.52 -16.72
N ASP L 150 -23.82 19.08 -15.60
CA ASP L 150 -24.79 18.41 -14.73
C ASP L 150 -26.18 18.63 -15.31
N LEU L 151 -26.70 17.62 -16.01
CA LEU L 151 -28.01 17.75 -16.64
C LEU L 151 -29.14 17.69 -15.62
N THR L 152 -28.86 17.30 -14.38
CA THR L 152 -29.88 17.31 -13.34
C THR L 152 -30.23 18.71 -12.86
N ILE L 153 -29.43 19.71 -13.23
CA ILE L 153 -29.67 21.09 -12.84
C ILE L 153 -29.88 21.99 -14.06
N THR L 154 -29.62 21.48 -15.25
CA THR L 154 -29.75 22.26 -16.48
C THR L 154 -30.91 21.71 -17.30
N GLU L 155 -31.55 22.61 -18.05
CA GLU L 155 -32.69 22.23 -18.87
C GLU L 155 -32.24 21.60 -20.18
N GLY L 156 -32.80 20.44 -20.50
CA GLY L 156 -32.50 19.76 -21.74
C GLY L 156 -31.71 18.49 -21.53
N GLY L 157 -31.16 17.97 -22.63
CA GLY L 157 -30.36 16.77 -22.58
C GLY L 157 -31.14 15.52 -22.27
N ASP L 158 -32.00 15.08 -23.20
CA ASP L 158 -32.83 13.91 -22.97
C ASP L 158 -32.88 12.98 -24.17
N GLN L 159 -31.96 13.12 -25.12
CA GLN L 159 -31.92 12.19 -26.24
C GLN L 159 -31.58 10.78 -25.75
N MET L 160 -32.58 9.90 -25.85
CA MET L 160 -32.57 8.65 -25.10
C MET L 160 -31.63 7.57 -25.63
N PRO L 161 -31.78 7.08 -26.89
CA PRO L 161 -31.20 5.81 -27.37
C PRO L 161 -29.90 5.36 -26.70
N MET M 1 -24.87 -5.95 35.40
CA MET M 1 -26.21 -6.52 35.54
C MET M 1 -26.35 -7.77 34.67
N LYS M 2 -27.10 -8.75 35.18
CA LYS M 2 -27.13 -10.07 34.59
C LYS M 2 -28.13 -10.13 33.42
N SER M 3 -27.93 -11.12 32.56
CA SER M 3 -28.79 -11.30 31.40
C SER M 3 -30.23 -11.57 31.82
N LEU M 4 -31.16 -10.99 31.07
CA LEU M 4 -32.58 -11.17 31.36
C LEU M 4 -33.00 -12.60 31.08
N SER M 5 -33.76 -13.18 32.01
CA SER M 5 -34.30 -14.51 31.78
C SER M 5 -35.38 -14.48 30.71
N PHE M 6 -35.49 -15.57 29.96
CA PHE M 6 -36.50 -15.65 28.91
C PHE M 6 -37.91 -15.61 29.48
N MET M 7 -38.08 -16.09 30.71
CA MET M 7 -39.39 -16.06 31.33
C MET M 7 -39.88 -14.63 31.51
N ARG M 8 -38.97 -13.71 31.83
CA ARG M 8 -39.35 -12.30 31.90
C ARG M 8 -39.82 -11.78 30.55
N VAL M 9 -39.16 -12.17 29.47
CA VAL M 9 -39.59 -11.76 28.14
C VAL M 9 -40.98 -12.30 27.85
N LEU M 10 -41.22 -13.57 28.18
CA LEU M 10 -42.54 -14.15 27.96
C LEU M 10 -43.61 -13.42 28.77
N GLU M 11 -43.30 -13.10 30.02
CA GLU M 11 -44.24 -12.34 30.86
C GLU M 11 -44.53 -10.97 30.27
N ALA M 12 -43.50 -10.27 29.81
CA ALA M 12 -43.70 -8.94 29.23
C ALA M 12 -44.57 -9.02 27.99
N VAL M 13 -44.30 -10.00 27.12
CA VAL M 13 -45.08 -10.15 25.89
C VAL M 13 -46.53 -10.46 26.23
N ARG M 14 -46.74 -11.39 27.18
CA ARG M 14 -48.09 -11.77 27.56
C ARG M 14 -48.85 -10.58 28.13
N THR M 15 -48.20 -9.80 28.99
CA THR M 15 -48.86 -8.64 29.58
C THR M 15 -49.20 -7.61 28.51
N MET M 16 -48.27 -7.35 27.59
CA MET M 16 -48.54 -6.35 26.56
C MET M 16 -49.69 -6.79 25.67
N LEU M 17 -49.71 -8.08 25.30
CA LEU M 17 -50.86 -8.60 24.56
C LEU M 17 -52.15 -8.43 25.34
N GLN M 18 -52.18 -8.85 26.60
CA GLN M 18 -53.43 -8.83 27.37
C GLN M 18 -53.92 -7.40 27.58
N GLU M 19 -53.00 -6.44 27.62
CA GLU M 19 -53.40 -5.07 27.93
C GLU M 19 -53.72 -4.26 26.67
N LYS M 20 -53.11 -4.58 25.52
CA LYS M 20 -53.36 -3.79 24.32
C LYS M 20 -54.34 -4.44 23.36
N GLY M 21 -54.35 -5.76 23.24
CA GLY M 21 -55.30 -6.41 22.36
C GLY M 21 -56.35 -7.19 23.13
N GLY M 22 -56.22 -7.22 24.45
CA GLY M 22 -57.15 -7.96 25.26
C GLY M 22 -57.13 -9.45 25.04
N LEU M 23 -56.03 -9.99 24.55
CA LEU M 23 -55.92 -11.40 24.23
C LEU M 23 -55.35 -12.18 25.41
N ASP M 24 -56.12 -13.14 25.91
CA ASP M 24 -55.66 -14.01 26.98
C ASP M 24 -54.80 -15.11 26.37
N VAL M 25 -53.49 -14.94 26.44
CA VAL M 25 -52.53 -15.82 25.79
C VAL M 25 -51.66 -16.45 26.88
N SER M 26 -51.63 -17.79 26.92
CA SER M 26 -50.98 -18.53 27.98
C SER M 26 -49.54 -18.82 27.62
N ILE M 27 -48.66 -18.72 28.62
CA ILE M 27 -47.22 -18.89 28.42
C ILE M 27 -46.91 -20.34 28.10
N VAL M 28 -47.51 -21.25 28.87
CA VAL M 28 -47.20 -22.68 28.80
C VAL M 28 -47.50 -23.22 27.40
N MET M 29 -46.57 -23.99 26.85
CA MET M 29 -46.81 -24.65 25.57
C MET M 29 -47.36 -26.05 25.81
N ARG M 30 -48.24 -26.49 24.90
CA ARG M 30 -48.92 -27.77 24.99
C ARG M 30 -48.49 -28.64 23.79
N ASN M 31 -48.82 -29.92 23.82
CA ASN M 31 -48.46 -30.80 22.72
C ASN M 31 -49.67 -31.12 21.86
N GLN M 32 -50.76 -31.54 22.50
CA GLN M 32 -52.02 -31.81 21.80
C GLN M 32 -53.03 -30.78 22.30
N VAL M 33 -53.38 -29.84 21.44
CA VAL M 33 -54.28 -28.76 21.82
C VAL M 33 -55.63 -28.96 21.16
N GLU M 34 -56.69 -28.48 21.81
CA GLU M 34 -58.05 -28.58 21.29
C GLU M 34 -58.80 -27.32 21.68
N MET M 35 -59.85 -27.01 20.92
CA MET M 35 -60.63 -25.78 21.00
C MET M 35 -59.76 -24.55 20.72
N PRO M 36 -60.34 -23.48 20.17
CA PRO M 36 -59.53 -22.32 19.79
C PRO M 36 -58.87 -21.65 20.99
N THR M 37 -57.66 -21.13 20.76
CA THR M 37 -56.91 -20.42 21.78
C THR M 37 -55.72 -19.69 21.15
N THR M 38 -54.88 -19.08 21.98
CA THR M 38 -53.65 -18.44 21.51
C THR M 38 -52.56 -18.71 22.53
N MET M 39 -51.37 -19.05 22.05
CA MET M 39 -50.30 -19.52 22.91
C MET M 39 -48.96 -18.92 22.47
N ILE M 40 -48.04 -18.81 23.44
CA ILE M 40 -46.66 -18.41 23.15
C ILE M 40 -45.78 -19.62 23.34
N GLU M 41 -44.69 -19.67 22.59
CA GLU M 41 -43.69 -20.72 22.70
C GLU M 41 -42.31 -20.11 22.44
N MET M 42 -41.39 -20.30 23.38
CA MET M 42 -40.01 -19.91 23.14
C MET M 42 -39.28 -21.00 22.38
N ILE M 43 -38.44 -20.59 21.44
CA ILE M 43 -37.56 -21.51 20.73
C ILE M 43 -36.17 -21.52 21.34
N ASP M 44 -35.51 -20.36 21.42
CA ASP M 44 -34.19 -20.30 22.02
C ASP M 44 -33.83 -18.85 22.35
N GLN M 45 -32.63 -18.68 22.88
CA GLN M 45 -32.13 -17.38 23.33
C GLN M 45 -30.62 -17.44 23.32
N GLU M 46 -29.99 -16.63 22.45
CA GLU M 46 -28.56 -16.74 22.23
C GLU M 46 -27.93 -15.35 22.18
N GLU M 47 -26.64 -15.29 22.46
CA GLU M 47 -25.90 -14.04 22.46
C GLU M 47 -25.46 -13.71 21.04
N GLU M 48 -25.88 -12.55 20.54
CA GLU M 48 -25.47 -12.10 19.23
C GLU M 48 -24.13 -11.37 19.31
N GLU M 49 -23.71 -10.81 18.18
CA GLU M 49 -22.44 -10.12 18.06
C GLU M 49 -22.67 -8.63 17.86
N SER M 50 -22.09 -7.82 18.74
CA SER M 50 -22.14 -6.37 18.61
C SER M 50 -21.03 -5.79 19.49
N GLN M 51 -19.99 -5.23 18.88
CA GLN M 51 -18.89 -4.71 19.66
C GLN M 51 -19.13 -3.25 20.03
N THR M 52 -20.33 -2.95 20.51
CA THR M 52 -20.62 -1.65 21.12
C THR M 52 -21.44 -1.83 22.39
N ALA M 53 -22.14 -2.96 22.48
CA ALA M 53 -23.07 -3.18 23.57
C ALA M 53 -23.36 -4.67 23.72
N TRP M 54 -23.66 -5.08 24.95
CA TRP M 54 -24.06 -6.45 25.21
C TRP M 54 -25.49 -6.65 24.71
N LYS M 55 -25.65 -7.54 23.73
CA LYS M 55 -26.92 -7.74 23.06
C LYS M 55 -27.25 -9.22 23.00
N GLU M 56 -28.51 -9.55 23.26
CA GLU M 56 -28.98 -10.93 23.31
C GLU M 56 -30.27 -11.05 22.50
N LYS M 57 -30.39 -12.15 21.76
CA LYS M 57 -31.51 -12.37 20.85
C LYS M 57 -32.40 -13.46 21.41
N TYR M 58 -33.70 -13.17 21.51
CA TYR M 58 -34.70 -14.11 21.97
C TYR M 58 -35.58 -14.50 20.79
N ARG M 59 -35.62 -15.78 20.46
CA ARG M 59 -36.47 -16.30 19.39
C ARG M 59 -37.58 -17.12 20.02
N PHE M 60 -38.82 -16.67 19.82
CA PHE M 60 -39.98 -17.38 20.34
C PHE M 60 -41.02 -17.49 19.24
N ALA M 61 -42.15 -18.11 19.57
CA ALA M 61 -43.21 -18.36 18.60
C ALA M 61 -44.57 -18.05 19.21
N ILE M 62 -45.52 -17.69 18.35
CA ILE M 62 -46.91 -17.48 18.72
C ILE M 62 -47.75 -18.44 17.90
N HIS M 63 -48.56 -19.23 18.59
CA HIS M 63 -49.45 -20.19 17.95
C HIS M 63 -50.89 -19.75 18.14
N HIS M 64 -51.59 -19.57 17.02
CA HIS M 64 -53.00 -19.22 17.03
C HIS M 64 -53.77 -20.42 16.50
N TYR M 65 -54.55 -21.04 17.38
CA TYR M 65 -55.42 -22.15 17.01
C TYR M 65 -56.84 -21.64 16.91
N THR M 66 -57.51 -21.95 15.80
CA THR M 66 -58.82 -21.40 15.56
C THR M 66 -59.64 -22.34 14.69
N ASN M 67 -60.92 -22.48 15.02
CA ASN M 67 -61.81 -23.35 14.27
C ASN M 67 -62.21 -22.78 12.92
N GLU M 68 -61.89 -21.52 12.64
CA GLU M 68 -62.19 -20.89 11.37
C GLU M 68 -61.07 -19.90 11.03
N GLN M 69 -60.94 -19.60 9.74
CA GLN M 69 -59.85 -18.74 9.26
C GLN M 69 -59.99 -17.32 9.79
N ASP M 70 -59.17 -16.97 10.79
CA ASP M 70 -59.24 -15.66 11.40
C ASP M 70 -58.03 -14.80 11.03
N LEU M 71 -58.13 -14.08 9.91
CA LEU M 71 -57.03 -13.24 9.45
C LEU M 71 -56.79 -12.05 10.39
N ALA M 72 -57.87 -11.40 10.82
CA ALA M 72 -57.72 -10.15 11.57
C ALA M 72 -56.99 -10.37 12.89
N GLY M 73 -57.30 -11.47 13.59
CA GLY M 73 -56.66 -11.71 14.88
C GLY M 73 -55.17 -11.91 14.77
N VAL M 74 -54.73 -12.72 13.82
CA VAL M 74 -53.29 -12.96 13.67
C VAL M 74 -52.58 -11.70 13.19
N GLU M 75 -53.22 -10.93 12.31
CA GLU M 75 -52.62 -9.65 11.93
C GLU M 75 -52.53 -8.71 13.12
N LYS M 76 -53.52 -8.74 14.01
CA LYS M 76 -53.48 -7.92 15.21
C LYS M 76 -52.34 -8.35 16.12
N ILE M 77 -52.13 -9.66 16.26
CA ILE M 77 -51.01 -10.17 17.04
C ILE M 77 -49.70 -9.67 16.45
N ASP M 78 -49.58 -9.75 15.13
CA ASP M 78 -48.36 -9.28 14.46
C ASP M 78 -48.13 -7.80 14.73
N THR M 79 -49.16 -6.98 14.53
CA THR M 79 -49.01 -5.54 14.71
C THR M 79 -48.66 -5.20 16.14
N LEU M 80 -49.30 -5.87 17.11
CA LEU M 80 -49.03 -5.58 18.51
C LEU M 80 -47.60 -5.98 18.88
N ILE M 81 -47.15 -7.16 18.47
CA ILE M 81 -45.81 -7.59 18.82
C ILE M 81 -44.77 -6.69 18.18
N GLN M 82 -44.96 -6.34 16.91
CA GLN M 82 -43.95 -5.55 16.21
C GLN M 82 -43.78 -4.15 16.80
N MET M 83 -44.85 -3.58 17.36
CA MET M 83 -44.76 -2.22 17.89
C MET M 83 -43.88 -2.16 19.13
N GLY M 84 -43.68 -3.26 19.84
CA GLY M 84 -42.80 -3.31 20.98
C GLY M 84 -43.53 -3.57 22.28
N PHE M 85 -42.77 -4.03 23.27
CA PHE M 85 -43.33 -4.28 24.60
C PHE M 85 -42.52 -3.49 25.62
N ILE M 86 -42.97 -3.57 26.87
CA ILE M 86 -42.29 -2.89 27.96
C ILE M 86 -41.45 -3.90 28.74
N LEU M 87 -40.20 -3.53 29.00
CA LEU M 87 -39.26 -4.37 29.73
C LEU M 87 -38.87 -3.73 31.04
N PRO M 88 -38.37 -4.52 32.00
CA PRO M 88 -37.87 -3.93 33.24
C PRO M 88 -36.71 -2.98 32.97
N GLU M 89 -36.53 -2.03 33.89
CA GLU M 89 -35.52 -1.00 33.73
C GLU M 89 -34.13 -1.62 33.63
N GLY M 90 -33.27 -0.99 32.82
CA GLY M 90 -31.94 -1.50 32.55
C GLY M 90 -31.85 -2.37 31.31
N TYR M 91 -32.98 -2.65 30.65
CA TYR M 91 -33.01 -3.46 29.46
C TYR M 91 -33.67 -2.69 28.33
N LYS M 92 -33.11 -2.80 27.13
CA LYS M 92 -33.52 -1.99 25.99
C LYS M 92 -33.96 -2.90 24.85
N LEU M 93 -35.16 -2.64 24.33
CA LEU M 93 -35.64 -3.35 23.15
C LEU M 93 -35.17 -2.63 21.90
N VAL M 94 -34.30 -3.27 21.11
CA VAL M 94 -33.71 -2.64 19.95
C VAL M 94 -34.48 -2.96 18.68
N ALA M 95 -34.72 -4.23 18.39
CA ALA M 95 -35.37 -4.58 17.13
C ALA M 95 -36.26 -5.79 17.34
N VAL M 96 -37.45 -5.74 16.74
CA VAL M 96 -38.38 -6.85 16.70
C VAL M 96 -38.62 -7.20 15.23
N ARG M 97 -38.38 -8.45 14.86
CA ARG M 97 -38.48 -8.83 13.47
C ARG M 97 -38.84 -10.31 13.37
N HIS M 98 -39.33 -10.70 12.20
CA HIS M 98 -39.71 -12.08 11.96
C HIS M 98 -38.49 -12.95 11.73
N CYS M 99 -38.62 -14.24 12.03
CA CYS M 99 -37.58 -15.22 11.78
C CYS M 99 -38.17 -16.61 11.93
N GLY M 100 -37.34 -17.61 11.73
CA GLY M 100 -37.75 -18.98 12.00
C GLY M 100 -38.89 -19.46 11.12
N LYS M 101 -39.73 -20.30 11.72
CA LYS M 101 -40.78 -21.00 11.00
C LYS M 101 -42.06 -20.15 10.98
N GLN M 102 -42.62 -19.97 9.79
CA GLN M 102 -43.93 -19.35 9.62
C GLN M 102 -44.82 -20.34 8.90
N ASN M 103 -45.92 -20.76 9.54
CA ASN M 103 -46.74 -21.83 9.00
C ASN M 103 -48.22 -21.48 9.10
N LEU M 104 -48.99 -22.04 8.17
CA LEU M 104 -50.46 -21.98 8.21
C LEU M 104 -50.96 -23.36 7.80
N VAL M 105 -51.17 -24.23 8.80
CA VAL M 105 -51.52 -25.62 8.56
C VAL M 105 -52.94 -25.85 9.07
N LYS M 106 -53.52 -26.97 8.67
CA LYS M 106 -54.79 -27.44 9.21
C LYS M 106 -54.54 -28.80 9.84
N GLU M 107 -54.81 -28.92 11.13
CA GLU M 107 -54.74 -30.20 11.82
C GLU M 107 -56.14 -30.58 12.27
N ASN M 108 -56.28 -31.81 12.77
CA ASN M 108 -57.52 -32.37 13.29
C ASN M 108 -58.76 -31.76 12.62
N THR M 109 -59.49 -30.91 13.34
CA THR M 109 -60.61 -30.15 12.79
C THR M 109 -60.45 -28.66 13.07
N LEU M 110 -59.25 -28.13 12.89
CA LEU M 110 -58.93 -26.78 13.35
C LEU M 110 -57.66 -26.28 12.65
N ILE M 111 -57.63 -24.97 12.40
CA ILE M 111 -56.51 -24.34 11.70
C ILE M 111 -55.48 -23.81 12.69
N HIS M 112 -54.21 -24.11 12.42
CA HIS M 112 -53.08 -23.77 13.26
C HIS M 112 -52.20 -22.79 12.51
N ALA M 113 -52.02 -21.59 13.06
CA ALA M 113 -51.15 -20.58 12.47
C ALA M 113 -49.96 -20.37 13.40
N LYS M 114 -48.75 -20.43 12.85
CA LYS M 114 -47.53 -20.32 13.63
C LYS M 114 -46.73 -19.15 13.11
N THR M 115 -46.42 -18.21 14.01
CA THR M 115 -45.67 -17.00 13.66
C THR M 115 -44.52 -16.82 14.65
N SER M 116 -43.30 -16.89 14.15
CA SER M 116 -42.12 -16.84 15.00
C SER M 116 -41.51 -15.44 14.98
N PHE M 117 -41.15 -14.95 16.16
CA PHE M 117 -40.56 -13.64 16.32
C PHE M 117 -39.16 -13.75 16.90
N GLU M 118 -38.31 -12.81 16.50
CA GLU M 118 -36.96 -12.67 17.00
C GLU M 118 -36.77 -11.24 17.49
N VAL M 119 -36.39 -11.09 18.75
CA VAL M 119 -36.26 -9.78 19.38
C VAL M 119 -34.84 -9.61 19.89
N SER M 120 -34.34 -8.38 19.84
CA SER M 120 -32.99 -8.06 20.29
C SER M 120 -33.06 -7.17 21.53
N ILE M 121 -32.37 -7.58 22.59
CA ILE M 121 -32.35 -6.85 23.84
C ILE M 121 -30.91 -6.43 24.12
N CYS M 122 -30.70 -5.13 24.26
CA CYS M 122 -29.42 -4.57 24.68
C CYS M 122 -29.47 -4.34 26.18
N ARG M 123 -28.56 -4.97 26.91
CA ARG M 123 -28.57 -4.82 28.36
C ARG M 123 -27.55 -3.81 28.88
N GLU M 124 -26.32 -3.83 28.39
CA GLU M 124 -25.34 -2.83 28.78
C GLU M 124 -24.29 -2.73 27.68
N LEU M 125 -23.59 -1.61 27.65
CA LEU M 125 -22.66 -1.32 26.57
C LEU M 125 -21.28 -1.84 26.92
N LYS M 126 -20.60 -2.41 25.92
CA LYS M 126 -19.28 -3.00 26.09
C LYS M 126 -18.25 -1.87 26.15
N VAL M 127 -18.07 -1.31 27.34
CA VAL M 127 -17.18 -0.17 27.54
C VAL M 127 -16.39 -0.41 28.82
N LYS M 128 -15.06 -0.37 28.74
CA LYS M 128 -14.28 -0.31 29.96
C LYS M 128 -14.40 1.09 30.52
N ILE M 129 -15.01 1.21 31.71
CA ILE M 129 -15.46 2.47 32.31
C ILE M 129 -15.83 3.50 31.26
N ALA N 2 -26.30 30.15 5.39
CA ALA N 2 -25.92 31.55 5.46
C ALA N 2 -26.64 32.25 6.60
N PHE N 3 -26.83 31.53 7.71
CA PHE N 3 -27.60 32.06 8.83
C PHE N 3 -27.24 31.38 10.14
N GLU N 4 -28.15 31.50 11.12
CA GLU N 4 -27.84 31.31 12.55
C GLU N 4 -26.99 32.47 13.05
N GLU N 5 -27.33 33.67 12.57
CA GLU N 5 -26.68 34.92 12.97
C GLU N 5 -25.17 34.83 12.74
N ASN N 6 -24.80 34.11 11.69
CA ASN N 6 -23.40 33.89 11.34
C ASN N 6 -22.62 33.36 12.53
N LEU N 7 -23.21 32.42 13.26
CA LEU N 7 -22.56 31.81 14.42
C LEU N 7 -21.30 31.05 14.07
N TYR N 8 -21.25 30.42 12.89
CA TYR N 8 -20.06 29.72 12.44
C TYR N 8 -19.68 30.04 11.01
N CYS N 9 -20.60 30.55 10.19
CA CYS N 9 -20.35 30.84 8.79
C CYS N 9 -20.35 32.36 8.61
N ASP N 10 -19.18 32.92 8.33
CA ASP N 10 -19.00 34.37 8.20
C ASP N 10 -18.67 34.70 6.75
N TYR N 11 -19.66 35.22 6.03
CA TYR N 11 -19.49 35.66 4.65
C TYR N 11 -19.30 37.17 4.54
N THR N 12 -19.13 37.87 5.65
CA THR N 12 -19.07 39.33 5.62
C THR N 12 -17.89 39.79 4.76
N PRO N 13 -18.10 40.67 3.80
CA PRO N 13 -17.00 41.15 2.95
C PRO N 13 -16.27 42.31 3.61
N GLY N 14 -15.01 42.07 3.97
CA GLY N 14 -14.17 43.13 4.49
C GLY N 14 -12.82 43.14 3.81
N ALA N 15 -12.53 42.07 3.08
CA ALA N 15 -11.27 41.93 2.34
C ALA N 15 -11.38 40.75 1.40
N ALA N 16 -10.28 40.41 0.73
CA ALA N 16 -10.25 39.22 -0.11
C ALA N 16 -9.38 38.16 0.53
N LYS N 17 -8.39 38.60 1.31
CA LYS N 17 -7.50 37.74 2.08
C LYS N 17 -6.62 36.88 1.16
N ALA N 18 -6.84 36.97 -0.14
CA ALA N 18 -6.10 36.22 -1.14
C ALA N 18 -6.55 36.68 -2.52
N VAL N 19 -5.66 36.53 -3.48
CA VAL N 19 -5.96 36.81 -4.88
C VAL N 19 -5.44 35.63 -5.69
N ALA N 20 -6.36 34.81 -6.18
CA ALA N 20 -5.97 33.66 -6.99
C ALA N 20 -5.23 34.12 -8.23
N GLY N 21 -4.09 33.49 -8.51
CA GLY N 21 -3.29 33.85 -9.65
C GLY N 21 -3.95 33.63 -10.98
N LYS N 22 -5.03 32.88 -11.02
CA LYS N 22 -5.81 32.73 -12.25
C LYS N 22 -6.67 33.93 -12.53
N ASP N 23 -6.58 34.95 -11.67
CA ASP N 23 -7.35 36.17 -11.84
C ASP N 23 -6.52 37.35 -12.30
N VAL N 24 -5.21 37.17 -12.48
CA VAL N 24 -4.33 38.25 -12.93
C VAL N 24 -3.77 37.88 -14.30
N ILE N 25 -3.93 38.77 -15.25
CA ILE N 25 -3.59 38.50 -16.64
C ILE N 25 -2.74 39.65 -17.17
N LEU N 26 -2.03 39.39 -18.26
CA LEU N 26 -1.26 40.42 -18.95
C LEU N 26 -1.98 40.83 -20.22
N ALA N 27 -2.06 42.14 -20.46
CA ALA N 27 -2.72 42.69 -21.63
C ALA N 27 -1.74 43.55 -22.39
N VAL N 28 -1.81 43.49 -23.72
CA VAL N 28 -0.90 44.20 -24.60
C VAL N 28 -1.70 45.07 -25.55
N PHE N 29 -1.27 46.32 -25.70
CA PHE N 29 -1.93 47.20 -26.66
C PHE N 29 -1.48 46.87 -28.08
N ASN N 30 -2.43 46.90 -29.00
CA ASN N 30 -2.12 46.68 -30.40
C ASN N 30 -1.35 47.87 -30.95
N ALA N 31 -0.87 47.72 -32.19
CA ALA N 31 -0.02 48.74 -32.79
C ALA N 31 -0.75 50.07 -32.91
N ALA N 32 -2.00 50.05 -33.35
CA ALA N 32 -2.76 51.29 -33.45
C ALA N 32 -3.21 51.78 -32.08
N GLY N 33 -3.21 50.91 -31.08
CA GLY N 33 -3.54 51.29 -29.73
C GLY N 33 -5.02 51.31 -29.39
N ASP N 34 -5.86 50.66 -30.19
CA ASP N 34 -7.30 50.67 -29.96
C ASP N 34 -7.83 49.37 -29.39
N LYS N 35 -6.99 48.33 -29.30
CA LYS N 35 -7.46 47.04 -28.83
C LYS N 35 -6.47 46.49 -27.82
N LEU N 36 -6.98 46.08 -26.66
CA LEU N 36 -6.17 45.43 -25.63
C LEU N 36 -6.31 43.93 -25.80
N LEU N 37 -5.23 43.26 -26.19
CA LEU N 37 -5.24 41.83 -26.38
C LEU N 37 -4.73 41.12 -25.15
N ALA N 38 -5.48 40.14 -24.68
CA ALA N 38 -5.03 39.27 -23.60
C ALA N 38 -4.15 38.18 -24.19
N VAL N 39 -2.89 38.13 -23.73
CA VAL N 39 -1.96 37.14 -24.25
C VAL N 39 -2.51 35.74 -24.00
N ALA N 40 -2.81 35.03 -25.07
CA ALA N 40 -3.45 33.72 -24.99
C ALA N 40 -2.45 32.67 -24.54
N GLY N 41 -2.91 31.76 -23.70
CA GLY N 41 -2.09 30.68 -23.20
C GLY N 41 -1.24 31.01 -21.99
N GLN N 42 -1.46 32.18 -21.38
CA GLN N 42 -0.67 32.60 -20.23
C GLN N 42 -0.76 31.60 -19.09
N GLN N 43 0.38 31.29 -18.48
CA GLN N 43 0.43 30.39 -17.34
C GLN N 43 1.33 30.87 -16.20
N GLY N 44 2.18 31.86 -16.43
CA GLY N 44 3.05 32.35 -15.38
C GLY N 44 3.31 33.82 -15.56
N LEU N 45 3.47 34.52 -14.44
CA LEU N 45 3.66 35.96 -14.48
C LEU N 45 4.58 36.37 -13.35
N THR N 46 5.57 37.20 -13.67
CA THR N 46 6.53 37.72 -12.71
C THR N 46 6.70 39.20 -12.98
N VAL N 47 6.65 40.02 -11.94
CA VAL N 47 6.88 41.45 -12.04
C VAL N 47 8.06 41.77 -11.13
N ASN N 48 9.11 42.35 -11.70
CA ASN N 48 10.29 42.76 -10.93
C ASN N 48 10.35 44.27 -10.89
N ARG N 49 10.51 44.82 -9.70
CA ARG N 49 10.64 46.26 -9.51
C ARG N 49 11.77 46.47 -8.52
N SER N 50 12.87 47.08 -8.96
CA SER N 50 14.07 47.18 -8.15
C SER N 50 14.57 48.61 -8.11
N LYS N 51 15.28 48.92 -7.03
CA LYS N 51 15.95 50.20 -6.84
C LYS N 51 17.33 49.95 -6.25
N ASP N 52 18.33 50.62 -6.80
CA ASP N 52 19.69 50.45 -6.31
C ASP N 52 19.86 51.14 -4.96
N SER N 53 21.07 51.06 -4.42
CA SER N 53 21.40 51.66 -3.13
C SER N 53 22.82 52.21 -3.20
N ILE N 54 22.95 53.52 -3.07
CA ILE N 54 24.25 54.17 -3.07
C ILE N 54 24.72 54.32 -1.64
N GLU N 55 26.02 54.09 -1.41
CA GLU N 55 26.60 54.09 -0.08
C GLU N 55 27.33 55.42 0.15
N ILE N 56 27.09 56.03 1.31
CA ILE N 56 27.68 57.32 1.65
C ILE N 56 28.35 57.18 3.02
N THR N 57 28.89 56.01 3.31
CA THR N 57 29.56 55.80 4.59
C THR N 57 30.66 56.84 4.80
N SER N 58 30.46 57.68 5.81
CA SER N 58 31.41 58.73 6.17
C SER N 58 32.14 58.26 7.42
N LYS N 59 33.47 58.31 7.38
CA LYS N 59 34.29 57.79 8.46
C LYS N 59 34.29 58.68 9.70
N ASP N 60 33.43 59.70 9.75
CA ASP N 60 33.29 60.56 10.92
C ASP N 60 31.89 60.50 11.53
N THR N 61 31.18 59.39 11.37
CA THR N 61 29.84 59.22 11.92
C THR N 61 29.86 58.26 13.09
N VAL N 62 29.21 58.67 14.19
CA VAL N 62 29.11 57.83 15.37
C VAL N 62 28.23 56.62 15.04
N GLY N 63 28.46 55.52 15.76
CA GLY N 63 27.72 54.31 15.46
C GLY N 63 28.62 53.15 15.10
N GLY N 64 28.59 52.77 13.83
CA GLY N 64 29.24 51.59 13.34
C GLY N 64 28.47 50.88 12.24
N TRP N 65 27.49 51.54 11.65
CA TRP N 65 26.66 50.97 10.60
C TRP N 65 26.92 51.70 9.28
N LYS N 66 26.56 51.03 8.19
CA LYS N 66 26.84 51.55 6.85
C LYS N 66 25.64 52.34 6.36
N SER N 67 25.87 53.58 5.93
CA SER N 67 24.82 54.50 5.53
C SER N 67 24.62 54.48 4.02
N LYS N 68 23.36 54.58 3.61
CA LYS N 68 22.99 54.46 2.22
C LYS N 68 21.84 55.40 1.89
N ILE N 69 21.59 55.56 0.60
CA ILE N 69 20.31 56.09 0.12
C ILE N 69 19.83 55.21 -1.03
N GLY N 70 18.62 55.47 -1.52
CA GLY N 70 18.05 54.66 -2.59
C GLY N 70 18.54 55.13 -3.93
N GLY N 71 18.80 54.16 -4.80
CA GLY N 71 19.36 54.46 -6.11
C GLY N 71 18.30 54.63 -7.18
N MET N 72 18.66 54.31 -8.42
CA MET N 72 17.77 54.46 -9.55
C MET N 72 16.74 53.34 -9.50
N LYS N 73 15.60 53.55 -10.13
CA LYS N 73 14.53 52.55 -10.15
C LYS N 73 14.33 52.01 -11.54
N GLU N 74 14.13 50.69 -11.64
CA GLU N 74 13.80 50.04 -12.89
C GLU N 74 12.83 48.90 -12.63
N TRP N 75 12.29 48.34 -13.70
CA TRP N 75 11.28 47.30 -13.62
C TRP N 75 11.28 46.46 -14.88
N SER N 76 10.68 45.28 -14.78
CA SER N 76 10.60 44.35 -15.89
C SER N 76 9.48 43.35 -15.62
N ILE N 77 9.00 42.73 -16.68
CA ILE N 77 7.96 41.70 -16.61
C ILE N 77 8.48 40.43 -17.25
N GLU N 78 8.13 39.29 -16.68
CA GLU N 78 8.40 37.99 -17.26
C GLU N 78 7.08 37.25 -17.40
N ASN N 79 6.86 36.61 -18.54
CA ASN N 79 5.66 35.85 -18.78
C ASN N 79 6.04 34.53 -19.45
N ASP N 80 5.18 33.53 -19.31
CA ASP N 80 5.37 32.26 -20.00
C ASP N 80 4.05 31.52 -20.01
N GLY N 81 3.88 30.67 -21.01
CA GLY N 81 2.63 29.94 -21.11
C GLY N 81 2.58 29.08 -22.35
N LEU N 82 1.37 28.63 -22.67
CA LEU N 82 1.15 27.82 -23.85
C LEU N 82 1.07 28.70 -25.09
N TYR N 83 1.78 28.30 -26.14
CA TYR N 83 1.97 29.15 -27.31
C TYR N 83 1.25 28.55 -28.51
N VAL N 84 0.42 29.37 -29.15
CA VAL N 84 -0.11 29.08 -30.47
C VAL N 84 0.31 30.22 -31.39
N ALA N 85 0.75 29.88 -32.60
CA ALA N 85 1.31 30.90 -33.48
C ALA N 85 0.25 31.66 -34.24
N ASP N 86 -1.03 31.31 -34.07
CA ASP N 86 -2.10 31.93 -34.84
C ASP N 86 -2.81 33.05 -34.09
N ALA N 87 -2.70 33.09 -32.77
CA ALA N 87 -3.41 34.08 -31.98
C ALA N 87 -2.96 35.49 -32.31
N GLU N 88 -3.89 36.45 -32.27
CA GLU N 88 -3.58 37.83 -32.59
C GLU N 88 -2.59 38.46 -31.62
N SER N 89 -2.73 38.20 -30.32
CA SER N 89 -1.78 38.72 -29.35
C SER N 89 -0.36 38.25 -29.63
N HIS N 90 -0.18 36.97 -29.95
CA HIS N 90 1.10 36.44 -30.38
C HIS N 90 1.52 37.00 -31.74
N LYS N 91 0.55 37.39 -32.57
CA LYS N 91 0.84 38.05 -33.84
C LYS N 91 1.23 39.51 -33.64
N GLU N 92 1.09 40.04 -32.43
CA GLU N 92 1.54 41.38 -32.11
C GLU N 92 2.90 41.40 -31.43
N LEU N 93 3.18 40.41 -30.59
CA LEU N 93 4.48 40.35 -29.93
C LEU N 93 5.60 40.19 -30.94
N ALA N 94 5.40 39.34 -31.95
CA ALA N 94 6.42 39.18 -32.98
C ALA N 94 6.64 40.47 -33.76
N LYS N 95 5.55 41.15 -34.11
CA LYS N 95 5.67 42.41 -34.84
C LYS N 95 6.45 43.45 -34.04
N TYR N 96 6.12 43.57 -32.75
CA TYR N 96 6.88 44.49 -31.90
C TYR N 96 8.34 44.08 -31.79
N PHE N 97 8.60 42.78 -31.67
CA PHE N 97 9.96 42.31 -31.52
C PHE N 97 10.81 42.62 -32.75
N GLU N 98 10.25 42.41 -33.94
CA GLU N 98 11.02 42.69 -35.15
C GLU N 98 11.14 44.17 -35.44
N SER N 99 10.19 44.98 -34.97
CA SER N 99 10.16 46.40 -35.30
C SER N 99 10.82 47.28 -34.26
N ASP N 100 11.31 46.71 -33.15
CA ASP N 100 11.92 47.47 -32.07
C ASP N 100 10.97 48.54 -31.54
N SER N 101 9.68 48.31 -31.65
CA SER N 101 8.72 49.31 -31.24
C SER N 101 8.40 49.17 -29.75
N PRO N 102 8.46 50.26 -29.00
CA PRO N 102 8.06 50.18 -27.58
C PRO N 102 6.60 49.81 -27.46
N VAL N 103 6.30 48.86 -26.58
CA VAL N 103 4.99 48.26 -26.48
C VAL N 103 4.34 48.65 -25.16
N CYS N 104 3.05 48.96 -25.21
CA CYS N 104 2.30 49.30 -24.01
C CYS N 104 1.71 48.03 -23.40
N VAL N 105 2.03 47.77 -22.14
CA VAL N 105 1.62 46.56 -21.45
C VAL N 105 0.87 46.96 -20.18
N LYS N 106 -0.02 46.08 -19.74
CA LYS N 106 -0.89 46.33 -18.59
C LYS N 106 -1.10 45.03 -17.84
N ILE N 107 -1.29 45.14 -16.54
CA ILE N 107 -1.57 43.99 -15.68
C ILE N 107 -2.98 44.14 -15.13
N ILE N 108 -3.84 43.15 -15.42
CA ILE N 108 -5.27 43.29 -15.17
C ILE N 108 -5.73 42.22 -14.20
N ASN N 109 -6.39 42.66 -13.13
CA ASN N 109 -7.12 41.76 -12.25
C ASN N 109 -8.48 41.53 -12.88
N GLN N 110 -8.58 40.53 -13.75
CA GLN N 110 -9.80 40.32 -14.52
C GLN N 110 -10.98 39.92 -13.65
N ALA N 111 -10.75 39.55 -12.39
CA ALA N 111 -11.82 39.26 -11.46
C ALA N 111 -12.39 40.51 -10.80
N SER N 112 -11.53 41.37 -10.26
CA SER N 112 -11.97 42.60 -9.61
C SER N 112 -12.17 43.74 -10.59
N LYS N 113 -11.85 43.54 -11.86
CA LYS N 113 -12.01 44.57 -12.90
C LYS N 113 -11.22 45.83 -12.56
N LYS N 114 -10.04 45.63 -11.96
CA LYS N 114 -9.17 46.75 -11.61
C LYS N 114 -7.80 46.55 -12.24
N GLY N 115 -7.30 47.60 -12.88
CA GLY N 115 -5.95 47.57 -13.42
C GLY N 115 -4.92 47.69 -12.30
N LEU N 116 -3.72 47.20 -12.56
CA LEU N 116 -2.65 47.19 -11.57
C LEU N 116 -1.43 47.99 -12.00
N PHE N 117 -0.86 47.71 -13.17
CA PHE N 117 0.36 48.37 -13.62
C PHE N 117 0.34 48.48 -15.13
N GLY N 118 0.48 49.69 -15.64
CA GLY N 118 0.61 49.93 -17.07
C GLY N 118 1.90 50.67 -17.37
N GLY N 119 2.54 50.33 -18.47
CA GLY N 119 3.80 50.96 -18.80
C GLY N 119 4.31 50.57 -20.17
N LEU N 120 5.33 51.30 -20.60
CA LEU N 120 5.98 51.05 -21.89
C LEU N 120 7.22 50.19 -21.66
N ALA N 121 7.34 49.13 -22.45
CA ALA N 121 8.44 48.18 -22.30
C ALA N 121 8.97 47.78 -23.66
N ILE N 122 10.15 47.16 -23.66
CA ILE N 122 10.77 46.64 -24.87
C ILE N 122 10.86 45.13 -24.73
N VAL N 123 10.60 44.41 -25.83
CA VAL N 123 10.61 42.96 -25.80
C VAL N 123 12.06 42.50 -25.83
N ALA N 124 12.63 42.23 -24.65
CA ALA N 124 14.04 41.84 -24.59
C ALA N 124 14.23 40.39 -25.01
N ASP N 125 13.30 39.52 -24.66
CA ASP N 125 13.43 38.10 -24.96
C ASP N 125 12.09 37.53 -25.38
N TYR N 126 12.08 36.80 -26.48
CA TYR N 126 10.89 36.11 -26.98
C TYR N 126 11.32 34.72 -27.40
N SER N 127 11.29 33.77 -26.46
CA SER N 127 11.76 32.42 -26.70
C SER N 127 10.66 31.42 -26.40
N PHE N 128 10.84 30.20 -26.92
CA PHE N 128 9.85 29.16 -26.77
C PHE N 128 10.47 27.79 -27.02
N GLU N 129 9.79 26.75 -26.53
CA GLU N 129 10.33 25.40 -26.48
C GLU N 129 9.34 24.44 -27.11
N ALA N 130 9.83 23.28 -27.54
CA ALA N 130 8.99 22.22 -28.10
C ALA N 130 9.36 20.87 -27.51
N PRO N 131 9.07 20.64 -26.23
CA PRO N 131 9.31 19.32 -25.64
C PRO N 131 8.46 18.26 -26.33
N PHE N 132 9.06 17.08 -26.52
CA PHE N 132 8.41 16.03 -27.29
C PHE N 132 7.24 15.38 -26.57
N ASP N 133 7.25 15.32 -25.24
CA ASP N 133 6.15 14.73 -24.50
C ASP N 133 5.31 15.78 -23.79
N GLU N 134 5.33 17.02 -24.27
CA GLU N 134 4.60 18.11 -23.63
C GLU N 134 4.00 18.97 -24.73
N ALA N 135 3.50 20.14 -24.35
CA ALA N 135 2.98 21.10 -25.31
C ALA N 135 3.97 22.23 -25.50
N MET N 136 4.15 22.65 -26.75
CA MET N 136 5.11 23.68 -27.06
C MET N 136 4.71 24.99 -26.40
N THR N 137 5.64 25.57 -25.63
CA THR N 137 5.34 26.69 -24.76
C THR N 137 6.31 27.84 -25.02
N TYR N 138 5.88 29.05 -24.69
CA TYR N 138 6.61 30.27 -24.97
C TYR N 138 7.00 30.96 -23.67
N SER N 139 8.09 31.74 -23.74
CA SER N 139 8.56 32.56 -22.64
C SER N 139 8.91 33.94 -23.19
N VAL N 140 8.52 34.99 -22.47
CA VAL N 140 8.69 36.37 -22.90
C VAL N 140 9.29 37.16 -21.74
N LYS N 141 10.24 38.03 -22.05
CA LYS N 141 10.78 38.98 -21.10
C LYS N 141 10.63 40.39 -21.66
N LEU N 142 10.05 41.29 -20.87
CA LEU N 142 9.89 42.68 -21.24
C LEU N 142 10.69 43.54 -20.27
N ASP N 143 11.59 44.35 -20.81
CA ASP N 143 12.41 45.24 -20.02
C ASP N 143 11.72 46.60 -19.96
N GLY N 144 11.55 47.13 -18.75
CA GLY N 144 10.87 48.39 -18.57
C GLY N 144 11.59 49.58 -19.14
N MET N 145 10.91 50.36 -19.95
CA MET N 145 11.40 51.65 -20.43
C MET N 145 10.48 52.72 -19.85
N GLY N 146 10.94 53.34 -18.77
CA GLY N 146 10.19 54.38 -18.10
C GLY N 146 9.54 53.87 -16.84
N ALA N 147 8.65 54.70 -16.31
CA ALA N 147 7.97 54.39 -15.05
C ALA N 147 7.01 53.22 -15.24
N LEU N 148 6.90 52.40 -14.19
CA LEU N 148 5.80 51.44 -14.11
C LEU N 148 4.65 52.10 -13.36
N VAL N 149 3.68 52.62 -14.09
CA VAL N 149 2.59 53.39 -13.51
C VAL N 149 1.70 52.42 -12.74
N ASP N 150 1.75 52.51 -11.42
CA ASP N 150 0.93 51.66 -10.55
C ASP N 150 -0.50 52.15 -10.61
N LEU N 151 -1.42 51.26 -10.99
CA LEU N 151 -2.84 51.59 -11.05
C LEU N 151 -3.57 51.33 -9.74
N THR N 152 -2.90 50.70 -8.76
CA THR N 152 -3.49 50.50 -7.45
C THR N 152 -3.46 51.75 -6.59
N ILE N 153 -2.59 52.71 -6.90
CA ILE N 153 -2.52 53.98 -6.20
C ILE N 153 -3.00 55.13 -7.06
N THR N 154 -2.97 54.97 -8.38
CA THR N 154 -3.44 55.99 -9.30
C THR N 154 -4.84 55.63 -9.77
N GLU N 155 -5.62 56.65 -10.10
CA GLU N 155 -7.01 56.46 -10.48
C GLU N 155 -7.14 56.21 -11.96
N GLY N 156 -8.02 55.30 -12.33
CA GLY N 156 -8.30 54.98 -13.71
C GLY N 156 -7.63 53.69 -14.15
N GLY N 157 -7.51 53.55 -15.47
CA GLY N 157 -6.88 52.37 -16.05
C GLY N 157 -7.64 51.09 -15.77
N ASP N 158 -8.83 50.95 -16.35
CA ASP N 158 -9.66 49.78 -16.11
C ASP N 158 -10.20 49.17 -17.39
N GLN N 159 -9.53 49.37 -18.52
CA GLN N 159 -9.94 48.72 -19.75
C GLN N 159 -9.69 47.22 -19.66
N MET N 160 -10.77 46.46 -19.66
CA MET N 160 -10.70 45.01 -19.42
C MET N 160 -10.28 44.20 -20.64
N PRO N 161 -10.82 44.45 -21.85
CA PRO N 161 -10.37 43.68 -23.02
C PRO N 161 -8.86 43.59 -23.14
N ALA O 15 -26.50 9.38 32.48
CA ALA O 15 -26.38 9.99 31.16
C ALA O 15 -27.10 9.16 30.11
N ALA O 16 -26.62 9.24 28.87
CA ALA O 16 -27.22 8.49 27.77
C ALA O 16 -26.42 7.24 27.48
N LYS O 17 -25.13 7.28 27.80
CA LYS O 17 -24.20 6.15 27.68
C LYS O 17 -23.85 5.84 26.23
N ALA O 18 -24.53 6.50 25.28
CA ALA O 18 -24.26 6.37 23.86
C ALA O 18 -25.19 7.29 23.09
N VAL O 19 -24.86 7.50 21.83
CA VAL O 19 -25.74 8.15 20.87
C VAL O 19 -25.76 7.27 19.64
N ALA O 20 -26.94 6.81 19.24
CA ALA O 20 -27.04 5.94 18.08
C ALA O 20 -26.61 6.68 16.83
N GLY O 21 -25.89 5.99 15.95
CA GLY O 21 -25.38 6.58 14.75
C GLY O 21 -26.42 7.05 13.76
N LYS O 22 -27.62 6.47 13.81
CA LYS O 22 -28.70 6.91 12.93
C LYS O 22 -29.35 8.18 13.38
N ASP O 23 -28.80 8.85 14.40
CA ASP O 23 -29.41 10.06 14.93
C ASP O 23 -28.59 11.31 14.69
N VAL O 24 -27.40 11.20 14.13
CA VAL O 24 -26.58 12.36 13.77
C VAL O 24 -26.51 12.45 12.26
N ILE O 25 -26.82 13.63 11.73
CA ILE O 25 -27.00 13.84 10.30
C ILE O 25 -26.23 15.10 9.88
N LEU O 26 -25.96 15.17 8.59
CA LEU O 26 -25.33 16.33 7.98
C LEU O 26 -26.42 17.23 7.38
N ALA O 27 -26.28 18.54 7.61
CA ALA O 27 -27.26 19.51 7.14
C ALA O 27 -26.53 20.62 6.40
N VAL O 28 -27.11 21.05 5.29
CA VAL O 28 -26.52 22.05 4.41
C VAL O 28 -27.43 23.27 4.35
N PHE O 29 -26.82 24.44 4.42
CA PHE O 29 -27.57 25.67 4.28
C PHE O 29 -27.81 25.99 2.81
N ASN O 30 -29.03 26.38 2.49
CA ASN O 30 -29.35 26.80 1.14
C ASN O 30 -28.66 28.13 0.82
N ALA O 31 -28.79 28.55 -0.44
CA ALA O 31 -28.04 29.71 -0.91
C ALA O 31 -28.35 30.96 -0.10
N ALA O 32 -29.63 31.22 0.16
CA ALA O 32 -29.99 32.37 0.97
C ALA O 32 -29.76 32.11 2.46
N GLY O 33 -29.61 30.85 2.83
CA GLY O 33 -29.46 30.47 4.21
C GLY O 33 -30.75 30.33 4.99
N ASP O 34 -31.89 30.28 4.31
CA ASP O 34 -33.19 30.24 4.99
C ASP O 34 -33.58 28.85 5.46
N LYS O 35 -33.16 27.80 4.77
CA LYS O 35 -33.59 26.45 5.11
C LYS O 35 -32.37 25.56 5.30
N LEU O 36 -32.36 24.83 6.41
CA LEU O 36 -31.33 23.83 6.66
C LEU O 36 -31.80 22.51 6.08
N LEU O 37 -31.31 22.16 4.91
CA LEU O 37 -31.72 20.93 4.24
C LEU O 37 -30.83 19.77 4.66
N ALA O 38 -31.44 18.72 5.17
CA ALA O 38 -30.73 17.49 5.48
C ALA O 38 -30.53 16.71 4.19
N VAL O 39 -29.27 16.41 3.87
CA VAL O 39 -28.98 15.68 2.64
C VAL O 39 -29.67 14.32 2.68
N ALA O 40 -30.51 14.06 1.68
CA ALA O 40 -31.31 12.86 1.62
C ALA O 40 -30.45 11.66 1.29
N GLY O 41 -30.81 10.50 1.83
CA GLY O 41 -30.11 9.28 1.57
C GLY O 41 -28.86 9.08 2.40
N GLN O 42 -28.68 9.84 3.47
CA GLN O 42 -27.52 9.71 4.34
C GLN O 42 -27.37 8.28 4.84
N GLN O 43 -26.17 7.73 4.70
CA GLN O 43 -25.89 6.38 5.16
C GLN O 43 -24.62 6.28 5.99
N GLY O 44 -23.66 7.17 5.78
CA GLY O 44 -22.43 7.15 6.56
C GLY O 44 -21.89 8.54 6.71
N LEU O 45 -21.09 8.74 7.76
CA LEU O 45 -20.54 10.05 8.05
C LEU O 45 -19.29 9.91 8.89
N THR O 46 -18.27 10.67 8.56
CA THR O 46 -17.04 10.73 9.36
C THR O 46 -16.54 12.17 9.36
N VAL O 47 -16.06 12.62 10.52
CA VAL O 47 -15.54 13.96 10.69
C VAL O 47 -14.10 13.84 11.17
N ASN O 48 -13.18 14.41 10.43
CA ASN O 48 -11.76 14.39 10.79
C ASN O 48 -11.33 15.78 11.26
N ARG O 49 -10.64 15.81 12.40
CA ARG O 49 -10.12 17.06 12.95
C ARG O 49 -8.69 16.79 13.39
N SER O 50 -7.73 17.41 12.70
CA SER O 50 -6.32 17.11 12.93
C SER O 50 -5.56 18.39 13.24
N LYS O 51 -4.43 18.21 13.91
CA LYS O 51 -3.53 19.30 14.24
C LYS O 51 -2.10 18.86 13.97
N ASP O 52 -1.32 19.73 13.33
CA ASP O 52 0.06 19.43 13.00
C ASP O 52 0.95 19.52 14.24
N SER O 53 2.16 18.96 14.13
CA SER O 53 3.11 18.93 15.23
C SER O 53 4.45 19.43 14.72
N ILE O 54 5.02 20.41 15.41
CA ILE O 54 6.30 20.99 15.01
C ILE O 54 7.41 20.37 15.83
N GLU O 55 8.64 20.48 15.34
CA GLU O 55 9.82 19.92 15.98
C GLU O 55 10.63 21.00 16.66
N ILE O 56 10.68 20.95 17.99
CA ILE O 56 11.46 21.88 18.80
C ILE O 56 12.61 21.07 19.38
N THR O 57 12.99 20.00 18.69
CA THR O 57 14.06 19.14 19.18
C THR O 57 15.39 19.86 19.07
N SER O 58 15.89 20.36 20.20
CA SER O 58 17.17 21.05 20.28
C SER O 58 18.03 20.31 21.29
N LYS O 59 19.23 19.94 20.89
CA LYS O 59 20.07 19.06 21.69
C LYS O 59 20.89 19.78 22.76
N ASP O 60 20.27 20.67 23.52
CA ASP O 60 20.84 21.17 24.77
C ASP O 60 20.04 20.70 25.98
N THR O 61 19.10 19.76 25.78
CA THR O 61 18.20 19.34 26.84
C THR O 61 18.54 17.93 27.30
N VAL O 62 18.59 17.76 28.61
CA VAL O 62 18.84 16.45 29.20
C VAL O 62 17.63 15.57 28.97
N GLY O 63 17.79 14.27 29.19
CA GLY O 63 16.72 13.34 28.91
C GLY O 63 17.06 12.36 27.82
N GLY O 64 16.46 12.55 26.64
CA GLY O 64 16.53 11.59 25.56
C GLY O 64 15.25 11.48 24.78
N TRP O 65 14.28 12.34 25.03
CA TRP O 65 12.99 12.31 24.35
C TRP O 65 12.90 13.45 23.35
N LYS O 66 12.10 13.26 22.31
CA LYS O 66 11.97 14.22 21.24
C LYS O 66 10.94 15.28 21.62
N SER O 67 11.29 16.54 21.40
CA SER O 67 10.44 17.67 21.79
C SER O 67 9.53 18.08 20.64
N LYS O 68 8.26 18.33 20.98
CA LYS O 68 7.26 18.70 19.99
C LYS O 68 6.34 19.76 20.57
N ILE O 69 5.72 20.53 19.67
CA ILE O 69 4.65 21.45 20.04
C ILE O 69 3.50 21.28 19.07
N GLY O 70 2.42 22.01 19.28
CA GLY O 70 1.26 21.92 18.43
C GLY O 70 1.32 22.94 17.30
N GLY O 71 0.81 22.52 16.15
CA GLY O 71 0.86 23.36 14.97
C GLY O 71 -0.48 23.92 14.53
N MET O 72 -0.83 23.67 13.28
CA MET O 72 -2.06 24.19 12.68
C MET O 72 -3.15 23.13 12.71
N LYS O 73 -4.40 23.60 12.76
CA LYS O 73 -5.55 22.70 12.82
C LYS O 73 -6.35 22.79 11.53
N GLU O 74 -6.89 21.65 11.09
CA GLU O 74 -7.81 21.62 9.98
C GLU O 74 -8.80 20.47 10.16
N TRP O 75 -9.83 20.46 9.33
CA TRP O 75 -10.92 19.51 9.47
C TRP O 75 -11.49 19.17 8.10
N SER O 76 -12.20 18.05 8.06
CA SER O 76 -12.83 17.57 6.83
C SER O 76 -14.02 16.69 7.21
N ILE O 77 -14.93 16.52 6.28
CA ILE O 77 -16.14 15.72 6.49
C ILE O 77 -16.36 14.84 5.26
N GLU O 78 -16.60 13.55 5.49
CA GLU O 78 -16.94 12.63 4.42
C GLU O 78 -18.31 12.04 4.70
N ASN O 79 -19.22 12.15 3.73
CA ASN O 79 -20.57 11.64 3.87
C ASN O 79 -20.98 10.90 2.59
N ASP O 80 -21.51 9.70 2.74
CA ASP O 80 -21.94 8.92 1.59
C ASP O 80 -23.28 8.28 1.89
N GLY O 81 -24.00 7.92 0.85
CA GLY O 81 -25.30 7.30 1.03
C GLY O 81 -25.97 7.01 -0.28
N LEU O 82 -27.29 6.79 -0.22
CA LEU O 82 -28.07 6.61 -1.43
C LEU O 82 -28.29 7.96 -2.10
N TYR O 83 -28.32 7.93 -3.43
CA TYR O 83 -28.37 9.16 -4.24
C TYR O 83 -29.74 9.27 -4.88
N VAL O 84 -30.43 10.37 -4.61
CA VAL O 84 -31.62 10.78 -5.35
C VAL O 84 -31.36 12.18 -5.91
N ALA O 85 -31.57 12.35 -7.21
CA ALA O 85 -31.20 13.60 -7.86
C ALA O 85 -32.28 14.66 -7.78
N ASP O 86 -33.48 14.30 -7.32
CA ASP O 86 -34.58 15.25 -7.31
C ASP O 86 -34.72 16.00 -5.99
N ALA O 87 -34.16 15.48 -4.90
CA ALA O 87 -34.24 16.14 -3.61
C ALA O 87 -33.54 17.49 -3.66
N GLU O 88 -34.14 18.50 -3.01
CA GLU O 88 -33.56 19.84 -3.03
C GLU O 88 -32.17 19.90 -2.41
N SER O 89 -31.87 19.01 -1.47
CA SER O 89 -30.53 18.99 -0.90
C SER O 89 -29.47 18.67 -1.93
N HIS O 90 -29.71 17.70 -2.80
CA HIS O 90 -28.76 17.33 -3.85
C HIS O 90 -28.80 18.29 -5.03
N LYS O 91 -29.87 19.07 -5.17
CA LYS O 91 -29.93 20.11 -6.18
C LYS O 91 -29.15 21.34 -5.76
N GLU O 92 -28.82 21.47 -4.48
CA GLU O 92 -27.99 22.55 -3.98
C GLU O 92 -26.52 22.20 -3.98
N LEU O 93 -26.18 20.97 -3.60
CA LEU O 93 -24.77 20.56 -3.58
C LEU O 93 -24.14 20.70 -4.95
N ALA O 94 -24.90 20.37 -6.00
CA ALA O 94 -24.40 20.57 -7.36
C ALA O 94 -24.17 22.05 -7.64
N LYS O 95 -25.10 22.91 -7.23
CA LYS O 95 -24.95 24.35 -7.46
C LYS O 95 -23.71 24.88 -6.75
N TYR O 96 -23.51 24.50 -5.49
CA TYR O 96 -22.31 24.93 -4.79
C TYR O 96 -21.05 24.38 -5.45
N PHE O 97 -21.09 23.13 -5.91
CA PHE O 97 -19.92 22.52 -6.51
C PHE O 97 -19.52 23.23 -7.79
N GLU O 98 -20.50 23.58 -8.63
CA GLU O 98 -20.17 24.19 -9.91
C GLU O 98 -19.74 25.65 -9.76
N SER O 99 -20.26 26.35 -8.76
CA SER O 99 -19.99 27.78 -8.61
C SER O 99 -18.84 28.09 -7.68
N ASP O 100 -18.21 27.06 -7.10
CA ASP O 100 -17.06 27.24 -6.22
C ASP O 100 -17.36 28.17 -5.05
N SER O 101 -18.59 28.13 -4.55
CA SER O 101 -18.91 28.99 -3.43
C SER O 101 -18.76 28.22 -2.13
N PRO O 102 -18.31 28.87 -1.05
CA PRO O 102 -18.23 28.20 0.24
C PRO O 102 -19.62 27.77 0.71
N VAL O 103 -19.67 26.62 1.37
CA VAL O 103 -20.93 26.02 1.80
C VAL O 103 -20.97 26.03 3.32
N CYS O 104 -22.17 26.21 3.88
CA CYS O 104 -22.35 26.15 5.33
C CYS O 104 -22.90 24.79 5.71
N VAL O 105 -22.15 24.07 6.55
CA VAL O 105 -22.49 22.70 6.93
C VAL O 105 -22.64 22.65 8.44
N LYS O 106 -23.59 21.82 8.89
CA LYS O 106 -23.87 21.65 10.31
C LYS O 106 -24.10 20.17 10.58
N ILE O 107 -23.84 19.75 11.81
CA ILE O 107 -24.08 18.38 12.23
C ILE O 107 -25.17 18.39 13.30
N ILE O 108 -26.25 17.66 13.05
CA ILE O 108 -27.41 17.71 13.91
C ILE O 108 -27.64 16.35 14.55
N ASN O 109 -27.74 16.33 15.87
CA ASN O 109 -28.17 15.14 16.59
C ASN O 109 -29.69 15.23 16.69
N GLN O 110 -30.36 14.72 15.65
CA GLN O 110 -31.81 14.85 15.53
C GLN O 110 -32.58 14.12 16.61
N ALA O 111 -31.90 13.39 17.51
CA ALA O 111 -32.53 12.78 18.67
C ALA O 111 -32.56 13.70 19.87
N SER O 112 -31.42 14.23 20.29
CA SER O 112 -31.36 15.18 21.39
C SER O 112 -31.68 16.60 20.97
N LYS O 113 -31.88 16.84 19.68
CA LYS O 113 -32.28 18.14 19.15
C LYS O 113 -31.21 19.20 19.44
N LYS O 114 -29.95 18.79 19.35
CA LYS O 114 -28.83 19.69 19.60
C LYS O 114 -27.88 19.68 18.41
N GLY O 115 -27.37 20.85 18.06
CA GLY O 115 -26.34 20.93 17.02
C GLY O 115 -25.00 20.47 17.57
N LEU O 116 -24.16 19.99 16.65
CA LEU O 116 -22.86 19.44 17.03
C LEU O 116 -21.68 20.25 16.50
N PHE O 117 -21.59 20.45 15.18
CA PHE O 117 -20.45 21.14 14.60
C PHE O 117 -20.90 21.89 13.37
N GLY O 118 -20.59 23.18 13.29
CA GLY O 118 -20.93 23.98 12.14
C GLY O 118 -19.68 24.63 11.57
N GLY O 119 -19.70 24.89 10.27
CA GLY O 119 -18.54 25.52 9.65
C GLY O 119 -18.76 25.80 8.18
N LEU O 120 -17.76 26.46 7.60
CA LEU O 120 -17.68 26.69 6.17
C LEU O 120 -16.76 25.64 5.55
N ALA O 121 -17.22 25.03 4.46
CA ALA O 121 -16.47 23.97 3.79
C ALA O 121 -16.51 24.21 2.29
N ILE O 122 -15.61 23.52 1.59
CA ILE O 122 -15.56 23.55 0.14
C ILE O 122 -15.75 22.12 -0.35
N VAL O 123 -16.63 21.94 -1.33
CA VAL O 123 -16.94 20.61 -1.83
C VAL O 123 -15.75 20.13 -2.64
N ALA O 124 -14.87 19.35 -2.01
CA ALA O 124 -13.67 18.90 -2.70
C ALA O 124 -13.99 17.79 -3.68
N ASP O 125 -14.99 16.97 -3.37
CA ASP O 125 -15.36 15.87 -4.25
C ASP O 125 -16.87 15.67 -4.20
N TYR O 126 -17.45 15.33 -5.34
CA TYR O 126 -18.85 14.93 -5.43
C TYR O 126 -18.90 13.81 -6.46
N SER O 127 -18.74 12.57 -5.99
CA SER O 127 -18.70 11.40 -6.85
C SER O 127 -19.73 10.39 -6.41
N PHE O 128 -20.05 9.47 -7.31
CA PHE O 128 -21.11 8.50 -7.07
C PHE O 128 -20.95 7.29 -7.98
N GLU O 129 -21.49 6.17 -7.52
CA GLU O 129 -21.27 4.87 -8.13
C GLU O 129 -22.61 4.23 -8.42
N ALA O 130 -22.67 3.44 -9.51
CA ALA O 130 -23.91 2.80 -9.94
C ALA O 130 -23.67 1.31 -10.16
N PRO O 131 -23.62 0.51 -9.11
CA PRO O 131 -23.56 -0.94 -9.28
C PRO O 131 -24.86 -1.46 -9.88
N PHE O 132 -24.74 -2.56 -10.63
CA PHE O 132 -25.88 -3.07 -11.37
C PHE O 132 -26.85 -3.85 -10.52
N ASP O 133 -26.45 -4.28 -9.32
CA ASP O 133 -27.32 -5.03 -8.43
C ASP O 133 -27.64 -4.27 -7.15
N GLU O 134 -27.27 -2.99 -7.08
CA GLU O 134 -27.53 -2.17 -5.91
C GLU O 134 -28.22 -0.89 -6.39
N ALA O 135 -28.38 0.07 -5.50
CA ALA O 135 -28.86 1.39 -5.84
C ALA O 135 -27.67 2.32 -6.08
N MET O 136 -27.91 3.40 -6.82
CA MET O 136 -26.85 4.34 -7.11
C MET O 136 -26.50 5.12 -5.85
N THR O 137 -25.26 4.97 -5.40
CA THR O 137 -24.79 5.60 -4.17
C THR O 137 -23.90 6.78 -4.52
N TYR O 138 -23.91 7.78 -3.64
CA TYR O 138 -23.16 9.01 -3.80
C TYR O 138 -22.20 9.19 -2.63
N SER O 139 -21.10 9.88 -2.89
CA SER O 139 -20.09 10.19 -1.89
C SER O 139 -19.72 11.66 -2.01
N VAL O 140 -19.52 12.32 -0.86
CA VAL O 140 -19.22 13.75 -0.80
C VAL O 140 -18.09 13.95 0.19
N LYS O 141 -17.08 14.72 -0.21
CA LYS O 141 -16.01 15.14 0.67
C LYS O 141 -16.03 16.67 0.77
N LEU O 142 -16.04 17.18 1.98
CA LEU O 142 -16.01 18.61 2.25
C LEU O 142 -14.72 18.93 2.98
N ASP O 143 -13.94 19.85 2.41
CA ASP O 143 -12.65 20.26 2.97
C ASP O 143 -12.88 21.51 3.82
N GLY O 144 -12.25 21.53 4.99
CA GLY O 144 -12.43 22.61 5.94
C GLY O 144 -12.01 23.97 5.46
N MET O 145 -12.88 24.96 5.62
CA MET O 145 -12.58 26.35 5.32
C MET O 145 -12.75 27.16 6.60
N GLY O 146 -11.67 27.27 7.36
CA GLY O 146 -11.64 28.07 8.57
C GLY O 146 -11.98 27.24 9.79
N ALA O 147 -12.44 27.95 10.82
CA ALA O 147 -12.70 27.32 12.11
C ALA O 147 -13.90 26.39 12.03
N LEU O 148 -13.76 25.22 12.67
CA LEU O 148 -14.90 24.33 12.88
C LEU O 148 -15.42 24.56 14.30
N VAL O 149 -16.53 25.29 14.42
CA VAL O 149 -17.04 25.71 15.72
C VAL O 149 -17.63 24.48 16.40
N ASP O 150 -17.03 24.09 17.52
CA ASP O 150 -17.55 22.99 18.33
C ASP O 150 -18.80 23.47 19.06
N LEU O 151 -19.96 23.05 18.59
CA LEU O 151 -21.21 23.48 19.21
C LEU O 151 -21.54 22.73 20.48
N THR O 152 -20.84 21.64 20.78
CA THR O 152 -21.01 20.95 22.05
C THR O 152 -20.34 21.68 23.21
N ILE O 153 -19.44 22.61 22.93
CA ILE O 153 -18.76 23.39 23.95
C ILE O 153 -19.15 24.86 23.91
N THR O 154 -19.87 25.28 22.89
CA THR O 154 -20.30 26.66 22.74
C THR O 154 -21.82 26.73 22.75
N GLU O 155 -22.34 27.67 23.53
CA GLU O 155 -23.78 27.81 23.68
C GLU O 155 -24.42 28.24 22.36
N GLY O 156 -25.59 27.69 22.07
CA GLY O 156 -26.34 28.02 20.87
C GLY O 156 -26.22 26.97 19.80
N GLY O 157 -26.60 27.36 18.58
CA GLY O 157 -26.51 26.48 17.44
C GLY O 157 -27.44 25.28 17.53
N ASP O 158 -28.75 25.52 17.46
CA ASP O 158 -29.72 24.44 17.62
C ASP O 158 -30.85 24.51 16.59
N GLN O 159 -30.61 25.12 15.43
CA GLN O 159 -31.65 25.17 14.41
C GLN O 159 -31.87 23.77 13.84
N MET O 160 -33.12 23.33 13.89
CA MET O 160 -33.43 21.92 13.74
C MET O 160 -33.43 21.38 12.31
N PRO O 161 -34.17 21.99 11.34
CA PRO O 161 -34.32 21.40 10.01
C PRO O 161 -33.07 20.76 9.42
N MET P 1 -1.71 -27.43 32.75
CA MET P 1 -2.75 -27.87 33.66
C MET P 1 -3.86 -28.47 32.80
N LYS P 2 -4.26 -29.70 33.12
CA LYS P 2 -5.18 -30.45 32.27
C LYS P 2 -6.56 -29.82 32.24
N SER P 3 -7.28 -30.05 31.15
CA SER P 3 -8.64 -29.55 31.00
C SER P 3 -9.55 -30.10 32.08
N LEU P 4 -10.38 -29.24 32.65
CA LEU P 4 -11.30 -29.63 33.71
C LEU P 4 -12.33 -30.62 33.18
N SER P 5 -12.58 -31.67 33.95
CA SER P 5 -13.62 -32.62 33.58
C SER P 5 -14.99 -31.98 33.73
N PHE P 6 -15.95 -32.47 32.95
CA PHE P 6 -17.27 -31.87 32.94
C PHE P 6 -18.00 -32.09 34.25
N MET P 7 -17.81 -33.25 34.88
CA MET P 7 -18.61 -33.56 36.05
C MET P 7 -18.12 -32.80 37.27
N ARG P 8 -16.85 -32.38 37.27
CA ARG P 8 -16.40 -31.42 38.26
C ARG P 8 -17.16 -30.11 38.16
N VAL P 9 -17.39 -29.61 36.94
CA VAL P 9 -18.21 -28.42 36.76
C VAL P 9 -19.62 -28.68 37.27
N LEU P 10 -20.18 -29.86 36.95
CA LEU P 10 -21.52 -30.19 37.43
C LEU P 10 -21.57 -30.18 38.95
N GLU P 11 -20.58 -30.80 39.61
CA GLU P 11 -20.57 -30.85 41.07
C GLU P 11 -20.39 -29.46 41.68
N ALA P 12 -19.54 -28.63 41.09
CA ALA P 12 -19.35 -27.28 41.61
C ALA P 12 -20.64 -26.49 41.52
N VAL P 13 -21.34 -26.59 40.38
CA VAL P 13 -22.60 -25.88 40.21
C VAL P 13 -23.64 -26.39 41.21
N ARG P 14 -23.71 -27.71 41.38
CA ARG P 14 -24.68 -28.28 42.31
C ARG P 14 -24.41 -27.80 43.73
N THR P 15 -23.15 -27.84 44.16
CA THR P 15 -22.81 -27.39 45.51
C THR P 15 -23.11 -25.92 45.68
N MET P 16 -22.77 -25.10 44.69
CA MET P 16 -23.11 -23.68 44.72
C MET P 16 -24.60 -23.47 44.92
N LEU P 17 -25.41 -24.13 44.10
CA LEU P 17 -26.86 -23.97 44.20
C LEU P 17 -27.39 -24.42 45.56
N GLN P 18 -26.99 -25.60 46.02
CA GLN P 18 -27.51 -26.13 47.27
C GLN P 18 -27.11 -25.25 48.45
N GLU P 19 -25.87 -24.75 48.44
CA GLU P 19 -25.41 -23.93 49.55
C GLU P 19 -26.01 -22.53 49.55
N LYS P 20 -26.08 -21.87 48.39
CA LYS P 20 -26.52 -20.48 48.34
C LYS P 20 -28.03 -20.31 48.26
N GLY P 21 -28.75 -21.30 47.74
CA GLY P 21 -30.18 -21.15 47.60
C GLY P 21 -30.99 -22.24 48.27
N GLY P 22 -30.31 -23.25 48.81
CA GLY P 22 -31.01 -24.34 49.46
C GLY P 22 -31.87 -25.17 48.54
N LEU P 23 -31.41 -25.44 47.33
CA LEU P 23 -32.17 -26.24 46.37
C LEU P 23 -31.52 -27.62 46.25
N ASP P 24 -32.34 -28.66 46.34
CA ASP P 24 -31.88 -30.03 46.19
C ASP P 24 -31.92 -30.40 44.71
N VAL P 25 -30.79 -30.24 44.03
CA VAL P 25 -30.69 -30.47 42.59
C VAL P 25 -29.75 -31.64 42.35
N SER P 26 -30.21 -32.63 41.60
CA SER P 26 -29.45 -33.82 41.30
C SER P 26 -28.78 -33.69 39.94
N ILE P 27 -27.47 -33.95 39.89
CA ILE P 27 -26.69 -33.80 38.67
C ILE P 27 -27.08 -34.85 37.65
N VAL P 28 -27.49 -36.02 38.12
CA VAL P 28 -27.85 -37.12 37.23
C VAL P 28 -29.12 -36.76 36.47
N MET P 29 -29.10 -36.97 35.15
CA MET P 29 -30.24 -36.63 34.32
C MET P 29 -31.19 -37.82 34.21
N ARG P 30 -32.49 -37.52 34.09
CA ARG P 30 -33.55 -38.52 33.97
C ARG P 30 -34.18 -38.41 32.58
N ASN P 31 -35.21 -39.23 32.33
CA ASN P 31 -35.94 -39.14 31.07
C ASN P 31 -37.40 -38.78 31.32
N GLN P 32 -38.07 -39.54 32.18
CA GLN P 32 -39.46 -39.29 32.55
C GLN P 32 -39.50 -39.03 34.05
N VAL P 33 -40.20 -37.97 34.44
CA VAL P 33 -40.21 -37.54 35.84
C VAL P 33 -41.64 -37.37 36.35
N GLU P 34 -41.78 -37.33 37.67
CA GLU P 34 -43.03 -36.97 38.32
C GLU P 34 -42.71 -36.53 39.74
N MET P 35 -43.66 -35.80 40.35
CA MET P 35 -43.46 -34.86 41.46
C MET P 35 -42.47 -33.77 41.06
N PRO P 36 -42.68 -32.54 41.51
CA PRO P 36 -41.81 -31.44 41.09
C PRO P 36 -40.40 -31.58 41.63
N THR P 37 -39.43 -31.08 40.87
CA THR P 37 -38.03 -31.08 41.27
C THR P 37 -37.20 -30.17 40.36
N THR P 38 -35.89 -30.14 40.59
CA THR P 38 -34.96 -29.40 39.75
C THR P 38 -33.76 -30.29 39.45
N MET P 39 -33.38 -30.37 38.18
CA MET P 39 -32.35 -31.30 37.75
C MET P 39 -31.39 -30.59 36.80
N ILE P 40 -30.18 -31.14 36.69
CA ILE P 40 -29.13 -30.58 35.84
C ILE P 40 -28.79 -31.60 34.76
N GLU P 41 -28.80 -31.15 33.51
CA GLU P 41 -28.34 -31.93 32.38
C GLU P 41 -27.34 -31.11 31.59
N MET P 42 -26.16 -31.66 31.35
CA MET P 42 -25.18 -30.96 30.54
C MET P 42 -25.19 -31.51 29.12
N ILE P 43 -25.23 -30.61 28.15
CA ILE P 43 -25.22 -30.99 26.74
C ILE P 43 -23.82 -31.32 26.26
N ASP P 44 -22.87 -30.39 26.41
CA ASP P 44 -21.59 -30.59 25.72
C ASP P 44 -20.49 -29.79 26.40
N GLN P 45 -19.26 -30.04 25.95
CA GLN P 45 -18.09 -29.25 26.32
C GLN P 45 -17.18 -29.21 25.11
N GLU P 46 -16.69 -28.02 24.77
CA GLU P 46 -15.81 -27.86 23.62
C GLU P 46 -14.71 -26.87 23.95
N GLU P 47 -13.74 -26.78 23.04
CA GLU P 47 -12.59 -25.89 23.21
C GLU P 47 -12.79 -24.66 22.34
N GLU P 48 -12.89 -23.49 22.96
CA GLU P 48 -13.11 -22.25 22.24
C GLU P 48 -11.78 -21.69 21.73
N GLU P 49 -11.88 -20.73 20.82
CA GLU P 49 -10.72 -20.13 20.17
C GLU P 49 -10.36 -18.83 20.88
N SER P 50 -9.14 -18.78 21.43
CA SER P 50 -8.61 -17.55 22.01
C SER P 50 -7.09 -17.72 22.07
N GLN P 51 -6.37 -16.98 21.23
CA GLN P 51 -4.92 -17.13 21.17
C GLN P 51 -4.25 -16.31 22.26
N THR P 52 -4.78 -16.38 23.49
CA THR P 52 -4.15 -15.76 24.64
C THR P 52 -4.13 -16.75 25.80
N ALA P 53 -5.08 -17.68 25.81
CA ALA P 53 -5.28 -18.56 26.95
C ALA P 53 -6.01 -19.82 26.52
N TRP P 54 -5.74 -20.90 27.25
CA TRP P 54 -6.49 -22.14 27.05
C TRP P 54 -7.88 -21.98 27.64
N LYS P 55 -8.89 -21.88 26.79
CA LYS P 55 -10.24 -21.57 27.21
C LYS P 55 -11.22 -22.58 26.62
N GLU P 56 -12.15 -23.04 27.44
CA GLU P 56 -13.12 -24.05 27.03
C GLU P 56 -14.51 -23.66 27.50
N LYS P 57 -15.50 -24.06 26.72
CA LYS P 57 -16.90 -23.73 26.98
C LYS P 57 -17.65 -24.99 27.40
N TYR P 58 -18.32 -24.91 28.55
CA TYR P 58 -19.19 -25.98 29.03
C TYR P 58 -20.63 -25.53 28.87
N ARG P 59 -21.42 -26.30 28.12
CA ARG P 59 -22.84 -26.01 27.93
C ARG P 59 -23.67 -27.05 28.66
N PHE P 60 -24.40 -26.58 29.67
CA PHE P 60 -25.26 -27.44 30.47
C PHE P 60 -26.66 -26.84 30.51
N ALA P 61 -27.59 -27.58 31.12
CA ALA P 61 -28.97 -27.13 31.21
C ALA P 61 -29.53 -27.43 32.59
N ILE P 62 -30.52 -26.65 32.99
CA ILE P 62 -31.23 -26.85 34.25
C ILE P 62 -32.69 -27.08 33.90
N HIS P 63 -33.20 -28.25 34.28
CA HIS P 63 -34.60 -28.60 34.08
C HIS P 63 -35.32 -28.45 35.41
N HIS P 64 -36.27 -27.51 35.47
CA HIS P 64 -37.07 -27.28 36.67
C HIS P 64 -38.45 -27.85 36.40
N TYR P 65 -38.86 -28.79 37.24
CA TYR P 65 -40.16 -29.43 37.14
C TYR P 65 -41.04 -28.93 38.27
N THR P 66 -42.24 -28.49 37.94
CA THR P 66 -43.10 -27.87 38.94
C THR P 66 -44.56 -28.19 38.66
N ASN P 67 -45.33 -28.33 39.73
CA ASN P 67 -46.77 -28.57 39.61
C ASN P 67 -47.55 -27.28 39.39
N GLU P 68 -46.91 -26.13 39.53
CA GLU P 68 -47.52 -24.84 39.32
C GLU P 68 -46.55 -23.94 38.58
N GLN P 69 -47.03 -22.77 38.16
CA GLN P 69 -46.16 -21.83 37.46
C GLN P 69 -45.19 -21.17 38.45
N ASP P 70 -43.94 -21.63 38.46
CA ASP P 70 -42.97 -21.13 39.42
C ASP P 70 -42.03 -20.11 38.79
N LEU P 71 -42.46 -18.85 38.74
CA LEU P 71 -41.60 -17.80 38.23
C LEU P 71 -40.45 -17.50 39.19
N ALA P 72 -40.75 -17.42 40.49
CA ALA P 72 -39.74 -17.02 41.46
C ALA P 72 -38.60 -18.03 41.53
N GLY P 73 -38.92 -19.32 41.48
CA GLY P 73 -37.87 -20.33 41.56
C GLY P 73 -36.90 -20.27 40.40
N VAL P 74 -37.43 -20.17 39.18
CA VAL P 74 -36.55 -20.08 38.02
C VAL P 74 -35.78 -18.77 38.04
N GLU P 75 -36.40 -17.69 38.55
CA GLU P 75 -35.65 -16.44 38.69
C GLU P 75 -34.47 -16.61 39.64
N LYS P 76 -34.69 -17.28 40.77
CA LYS P 76 -33.60 -17.50 41.71
C LYS P 76 -32.52 -18.37 41.10
N ILE P 77 -32.92 -19.42 40.37
CA ILE P 77 -31.93 -20.31 39.75
C ILE P 77 -31.09 -19.54 38.75
N ASP P 78 -31.74 -18.74 37.89
CA ASP P 78 -31.00 -17.97 36.89
C ASP P 78 -30.08 -16.96 37.56
N THR P 79 -30.58 -16.24 38.56
CA THR P 79 -29.77 -15.23 39.22
C THR P 79 -28.55 -15.84 39.89
N LEU P 80 -28.72 -17.01 40.51
CA LEU P 80 -27.57 -17.68 41.10
C LEU P 80 -26.58 -18.14 40.03
N ILE P 81 -27.07 -18.79 38.98
CA ILE P 81 -26.17 -19.34 37.96
C ILE P 81 -25.36 -18.23 37.30
N GLN P 82 -26.01 -17.12 36.96
CA GLN P 82 -25.31 -16.05 36.25
C GLN P 82 -24.23 -15.40 37.12
N MET P 83 -24.40 -15.40 38.44
CA MET P 83 -23.44 -14.70 39.28
C MET P 83 -22.08 -15.41 39.28
N GLY P 84 -22.06 -16.72 39.08
CA GLY P 84 -20.84 -17.48 39.12
C GLY P 84 -20.85 -18.57 40.17
N PHE P 85 -19.82 -19.40 40.14
CA PHE P 85 -19.68 -20.49 41.10
C PHE P 85 -18.20 -20.74 41.35
N ILE P 86 -17.91 -21.43 42.45
CA ILE P 86 -16.54 -21.65 42.88
C ILE P 86 -15.99 -22.89 42.19
N LEU P 87 -14.81 -22.76 41.60
CA LEU P 87 -14.13 -23.83 40.90
C LEU P 87 -12.84 -24.21 41.62
N PRO P 88 -12.31 -25.40 41.37
CA PRO P 88 -11.03 -25.78 41.97
C PRO P 88 -9.91 -24.84 41.53
N GLU P 89 -8.89 -24.75 42.38
CA GLU P 89 -7.77 -23.85 42.12
C GLU P 89 -7.10 -24.19 40.79
N GLY P 90 -6.72 -23.15 40.04
CA GLY P 90 -6.13 -23.32 38.74
C GLY P 90 -7.06 -23.08 37.58
N TYR P 91 -8.33 -22.82 37.84
CA TYR P 91 -9.31 -22.55 36.80
C TYR P 91 -10.02 -21.24 37.09
N LYS P 92 -10.17 -20.41 36.07
CA LYS P 92 -10.81 -19.10 36.21
C LYS P 92 -12.03 -19.02 35.31
N LEU P 93 -13.19 -18.81 35.92
CA LEU P 93 -14.40 -18.57 35.13
C LEU P 93 -14.37 -17.16 34.58
N VAL P 94 -14.73 -17.00 33.31
CA VAL P 94 -14.67 -15.71 32.65
C VAL P 94 -16.05 -15.16 32.34
N ALA P 95 -16.93 -15.98 31.78
CA ALA P 95 -18.25 -15.49 31.40
C ALA P 95 -19.27 -16.62 31.50
N VAL P 96 -20.38 -16.32 32.15
CA VAL P 96 -21.54 -17.20 32.21
C VAL P 96 -22.66 -16.56 31.42
N ARG P 97 -23.14 -17.26 30.39
CA ARG P 97 -24.13 -16.67 29.49
C ARG P 97 -25.12 -17.73 29.07
N HIS P 98 -26.28 -17.28 28.61
CA HIS P 98 -27.27 -18.18 28.05
C HIS P 98 -26.88 -18.59 26.64
N CYS P 99 -27.21 -19.83 26.29
CA CYS P 99 -26.98 -20.34 24.94
C CYS P 99 -27.90 -21.52 24.72
N GLY P 100 -28.03 -21.93 23.46
CA GLY P 100 -28.89 -23.06 23.23
C GLY P 100 -30.36 -22.70 23.37
N LYS P 101 -31.17 -23.73 23.54
CA LYS P 101 -32.62 -23.57 23.59
C LYS P 101 -33.09 -23.31 25.01
N GLN P 102 -33.93 -22.29 25.17
CA GLN P 102 -34.65 -22.04 26.40
C GLN P 102 -36.12 -22.37 26.14
N ASN P 103 -36.73 -23.13 27.04
CA ASN P 103 -38.07 -23.64 26.77
C ASN P 103 -38.91 -23.65 28.03
N LEU P 104 -40.23 -23.59 27.84
CA LEU P 104 -41.21 -23.70 28.92
C LEU P 104 -42.43 -24.40 28.35
N VAL P 105 -42.66 -25.65 28.78
CA VAL P 105 -43.71 -26.50 28.21
C VAL P 105 -44.50 -27.10 29.35
N LYS P 106 -45.63 -27.72 29.00
CA LYS P 106 -46.41 -28.51 29.94
C LYS P 106 -46.42 -29.95 29.46
N GLU P 107 -45.71 -30.83 30.18
CA GLU P 107 -45.66 -32.23 29.84
C GLU P 107 -46.49 -33.02 30.84
N ASN P 108 -47.24 -34.00 30.32
CA ASN P 108 -48.31 -34.69 31.04
C ASN P 108 -49.10 -33.72 31.92
N THR P 109 -48.90 -33.78 33.23
CA THR P 109 -49.62 -32.92 34.16
C THR P 109 -48.67 -32.06 35.00
N LEU P 110 -47.61 -31.57 34.38
CA LEU P 110 -46.55 -30.91 35.13
C LEU P 110 -45.79 -29.96 34.20
N ILE P 111 -45.44 -28.79 34.72
CA ILE P 111 -44.77 -27.77 33.92
C ILE P 111 -43.25 -27.97 33.98
N HIS P 112 -42.64 -27.92 32.80
CA HIS P 112 -41.22 -28.20 32.60
C HIS P 112 -40.57 -26.94 32.04
N ALA P 113 -39.62 -26.37 32.78
CA ALA P 113 -38.87 -25.21 32.31
C ALA P 113 -37.42 -25.61 32.12
N LYS P 114 -36.92 -25.47 30.89
CA LYS P 114 -35.54 -25.81 30.57
C LYS P 114 -34.76 -24.53 30.32
N THR P 115 -33.73 -24.30 31.12
CA THR P 115 -32.89 -23.10 31.02
C THR P 115 -31.45 -23.53 30.81
N SER P 116 -30.91 -23.22 29.63
CA SER P 116 -29.58 -23.68 29.26
C SER P 116 -28.56 -22.58 29.50
N PHE P 117 -27.42 -22.95 30.10
CA PHE P 117 -26.35 -22.02 30.37
C PHE P 117 -25.06 -22.48 29.70
N GLU P 118 -24.24 -21.50 29.36
CA GLU P 118 -22.94 -21.72 28.74
C GLU P 118 -21.89 -20.95 29.53
N VAL P 119 -20.86 -21.64 30.00
CA VAL P 119 -19.85 -21.05 30.87
C VAL P 119 -18.49 -21.18 30.19
N SER P 120 -17.72 -20.10 30.25
CA SER P 120 -16.36 -20.09 29.71
C SER P 120 -15.36 -20.19 30.86
N ILE P 121 -14.45 -21.14 30.77
CA ILE P 121 -13.45 -21.38 31.82
C ILE P 121 -12.08 -21.41 31.18
N CYS P 122 -11.16 -20.63 31.74
CA CYS P 122 -9.76 -20.60 31.32
C CYS P 122 -8.93 -21.41 32.29
N ARG P 123 -8.14 -22.33 31.75
CA ARG P 123 -7.24 -23.14 32.57
C ARG P 123 -5.80 -22.67 32.54
N GLU P 124 -5.30 -22.21 31.39
CA GLU P 124 -3.94 -21.72 31.31
C GLU P 124 -3.84 -20.67 30.21
N LEU P 125 -2.83 -19.81 30.33
CA LEU P 125 -2.57 -18.79 29.32
C LEU P 125 -1.65 -19.36 28.24
N LYS P 126 -2.04 -19.16 26.98
CA LYS P 126 -1.30 -19.72 25.85
C LYS P 126 -0.10 -18.83 25.56
N VAL P 127 1.01 -19.10 26.24
CA VAL P 127 2.26 -18.39 26.04
C VAL P 127 3.40 -19.37 26.27
N LYS P 128 4.34 -19.44 25.34
CA LYS P 128 5.51 -20.28 25.55
C LYS P 128 6.41 -19.65 26.60
N ILE P 129 6.48 -20.29 27.77
CA ILE P 129 7.14 -19.79 28.98
C ILE P 129 7.20 -18.26 29.05
N ALA Q 2 -1.85 18.13 35.19
CA ALA Q 2 -1.12 19.27 35.72
C ALA Q 2 -0.97 19.14 37.23
N PHE Q 3 -0.89 17.91 37.71
CA PHE Q 3 -0.82 17.68 39.15
C PHE Q 3 -0.20 16.32 39.47
N GLU Q 4 -0.44 15.85 40.70
CA GLU Q 4 0.35 14.78 41.32
C GLU Q 4 1.75 15.27 41.62
N GLU Q 5 1.82 16.49 42.17
CA GLU Q 5 3.06 17.16 42.51
C GLU Q 5 3.96 17.32 41.28
N ASN Q 6 3.30 17.41 40.12
CA ASN Q 6 3.99 17.54 38.84
C ASN Q 6 5.02 16.42 38.67
N LEU Q 7 4.63 15.19 39.04
CA LEU Q 7 5.53 14.06 38.98
C LEU Q 7 6.03 13.73 37.58
N TYR Q 8 5.14 13.77 36.58
CA TYR Q 8 5.52 13.53 35.20
C TYR Q 8 5.18 14.66 34.26
N CYS Q 9 4.31 15.58 34.67
CA CYS Q 9 3.93 16.73 33.86
C CYS Q 9 4.53 17.98 34.49
N ASP Q 10 5.57 18.51 33.86
CA ASP Q 10 6.25 19.71 34.35
C ASP Q 10 5.67 20.92 33.64
N TYR Q 11 4.72 21.58 34.30
CA TYR Q 11 4.08 22.78 33.78
C TYR Q 11 4.79 24.06 34.20
N THR Q 12 5.90 23.95 34.91
CA THR Q 12 6.58 25.11 35.46
C THR Q 12 7.10 26.00 34.32
N PRO Q 13 6.68 27.26 34.26
CA PRO Q 13 7.19 28.17 33.22
C PRO Q 13 8.51 28.78 33.66
N GLY Q 14 9.58 28.45 32.94
CA GLY Q 14 10.88 29.03 33.20
C GLY Q 14 11.49 29.59 31.93
N ALA Q 15 10.92 29.19 30.79
CA ALA Q 15 11.36 29.65 29.48
C ALA Q 15 10.31 29.28 28.43
N ALA Q 16 10.62 29.53 27.16
CA ALA Q 16 9.71 29.16 26.09
C ALA Q 16 10.33 28.07 25.24
N LYS Q 17 11.67 28.06 25.18
CA LYS Q 17 12.44 27.04 24.47
C LYS Q 17 12.23 27.10 22.97
N ALA Q 18 11.34 27.98 22.52
CA ALA Q 18 11.00 28.16 21.12
C ALA Q 18 10.04 29.32 20.99
N VAL Q 19 10.03 29.93 19.81
CA VAL Q 19 9.07 30.96 19.46
C VAL Q 19 8.53 30.60 18.08
N ALA Q 20 7.25 30.23 18.03
CA ALA Q 20 6.64 29.85 16.76
C ALA Q 20 6.71 31.02 15.78
N GLY Q 21 7.05 30.72 14.54
CA GLY Q 21 7.17 31.74 13.52
C GLY Q 21 5.90 32.46 13.19
N LYS Q 22 4.77 31.93 13.62
CA LYS Q 22 3.47 32.58 13.45
C LYS Q 22 3.26 33.71 14.39
N ASP Q 23 4.31 34.13 15.10
CA ASP Q 23 4.20 35.20 16.08
C ASP Q 23 5.18 36.34 15.86
N VAL Q 24 6.15 36.19 14.96
CA VAL Q 24 7.07 37.26 14.60
C VAL Q 24 6.51 37.93 13.36
N ILE Q 25 6.18 39.22 13.48
CA ILE Q 25 5.52 39.96 12.41
C ILE Q 25 6.36 41.18 12.07
N LEU Q 26 6.27 41.60 10.82
CA LEU Q 26 6.86 42.83 10.34
C LEU Q 26 5.82 43.92 10.31
N ALA Q 27 6.15 45.09 10.85
CA ALA Q 27 5.23 46.21 10.92
C ALA Q 27 5.91 47.43 10.35
N VAL Q 28 5.11 48.32 9.75
CA VAL Q 28 5.63 49.51 9.09
C VAL Q 28 4.88 50.73 9.61
N PHE Q 29 5.62 51.80 9.87
CA PHE Q 29 5.01 53.06 10.25
C PHE Q 29 4.44 53.76 9.01
N ASN Q 30 3.26 54.33 9.16
CA ASN Q 30 2.64 55.04 8.05
C ASN Q 30 3.42 56.32 7.75
N ALA Q 31 2.93 57.05 6.74
CA ALA Q 31 3.59 58.28 6.33
C ALA Q 31 3.62 59.30 7.46
N ALA Q 32 2.52 59.41 8.20
CA ALA Q 32 2.47 60.34 9.33
C ALA Q 32 3.39 59.89 10.46
N GLY Q 33 3.56 58.58 10.63
CA GLY Q 33 4.30 58.04 11.74
C GLY Q 33 3.48 57.83 12.99
N ASP Q 34 2.15 57.83 12.88
CA ASP Q 34 1.27 57.70 14.04
C ASP Q 34 0.62 56.32 14.14
N LYS Q 35 0.66 55.51 13.08
CA LYS Q 35 -0.03 54.23 13.09
C LYS Q 35 0.92 53.17 12.56
N LEU Q 36 1.03 52.08 13.32
CA LEU Q 36 1.86 50.93 12.92
C LEU Q 36 0.95 49.91 12.24
N LEU Q 37 1.27 49.56 11.00
CA LEU Q 37 0.46 48.61 10.24
C LEU Q 37 1.25 47.34 10.01
N ALA Q 38 0.64 46.20 10.33
CA ALA Q 38 1.25 44.91 10.05
C ALA Q 38 1.04 44.58 8.58
N VAL Q 39 2.13 44.24 7.88
CA VAL Q 39 2.03 43.92 6.47
C VAL Q 39 1.13 42.72 6.28
N ALA Q 40 0.05 42.90 5.54
CA ALA Q 40 -0.97 41.88 5.36
C ALA Q 40 -0.46 40.77 4.45
N GLY Q 41 -0.91 39.55 4.72
CA GLY Q 41 -0.55 38.41 3.91
C GLY Q 41 0.83 37.85 4.16
N GLN Q 42 1.49 38.26 5.25
CA GLN Q 42 2.85 37.82 5.54
C GLN Q 42 2.93 36.30 5.66
N GLN Q 43 3.99 35.73 5.07
CA GLN Q 43 4.25 34.31 5.18
C GLN Q 43 5.72 33.99 5.46
N GLY Q 44 6.62 34.95 5.32
CA GLY Q 44 8.02 34.70 5.61
C GLY Q 44 8.72 35.98 5.99
N LEU Q 45 9.82 35.83 6.73
CA LEU Q 45 10.60 36.98 7.17
C LEU Q 45 12.01 36.52 7.47
N THR Q 46 12.98 37.29 7.01
CA THR Q 46 14.39 37.03 7.29
C THR Q 46 15.10 38.36 7.53
N VAL Q 47 15.84 38.44 8.63
CA VAL Q 47 16.60 39.63 9.00
C VAL Q 47 18.07 39.26 8.95
N ASN Q 48 18.80 39.91 8.06
CA ASN Q 48 20.23 39.67 7.90
C ASN Q 48 21.02 40.81 8.51
N ARG Q 49 21.97 40.46 9.38
CA ARG Q 49 22.84 41.45 10.01
C ARG Q 49 24.26 40.98 9.83
N SER Q 50 25.09 41.79 9.17
CA SER Q 50 26.45 41.38 8.85
C SER Q 50 27.42 42.48 9.27
N LYS Q 51 28.66 42.07 9.53
CA LYS Q 51 29.74 42.99 9.85
C LYS Q 51 30.96 42.63 9.00
N ASP Q 52 31.56 43.64 8.40
CA ASP Q 52 32.73 43.44 7.57
C ASP Q 52 33.93 43.07 8.45
N SER Q 53 34.87 42.32 7.85
CA SER Q 53 36.03 41.83 8.57
C SER Q 53 37.28 42.23 7.81
N ILE Q 54 38.05 43.15 8.38
CA ILE Q 54 39.29 43.60 7.77
C ILE Q 54 40.45 42.79 8.35
N GLU Q 55 41.35 42.35 7.47
CA GLU Q 55 42.53 41.59 7.86
C GLU Q 55 43.61 42.55 8.32
N ILE Q 56 44.28 42.21 9.41
CA ILE Q 56 45.38 43.01 9.94
C ILE Q 56 46.62 42.13 10.09
N THR Q 57 46.73 41.12 9.26
CA THR Q 57 47.85 40.18 9.38
C THR Q 57 49.18 40.91 9.20
N SER Q 58 50.05 40.75 10.19
CA SER Q 58 51.37 41.36 10.19
C SER Q 58 52.39 40.23 10.06
N LYS Q 59 53.27 40.33 9.08
CA LYS Q 59 54.17 39.24 8.73
C LYS Q 59 55.43 39.20 9.58
N ASP Q 60 55.42 39.81 10.77
CA ASP Q 60 56.51 39.69 11.71
C ASP Q 60 56.07 39.10 13.05
N THR Q 61 54.96 38.37 13.07
CA THR Q 61 54.41 37.83 14.30
C THR Q 61 54.52 36.31 14.31
N VAL Q 62 54.82 35.77 15.50
CA VAL Q 62 54.91 34.33 15.67
C VAL Q 62 53.52 33.71 15.53
N GLY Q 63 53.47 32.41 15.26
CA GLY Q 63 52.19 31.76 15.08
C GLY Q 63 52.05 31.12 13.72
N GLY Q 64 51.19 31.70 12.89
CA GLY Q 64 50.82 31.13 11.62
C GLY Q 64 49.36 31.33 11.28
N TRP Q 65 48.66 32.17 12.01
CA TRP Q 65 47.25 32.43 11.78
C TRP Q 65 47.05 33.82 11.22
N LYS Q 66 45.97 34.00 10.47
CA LYS Q 66 45.67 35.27 9.83
C LYS Q 66 44.94 36.19 10.79
N SER Q 67 45.46 37.39 10.98
CA SER Q 67 44.90 38.36 11.90
C SER Q 67 43.83 39.21 11.21
N LYS Q 68 42.71 39.38 11.92
CA LYS Q 68 41.56 40.07 11.35
C LYS Q 68 40.97 41.02 12.38
N ILE Q 69 40.29 42.06 11.88
CA ILE Q 69 39.59 43.01 12.74
C ILE Q 69 38.21 43.24 12.11
N GLY Q 70 37.27 43.73 12.89
CA GLY Q 70 35.91 43.93 12.42
C GLY Q 70 35.74 45.30 11.79
N GLY Q 71 34.84 45.35 10.81
CA GLY Q 71 34.59 46.58 10.08
C GLY Q 71 33.23 47.18 10.35
N MET Q 72 32.54 47.57 9.28
CA MET Q 72 31.25 48.24 9.38
C MET Q 72 30.13 47.19 9.38
N LYS Q 73 28.94 47.61 9.82
CA LYS Q 73 27.80 46.73 9.93
C LYS Q 73 26.68 47.16 8.99
N GLU Q 74 26.00 46.18 8.40
CA GLU Q 74 24.82 46.42 7.58
C GLU Q 74 23.71 45.47 8.02
N TRP Q 75 22.48 45.84 7.67
CA TRP Q 75 21.32 45.01 7.97
C TRP Q 75 20.32 45.15 6.83
N SER Q 76 19.53 44.09 6.65
CA SER Q 76 18.53 44.04 5.59
C SER Q 76 17.43 43.10 6.03
N ILE Q 77 16.27 43.23 5.38
CA ILE Q 77 15.11 42.41 5.69
C ILE Q 77 14.47 41.95 4.39
N GLU Q 78 14.09 40.69 4.33
CA GLU Q 78 13.30 40.16 3.22
C GLU Q 78 12.02 39.58 3.79
N ASN Q 79 10.91 39.79 3.07
CA ASN Q 79 9.60 39.34 3.52
C ASN Q 79 8.72 39.03 2.32
N ASP Q 80 8.17 37.81 2.29
CA ASP Q 80 7.29 37.43 1.20
C ASP Q 80 6.00 36.88 1.79
N GLY Q 81 4.95 36.88 0.97
CA GLY Q 81 3.67 36.39 1.44
C GLY Q 81 2.60 36.56 0.38
N LEU Q 82 1.35 36.57 0.84
CA LEU Q 82 0.22 36.76 -0.06
C LEU Q 82 -0.03 38.24 -0.27
N TYR Q 83 -0.31 38.61 -1.52
CA TYR Q 83 -0.46 40.01 -1.92
C TYR Q 83 -1.94 40.30 -2.13
N VAL Q 84 -2.46 41.26 -1.38
CA VAL Q 84 -3.79 41.83 -1.60
C VAL Q 84 -3.60 43.32 -1.88
N ALA Q 85 -3.94 43.74 -3.10
CA ALA Q 85 -3.67 45.11 -3.52
C ALA Q 85 -4.54 46.12 -2.80
N ASP Q 86 -5.57 45.68 -2.09
CA ASP Q 86 -6.48 46.61 -1.43
C ASP Q 86 -6.06 46.94 0.00
N ALA Q 87 -5.18 46.14 0.60
CA ALA Q 87 -4.74 46.39 1.97
C ALA Q 87 -4.02 47.73 2.08
N GLU Q 88 -4.36 48.52 3.09
CA GLU Q 88 -3.74 49.83 3.27
C GLU Q 88 -2.25 49.74 3.56
N SER Q 89 -1.79 48.63 4.17
CA SER Q 89 -0.36 48.44 4.34
C SER Q 89 0.37 48.36 3.02
N HIS Q 90 -0.18 47.64 2.03
CA HIS Q 90 0.36 47.62 0.69
C HIS Q 90 0.06 48.90 -0.07
N LYS Q 91 -0.96 49.65 0.34
CA LYS Q 91 -1.17 51.00 -0.17
C LYS Q 91 -0.22 51.99 0.48
N GLU Q 92 0.51 51.57 1.49
CA GLU Q 92 1.55 52.36 2.12
C GLU Q 92 2.93 52.02 1.61
N LEU Q 93 3.21 50.74 1.37
CA LEU Q 93 4.51 50.34 0.86
C LEU Q 93 4.77 50.93 -0.53
N ALA Q 94 3.75 50.93 -1.39
CA ALA Q 94 3.92 51.45 -2.73
C ALA Q 94 4.26 52.94 -2.72
N LYS Q 95 3.61 53.70 -1.82
CA LYS Q 95 3.90 55.13 -1.73
C LYS Q 95 5.35 55.36 -1.30
N TYR Q 96 5.84 54.57 -0.34
CA TYR Q 96 7.26 54.67 0.02
C TYR Q 96 8.15 54.29 -1.15
N PHE Q 97 7.77 53.27 -1.92
CA PHE Q 97 8.58 52.85 -3.05
C PHE Q 97 8.69 53.94 -4.09
N GLU Q 98 7.58 54.61 -4.40
CA GLU Q 98 7.61 55.63 -5.44
C GLU Q 98 8.23 56.94 -4.96
N SER Q 99 8.13 57.24 -3.66
CA SER Q 99 8.59 58.52 -3.13
C SER Q 99 10.07 58.54 -2.80
N ASP Q 100 10.74 57.39 -2.84
CA ASP Q 100 12.15 57.29 -2.48
C ASP Q 100 12.40 57.83 -1.08
N SER Q 101 11.47 57.57 -0.17
CA SER Q 101 11.56 58.11 1.17
C SER Q 101 12.03 57.03 2.15
N PRO Q 102 12.72 57.40 3.21
CA PRO Q 102 13.02 56.43 4.27
C PRO Q 102 11.73 55.90 4.88
N VAL Q 103 11.75 54.62 5.25
CA VAL Q 103 10.57 53.97 5.81
C VAL Q 103 10.92 53.39 7.17
N CYS Q 104 10.03 53.54 8.14
CA CYS Q 104 10.28 53.05 9.48
C CYS Q 104 9.69 51.65 9.62
N VAL Q 105 10.53 50.69 9.96
CA VAL Q 105 10.15 49.28 10.04
C VAL Q 105 10.44 48.76 11.44
N LYS Q 106 9.62 47.83 11.90
CA LYS Q 106 9.72 47.27 13.24
C LYS Q 106 9.39 45.79 13.18
N ILE Q 107 9.96 45.02 14.10
CA ILE Q 107 9.71 43.59 14.18
C ILE Q 107 9.08 43.29 15.54
N ILE Q 108 7.89 42.70 15.53
CA ILE Q 108 7.09 42.55 16.74
C ILE Q 108 6.82 41.09 16.99
N ASN Q 109 7.10 40.65 18.21
CA ASN Q 109 6.68 39.33 18.67
C ASN Q 109 5.27 39.48 19.24
N GLN Q 110 4.27 39.39 18.36
CA GLN Q 110 2.90 39.72 18.74
C GLN Q 110 2.33 38.79 19.80
N ALA Q 111 2.95 37.65 20.06
CA ALA Q 111 2.55 36.79 21.16
C ALA Q 111 3.21 37.17 22.47
N SER Q 112 4.47 37.59 22.44
CA SER Q 112 5.17 38.02 23.64
C SER Q 112 4.96 39.50 23.95
N LYS Q 113 4.30 40.23 23.05
CA LYS Q 113 4.03 41.66 23.23
C LYS Q 113 5.32 42.44 23.51
N LYS Q 114 6.38 42.06 22.79
CA LYS Q 114 7.69 42.67 22.97
C LYS Q 114 8.28 43.02 21.61
N GLY Q 115 8.88 44.20 21.51
CA GLY Q 115 9.53 44.60 20.28
C GLY Q 115 10.90 43.95 20.14
N LEU Q 116 11.33 43.78 18.90
CA LEU Q 116 12.60 43.13 18.61
C LEU Q 116 13.62 44.05 17.94
N PHE Q 117 13.27 44.62 16.79
CA PHE Q 117 14.24 45.43 16.03
C PHE Q 117 13.49 46.51 15.28
N GLY Q 118 13.92 47.75 15.45
CA GLY Q 118 13.36 48.88 14.70
C GLY Q 118 14.45 49.56 13.90
N GLY Q 119 14.07 50.16 12.77
CA GLY Q 119 15.06 50.81 11.94
C GLY Q 119 14.44 51.62 10.83
N LEU Q 120 15.30 52.37 10.15
CA LEU Q 120 14.93 53.11 8.94
C LEU Q 120 15.55 52.41 7.74
N ALA Q 121 14.70 52.05 6.78
CA ALA Q 121 15.12 51.22 5.65
C ALA Q 121 14.60 51.81 4.35
N ILE Q 122 15.01 51.17 3.26
CA ILE Q 122 14.68 51.60 1.90
C ILE Q 122 14.13 50.40 1.15
N VAL Q 123 13.03 50.61 0.44
CA VAL Q 123 12.43 49.54 -0.35
C VAL Q 123 13.29 49.35 -1.60
N ALA Q 124 14.20 48.40 -1.53
CA ALA Q 124 15.10 48.16 -2.67
C ALA Q 124 14.39 47.39 -3.77
N ASP Q 125 13.51 46.47 -3.40
CA ASP Q 125 12.79 45.66 -4.37
C ASP Q 125 11.38 45.38 -3.85
N TYR Q 126 10.38 45.67 -4.66
CA TYR Q 126 8.98 45.40 -4.33
C TYR Q 126 8.41 44.61 -5.50
N SER Q 127 8.60 43.30 -5.49
CA SER Q 127 8.24 42.43 -6.59
C SER Q 127 7.26 41.37 -6.12
N PHE Q 128 6.58 40.75 -7.09
CA PHE Q 128 5.53 39.79 -6.76
C PHE Q 128 5.29 38.83 -7.91
N GLU Q 129 4.67 37.69 -7.58
CA GLU Q 129 4.51 36.56 -8.47
C GLU Q 129 3.04 36.24 -8.61
N ALA Q 130 2.64 35.77 -9.79
CA ALA Q 130 1.26 35.40 -10.07
C ALA Q 130 1.20 34.06 -10.77
N PRO Q 131 1.49 32.96 -10.07
CA PRO Q 131 1.31 31.64 -10.67
C PRO Q 131 -0.14 31.38 -11.01
N PHE Q 132 -0.35 30.67 -12.12
CA PHE Q 132 -1.70 30.40 -12.59
C PHE Q 132 -2.51 29.50 -11.66
N ASP Q 133 -1.87 28.53 -11.00
CA ASP Q 133 -2.58 27.61 -10.12
C ASP Q 133 -2.38 27.94 -8.64
N GLU Q 134 -1.89 29.13 -8.34
CA GLU Q 134 -1.63 29.51 -6.95
C GLU Q 134 -2.25 30.89 -6.72
N ALA Q 135 -2.16 31.38 -5.49
CA ALA Q 135 -2.51 32.74 -5.15
C ALA Q 135 -1.31 33.64 -5.37
N MET Q 136 -1.58 34.88 -5.76
CA MET Q 136 -0.49 35.81 -6.07
C MET Q 136 0.31 36.10 -4.81
N THR Q 137 1.63 35.96 -4.92
CA THR Q 137 2.55 36.19 -3.82
C THR Q 137 3.42 37.39 -4.12
N TYR Q 138 3.78 38.12 -3.08
CA TYR Q 138 4.62 39.30 -3.18
C TYR Q 138 5.89 39.10 -2.37
N SER Q 139 6.96 39.75 -2.83
CA SER Q 139 8.26 39.73 -2.17
C SER Q 139 8.72 41.16 -1.94
N VAL Q 140 9.33 41.41 -0.79
CA VAL Q 140 9.77 42.75 -0.40
C VAL Q 140 11.19 42.64 0.14
N LYS Q 141 12.06 43.53 -0.34
CA LYS Q 141 13.43 43.63 0.14
C LYS Q 141 13.63 45.05 0.67
N LEU Q 142 14.08 45.15 1.92
CA LEU Q 142 14.37 46.43 2.55
C LEU Q 142 15.83 46.45 2.94
N ASP Q 143 16.55 47.48 2.49
CA ASP Q 143 17.96 47.64 2.79
C ASP Q 143 18.08 48.69 3.88
N GLY Q 144 18.90 48.39 4.89
CA GLY Q 144 19.04 49.26 6.03
C GLY Q 144 19.67 50.61 5.73
N MET Q 145 19.10 51.66 6.31
CA MET Q 145 19.69 52.99 6.30
C MET Q 145 20.06 53.34 7.73
N GLY Q 146 21.27 52.96 8.13
CA GLY Q 146 21.75 53.24 9.46
C GLY Q 146 21.58 52.05 10.38
N ALA Q 147 21.63 52.33 11.68
CA ALA Q 147 21.63 51.29 12.68
C ALA Q 147 20.28 50.59 12.77
N LEU Q 148 20.32 49.27 12.89
CA LEU Q 148 19.14 48.49 13.28
C LEU Q 148 19.12 48.40 14.80
N VAL Q 149 18.24 49.16 15.44
CA VAL Q 149 18.20 49.24 16.90
C VAL Q 149 17.59 47.94 17.41
N ASP Q 150 18.33 47.25 18.27
CA ASP Q 150 17.87 46.00 18.87
C ASP Q 150 17.03 46.33 20.10
N LEU Q 151 15.78 45.87 20.11
CA LEU Q 151 14.87 46.12 21.22
C LEU Q 151 14.91 45.03 22.27
N THR Q 152 15.62 43.93 22.04
CA THR Q 152 15.74 42.88 23.03
C THR Q 152 16.69 43.23 24.17
N ILE Q 153 17.64 44.13 23.93
CA ILE Q 153 18.57 44.59 24.95
C ILE Q 153 18.34 46.05 25.32
N THR Q 154 17.38 46.71 24.67
CA THR Q 154 17.07 48.10 24.94
C THR Q 154 15.61 48.22 25.34
N GLU Q 155 15.35 49.07 26.33
CA GLU Q 155 14.00 49.26 26.85
C GLU Q 155 13.13 49.96 25.82
N GLY Q 156 11.83 49.74 25.90
CA GLY Q 156 10.87 50.42 25.07
C GLY Q 156 10.54 49.66 23.80
N GLY Q 157 9.98 50.38 22.84
CA GLY Q 157 9.63 49.79 21.56
C GLY Q 157 8.53 48.76 21.68
N ASP Q 158 7.33 49.18 22.07
CA ASP Q 158 6.22 48.27 22.26
C ASP Q 158 4.92 48.77 21.64
N GLN Q 159 5.00 49.68 20.67
CA GLN Q 159 3.81 50.03 19.91
C GLN Q 159 3.32 48.82 19.14
N MET Q 160 2.18 48.29 19.59
CA MET Q 160 1.79 46.94 19.23
C MET Q 160 1.19 46.84 17.82
N PRO Q 161 0.23 47.69 17.43
CA PRO Q 161 -0.36 47.54 16.08
C PRO Q 161 0.68 47.48 14.97
N ALA R 15 2.71 -14.38 40.64
CA ALA R 15 2.50 -13.17 39.88
C ALA R 15 1.07 -13.09 39.36
N ALA R 16 0.89 -12.45 38.21
CA ALA R 16 -0.43 -12.32 37.61
C ALA R 16 -0.51 -13.11 36.31
N LYS R 17 0.64 -13.25 35.63
CA LYS R 17 0.80 -13.97 34.37
C LYS R 17 0.08 -13.28 33.22
N ALA R 18 -0.68 -12.22 33.50
CA ALA R 18 -1.41 -11.47 32.49
C ALA R 18 -2.12 -10.31 33.17
N VAL R 19 -2.56 -9.35 32.36
CA VAL R 19 -3.44 -8.27 32.78
C VAL R 19 -4.58 -8.21 31.78
N ALA R 20 -5.82 -8.35 32.26
CA ALA R 20 -6.96 -8.27 31.37
C ALA R 20 -7.04 -6.90 30.73
N GLY R 21 -7.37 -6.87 29.45
CA GLY R 21 -7.38 -5.64 28.71
C GLY R 21 -8.49 -4.67 29.06
N LYS R 22 -9.52 -5.13 29.75
CA LYS R 22 -10.56 -4.20 30.17
C LYS R 22 -10.20 -3.46 31.43
N ASP R 23 -9.06 -3.81 32.05
CA ASP R 23 -8.64 -3.18 33.28
C ASP R 23 -7.65 -2.04 33.10
N VAL R 24 -7.24 -1.75 31.87
CA VAL R 24 -6.28 -0.68 31.59
C VAL R 24 -7.03 0.44 30.87
N ILE R 25 -6.97 1.64 31.42
CA ILE R 25 -7.75 2.77 30.95
C ILE R 25 -6.85 3.98 30.77
N LEU R 26 -7.34 4.94 30.00
CA LEU R 26 -6.66 6.21 29.81
C LEU R 26 -7.42 7.31 30.54
N ALA R 27 -6.69 8.14 31.28
CA ALA R 27 -7.28 9.20 32.08
C ALA R 27 -6.59 10.51 31.76
N VAL R 28 -7.31 11.61 31.91
CA VAL R 28 -6.85 12.94 31.56
C VAL R 28 -7.01 13.86 32.76
N PHE R 29 -6.05 14.77 32.94
CA PHE R 29 -6.18 15.79 33.97
C PHE R 29 -7.01 16.95 33.47
N ASN R 30 -7.90 17.45 34.33
CA ASN R 30 -8.71 18.58 33.97
C ASN R 30 -7.85 19.85 33.85
N ALA R 31 -8.51 20.96 33.52
CA ALA R 31 -7.79 22.19 33.22
C ALA R 31 -6.92 22.62 34.39
N ALA R 32 -7.49 22.68 35.59
CA ALA R 32 -6.70 23.06 36.75
C ALA R 32 -5.88 21.88 37.27
N GLY R 33 -6.19 20.67 36.83
CA GLY R 33 -5.47 19.49 37.23
C GLY R 33 -5.94 18.85 38.53
N ASP R 34 -7.07 19.28 39.07
CA ASP R 34 -7.54 18.76 40.36
C ASP R 34 -8.37 17.50 40.23
N LYS R 35 -8.79 17.12 39.02
CA LYS R 35 -9.56 15.90 38.85
C LYS R 35 -8.96 15.06 37.74
N LEU R 36 -8.74 13.78 38.02
CA LEU R 36 -8.35 12.82 37.00
C LEU R 36 -9.63 12.18 36.47
N LEU R 37 -9.96 12.44 35.21
CA LEU R 37 -11.18 11.93 34.61
C LEU R 37 -10.85 10.83 33.62
N ALA R 38 -11.51 9.69 33.77
CA ALA R 38 -11.38 8.61 32.81
C ALA R 38 -12.17 8.97 31.55
N VAL R 39 -11.55 8.78 30.39
CA VAL R 39 -12.24 9.11 29.15
C VAL R 39 -13.44 8.20 28.98
N ALA R 40 -14.62 8.80 29.02
CA ALA R 40 -15.88 8.06 28.91
C ALA R 40 -16.03 7.49 27.51
N GLY R 41 -16.35 6.21 27.44
CA GLY R 41 -16.52 5.54 26.17
C GLY R 41 -15.31 4.76 25.70
N GLN R 42 -14.30 4.59 26.55
CA GLN R 42 -13.08 3.90 26.16
C GLN R 42 -13.37 2.48 25.70
N GLN R 43 -12.81 2.12 24.55
CA GLN R 43 -12.95 0.76 24.02
C GLN R 43 -11.64 0.16 23.53
N GLY R 44 -10.64 0.99 23.21
CA GLY R 44 -9.36 0.48 22.78
C GLY R 44 -8.27 1.43 23.17
N LEU R 45 -7.03 0.92 23.19
CA LEU R 45 -5.89 1.72 23.60
C LEU R 45 -4.63 1.12 23.03
N THR R 46 -3.73 1.98 22.56
CA THR R 46 -2.42 1.58 22.07
C THR R 46 -1.42 2.65 22.46
N VAL R 47 -0.30 2.23 23.04
CA VAL R 47 0.77 3.14 23.44
C VAL R 47 1.98 2.79 22.60
N ASN R 48 2.49 3.77 21.84
CA ASN R 48 3.61 3.56 20.96
C ASN R 48 4.83 4.31 21.49
N ARG R 49 5.92 3.57 21.69
CA ARG R 49 7.17 4.14 22.17
C ARG R 49 8.27 3.68 21.23
N SER R 50 8.90 4.63 20.53
CA SER R 50 9.87 4.29 19.50
C SER R 50 11.16 5.08 19.73
N LYS R 51 12.25 4.52 19.21
CA LYS R 51 13.56 5.17 19.26
C LYS R 51 14.17 5.17 17.87
N ASP R 52 14.90 6.24 17.55
CA ASP R 52 15.57 6.34 16.28
C ASP R 52 16.85 5.52 16.29
N SER R 53 17.39 5.27 15.10
CA SER R 53 18.61 4.47 14.94
C SER R 53 19.58 5.23 14.04
N ILE R 54 20.80 5.41 14.51
CA ILE R 54 21.83 6.10 13.74
C ILE R 54 22.82 5.08 13.19
N GLU R 55 23.23 5.28 11.94
CA GLU R 55 24.15 4.38 11.26
C GLU R 55 25.55 4.95 11.31
N ILE R 56 26.51 4.13 11.76
CA ILE R 56 27.87 4.59 12.03
C ILE R 56 28.84 3.70 11.26
N THR R 57 28.41 3.21 10.10
CA THR R 57 29.27 2.32 9.34
C THR R 57 30.41 3.10 8.71
N SER R 58 31.57 3.05 9.35
CA SER R 58 32.82 3.53 8.78
C SER R 58 33.62 2.30 8.40
N LYS R 59 33.81 2.07 7.11
CA LYS R 59 34.38 0.82 6.67
C LYS R 59 35.89 0.78 6.78
N ASP R 60 36.42 1.10 7.96
CA ASP R 60 37.75 0.69 8.39
C ASP R 60 37.67 -0.43 9.42
N THR R 61 36.47 -0.95 9.67
CA THR R 61 36.22 -1.93 10.71
C THR R 61 36.10 -3.32 10.11
N VAL R 62 36.86 -4.26 10.66
CA VAL R 62 36.79 -5.65 10.23
C VAL R 62 35.46 -6.23 10.66
N GLY R 63 35.10 -7.38 10.10
CA GLY R 63 33.82 -7.97 10.41
C GLY R 63 32.94 -8.14 9.20
N GLY R 64 31.88 -7.36 9.12
CA GLY R 64 30.91 -7.48 8.05
C GLY R 64 29.48 -7.25 8.47
N TRP R 65 29.25 -6.67 9.65
CA TRP R 65 27.92 -6.32 10.10
C TRP R 65 27.80 -4.82 10.30
N LYS R 66 26.67 -4.28 9.87
CA LYS R 66 26.44 -2.84 9.86
C LYS R 66 26.23 -2.34 11.28
N SER R 67 26.89 -1.24 11.62
CA SER R 67 26.92 -0.71 12.98
C SER R 67 25.87 0.37 13.17
N LYS R 68 25.26 0.36 14.35
CA LYS R 68 24.19 1.31 14.66
C LYS R 68 24.30 1.73 16.13
N ILE R 69 23.71 2.90 16.43
CA ILE R 69 23.62 3.40 17.80
C ILE R 69 22.23 4.00 18.00
N GLY R 70 21.94 4.47 19.19
CA GLY R 70 20.61 4.95 19.52
C GLY R 70 20.43 6.42 19.24
N GLY R 71 19.20 6.78 18.87
CA GLY R 71 18.84 8.14 18.58
C GLY R 71 17.98 8.78 19.65
N MET R 72 16.81 9.28 19.26
CA MET R 72 15.90 9.94 20.17
C MET R 72 14.64 9.11 20.36
N LYS R 73 13.95 9.33 21.48
CA LYS R 73 12.77 8.54 21.83
C LYS R 73 11.51 9.40 21.73
N GLU R 74 10.50 8.86 21.06
CA GLU R 74 9.20 9.51 20.97
C GLU R 74 8.12 8.53 21.42
N TRP R 75 6.95 9.08 21.71
CA TRP R 75 5.82 8.29 22.17
C TRP R 75 4.51 8.93 21.74
N SER R 76 3.47 8.11 21.70
CA SER R 76 2.15 8.55 21.28
C SER R 76 1.12 7.57 21.82
N ILE R 77 -0.14 8.00 21.84
CA ILE R 77 -1.24 7.16 22.28
C ILE R 77 -2.38 7.23 21.26
N GLU R 78 -2.91 6.06 20.91
CA GLU R 78 -4.11 5.92 20.10
C GLU R 78 -5.22 5.41 21.01
N ASN R 79 -6.37 6.07 20.99
CA ASN R 79 -7.53 5.63 21.75
C ASN R 79 -8.75 5.71 20.86
N ASP R 80 -9.74 4.86 21.11
CA ASP R 80 -11.00 4.93 20.41
C ASP R 80 -12.08 4.23 21.22
N GLY R 81 -13.33 4.57 20.92
CA GLY R 81 -14.43 3.97 21.65
C GLY R 81 -15.74 4.61 21.29
N LEU R 82 -16.73 4.41 22.15
CA LEU R 82 -18.03 5.05 21.97
C LEU R 82 -17.95 6.50 22.41
N TYR R 83 -18.78 7.33 21.78
CA TYR R 83 -18.75 8.77 22.02
C TYR R 83 -20.03 9.18 22.74
N VAL R 84 -19.87 9.91 23.84
CA VAL R 84 -20.98 10.56 24.54
C VAL R 84 -20.67 12.05 24.63
N ALA R 85 -21.54 12.86 24.03
CA ALA R 85 -21.25 14.28 23.89
C ALA R 85 -21.20 15.01 25.22
N ASP R 86 -22.05 14.63 26.17
CA ASP R 86 -22.15 15.37 27.43
C ASP R 86 -21.07 15.00 28.44
N ALA R 87 -20.25 13.99 28.15
CA ALA R 87 -19.21 13.57 29.07
C ALA R 87 -18.22 14.70 29.35
N GLU R 88 -17.99 15.00 30.62
CA GLU R 88 -17.08 16.08 30.99
C GLU R 88 -15.65 15.80 30.53
N SER R 89 -15.22 14.54 30.53
CA SER R 89 -13.93 14.21 29.94
C SER R 89 -13.90 14.50 28.45
N HIS R 90 -14.98 14.17 27.74
CA HIS R 90 -15.14 14.56 26.35
C HIS R 90 -15.38 16.05 26.19
N LYS R 91 -15.86 16.72 27.24
CA LYS R 91 -15.99 18.16 27.25
C LYS R 91 -14.69 18.85 27.62
N GLU R 92 -13.68 18.08 28.02
CA GLU R 92 -12.36 18.63 28.30
C GLU R 92 -11.36 18.36 27.19
N LEU R 93 -11.46 17.19 26.54
CA LEU R 93 -10.59 16.94 25.39
C LEU R 93 -10.84 17.95 24.28
N ALA R 94 -12.10 18.36 24.10
CA ALA R 94 -12.40 19.40 23.13
C ALA R 94 -11.74 20.72 23.53
N LYS R 95 -11.81 21.07 24.82
CA LYS R 95 -11.19 22.32 25.27
C LYS R 95 -9.68 22.28 25.09
N TYR R 96 -9.04 21.16 25.41
CA TYR R 96 -7.61 21.03 25.18
C TYR R 96 -7.27 21.11 23.71
N PHE R 97 -8.06 20.46 22.85
CA PHE R 97 -7.79 20.48 21.43
C PHE R 97 -7.93 21.89 20.86
N GLU R 98 -8.94 22.64 21.30
CA GLU R 98 -9.18 23.96 20.76
C GLU R 98 -8.14 24.98 21.20
N SER R 99 -7.71 24.94 22.45
CA SER R 99 -6.82 25.94 23.01
C SER R 99 -5.35 25.67 22.69
N ASP R 100 -5.04 24.55 22.04
CA ASP R 100 -3.66 24.18 21.71
C ASP R 100 -2.80 24.14 22.97
N SER R 101 -3.38 23.73 24.09
CA SER R 101 -2.64 23.68 25.34
C SER R 101 -2.15 22.25 25.59
N PRO R 102 -0.96 22.08 26.16
CA PRO R 102 -0.50 20.75 26.52
C PRO R 102 -1.44 20.13 27.54
N VAL R 103 -1.58 18.80 27.49
CA VAL R 103 -2.53 18.09 28.33
C VAL R 103 -1.80 16.98 29.06
N CYS R 104 -2.15 16.77 30.33
CA CYS R 104 -1.52 15.72 31.12
C CYS R 104 -2.37 14.45 31.04
N VAL R 105 -1.77 13.37 30.57
CA VAL R 105 -2.46 12.10 30.38
C VAL R 105 -1.77 11.04 31.23
N LYS R 106 -2.56 10.06 31.68
CA LYS R 106 -2.09 8.99 32.53
C LYS R 106 -2.75 7.69 32.11
N ILE R 107 -2.10 6.58 32.37
CA ILE R 107 -2.64 5.26 32.05
C ILE R 107 -2.78 4.46 33.34
N ILE R 108 -3.99 4.01 33.63
CA ILE R 108 -4.33 3.43 34.92
C ILE R 108 -4.71 1.97 34.76
N ASN R 109 -4.10 1.12 35.57
CA ASN R 109 -4.53 -0.27 35.73
C ASN R 109 -5.51 -0.30 36.89
N GLN R 110 -6.81 -0.22 36.58
CA GLN R 110 -7.82 -0.12 37.62
C GLN R 110 -7.99 -1.42 38.40
N ALA R 111 -7.37 -2.51 37.97
CA ALA R 111 -7.39 -3.77 38.71
C ALA R 111 -6.40 -3.80 39.85
N SER R 112 -5.12 -3.51 39.58
CA SER R 112 -4.11 -3.44 40.64
C SER R 112 -4.02 -2.05 41.25
N LYS R 113 -4.79 -1.09 40.77
CA LYS R 113 -4.76 0.29 41.27
C LYS R 113 -3.36 0.88 41.17
N LYS R 114 -2.68 0.61 40.06
CA LYS R 114 -1.32 1.07 39.85
C LYS R 114 -1.25 1.90 38.57
N GLY R 115 -0.62 3.07 38.66
CA GLY R 115 -0.39 3.88 37.47
C GLY R 115 0.70 3.27 36.60
N LEU R 116 0.64 3.55 35.31
CA LEU R 116 1.57 3.00 34.35
C LEU R 116 2.42 4.05 33.64
N PHE R 117 1.79 5.04 33.01
CA PHE R 117 2.52 6.02 32.20
C PHE R 117 1.81 7.35 32.29
N GLY R 118 2.55 8.40 32.62
CA GLY R 118 2.01 9.75 32.67
C GLY R 118 2.91 10.72 31.94
N GLY R 119 2.32 11.71 31.30
CA GLY R 119 3.12 12.70 30.60
C GLY R 119 2.28 13.76 29.92
N LEU R 120 2.98 14.76 29.40
CA LEU R 120 2.36 15.84 28.65
C LEU R 120 2.30 15.48 27.18
N ALA R 121 1.13 15.69 26.58
CA ALA R 121 0.91 15.38 25.18
C ALA R 121 0.07 16.47 24.53
N ILE R 122 0.07 16.47 23.20
CA ILE R 122 -0.74 17.38 22.40
C ILE R 122 -1.76 16.54 21.64
N VAL R 123 -3.01 17.01 21.62
CA VAL R 123 -4.08 16.29 20.94
C VAL R 123 -3.88 16.49 19.44
N ALA R 124 -3.20 15.55 18.80
CA ALA R 124 -2.88 15.72 17.39
C ALA R 124 -4.09 15.46 16.52
N ASP R 125 -4.92 14.50 16.89
CA ASP R 125 -6.11 14.17 16.11
C ASP R 125 -7.26 13.86 17.04
N TYR R 126 -8.39 14.49 16.80
CA TYR R 126 -9.63 14.23 17.54
C TYR R 126 -10.74 14.07 16.51
N SER R 127 -10.91 12.85 16.02
CA SER R 127 -11.87 12.56 14.97
C SER R 127 -12.85 11.50 15.46
N PHE R 128 -14.03 11.48 14.82
CA PHE R 128 -15.09 10.57 15.20
C PHE R 128 -16.01 10.34 14.02
N GLU R 129 -16.55 9.12 13.93
CA GLU R 129 -17.28 8.69 12.76
C GLU R 129 -18.53 7.95 13.24
N ALA R 130 -19.63 8.10 12.49
CA ALA R 130 -20.93 7.60 12.90
C ALA R 130 -21.55 6.75 11.80
N PRO R 131 -21.63 5.44 12.00
CA PRO R 131 -22.32 4.60 11.02
C PRO R 131 -23.83 4.82 11.08
N PHE R 132 -24.54 4.15 10.18
CA PHE R 132 -25.99 4.15 10.20
C PHE R 132 -26.57 3.06 11.09
N ASP R 133 -25.86 1.94 11.23
CA ASP R 133 -26.38 0.78 11.95
C ASP R 133 -25.62 0.52 13.25
N GLU R 134 -24.92 1.51 13.77
CA GLU R 134 -24.12 1.30 14.97
C GLU R 134 -24.18 2.57 15.81
N ALA R 135 -23.36 2.63 16.85
CA ALA R 135 -23.26 3.80 17.71
C ALA R 135 -22.10 4.67 17.25
N MET R 136 -22.23 5.97 17.49
CA MET R 136 -21.23 6.93 17.04
C MET R 136 -19.95 6.74 17.84
N THR R 137 -18.85 6.50 17.13
CA THR R 137 -17.56 6.21 17.75
C THR R 137 -16.62 7.41 17.60
N TYR R 138 -15.66 7.48 18.50
CA TYR R 138 -14.68 8.55 18.55
C TYR R 138 -13.27 7.97 18.59
N SER R 139 -12.31 8.74 18.08
CA SER R 139 -10.91 8.36 18.05
C SER R 139 -10.06 9.55 18.46
N VAL R 140 -9.01 9.29 19.23
CA VAL R 140 -8.12 10.31 19.76
C VAL R 140 -6.68 9.88 19.51
N LYS R 141 -5.87 10.82 19.02
CA LYS R 141 -4.43 10.63 18.90
C LYS R 141 -3.72 11.67 19.75
N LEU R 142 -2.83 11.23 20.62
CA LEU R 142 -2.04 12.11 21.45
C LEU R 142 -0.57 11.94 21.08
N ASP R 143 0.09 13.04 20.72
CA ASP R 143 1.50 13.03 20.37
C ASP R 143 2.30 13.50 21.58
N GLY R 144 3.39 12.79 21.85
CA GLY R 144 4.20 13.09 23.01
C GLY R 144 4.89 14.44 22.99
N MET R 145 4.64 15.25 24.02
CA MET R 145 5.34 16.52 24.21
C MET R 145 6.47 16.28 25.21
N GLY R 146 7.46 15.51 24.80
CA GLY R 146 8.63 15.27 25.61
C GLY R 146 8.59 13.90 26.27
N ALA R 147 9.13 13.84 27.48
CA ALA R 147 9.38 12.58 28.16
C ALA R 147 8.08 11.91 28.59
N LEU R 148 8.00 10.59 28.36
CA LEU R 148 6.94 9.77 28.93
C LEU R 148 7.53 8.94 30.05
N VAL R 149 7.26 9.33 31.30
CA VAL R 149 7.85 8.67 32.46
C VAL R 149 7.04 7.40 32.72
N ASP R 150 7.71 6.25 32.69
CA ASP R 150 7.06 4.99 33.01
C ASP R 150 6.93 4.90 34.52
N LEU R 151 5.71 4.63 34.99
CA LEU R 151 5.44 4.55 36.42
C LEU R 151 5.64 3.16 36.98
N THR R 152 5.87 2.16 36.13
CA THR R 152 6.14 0.81 36.62
C THR R 152 7.58 0.63 37.11
N ILE R 153 8.48 1.54 36.74
CA ILE R 153 9.87 1.50 37.19
C ILE R 153 10.13 2.56 38.25
N THR R 154 9.42 3.68 38.21
CA THR R 154 9.60 4.78 39.15
C THR R 154 8.57 4.67 40.26
N GLU R 155 8.96 5.13 41.44
CA GLU R 155 8.08 5.07 42.60
C GLU R 155 7.10 6.23 42.57
N GLY R 156 5.82 5.92 42.71
CA GLY R 156 4.78 6.91 42.77
C GLY R 156 3.79 6.81 41.63
N GLY R 157 2.97 7.85 41.50
CA GLY R 157 1.99 7.91 40.44
C GLY R 157 0.84 6.92 40.59
N ASP R 158 0.00 7.13 41.60
CA ASP R 158 -1.10 6.20 41.87
C ASP R 158 -2.40 6.91 42.21
N GLN R 159 -2.61 8.13 41.72
CA GLN R 159 -3.89 8.78 41.94
C GLN R 159 -4.95 8.17 41.03
N MET R 160 -5.98 7.61 41.66
CA MET R 160 -6.86 6.66 40.98
C MET R 160 -7.90 7.28 40.04
N PRO R 161 -8.75 8.24 40.49
CA PRO R 161 -9.91 8.68 39.70
C PRO R 161 -9.67 8.82 38.20
#